data_8G70
#
_entry.id   8G70
#
_cell.length_a   1.00
_cell.length_b   1.00
_cell.length_c   1.00
_cell.angle_alpha   90.00
_cell.angle_beta   90.00
_cell.angle_gamma   90.00
#
_symmetry.space_group_name_H-M   'P 1'
#
loop_
_entity.id
_entity.type
_entity.pdbx_description
1 polymer 'Spike glycoprotein'
2 polymer Nanosota-5
3 polymer Nanosota-6
4 polymer Nanosota-4
5 polymer Nanosota-3
6 branched 2-acetamido-2-deoxy-beta-D-glucopyranose-(1-4)-2-acetamido-2-deoxy-beta-D-glucopyranose
7 non-polymer 2-acetamido-2-deoxy-beta-D-glucopyranose
#
loop_
_entity_poly.entity_id
_entity_poly.type
_entity_poly.pdbx_seq_one_letter_code
_entity_poly.pdbx_strand_id
1 'polypeptide(L)'
;QCVNLTTRTQLPPAYTNSFTRGVYYPDKVFRSSVLHSTQDLFLPFFSNVTWFHAIHVSGTNGTKRFDNPVLPFNDGVYFA
STEKSNIIRGWIFGTTLDSKTQSLLIVNNATNVVIKVCEFQFCNDPFLGVYYHKNNKSWMESEFRVYSSANNCTFEYVSQ
PFLMDLEGKQGNFKNLREFVFKNIDGYFKIYSKHTPINLVRDLPQGFSALEPLVDLPIGINITRFQTLLALHRSYLTPGD
SSSGWTAGAAAYYVGYLQPRTFLLKYNENGTITDAVDCALDPLSETKCTLKSFTVEKGIYQTSNFRVQPTESIVRFPNIT
NLCPFGEVFNATRFASVYAWNRKRISNCVADYSVLYNSASFSTFKCYGVSPTKLNDLCFTNVYADSFVIRGDEVRQIAPG
QTGKIADYNYKLPDDFTGCVIAWNSNNLDSKVGGNYNYLYRLFRKSNLKPFERDISTEIYQAGSTPCNGVEGFNCYFPLQ
SYGFQPTNGVGYQPYRVVVLSFELLHAPATVCGPKKSTNLVKNKCVNFNFNGLTGTGVLTESNKKFLPFQQFGRDIADTT
DAVRDPQTLEILDITPCSFGGVSVITPGTNTSNQVAVLYQGVNCTEVPVAIHADQLTPTWRVYSTGSNVFQTRAGCLIGA
EHVNNSYECDIPIGAGICASYQTQTNSPAGARSVASQSIIAYTMSLGAENSVAYSNNSIAIPTNFTISVTTEILPVSMTK
TSVDCTMYICGDSTECSNLLLQYGSFCTQLNRALTGIAVEQDKNTQEVFAQVKQIYKTPPIKDFGGFNFSQILPDPSKPS
KRSPIEDLLFNKVTLADAGFIKQYGDCLGDIAARDLICAQKFNGLTVLPPLLTDEMIAQYTSALLAGTITSGWTFGAGPA
LQIPFPMQMAYRFNGIGVTQNVLYENQKLIANQFNSAIGKIQDSLSSTPSALGKLQDVVNQNAQALNTLVKQLSSNFGAI
SSVLNDILSRLDPPEAEVQIDRLITGRLQSLQTYVTQQLIRAAEIRASANLAATKMSECVLGQSKRVDFCGKGYHLMSFP
QSAPHGVVFLHVTYVPAQEKNFTTAPAICHDGKAHFPREGVFVSNGTHWFVTQRNFYEPQIITTDNTFVSGNCDVVIGIV
NNTVYDPLQPELDSFKEELDKYFKNHTSPDVDLGDISGINASVVNIQKEIDRLNEVAKNLNESLIDLQELGKYEQYIKGS
GYIPEAPRDGQAYVRKDGEWVLLSTFLGHHHHHH
;
A,B,D
2 'polypeptide(L)'
;MAQVQLQESGGGLVQAGGSLRLSCAASESIFRMELMEWYHQAPGKQRELVATINRCGSTNYSDSVKGRFIISSDNAKNSV
YLQMNSLKDEDTAVYSCHARTWTSYWGRGTQVTVSSGGQHHHHHHGAYPYDVPDYAS
;
E,H,I
3 'polypeptide(L)'
;MAQVQLQESGGGLVQPGGSLRLSCVASGSVTFNSMGWYRQAPGKQRELVAQITAGGDTHYADSVKGRFTISEHRGKNAVY
LEMHSLKPEDTAVYYCHLQVPFLGGGYDYWGQGTQVTVSSGGQHHHHHHGAYPYDVPDYAS
;
G,F,K
4 'polypeptide(L)'
;MAQVQLQESGGGLVQPGGSLRLSCAASGFTLDYYAIGWFRQAPGKEREGVSCISSSGGRTNYADSVKGRFTISRDNTKNT
VYLQMNSLKPEDTAVYYCAAWEASRWYCPLQFSADFSSWGQGTQVTVSSGGQHHHHHHGAYPYDVPDYAS
;
N
5 'polypeptide(L)'
;MAQVQLQESGGGLVQAGGSLRLSCAASGSIFSPNTMGWFRQALGKQREMVAVISSIASTQYANFVKGRFTITRDNTKNTV
HLQMNSLIPEDTAVYYCYAVDKSQDYWGQGTQVTVSSGGQHHHHHHGAYPYDVPDYAS
;
O,M
#
loop_
_chem_comp.id
_chem_comp.type
_chem_comp.name
_chem_comp.formula
NAG D-saccharide, beta linking 2-acetamido-2-deoxy-beta-D-glucopyranose 'C8 H15 N O6'
#
# COMPACT_ATOMS: atom_id res chain seq x y z
N GLN A 1 -50.56 53.61 -20.84
CA GLN A 1 -50.58 54.11 -19.46
C GLN A 1 -51.26 53.11 -18.53
N CYS A 2 -51.31 53.43 -17.24
CA CYS A 2 -51.85 52.54 -16.23
C CYS A 2 -53.04 53.21 -15.54
N VAL A 3 -54.09 52.43 -15.29
CA VAL A 3 -55.30 52.90 -14.63
C VAL A 3 -55.62 51.97 -13.47
N ASN A 4 -55.89 52.54 -12.30
CA ASN A 4 -56.28 51.74 -11.15
C ASN A 4 -57.74 51.34 -11.25
N LEU A 5 -58.05 50.15 -10.73
CA LEU A 5 -59.37 49.57 -10.91
C LEU A 5 -60.38 50.23 -9.97
N THR A 6 -61.63 49.74 -10.03
CA THR A 6 -62.74 50.36 -9.31
C THR A 6 -63.31 49.46 -8.21
N THR A 7 -63.72 48.23 -8.55
CA THR A 7 -64.40 47.34 -7.62
C THR A 7 -63.48 46.19 -7.25
N ARG A 8 -63.27 45.98 -5.95
CA ARG A 8 -62.31 45.00 -5.47
C ARG A 8 -62.95 43.85 -4.72
N THR A 9 -63.66 44.11 -3.62
CA THR A 9 -64.23 43.07 -2.76
C THR A 9 -63.16 42.12 -2.24
N GLN A 10 -63.56 41.11 -1.47
CA GLN A 10 -62.61 40.18 -0.87
C GLN A 10 -63.24 38.80 -0.75
N LEU A 11 -62.37 37.79 -0.63
CA LEU A 11 -62.78 36.41 -0.42
C LEU A 11 -61.56 35.63 0.09
N PRO A 12 -61.77 34.63 0.95
CA PRO A 12 -60.63 33.90 1.50
C PRO A 12 -59.91 33.10 0.42
N PRO A 13 -58.62 32.87 0.57
CA PRO A 13 -57.87 32.10 -0.44
C PRO A 13 -58.15 30.61 -0.34
N ALA A 14 -57.63 29.88 -1.32
CA ALA A 14 -57.82 28.44 -1.42
C ALA A 14 -56.50 27.74 -1.66
N TYR A 15 -56.42 26.49 -1.19
CA TYR A 15 -55.21 25.67 -1.31
C TYR A 15 -55.59 24.35 -1.96
N THR A 16 -54.67 23.77 -2.72
CA THR A 16 -55.03 22.60 -3.53
C THR A 16 -53.79 21.76 -3.83
N ASN A 17 -53.96 20.85 -4.80
CA ASN A 17 -53.19 19.63 -4.95
C ASN A 17 -51.88 19.84 -5.71
N SER A 18 -50.87 19.05 -5.37
CA SER A 18 -49.61 18.97 -6.10
C SER A 18 -49.11 17.54 -6.16
N PHE A 19 -50.03 16.57 -6.23
CA PHE A 19 -49.65 15.16 -6.14
C PHE A 19 -48.86 14.74 -7.38
N THR A 20 -47.61 14.35 -7.17
CA THR A 20 -46.71 13.87 -8.22
C THR A 20 -46.78 14.76 -9.46
N ARG A 21 -46.58 16.06 -9.25
CA ARG A 21 -46.71 17.04 -10.31
C ARG A 21 -45.48 17.94 -10.32
N GLY A 22 -45.07 18.36 -11.52
CA GLY A 22 -43.94 19.25 -11.66
C GLY A 22 -42.59 18.54 -11.62
N VAL A 23 -42.37 17.61 -12.54
CA VAL A 23 -41.10 16.92 -12.69
C VAL A 23 -40.56 17.21 -14.08
N TYR A 24 -39.34 17.73 -14.16
CA TYR A 24 -38.74 18.13 -15.41
C TYR A 24 -37.38 17.48 -15.58
N TYR A 25 -37.00 17.23 -16.84
CA TYR A 25 -35.68 16.69 -17.16
C TYR A 25 -34.62 17.67 -16.66
N PRO A 26 -33.85 17.29 -15.63
CA PRO A 26 -32.89 18.24 -15.07
C PRO A 26 -31.70 18.49 -15.99
N ASP A 27 -31.08 17.42 -16.45
CA ASP A 27 -29.87 17.48 -17.25
C ASP A 27 -30.20 17.07 -18.68
N LYS A 28 -29.29 17.38 -19.60
CA LYS A 28 -29.48 17.12 -21.02
C LYS A 28 -28.63 15.91 -21.41
N VAL A 29 -29.18 14.72 -21.18
CA VAL A 29 -28.59 13.44 -21.59
C VAL A 29 -29.73 12.49 -21.92
N PHE A 30 -29.40 11.38 -22.57
CA PHE A 30 -30.37 10.37 -22.95
C PHE A 30 -30.09 9.11 -22.13
N ARG A 31 -31.02 8.76 -21.24
CA ARG A 31 -30.95 7.53 -20.47
C ARG A 31 -32.18 6.69 -20.77
N SER A 32 -31.95 5.41 -21.05
CA SER A 32 -33.02 4.50 -21.47
C SER A 32 -33.07 3.30 -20.54
N SER A 33 -34.29 2.99 -20.07
CA SER A 33 -34.54 1.79 -19.27
C SER A 33 -33.67 1.73 -18.02
N VAL A 34 -33.35 2.89 -17.44
CA VAL A 34 -32.54 2.96 -16.23
C VAL A 34 -33.16 4.00 -15.30
N LEU A 35 -33.27 3.66 -14.02
CA LEU A 35 -33.77 4.58 -13.02
C LEU A 35 -32.59 5.24 -12.32
N HIS A 36 -32.57 6.57 -12.33
CA HIS A 36 -31.41 7.35 -11.91
C HIS A 36 -31.82 8.31 -10.81
N SER A 37 -30.92 8.51 -9.85
CA SER A 37 -31.17 9.34 -8.68
C SER A 37 -30.49 10.69 -8.87
N THR A 38 -31.28 11.75 -8.98
CA THR A 38 -30.79 13.10 -9.18
C THR A 38 -30.96 13.91 -7.90
N GLN A 39 -30.43 15.13 -7.91
CA GLN A 39 -30.51 16.01 -6.75
C GLN A 39 -30.56 17.45 -7.26
N ASP A 40 -31.77 17.99 -7.32
CA ASP A 40 -31.98 19.38 -7.73
C ASP A 40 -33.24 19.88 -7.02
N LEU A 41 -33.70 21.07 -7.39
CA LEU A 41 -34.86 21.69 -6.77
C LEU A 41 -36.10 21.40 -7.61
N PHE A 42 -36.99 20.57 -7.07
CA PHE A 42 -38.27 20.24 -7.67
C PHE A 42 -39.39 20.55 -6.67
N LEU A 43 -40.61 20.57 -7.17
CA LEU A 43 -41.76 20.76 -6.29
C LEU A 43 -41.96 19.50 -5.46
N PRO A 44 -41.95 19.58 -4.13
CA PRO A 44 -42.12 18.37 -3.32
C PRO A 44 -43.50 17.77 -3.51
N PHE A 45 -43.58 16.45 -3.36
CA PHE A 45 -44.83 15.76 -3.57
C PHE A 45 -45.85 16.14 -2.50
N PHE A 46 -47.09 16.32 -2.93
CA PHE A 46 -48.25 16.57 -2.05
C PHE A 46 -48.12 17.88 -1.28
N SER A 47 -47.35 18.84 -1.80
CA SER A 47 -47.32 20.15 -1.19
C SER A 47 -48.62 20.89 -1.49
N ASN A 48 -48.98 21.84 -0.61
CA ASN A 48 -50.19 22.63 -0.80
C ASN A 48 -49.85 23.81 -1.71
N VAL A 49 -50.47 23.85 -2.89
CA VAL A 49 -50.24 24.95 -3.81
C VAL A 49 -51.38 25.96 -3.65
N THR A 50 -51.06 27.22 -3.84
CA THR A 50 -52.06 28.29 -3.70
C THR A 50 -52.87 28.41 -4.98
N TRP A 51 -54.18 28.58 -4.83
CA TRP A 51 -55.11 28.58 -5.95
C TRP A 51 -55.66 29.99 -6.12
N PHE A 52 -55.49 30.56 -7.31
CA PHE A 52 -55.99 31.89 -7.61
C PHE A 52 -57.00 31.81 -8.75
N HIS A 53 -58.21 32.28 -8.49
CA HIS A 53 -59.18 32.54 -9.55
C HIS A 53 -58.78 33.83 -10.25
N ALA A 54 -58.77 33.80 -11.60
CA ALA A 54 -58.28 34.94 -12.36
C ALA A 54 -59.11 36.19 -12.08
N ILE A 55 -60.43 36.05 -12.05
CA ILE A 55 -61.33 37.16 -11.82
C ILE A 55 -61.97 36.95 -10.45
N HIS A 56 -61.74 37.90 -9.54
CA HIS A 56 -62.15 37.77 -8.14
C HIS A 56 -63.63 38.18 -8.01
N VAL A 57 -64.49 37.31 -8.53
CA VAL A 57 -65.92 37.60 -8.58
C VAL A 57 -66.54 37.29 -7.22
N SER A 58 -67.49 38.14 -6.80
CA SER A 58 -68.12 38.02 -5.50
C SER A 58 -69.48 37.35 -5.55
N GLY A 59 -69.85 36.76 -6.69
CA GLY A 59 -71.13 36.11 -6.80
C GLY A 59 -71.44 35.78 -8.24
N THR A 60 -72.71 35.45 -8.48
CA THR A 60 -73.17 35.17 -9.84
C THR A 60 -73.61 36.42 -10.58
N ASN A 61 -73.62 37.58 -9.93
CA ASN A 61 -74.09 38.80 -10.58
C ASN A 61 -73.07 39.33 -11.57
N GLY A 62 -71.85 39.60 -11.10
CA GLY A 62 -70.85 40.21 -11.95
C GLY A 62 -69.96 41.23 -11.26
N THR A 63 -70.16 41.45 -9.96
CA THR A 63 -69.20 42.24 -9.19
C THR A 63 -67.95 41.41 -8.97
N LYS A 64 -66.78 41.99 -9.27
CA LYS A 64 -65.58 41.18 -9.39
C LYS A 64 -64.34 42.06 -9.20
N ARG A 65 -63.18 41.46 -9.44
CA ARG A 65 -61.88 42.10 -9.35
C ARG A 65 -60.88 41.16 -10.02
N PHE A 66 -59.70 41.67 -10.30
CA PHE A 66 -58.61 40.86 -10.84
C PHE A 66 -57.70 40.43 -9.71
N ASP A 67 -57.54 39.12 -9.55
CA ASP A 67 -56.73 38.55 -8.48
C ASP A 67 -55.33 38.29 -9.02
N ASN A 68 -54.53 39.35 -9.07
CA ASN A 68 -53.12 39.27 -9.47
C ASN A 68 -52.27 39.95 -8.41
N PRO A 69 -52.14 39.34 -7.23
CA PRO A 69 -51.29 39.92 -6.20
C PRO A 69 -49.81 39.73 -6.53
N VAL A 70 -48.97 40.44 -5.78
CA VAL A 70 -47.53 40.33 -5.94
C VAL A 70 -47.02 39.26 -4.99
N LEU A 71 -46.37 38.23 -5.55
CA LEU A 71 -45.91 37.10 -4.76
C LEU A 71 -44.40 36.97 -4.85
N PRO A 72 -43.76 36.48 -3.79
CA PRO A 72 -42.30 36.33 -3.82
C PRO A 72 -41.87 35.25 -4.80
N PHE A 73 -40.63 35.40 -5.28
CA PHE A 73 -39.99 34.45 -6.19
C PHE A 73 -38.77 33.91 -5.46
N ASN A 74 -38.93 32.76 -4.81
CA ASN A 74 -37.89 32.17 -3.96
C ASN A 74 -37.35 30.91 -4.62
N ASP A 75 -36.30 31.08 -5.44
CA ASP A 75 -35.54 29.96 -6.01
C ASP A 75 -36.42 29.03 -6.83
N GLY A 76 -37.01 29.57 -7.88
CA GLY A 76 -37.81 28.78 -8.79
C GLY A 76 -39.28 28.75 -8.42
N VAL A 77 -40.15 28.73 -9.42
CA VAL A 77 -41.59 28.75 -9.21
C VAL A 77 -42.25 27.80 -10.18
N TYR A 78 -43.18 26.99 -9.68
CA TYR A 78 -44.04 26.16 -10.53
C TYR A 78 -45.39 26.85 -10.68
N PHE A 79 -45.80 27.05 -11.93
CA PHE A 79 -47.01 27.79 -12.26
C PHE A 79 -47.86 26.93 -13.18
N ALA A 80 -49.06 26.56 -12.74
CA ALA A 80 -49.95 25.72 -13.53
C ALA A 80 -51.24 26.48 -13.78
N SER A 81 -51.46 26.91 -15.01
CA SER A 81 -52.64 27.67 -15.37
C SER A 81 -53.61 26.79 -16.15
N THR A 82 -54.83 26.66 -15.64
CA THR A 82 -55.89 25.94 -16.35
C THR A 82 -56.89 26.97 -16.86
N GLU A 83 -57.20 26.89 -18.14
CA GLU A 83 -57.98 27.96 -18.78
C GLU A 83 -58.31 27.59 -20.21
N LYS A 84 -59.34 28.26 -20.74
CA LYS A 84 -59.84 27.99 -22.08
C LYS A 84 -59.96 29.23 -22.95
N SER A 85 -59.60 30.41 -22.44
CA SER A 85 -59.90 31.64 -23.17
C SER A 85 -58.74 32.63 -23.18
N ASN A 86 -57.51 32.16 -22.98
CA ASN A 86 -56.32 33.00 -23.03
C ASN A 86 -56.41 34.18 -22.06
N ILE A 87 -56.94 33.92 -20.86
CA ILE A 87 -57.03 34.98 -19.86
C ILE A 87 -55.66 35.30 -19.29
N ILE A 88 -54.87 34.28 -18.96
CA ILE A 88 -53.52 34.49 -18.46
C ILE A 88 -52.61 34.78 -19.64
N ARG A 89 -51.89 35.90 -19.59
CA ARG A 89 -51.07 36.30 -20.72
C ARG A 89 -49.59 36.27 -20.42
N GLY A 90 -49.13 36.97 -19.38
CA GLY A 90 -47.70 37.08 -19.17
C GLY A 90 -47.24 37.17 -17.73
N TRP A 91 -46.00 37.58 -17.56
CA TRP A 91 -45.35 37.63 -16.25
C TRP A 91 -44.39 38.80 -16.21
N ILE A 92 -44.18 39.33 -15.02
CA ILE A 92 -43.22 40.40 -14.77
C ILE A 92 -42.35 40.00 -13.58
N PHE A 93 -41.05 40.23 -13.70
CA PHE A 93 -40.09 39.82 -12.69
C PHE A 93 -39.24 41.03 -12.30
N GLY A 94 -38.97 41.17 -11.01
CA GLY A 94 -38.16 42.28 -10.55
C GLY A 94 -38.04 42.27 -9.05
N THR A 95 -37.27 43.25 -8.54
CA THR A 95 -37.06 43.42 -7.12
C THR A 95 -38.06 44.40 -6.51
N THR A 96 -38.09 45.62 -7.01
CA THR A 96 -38.99 46.66 -6.52
C THR A 96 -40.07 47.04 -7.53
N LEU A 97 -40.05 46.44 -8.73
CA LEU A 97 -41.07 46.66 -9.74
C LEU A 97 -41.22 48.15 -10.09
N ASP A 98 -40.09 48.84 -10.20
CA ASP A 98 -40.08 50.26 -10.55
C ASP A 98 -38.89 50.54 -11.44
N SER A 99 -38.73 51.81 -11.83
CA SER A 99 -37.63 52.22 -12.69
C SER A 99 -36.29 52.21 -11.98
N LYS A 100 -36.27 52.00 -10.65
CA LYS A 100 -35.01 52.02 -9.93
C LYS A 100 -34.11 50.85 -10.33
N THR A 101 -34.69 49.66 -10.53
CA THR A 101 -33.93 48.46 -10.82
C THR A 101 -34.45 47.82 -12.10
N GLN A 102 -33.58 47.02 -12.72
CA GLN A 102 -33.93 46.34 -13.96
C GLN A 102 -35.02 45.30 -13.72
N SER A 103 -35.96 45.21 -14.64
CA SER A 103 -37.08 44.29 -14.52
C SER A 103 -37.30 43.56 -15.85
N LEU A 104 -37.67 42.28 -15.75
CA LEU A 104 -37.96 41.45 -16.90
C LEU A 104 -39.46 41.43 -17.17
N LEU A 105 -39.82 41.56 -18.45
CA LEU A 105 -41.20 41.59 -18.89
C LEU A 105 -41.36 40.53 -19.97
N ILE A 106 -42.24 39.55 -19.72
CA ILE A 106 -42.50 38.47 -20.67
C ILE A 106 -44.01 38.45 -20.88
N VAL A 107 -44.50 39.15 -21.90
CA VAL A 107 -45.91 39.36 -22.10
C VAL A 107 -46.38 38.62 -23.34
N ASN A 108 -47.61 38.13 -23.30
CA ASN A 108 -48.31 37.68 -24.49
C ASN A 108 -48.97 38.89 -25.15
N ASN A 109 -49.84 38.65 -26.10
CA ASN A 109 -50.37 39.68 -26.99
C ASN A 109 -51.60 39.11 -27.68
N ALA A 110 -52.10 39.83 -28.67
CA ALA A 110 -53.04 39.23 -29.61
C ALA A 110 -52.32 38.50 -30.74
N THR A 111 -51.05 38.82 -31.01
CA THR A 111 -50.39 38.22 -32.16
C THR A 111 -48.99 37.67 -31.87
N ASN A 112 -48.24 38.25 -30.92
CA ASN A 112 -46.85 37.83 -30.75
C ASN A 112 -46.32 38.18 -29.37
N VAL A 113 -45.59 37.24 -28.77
CA VAL A 113 -45.03 37.46 -27.44
C VAL A 113 -43.90 38.49 -27.49
N VAL A 114 -43.62 39.09 -26.34
CA VAL A 114 -42.56 40.08 -26.21
C VAL A 114 -41.80 39.81 -24.92
N ILE A 115 -40.46 39.77 -25.01
CA ILE A 115 -39.60 39.55 -23.85
C ILE A 115 -38.56 40.66 -23.83
N LYS A 116 -38.46 41.38 -22.72
CA LYS A 116 -37.50 42.46 -22.59
C LYS A 116 -37.00 42.52 -21.16
N VAL A 117 -35.86 43.18 -20.96
CA VAL A 117 -35.40 43.56 -19.63
C VAL A 117 -35.10 45.05 -19.65
N CYS A 118 -35.93 45.82 -18.96
CA CYS A 118 -35.72 47.26 -18.84
C CYS A 118 -36.21 47.69 -17.46
N GLU A 119 -35.84 48.91 -17.08
CA GLU A 119 -36.28 49.48 -15.80
C GLU A 119 -37.64 50.14 -16.01
N PHE A 120 -38.65 49.30 -16.21
CA PHE A 120 -40.01 49.76 -16.46
C PHE A 120 -40.56 50.48 -15.23
N GLN A 121 -41.54 51.35 -15.48
CA GLN A 121 -42.29 52.00 -14.40
C GLN A 121 -43.64 51.29 -14.28
N PHE A 122 -43.63 50.17 -13.55
CA PHE A 122 -44.83 49.37 -13.40
C PHE A 122 -45.84 50.06 -12.48
N CYS A 123 -47.10 49.69 -12.63
CA CYS A 123 -48.19 50.22 -11.84
C CYS A 123 -48.66 49.19 -10.83
N ASN A 124 -49.66 49.58 -10.03
CA ASN A 124 -50.17 48.69 -8.99
C ASN A 124 -50.88 47.49 -9.57
N ASP A 125 -51.69 47.68 -10.61
CA ASP A 125 -52.52 46.62 -11.20
C ASP A 125 -52.32 46.57 -12.70
N PRO A 126 -51.19 46.02 -13.16
CA PRO A 126 -51.02 45.81 -14.60
C PRO A 126 -51.91 44.70 -15.11
N PHE A 127 -52.27 44.78 -16.38
CA PHE A 127 -53.09 43.78 -17.06
C PHE A 127 -52.97 44.02 -18.56
N LEU A 128 -53.72 43.25 -19.34
CA LEU A 128 -53.79 43.42 -20.80
C LEU A 128 -55.26 43.60 -21.16
N GLY A 129 -55.63 44.80 -21.59
CA GLY A 129 -57.01 45.09 -21.91
C GLY A 129 -57.42 44.45 -23.23
N VAL A 130 -58.40 43.56 -23.20
CA VAL A 130 -58.93 42.93 -24.40
C VAL A 130 -60.39 43.31 -24.53
N TYR A 131 -60.74 43.95 -25.65
CA TYR A 131 -62.12 44.33 -25.94
C TYR A 131 -62.70 43.31 -26.90
N TYR A 132 -63.08 42.15 -26.34
CA TYR A 132 -63.58 41.06 -27.16
C TYR A 132 -64.86 41.44 -27.89
N HIS A 133 -65.80 42.09 -27.20
CA HIS A 133 -67.06 42.50 -27.81
C HIS A 133 -67.38 43.96 -27.56
N LYS A 134 -66.38 44.77 -27.19
CA LYS A 134 -66.57 46.20 -26.99
C LYS A 134 -66.44 46.99 -28.29
N ASN A 135 -66.51 46.31 -29.43
CA ASN A 135 -66.45 46.94 -30.74
C ASN A 135 -67.79 46.77 -31.44
N ASN A 136 -67.90 47.36 -32.63
CA ASN A 136 -69.12 47.24 -33.42
C ASN A 136 -69.38 45.79 -33.82
N LYS A 137 -68.32 45.01 -33.99
CA LYS A 137 -68.41 43.57 -34.19
C LYS A 137 -67.66 42.85 -33.08
N SER A 138 -67.93 41.56 -32.94
CA SER A 138 -67.40 40.77 -31.83
C SER A 138 -65.98 40.28 -32.15
N TRP A 139 -65.06 41.24 -32.24
CA TRP A 139 -63.65 40.95 -32.45
C TRP A 139 -62.83 41.52 -31.30
N MET A 140 -61.78 40.81 -30.92
CA MET A 140 -60.93 41.23 -29.81
C MET A 140 -60.14 42.49 -30.20
N GLU A 141 -60.02 43.40 -29.24
CA GLU A 141 -59.20 44.61 -29.40
C GLU A 141 -58.24 44.69 -28.23
N SER A 142 -56.95 44.77 -28.52
CA SER A 142 -55.95 44.74 -27.46
C SER A 142 -55.81 46.12 -26.81
N GLU A 143 -55.17 46.12 -25.63
CA GLU A 143 -54.88 47.35 -24.91
C GLU A 143 -53.73 47.04 -23.95
N PHE A 144 -52.72 47.90 -23.94
CA PHE A 144 -51.50 47.67 -23.17
C PHE A 144 -51.48 48.65 -22.00
N ARG A 145 -51.57 48.11 -20.78
CA ARG A 145 -51.65 48.90 -19.56
C ARG A 145 -50.71 48.34 -18.50
N VAL A 146 -49.46 48.12 -18.88
CA VAL A 146 -48.51 47.45 -18.00
C VAL A 146 -47.60 48.44 -17.30
N TYR A 147 -46.92 49.29 -18.07
CA TYR A 147 -45.91 50.18 -17.52
C TYR A 147 -46.20 51.64 -17.90
N SER A 148 -45.64 52.55 -17.10
CA SER A 148 -45.71 53.97 -17.43
C SER A 148 -44.59 54.37 -18.39
N SER A 149 -43.38 53.83 -18.21
CA SER A 149 -42.25 54.19 -19.03
C SER A 149 -41.27 53.03 -19.08
N ALA A 150 -40.41 53.05 -20.10
CA ALA A 150 -39.41 52.01 -20.32
C ALA A 150 -38.04 52.66 -20.47
N ASN A 151 -37.07 52.18 -19.70
CA ASN A 151 -35.70 52.69 -19.77
C ASN A 151 -34.73 51.56 -19.48
N ASN A 152 -33.51 51.69 -20.03
CA ASN A 152 -32.42 50.74 -19.81
C ASN A 152 -32.77 49.35 -20.36
N CYS A 153 -33.02 49.31 -21.67
CA CYS A 153 -33.35 48.05 -22.34
C CYS A 153 -32.06 47.43 -22.88
N THR A 154 -31.65 46.31 -22.28
CA THR A 154 -30.41 45.63 -22.64
C THR A 154 -30.65 44.30 -23.35
N PHE A 155 -31.90 43.89 -23.53
CA PHE A 155 -32.23 42.65 -24.23
C PHE A 155 -33.55 42.84 -24.93
N GLU A 156 -33.79 42.02 -25.95
CA GLU A 156 -34.99 42.13 -26.75
C GLU A 156 -35.24 40.80 -27.43
N TYR A 157 -36.47 40.28 -27.30
CA TYR A 157 -36.86 39.04 -27.97
C TYR A 157 -38.31 39.13 -28.37
N VAL A 158 -38.60 38.73 -29.61
CA VAL A 158 -39.94 38.76 -30.17
C VAL A 158 -40.12 37.50 -31.00
N SER A 159 -41.37 37.22 -31.35
CA SER A 159 -41.70 36.05 -32.17
C SER A 159 -42.59 36.50 -33.32
N GLN A 160 -42.88 35.58 -34.22
CA GLN A 160 -43.66 35.90 -35.39
C GLN A 160 -45.09 36.24 -34.99
N PRO A 161 -45.70 37.26 -35.60
CA PRO A 161 -47.09 37.61 -35.26
C PRO A 161 -48.08 36.55 -35.72
N PHE A 162 -48.68 35.84 -34.77
CA PHE A 162 -49.71 34.86 -35.05
C PHE A 162 -50.96 35.25 -34.27
N LEU A 163 -52.03 35.58 -34.99
CA LEU A 163 -53.23 36.11 -34.37
C LEU A 163 -53.96 35.02 -33.60
N MET A 164 -54.50 35.40 -32.44
CA MET A 164 -55.24 34.45 -31.62
C MET A 164 -56.66 34.27 -32.16
N ASP A 165 -57.17 33.05 -32.09
CA ASP A 165 -58.48 32.74 -32.64
C ASP A 165 -59.17 31.67 -31.81
N LEU A 166 -60.41 31.93 -31.42
CA LEU A 166 -61.27 30.93 -30.79
C LEU A 166 -62.55 30.68 -31.57
N GLU A 167 -63.21 31.74 -32.05
CA GLU A 167 -64.45 31.64 -32.82
C GLU A 167 -65.51 30.80 -32.10
N GLY A 171 -67.70 27.65 -23.64
CA GLY A 171 -66.48 26.89 -23.86
C GLY A 171 -66.21 25.85 -22.79
N ASN A 172 -65.63 24.73 -23.20
CA ASN A 172 -65.29 23.65 -22.28
C ASN A 172 -63.95 23.00 -22.55
N PHE A 173 -63.17 23.48 -23.51
CA PHE A 173 -61.90 22.87 -23.88
C PHE A 173 -60.76 23.46 -23.04
N LYS A 174 -60.88 23.31 -21.72
CA LYS A 174 -59.87 23.81 -20.82
C LYS A 174 -58.53 23.12 -21.06
N ASN A 175 -57.45 23.89 -20.93
CA ASN A 175 -56.11 23.38 -21.14
C ASN A 175 -55.24 23.74 -19.95
N LEU A 176 -54.27 22.88 -19.67
CA LEU A 176 -53.28 23.07 -18.62
C LEU A 176 -51.97 23.52 -19.26
N ARG A 177 -51.46 24.66 -18.81
CA ARG A 177 -50.13 25.13 -19.18
C ARG A 177 -49.28 25.11 -17.91
N GLU A 178 -48.28 24.24 -17.88
CA GLU A 178 -47.39 24.10 -16.74
C GLU A 178 -46.04 24.71 -17.09
N PHE A 179 -45.54 25.57 -16.21
CA PHE A 179 -44.25 26.21 -16.40
C PHE A 179 -43.43 26.10 -15.12
N VAL A 180 -42.13 25.93 -15.28
CA VAL A 180 -41.17 26.01 -14.19
C VAL A 180 -40.18 27.10 -14.53
N PHE A 181 -40.07 28.09 -13.65
CA PHE A 181 -39.16 29.21 -13.83
C PHE A 181 -38.02 29.09 -12.83
N LYS A 182 -36.79 29.15 -13.33
CA LYS A 182 -35.62 29.07 -12.48
C LYS A 182 -34.63 30.16 -12.87
N ASN A 183 -33.78 30.55 -11.91
CA ASN A 183 -32.81 31.63 -12.12
C ASN A 183 -31.51 31.21 -11.42
N ILE A 184 -30.56 30.70 -12.20
CA ILE A 184 -29.28 30.23 -11.67
C ILE A 184 -28.15 30.88 -12.44
N ASP A 185 -27.22 31.50 -11.70
CA ASP A 185 -26.00 32.07 -12.26
C ASP A 185 -26.30 33.07 -13.38
N GLY A 186 -27.29 33.92 -13.14
CA GLY A 186 -27.66 34.91 -14.14
C GLY A 186 -28.32 34.33 -15.37
N TYR A 187 -28.81 33.09 -15.29
CA TYR A 187 -29.45 32.41 -16.40
C TYR A 187 -30.88 32.08 -16.01
N PHE A 188 -31.83 32.50 -16.84
CA PHE A 188 -33.25 32.38 -16.56
C PHE A 188 -33.81 31.25 -17.42
N LYS A 189 -34.13 30.13 -16.79
CA LYS A 189 -34.58 28.93 -17.49
C LYS A 189 -36.09 28.78 -17.37
N ILE A 190 -36.75 28.57 -18.50
CA ILE A 190 -38.19 28.34 -18.57
C ILE A 190 -38.41 26.95 -19.15
N TYR A 191 -39.00 26.07 -18.33
CA TYR A 191 -39.46 24.77 -18.78
C TYR A 191 -40.97 24.82 -18.92
N SER A 192 -41.50 24.23 -20.00
CA SER A 192 -42.92 24.36 -20.29
C SER A 192 -43.50 23.04 -20.76
N LYS A 193 -44.81 22.90 -20.57
CA LYS A 193 -45.56 21.76 -21.07
C LYS A 193 -47.03 22.14 -21.12
N HIS A 194 -47.78 21.51 -22.04
CA HIS A 194 -49.20 21.76 -22.18
C HIS A 194 -49.95 20.44 -22.26
N THR A 195 -51.21 20.47 -21.81
CA THR A 195 -52.01 19.23 -21.74
C THR A 195 -53.50 19.52 -21.87
N PRO A 196 -54.22 18.77 -22.72
CA PRO A 196 -55.68 18.93 -22.79
C PRO A 196 -56.37 18.39 -21.55
N ILE A 197 -57.54 18.95 -21.26
CA ILE A 197 -58.35 18.55 -20.11
C ILE A 197 -59.78 19.00 -20.35
N ASN A 198 -60.72 18.44 -19.58
CA ASN A 198 -62.12 18.80 -19.75
C ASN A 198 -62.87 18.72 -18.43
N LEU A 199 -63.63 19.77 -18.12
CA LEU A 199 -64.59 19.80 -17.01
C LEU A 199 -63.95 19.35 -15.69
N VAL A 200 -63.00 20.18 -15.24
CA VAL A 200 -62.27 19.92 -14.00
C VAL A 200 -62.12 21.22 -13.23
N ARG A 201 -62.18 21.13 -11.90
CA ARG A 201 -62.20 22.30 -11.03
C ARG A 201 -60.83 22.69 -10.48
N ASP A 202 -59.98 21.74 -10.13
CA ASP A 202 -58.61 22.02 -9.72
C ASP A 202 -57.70 21.06 -10.47
N LEU A 203 -56.40 21.32 -10.43
CA LEU A 203 -55.48 20.53 -11.25
C LEU A 203 -55.60 19.06 -10.89
N PRO A 204 -55.90 18.19 -11.85
CA PRO A 204 -56.22 16.80 -11.53
C PRO A 204 -54.97 15.98 -11.24
N GLN A 205 -55.21 14.77 -10.75
CA GLN A 205 -54.12 13.86 -10.43
C GLN A 205 -53.46 13.37 -11.72
N GLY A 206 -52.27 12.80 -11.58
CA GLY A 206 -51.52 12.25 -12.69
C GLY A 206 -50.07 12.66 -12.62
N PHE A 207 -49.37 12.42 -13.73
CA PHE A 207 -47.94 12.70 -13.83
C PHE A 207 -47.61 13.10 -15.25
N SER A 208 -46.79 14.15 -15.41
CA SER A 208 -46.41 14.63 -16.72
C SER A 208 -45.04 15.30 -16.62
N ALA A 209 -44.10 14.85 -17.46
CA ALA A 209 -42.79 15.45 -17.49
C ALA A 209 -42.83 16.81 -18.17
N LEU A 210 -41.85 17.65 -17.84
CA LEU A 210 -41.74 18.99 -18.39
C LEU A 210 -40.48 19.07 -19.26
N GLU A 211 -40.66 19.45 -20.52
CA GLU A 211 -39.52 19.64 -21.40
C GLU A 211 -38.96 21.05 -21.24
N PRO A 212 -37.63 21.21 -21.20
CA PRO A 212 -37.05 22.56 -21.23
C PRO A 212 -37.46 23.27 -22.52
N LEU A 213 -37.76 24.56 -22.39
CA LEU A 213 -38.17 25.35 -23.54
C LEU A 213 -37.17 26.43 -23.88
N VAL A 214 -36.86 27.34 -22.96
CA VAL A 214 -35.94 28.44 -23.28
C VAL A 214 -34.97 28.66 -22.14
N ASP A 215 -33.80 29.19 -22.48
CA ASP A 215 -32.82 29.68 -21.52
C ASP A 215 -32.41 31.09 -21.95
N LEU A 216 -32.49 32.04 -21.04
CA LEU A 216 -32.22 33.44 -21.32
C LEU A 216 -30.98 33.90 -20.56
N PRO A 217 -30.02 34.55 -21.21
CA PRO A 217 -28.89 35.17 -20.50
C PRO A 217 -29.25 36.54 -19.95
N ILE A 218 -30.20 36.58 -19.02
CA ILE A 218 -30.71 37.85 -18.52
C ILE A 218 -29.80 38.42 -17.44
N GLY A 219 -29.57 37.65 -16.38
CA GLY A 219 -28.66 38.07 -15.33
C GLY A 219 -29.09 39.27 -14.52
N ILE A 220 -30.35 39.33 -14.09
CA ILE A 220 -30.83 40.40 -13.25
C ILE A 220 -31.38 39.81 -11.96
N ASN A 221 -31.41 40.65 -10.92
CA ASN A 221 -31.84 40.23 -9.59
C ASN A 221 -33.36 40.19 -9.53
N ILE A 222 -33.92 39.04 -9.16
CA ILE A 222 -35.36 38.86 -9.06
C ILE A 222 -35.69 38.32 -7.68
N THR A 223 -36.59 39.00 -6.97
CA THR A 223 -37.11 38.52 -5.70
C THR A 223 -38.64 38.45 -5.65
N ARG A 224 -39.34 39.12 -6.55
CA ARG A 224 -40.79 39.12 -6.56
C ARG A 224 -41.28 39.02 -8.00
N PHE A 225 -42.52 38.57 -8.17
CA PHE A 225 -43.10 38.44 -9.49
C PHE A 225 -44.62 38.55 -9.39
N GLN A 226 -45.25 38.76 -10.54
CA GLN A 226 -46.69 39.00 -10.62
C GLN A 226 -47.22 38.29 -11.86
N THR A 227 -48.54 38.12 -11.93
CA THR A 227 -49.20 37.48 -13.06
C THR A 227 -49.99 38.53 -13.83
N LEU A 228 -50.00 38.39 -15.15
CA LEU A 228 -50.68 39.33 -16.04
C LEU A 228 -51.93 38.67 -16.62
N LEU A 229 -53.06 39.36 -16.53
CA LEU A 229 -54.35 38.81 -16.87
C LEU A 229 -54.99 39.61 -17.99
N ALA A 230 -55.83 38.93 -18.78
CA ALA A 230 -56.56 39.57 -19.86
C ALA A 230 -57.88 40.11 -19.31
N LEU A 231 -58.10 41.41 -19.49
CA LEU A 231 -59.25 42.10 -18.92
C LEU A 231 -60.33 42.12 -20.00
N HIS A 232 -61.33 41.24 -19.86
CA HIS A 232 -62.35 41.07 -20.89
C HIS A 232 -63.27 42.27 -21.01
N ARG A 233 -63.21 43.21 -20.07
CA ARG A 233 -64.15 44.32 -20.01
C ARG A 233 -63.39 45.65 -20.08
N SER A 234 -64.12 46.75 -19.87
CA SER A 234 -63.55 48.06 -19.68
C SER A 234 -63.57 48.41 -18.19
N TYR A 235 -63.16 49.64 -17.85
CA TYR A 235 -63.08 50.04 -16.46
C TYR A 235 -63.98 51.21 -16.07
N LEU A 236 -64.55 51.94 -17.04
CA LEU A 236 -65.55 52.94 -16.70
C LEU A 236 -66.93 52.31 -16.57
N THR A 237 -67.44 51.75 -17.66
CA THR A 237 -68.74 51.08 -17.66
C THR A 237 -68.67 49.97 -18.70
N PRO A 238 -68.30 48.75 -18.28
CA PRO A 238 -68.00 47.69 -19.24
C PRO A 238 -69.19 47.27 -20.09
N GLY A 239 -70.27 46.83 -19.45
CA GLY A 239 -71.41 46.31 -20.18
C GLY A 239 -72.61 46.02 -19.31
N ASP A 240 -73.27 44.89 -19.57
CA ASP A 240 -74.52 44.57 -18.88
C ASP A 240 -74.27 43.95 -17.51
N SER A 241 -73.64 42.78 -17.48
CA SER A 241 -73.40 42.07 -16.22
C SER A 241 -72.40 40.94 -16.48
N SER A 242 -71.68 40.58 -15.44
CA SER A 242 -70.64 39.54 -15.50
C SER A 242 -69.70 39.80 -16.68
N SER A 243 -69.12 41.00 -16.66
CA SER A 243 -68.29 41.44 -17.77
C SER A 243 -67.03 40.60 -17.94
N GLY A 244 -66.62 39.87 -16.91
CA GLY A 244 -65.54 38.91 -17.05
C GLY A 244 -65.99 37.67 -17.78
N TRP A 245 -65.03 36.80 -18.09
CA TRP A 245 -65.30 35.57 -18.83
C TRP A 245 -65.53 34.44 -17.84
N THR A 246 -66.75 33.91 -17.82
CA THR A 246 -67.15 32.79 -16.97
C THR A 246 -66.89 33.06 -15.49
N ALA A 247 -66.91 34.33 -15.11
CA ALA A 247 -66.75 34.75 -13.71
C ALA A 247 -65.46 34.19 -13.10
N GLY A 248 -64.39 34.22 -13.89
CA GLY A 248 -63.10 33.77 -13.38
C GLY A 248 -62.90 32.28 -13.35
N ALA A 249 -63.57 31.53 -14.22
CA ALA A 249 -63.37 30.08 -14.24
C ALA A 249 -61.94 29.73 -14.61
N ALA A 250 -61.36 30.46 -15.56
CA ALA A 250 -59.93 30.36 -15.80
C ALA A 250 -59.17 30.71 -14.52
N ALA A 251 -58.18 29.90 -14.18
CA ALA A 251 -57.51 30.05 -12.89
C ALA A 251 -56.09 29.52 -12.99
N TYR A 252 -55.32 29.75 -11.94
CA TYR A 252 -53.96 29.25 -11.90
C TYR A 252 -53.60 28.82 -10.49
N TYR A 253 -52.52 28.05 -10.40
CA TYR A 253 -52.03 27.51 -9.15
C TYR A 253 -50.53 27.72 -9.07
N VAL A 254 -50.05 28.11 -7.89
CA VAL A 254 -48.68 28.53 -7.69
C VAL A 254 -48.05 27.67 -6.60
N GLY A 255 -46.83 27.19 -6.87
CA GLY A 255 -46.07 26.47 -5.87
C GLY A 255 -44.61 26.88 -5.93
N TYR A 256 -43.93 26.68 -4.81
CA TYR A 256 -42.53 27.10 -4.65
C TYR A 256 -41.63 25.88 -4.58
N LEU A 257 -40.57 25.88 -5.39
CA LEU A 257 -39.66 24.75 -5.46
C LEU A 257 -38.66 24.79 -4.30
N GLN A 258 -38.25 23.61 -3.86
CA GLN A 258 -37.29 23.46 -2.78
C GLN A 258 -36.26 22.40 -3.17
N PRO A 259 -35.04 22.49 -2.63
CA PRO A 259 -34.06 21.43 -2.89
C PRO A 259 -34.56 20.08 -2.42
N ARG A 260 -34.26 19.05 -3.20
CA ARG A 260 -34.77 17.71 -2.94
C ARG A 260 -33.91 16.71 -3.67
N THR A 261 -34.11 15.44 -3.36
CA THR A 261 -33.40 14.32 -3.98
C THR A 261 -34.44 13.38 -4.58
N PHE A 262 -34.75 13.59 -5.85
CA PHE A 262 -35.69 12.71 -6.54
C PHE A 262 -34.98 11.45 -7.02
N LEU A 263 -35.79 10.46 -7.40
CA LEU A 263 -35.30 9.25 -8.07
C LEU A 263 -36.16 9.04 -9.31
N LEU A 264 -35.60 9.36 -10.47
CA LEU A 264 -36.35 9.35 -11.71
C LEU A 264 -36.20 8.01 -12.42
N LYS A 265 -37.30 7.53 -13.00
CA LYS A 265 -37.33 6.26 -13.72
C LYS A 265 -37.47 6.56 -15.20
N TYR A 266 -36.34 6.60 -15.90
CA TYR A 266 -36.36 6.73 -17.36
C TYR A 266 -36.85 5.43 -17.98
N ASN A 267 -37.80 5.53 -18.90
CA ASN A 267 -38.32 4.34 -19.57
C ASN A 267 -37.40 3.97 -20.72
N GLU A 268 -37.82 3.01 -21.56
CA GLU A 268 -37.00 2.54 -22.66
C GLU A 268 -36.86 3.56 -23.79
N ASN A 269 -37.67 4.61 -23.80
CA ASN A 269 -37.62 5.62 -24.84
C ASN A 269 -37.07 6.95 -24.33
N GLY A 270 -36.51 6.99 -23.13
CA GLY A 270 -35.93 8.21 -22.61
C GLY A 270 -36.93 9.24 -22.14
N THR A 271 -38.16 8.84 -21.85
CA THR A 271 -39.19 9.75 -21.37
C THR A 271 -39.46 9.47 -19.90
N ILE A 272 -39.46 10.54 -19.09
CA ILE A 272 -39.74 10.38 -17.67
C ILE A 272 -41.16 9.87 -17.49
N THR A 273 -41.31 8.77 -16.75
CA THR A 273 -42.60 8.17 -16.52
C THR A 273 -42.99 8.05 -15.06
N ASP A 274 -42.04 8.12 -14.13
CA ASP A 274 -42.36 8.06 -12.72
C ASP A 274 -41.19 8.62 -11.91
N ALA A 275 -41.48 8.99 -10.66
CA ALA A 275 -40.47 9.51 -9.76
C ALA A 275 -40.88 9.21 -8.33
N VAL A 276 -39.90 9.24 -7.43
CA VAL A 276 -40.13 8.95 -6.02
C VAL A 276 -39.38 9.99 -5.19
N ASP A 277 -40.09 10.63 -4.26
CA ASP A 277 -39.49 11.59 -3.35
C ASP A 277 -38.77 10.85 -2.23
N CYS A 278 -37.45 10.99 -2.16
CA CYS A 278 -36.67 10.21 -1.21
C CYS A 278 -37.04 10.53 0.23
N ALA A 279 -37.26 11.80 0.55
CA ALA A 279 -37.46 12.24 1.93
C ALA A 279 -38.93 12.47 2.28
N LEU A 280 -39.85 11.82 1.56
CA LEU A 280 -41.27 11.98 1.87
C LEU A 280 -41.69 11.11 3.05
N ASP A 281 -41.54 9.80 2.91
CA ASP A 281 -41.87 8.83 3.94
C ASP A 281 -40.81 7.75 3.95
N PRO A 282 -40.64 7.03 5.07
CA PRO A 282 -39.53 6.06 5.16
C PRO A 282 -39.51 5.03 4.05
N LEU A 283 -40.68 4.54 3.62
CA LEU A 283 -40.73 3.57 2.52
C LEU A 283 -40.05 4.14 1.28
N SER A 284 -40.23 5.43 1.03
CA SER A 284 -39.56 6.07 -0.10
C SER A 284 -38.05 6.11 0.10
N GLU A 285 -37.59 6.29 1.33
CA GLU A 285 -36.16 6.22 1.59
C GLU A 285 -35.61 4.83 1.30
N THR A 286 -36.35 3.79 1.68
CA THR A 286 -35.91 2.43 1.35
C THR A 286 -35.90 2.21 -0.15
N LYS A 287 -36.90 2.74 -0.86
CA LYS A 287 -36.91 2.65 -2.31
C LYS A 287 -35.68 3.34 -2.91
N CYS A 288 -35.33 4.52 -2.39
CA CYS A 288 -34.18 5.26 -2.90
C CYS A 288 -32.87 4.52 -2.63
N THR A 289 -32.70 4.00 -1.42
CA THR A 289 -31.44 3.35 -1.06
C THR A 289 -31.31 1.98 -1.70
N LEU A 290 -32.42 1.32 -2.02
CA LEU A 290 -32.36 0.04 -2.72
C LEU A 290 -32.26 0.20 -4.23
N LYS A 291 -32.47 1.41 -4.74
CA LYS A 291 -32.44 1.68 -6.18
C LYS A 291 -33.40 0.78 -6.94
N SER A 292 -34.60 0.61 -6.37
CA SER A 292 -35.65 -0.18 -7.00
C SER A 292 -37.01 0.40 -6.60
N PHE A 293 -38.01 0.11 -7.43
CA PHE A 293 -39.35 0.65 -7.20
C PHE A 293 -40.20 -0.25 -6.32
N THR A 294 -39.76 -1.46 -6.02
CA THR A 294 -40.52 -2.39 -5.19
C THR A 294 -39.55 -3.11 -4.26
N VAL A 295 -39.75 -2.93 -2.96
CA VAL A 295 -38.94 -3.60 -1.97
C VAL A 295 -39.64 -4.87 -1.54
N GLU A 296 -38.86 -5.84 -1.06
CA GLU A 296 -39.38 -7.12 -0.61
C GLU A 296 -39.58 -7.10 0.90
N LYS A 297 -40.36 -8.07 1.39
CA LYS A 297 -40.61 -8.18 2.81
C LYS A 297 -39.32 -8.41 3.57
N GLY A 298 -39.11 -7.66 4.64
CA GLY A 298 -37.91 -7.79 5.45
C GLY A 298 -37.63 -6.50 6.18
N ILE A 299 -36.38 -6.37 6.64
CA ILE A 299 -35.92 -5.21 7.38
C ILE A 299 -34.75 -4.58 6.64
N TYR A 300 -34.80 -3.27 6.45
CA TYR A 300 -33.76 -2.53 5.76
C TYR A 300 -33.32 -1.34 6.60
N GLN A 301 -32.03 -1.08 6.62
CA GLN A 301 -31.47 0.09 7.29
C GLN A 301 -31.04 1.11 6.25
N THR A 302 -31.34 2.38 6.52
CA THR A 302 -31.12 3.46 5.56
C THR A 302 -30.06 4.45 6.02
N SER A 303 -30.23 5.06 7.19
CA SER A 303 -29.36 6.14 7.63
C SER A 303 -29.15 5.99 9.13
N ASN A 304 -28.65 7.05 9.76
CA ASN A 304 -28.49 7.08 11.21
C ASN A 304 -28.78 8.48 11.72
N PHE A 305 -29.27 8.57 12.94
CA PHE A 305 -29.56 9.84 13.59
C PHE A 305 -28.57 10.09 14.71
N ARG A 306 -28.31 11.36 14.98
CA ARG A 306 -27.19 11.75 15.84
C ARG A 306 -27.51 12.80 16.90
N VAL A 307 -28.70 13.42 16.88
CA VAL A 307 -29.08 14.44 17.85
C VAL A 307 -28.12 15.62 17.79
N GLN A 308 -28.48 16.64 17.01
CA GLN A 308 -27.58 17.77 16.83
C GLN A 308 -27.51 18.60 18.12
N PRO A 309 -26.33 19.12 18.47
CA PRO A 309 -26.20 19.89 19.72
C PRO A 309 -26.92 21.22 19.64
N THR A 310 -27.30 21.73 20.81
CA THR A 310 -27.98 23.01 20.95
C THR A 310 -27.15 23.94 21.82
N GLU A 311 -26.64 25.02 21.21
CA GLU A 311 -25.94 26.10 21.90
C GLU A 311 -24.54 25.66 22.34
N SER A 312 -23.56 26.54 22.15
CA SER A 312 -22.19 26.28 22.56
C SER A 312 -21.87 27.05 23.84
N ILE A 313 -20.88 26.55 24.58
CA ILE A 313 -20.45 27.17 25.81
C ILE A 313 -18.93 27.34 25.80
N VAL A 314 -18.46 28.39 26.46
CA VAL A 314 -17.04 28.71 26.58
C VAL A 314 -16.73 28.86 28.06
N ARG A 315 -15.60 28.31 28.49
CA ARG A 315 -15.20 28.31 29.90
C ARG A 315 -13.75 28.73 30.04
N PHE A 316 -13.40 29.86 29.43
CA PHE A 316 -12.04 30.38 29.53
C PHE A 316 -11.73 30.80 30.96
N PRO A 317 -10.46 30.82 31.35
CA PRO A 317 -10.10 31.11 32.75
C PRO A 317 -10.45 32.54 33.14
N ASN A 318 -10.45 32.76 34.45
CA ASN A 318 -10.85 34.02 35.08
C ASN A 318 -9.60 34.77 35.52
N ILE A 319 -9.00 35.52 34.59
CA ILE A 319 -7.81 36.32 34.86
C ILE A 319 -8.05 37.73 34.34
N THR A 320 -7.29 38.69 34.91
CA THR A 320 -7.39 40.10 34.56
C THR A 320 -5.98 40.66 34.44
N ASN A 321 -5.44 40.64 33.21
CA ASN A 321 -4.11 41.19 32.95
C ASN A 321 -3.99 41.47 31.47
N LEU A 322 -3.91 42.75 31.10
CA LEU A 322 -3.64 43.11 29.72
C LEU A 322 -2.25 42.63 29.32
N CYS A 323 -2.16 42.03 28.13
CA CYS A 323 -0.93 41.37 27.75
C CYS A 323 0.08 42.38 27.20
N PRO A 324 1.30 42.40 27.72
CA PRO A 324 2.29 43.39 27.24
C PRO A 324 2.79 43.08 25.85
N PHE A 325 2.28 43.81 24.86
CA PHE A 325 2.76 43.76 23.49
C PHE A 325 3.21 45.12 22.99
N GLY A 326 2.45 46.17 23.28
CA GLY A 326 2.80 47.52 22.90
C GLY A 326 4.18 47.96 23.37
N GLU A 327 4.42 47.88 24.67
CA GLU A 327 5.72 48.28 25.22
C GLU A 327 6.86 47.44 24.67
N VAL A 328 6.60 46.15 24.44
CA VAL A 328 7.66 45.25 23.99
C VAL A 328 8.02 45.52 22.54
N PHE A 329 7.04 45.39 21.64
CA PHE A 329 7.33 45.54 20.21
C PHE A 329 7.62 46.98 19.85
N ASN A 330 6.89 47.93 20.42
CA ASN A 330 7.11 49.34 20.13
C ASN A 330 8.49 49.82 20.56
N ALA A 331 9.16 49.08 21.45
CA ALA A 331 10.54 49.39 21.79
C ALA A 331 11.42 49.23 20.56
N THR A 332 11.98 50.36 20.09
CA THR A 332 12.72 50.35 18.83
C THR A 332 14.01 49.53 18.90
N ARG A 333 14.48 49.20 20.10
CA ARG A 333 15.71 48.45 20.23
C ARG A 333 15.58 47.06 19.62
N PHE A 334 16.59 46.66 18.86
CA PHE A 334 16.62 45.34 18.24
C PHE A 334 18.05 44.80 18.31
N ALA A 335 18.17 43.48 18.32
CA ALA A 335 19.46 42.82 18.47
C ALA A 335 19.90 42.20 17.14
N SER A 336 21.04 41.53 17.18
CA SER A 336 21.58 40.83 16.02
C SER A 336 21.10 39.38 16.00
N VAL A 337 21.36 38.70 14.88
CA VAL A 337 20.91 37.32 14.74
C VAL A 337 21.73 36.39 15.62
N TYR A 338 23.05 36.59 15.69
CA TYR A 338 23.88 35.69 16.47
C TYR A 338 23.59 35.81 17.96
N ALA A 339 23.16 37.00 18.41
CA ALA A 339 22.73 37.22 19.79
C ALA A 339 21.33 37.84 19.71
N TRP A 340 20.31 36.99 19.61
CA TRP A 340 18.94 37.43 19.50
C TRP A 340 18.32 37.56 20.89
N ASN A 341 17.50 38.58 21.09
CA ASN A 341 16.95 38.83 22.41
C ASN A 341 15.58 38.16 22.53
N ARG A 342 15.38 37.41 23.61
CA ARG A 342 14.22 36.56 23.80
C ARG A 342 13.47 36.96 25.05
N LYS A 343 12.14 36.94 24.96
CA LYS A 343 11.25 37.28 26.06
C LYS A 343 10.18 36.21 26.21
N ARG A 344 9.77 35.99 27.45
CA ARG A 344 8.71 35.02 27.77
C ARG A 344 7.46 35.78 28.20
N ILE A 345 6.32 35.38 27.66
CA ILE A 345 5.05 36.06 27.88
C ILE A 345 4.03 35.04 28.35
N SER A 346 3.38 35.33 29.47
CA SER A 346 2.38 34.44 30.06
C SER A 346 1.51 35.25 31.02
N ASN A 347 0.46 34.59 31.52
CA ASN A 347 -0.46 35.18 32.49
C ASN A 347 -1.06 36.49 31.97
N CYS A 348 -1.47 36.50 30.71
CA CYS A 348 -2.00 37.71 30.10
C CYS A 348 -3.12 37.36 29.14
N VAL A 349 -4.05 38.30 28.98
CA VAL A 349 -5.10 38.21 27.97
C VAL A 349 -4.62 38.97 26.74
N ALA A 350 -4.36 38.26 25.66
CA ALA A 350 -3.74 38.83 24.48
C ALA A 350 -4.77 39.06 23.38
N ASP A 351 -4.57 40.13 22.62
CA ASP A 351 -5.43 40.48 21.48
C ASP A 351 -4.49 40.70 20.30
N TYR A 352 -4.17 39.61 19.59
CA TYR A 352 -3.31 39.71 18.40
C TYR A 352 -4.04 40.28 17.20
N SER A 353 -5.38 40.34 17.23
CA SER A 353 -6.13 40.88 16.10
C SER A 353 -5.78 42.35 15.87
N VAL A 354 -5.73 43.13 16.95
CA VAL A 354 -5.33 44.53 16.84
C VAL A 354 -3.89 44.63 16.35
N LEU A 355 -3.02 43.75 16.87
CA LEU A 355 -1.63 43.75 16.43
C LEU A 355 -1.50 43.46 14.95
N TYR A 356 -2.45 42.71 14.38
CA TYR A 356 -2.38 42.37 12.96
C TYR A 356 -2.53 43.62 12.08
N ASN A 357 -3.44 44.52 12.43
CA ASN A 357 -3.61 45.77 11.68
C ASN A 357 -2.56 46.77 12.16
N SER A 358 -1.33 46.55 11.73
CA SER A 358 -0.20 47.42 12.07
C SER A 358 0.54 47.76 10.78
N ALA A 359 0.06 48.81 10.10
CA ALA A 359 0.68 49.33 8.87
C ALA A 359 0.76 48.29 7.77
N SER A 360 -0.01 47.22 7.86
CA SER A 360 -0.03 46.15 6.87
C SER A 360 1.38 45.61 6.61
N PHE A 361 2.07 45.25 7.69
CA PHE A 361 3.42 44.73 7.57
C PHE A 361 3.43 43.44 6.75
N SER A 362 4.47 43.29 5.93
CA SER A 362 4.47 42.26 4.90
C SER A 362 4.42 40.86 5.48
N THR A 363 5.22 40.58 6.50
CA THR A 363 5.42 39.22 6.98
C THR A 363 4.51 38.95 8.17
N PHE A 364 3.59 38.00 7.98
CA PHE A 364 2.74 37.45 9.03
C PHE A 364 2.72 35.94 8.92
N LYS A 365 3.89 35.34 8.72
CA LYS A 365 3.94 33.94 8.30
C LYS A 365 3.79 33.05 9.51
N CYS A 366 2.57 32.56 9.75
CA CYS A 366 2.29 31.68 10.87
C CYS A 366 2.16 30.25 10.37
N TYR A 367 3.06 29.39 10.83
CA TYR A 367 3.04 27.97 10.50
C TYR A 367 2.51 27.20 11.70
N GLY A 368 1.52 26.34 11.46
CA GLY A 368 0.85 25.62 12.52
C GLY A 368 -0.35 26.35 13.11
N VAL A 369 -0.66 27.56 12.65
CA VAL A 369 -1.81 28.32 13.14
C VAL A 369 -2.18 29.35 12.09
N SER A 370 -3.48 29.45 11.80
CA SER A 370 -3.95 30.50 10.90
C SER A 370 -4.20 31.79 11.69
N PRO A 371 -3.75 32.94 11.17
CA PRO A 371 -3.88 34.19 11.95
C PRO A 371 -5.32 34.57 12.28
N THR A 372 -6.24 34.44 11.32
CA THR A 372 -7.62 34.84 11.55
C THR A 372 -8.26 34.00 12.65
N LYS A 373 -8.00 32.70 12.66
CA LYS A 373 -8.47 31.82 13.71
C LYS A 373 -7.52 31.78 14.90
N LEU A 374 -6.42 32.54 14.85
CA LEU A 374 -5.43 32.49 15.92
C LEU A 374 -5.97 33.04 17.24
N ASN A 375 -6.83 34.06 17.16
CA ASN A 375 -7.34 34.68 18.38
C ASN A 375 -8.17 33.71 19.21
N ASP A 376 -8.99 32.88 18.56
CA ASP A 376 -9.86 31.96 19.30
C ASP A 376 -9.06 30.92 20.04
N LEU A 377 -8.11 30.27 19.36
CA LEU A 377 -7.19 29.36 20.04
C LEU A 377 -6.35 30.14 21.03
N CYS A 378 -6.03 29.51 22.17
CA CYS A 378 -5.15 30.20 23.10
C CYS A 378 -4.04 29.29 23.57
N PHE A 379 -3.02 29.92 24.15
CA PHE A 379 -1.65 29.44 24.17
C PHE A 379 -1.22 29.16 25.61
N THR A 380 -0.43 28.10 25.81
CA THR A 380 0.08 27.83 27.15
C THR A 380 1.16 28.82 27.54
N ASN A 381 2.08 29.13 26.63
CA ASN A 381 3.13 30.11 26.86
C ASN A 381 3.48 30.76 25.53
N VAL A 382 4.11 31.93 25.61
CA VAL A 382 4.51 32.68 24.42
C VAL A 382 5.99 33.01 24.52
N TYR A 383 6.71 32.85 23.41
CA TYR A 383 8.11 33.25 23.33
C TYR A 383 8.27 34.24 22.19
N ALA A 384 8.94 35.36 22.46
CA ALA A 384 9.19 36.39 21.46
C ALA A 384 10.69 36.53 21.27
N ASP A 385 11.18 36.15 20.09
CA ASP A 385 12.60 36.18 19.78
C ASP A 385 12.84 37.22 18.68
N SER A 386 13.69 38.20 18.95
CA SER A 386 13.90 39.30 18.02
C SER A 386 15.36 39.40 17.61
N PHE A 387 15.55 39.80 16.35
CA PHE A 387 16.85 40.04 15.74
C PHE A 387 16.64 40.88 14.48
N VAL A 388 17.72 41.11 13.73
CA VAL A 388 17.68 41.90 12.49
C VAL A 388 18.34 41.10 11.38
N ILE A 389 17.67 41.00 10.24
CA ILE A 389 18.08 40.12 9.15
C ILE A 389 18.15 40.91 7.84
N ARG A 390 18.75 40.28 6.83
CA ARG A 390 18.76 40.80 5.46
C ARG A 390 17.56 40.26 4.69
N GLY A 391 17.26 40.92 3.57
CA GLY A 391 16.08 40.57 2.81
C GLY A 391 16.17 39.18 2.17
N ASP A 392 17.28 38.90 1.48
CA ASP A 392 17.40 37.63 0.78
C ASP A 392 17.44 36.45 1.75
N GLU A 393 17.96 36.67 2.96
CA GLU A 393 17.98 35.63 3.97
C GLU A 393 16.66 35.53 4.74
N VAL A 394 15.68 36.37 4.42
CA VAL A 394 14.39 36.33 5.10
C VAL A 394 13.75 34.95 4.96
N ARG A 395 13.87 34.35 3.77
CA ARG A 395 13.32 33.03 3.54
C ARG A 395 13.94 31.98 4.45
N GLN A 396 15.15 32.21 4.95
CA GLN A 396 15.81 31.24 5.81
C GLN A 396 15.11 31.08 7.16
N ILE A 397 14.26 32.03 7.54
CA ILE A 397 13.52 31.94 8.81
C ILE A 397 12.25 31.16 8.51
N ALA A 398 12.37 29.84 8.52
CA ALA A 398 11.27 28.93 8.24
C ALA A 398 11.64 27.51 8.67
N PRO A 399 10.67 26.71 9.09
CA PRO A 399 10.98 25.31 9.42
C PRO A 399 11.44 24.55 8.18
N GLY A 400 12.45 23.71 8.37
CA GLY A 400 13.00 22.94 7.26
C GLY A 400 13.58 23.78 6.16
N GLN A 401 14.27 24.86 6.51
CA GLN A 401 14.89 25.76 5.54
C GLN A 401 16.40 25.74 5.71
N THR A 402 17.11 25.91 4.60
CA THR A 402 18.55 25.90 4.58
C THR A 402 19.10 27.30 4.31
N GLY A 403 20.36 27.48 4.64
CA GLY A 403 21.02 28.76 4.46
C GLY A 403 22.08 28.96 5.53
N LYS A 404 22.80 30.08 5.39
CA LYS A 404 23.84 30.41 6.35
C LYS A 404 23.27 30.62 7.75
N ILE A 405 22.18 31.39 7.86
CA ILE A 405 21.61 31.70 9.15
C ILE A 405 20.95 30.47 9.77
N ALA A 406 20.24 29.70 8.96
CA ALA A 406 19.52 28.53 9.48
C ALA A 406 20.48 27.51 10.07
N ASP A 407 21.61 27.28 9.40
CA ASP A 407 22.55 26.26 9.84
C ASP A 407 23.67 26.82 10.72
N TYR A 408 23.78 28.14 10.88
CA TYR A 408 24.92 28.71 11.56
C TYR A 408 24.53 29.73 12.62
N ASN A 409 23.38 30.38 12.44
CA ASN A 409 22.98 31.47 13.32
C ASN A 409 21.71 31.18 14.10
N TYR A 410 20.63 30.83 13.42
CA TYR A 410 19.34 30.64 14.07
C TYR A 410 18.60 29.52 13.35
N LYS A 411 18.40 28.39 14.04
CA LYS A 411 17.75 27.23 13.48
C LYS A 411 16.34 27.11 14.05
N LEU A 412 15.36 26.86 13.18
CA LEU A 412 13.99 26.59 13.60
C LEU A 412 13.70 25.09 13.51
N PRO A 413 12.89 24.56 14.42
CA PRO A 413 12.59 23.12 14.37
C PRO A 413 11.78 22.75 13.14
N ASP A 414 11.94 21.50 12.71
CA ASP A 414 11.19 21.01 11.56
C ASP A 414 9.70 20.97 11.83
N ASP A 415 9.31 20.77 13.09
CA ASP A 415 7.91 20.79 13.52
C ASP A 415 7.54 22.12 14.16
N PHE A 416 8.10 23.22 13.67
CA PHE A 416 7.93 24.51 14.31
C PHE A 416 6.48 24.98 14.23
N THR A 417 5.95 25.41 15.37
CA THR A 417 4.63 26.03 15.45
C THR A 417 4.81 27.45 15.97
N GLY A 418 4.36 28.42 15.20
CA GLY A 418 4.52 29.81 15.57
C GLY A 418 4.50 30.69 14.34
N CYS A 419 4.57 31.99 14.58
CA CYS A 419 4.43 32.99 13.54
C CYS A 419 5.63 33.93 13.51
N VAL A 420 6.18 34.16 12.33
CA VAL A 420 7.27 35.12 12.14
C VAL A 420 6.68 36.42 11.62
N ILE A 421 7.10 37.53 12.23
CA ILE A 421 6.67 38.88 11.90
C ILE A 421 7.91 39.70 11.62
N ALA A 422 7.85 40.58 10.61
CA ALA A 422 9.00 41.42 10.30
C ALA A 422 8.53 42.78 9.84
N TRP A 423 9.29 43.80 10.25
CA TRP A 423 9.08 45.18 9.84
C TRP A 423 10.30 45.67 9.07
N ASN A 424 10.06 46.44 8.01
CA ASN A 424 11.15 47.07 7.30
C ASN A 424 11.79 48.12 8.20
N SER A 425 13.13 48.09 8.28
CA SER A 425 13.87 48.96 9.18
C SER A 425 14.98 49.69 8.42
N ASN A 426 14.64 50.23 7.24
CA ASN A 426 15.60 51.00 6.48
C ASN A 426 15.92 52.32 7.17
N ASN A 427 14.90 53.02 7.65
CA ASN A 427 15.07 54.32 8.28
C ASN A 427 15.40 54.24 9.76
N LEU A 428 15.48 53.03 10.33
CA LEU A 428 15.72 52.84 11.74
C LEU A 428 17.07 52.21 12.05
N ASP A 429 17.38 51.08 11.43
CA ASP A 429 18.60 50.34 11.73
C ASP A 429 19.74 50.62 10.75
N SER A 430 19.47 51.27 9.63
CA SER A 430 20.50 51.52 8.62
C SER A 430 20.98 52.96 8.74
N LYS A 431 22.29 53.15 8.72
CA LYS A 431 22.92 54.47 8.74
C LYS A 431 23.75 54.66 7.48
N VAL A 432 24.04 55.93 7.19
CA VAL A 432 24.72 56.27 5.94
C VAL A 432 26.11 55.62 5.91
N GLY A 433 26.84 55.69 7.01
CA GLY A 433 28.16 55.12 7.07
C GLY A 433 28.22 53.62 7.31
N GLY A 434 27.06 52.98 7.50
CA GLY A 434 27.03 51.54 7.72
C GLY A 434 26.92 51.18 9.19
N ASN A 435 25.85 50.48 9.55
CA ASN A 435 25.61 50.04 10.93
C ASN A 435 26.16 48.63 11.09
N TYR A 436 27.42 48.54 11.55
CA TYR A 436 28.10 47.27 11.73
C TYR A 436 27.94 46.72 13.14
N ASN A 437 26.84 47.03 13.81
CA ASN A 437 26.60 46.57 15.17
C ASN A 437 26.03 45.16 15.24
N TYR A 438 25.76 44.54 14.10
CA TYR A 438 25.13 43.23 14.03
C TYR A 438 26.10 42.23 13.43
N LEU A 439 26.33 41.13 14.14
CA LEU A 439 27.29 40.11 13.74
C LEU A 439 26.58 38.81 13.37
N TYR A 440 27.04 38.18 12.29
CA TYR A 440 26.49 36.92 11.82
C TYR A 440 27.59 35.87 11.79
N ARG A 441 27.29 34.69 12.31
CA ARG A 441 28.28 33.61 12.37
C ARG A 441 28.29 32.88 11.04
N LEU A 442 29.34 33.12 10.23
CA LEU A 442 29.43 32.45 8.95
C LEU A 442 30.07 31.07 9.06
N PHE A 443 31.00 30.89 10.01
CA PHE A 443 31.76 29.67 10.16
C PHE A 443 31.44 29.03 11.50
N ARG A 444 31.09 27.74 11.48
CA ARG A 444 30.90 26.98 12.70
C ARG A 444 31.39 25.56 12.51
N LYS A 445 31.87 24.96 13.60
CA LYS A 445 32.35 23.58 13.53
C LYS A 445 31.23 22.58 13.28
N SER A 446 29.99 22.94 13.61
CA SER A 446 28.85 22.06 13.40
C SER A 446 27.59 22.90 13.25
N ASN A 447 26.55 22.28 12.71
CA ASN A 447 25.28 22.96 12.50
C ASN A 447 24.61 23.24 13.85
N LEU A 448 23.45 23.90 13.78
CA LEU A 448 22.74 24.35 14.97
C LEU A 448 21.43 23.60 15.13
N LYS A 449 21.16 23.17 16.36
CA LYS A 449 19.86 22.62 16.70
C LYS A 449 18.84 23.76 16.82
N PRO A 450 17.54 23.44 16.74
CA PRO A 450 16.54 24.49 16.88
C PRO A 450 16.64 25.21 18.21
N PHE A 451 16.51 26.54 18.16
CA PHE A 451 16.55 27.41 19.34
C PHE A 451 17.83 27.19 20.16
N GLU A 452 18.96 27.05 19.47
CA GLU A 452 20.25 26.83 20.09
C GLU A 452 21.06 28.11 20.00
N ARG A 453 21.38 28.70 21.16
CA ARG A 453 22.22 29.88 21.24
C ARG A 453 23.37 29.57 22.19
N ASP A 454 24.43 28.99 21.65
CA ASP A 454 25.66 28.72 22.38
C ASP A 454 26.73 29.68 21.85
N ILE A 455 26.83 30.85 22.47
CA ILE A 455 27.69 31.91 21.98
C ILE A 455 29.15 31.47 22.15
N SER A 456 29.80 31.17 21.03
CA SER A 456 31.22 30.82 21.01
C SER A 456 31.94 31.83 20.12
N THR A 457 32.94 32.50 20.69
CA THR A 457 33.68 33.54 19.99
C THR A 457 35.02 33.06 19.46
N GLU A 458 35.28 31.75 19.53
CA GLU A 458 36.57 31.21 19.12
C GLU A 458 36.80 31.40 17.63
N ILE A 459 38.07 31.59 17.26
CA ILE A 459 38.46 31.68 15.86
C ILE A 459 38.56 30.27 15.29
N TYR A 460 37.74 29.98 14.29
CA TYR A 460 37.69 28.63 13.74
C TYR A 460 38.90 28.36 12.86
N GLN A 461 39.40 27.12 12.94
CA GLN A 461 40.63 26.72 12.25
C GLN A 461 40.27 26.18 10.87
N ALA A 462 40.57 26.96 9.83
CA ALA A 462 40.32 26.51 8.48
C ALA A 462 41.33 25.46 8.02
N GLY A 463 42.55 25.52 8.53
CA GLY A 463 43.59 24.58 8.17
C GLY A 463 43.81 23.51 9.23
N SER A 464 44.99 22.90 9.17
CA SER A 464 45.34 21.85 10.13
C SER A 464 46.03 22.40 11.38
N THR A 465 46.79 23.48 11.24
CA THR A 465 47.46 24.06 12.40
C THR A 465 46.43 24.69 13.33
N PRO A 466 46.55 24.48 14.64
CA PRO A 466 45.62 25.11 15.59
C PRO A 466 45.85 26.61 15.67
N CYS A 467 44.79 27.38 15.44
CA CYS A 467 44.90 28.83 15.51
C CYS A 467 45.19 29.30 16.93
N ASN A 468 44.74 28.55 17.93
CA ASN A 468 44.95 28.90 19.34
C ASN A 468 44.40 30.28 19.66
N GLY A 469 43.25 30.61 19.07
CA GLY A 469 42.64 31.91 19.27
C GLY A 469 43.40 33.06 18.64
N VAL A 470 44.24 32.77 17.64
CA VAL A 470 45.05 33.78 16.98
C VAL A 470 44.77 33.72 15.48
N GLU A 471 44.45 34.87 14.90
CA GLU A 471 44.21 34.94 13.46
C GLU A 471 45.53 34.79 12.70
N GLY A 472 45.41 34.51 11.40
CA GLY A 472 46.56 34.34 10.56
C GLY A 472 46.27 33.53 9.32
N PHE A 473 47.10 32.51 9.06
CA PHE A 473 46.87 31.61 7.93
C PHE A 473 45.75 30.64 8.28
N ASN A 474 44.71 30.61 7.44
CA ASN A 474 43.56 29.72 7.63
C ASN A 474 42.93 29.90 9.01
N CYS A 475 42.82 31.16 9.45
CA CYS A 475 42.20 31.49 10.73
C CYS A 475 41.31 32.70 10.51
N TYR A 476 40.00 32.48 10.47
CA TYR A 476 39.02 33.53 10.20
C TYR A 476 38.01 33.60 11.33
N PHE A 477 37.60 34.81 11.68
CA PHE A 477 36.60 35.02 12.72
C PHE A 477 35.20 34.81 12.14
N PRO A 478 34.37 33.96 12.76
CA PRO A 478 33.05 33.69 12.16
C PRO A 478 32.13 34.90 12.14
N LEU A 479 32.05 35.65 13.22
CA LEU A 479 31.08 36.74 13.34
C LEU A 479 31.51 37.91 12.47
N GLN A 480 30.89 38.03 11.31
CA GLN A 480 31.12 39.16 10.40
C GLN A 480 30.02 40.20 10.59
N SER A 481 30.41 41.46 10.57
CA SER A 481 29.45 42.55 10.66
C SER A 481 28.72 42.73 9.33
N TYR A 482 27.61 43.46 9.37
CA TYR A 482 26.79 43.71 8.20
C TYR A 482 26.78 45.20 7.88
N GLY A 483 26.98 45.52 6.61
CA GLY A 483 27.01 46.90 6.17
C GLY A 483 25.65 47.43 5.74
N PHE A 484 24.77 47.65 6.71
CA PHE A 484 23.43 48.15 6.42
C PHE A 484 23.48 49.65 6.15
N GLN A 485 23.00 50.05 4.99
CA GLN A 485 22.91 51.45 4.59
C GLN A 485 21.53 51.72 4.00
N PRO A 486 21.05 52.97 4.10
CA PRO A 486 19.77 53.30 3.45
C PRO A 486 19.79 53.12 1.95
N THR A 487 20.94 53.35 1.31
CA THR A 487 21.09 53.18 -0.12
C THR A 487 21.40 51.74 -0.54
N ASN A 488 21.54 50.84 0.43
CA ASN A 488 21.77 49.44 0.11
C ASN A 488 20.51 48.83 -0.50
N GLY A 489 20.69 47.70 -1.20
CA GLY A 489 19.58 47.03 -1.83
C GLY A 489 18.62 46.45 -0.82
N VAL A 490 17.41 46.14 -1.31
CA VAL A 490 16.38 45.58 -0.44
C VAL A 490 16.83 44.26 0.15
N GLY A 491 17.65 43.49 -0.57
CA GLY A 491 18.25 42.29 -0.02
C GLY A 491 19.43 42.53 0.88
N TYR A 492 19.89 43.77 0.99
CA TYR A 492 21.01 44.13 1.84
C TYR A 492 20.64 45.25 2.81
N GLN A 493 19.37 45.32 3.19
CA GLN A 493 18.85 46.33 4.09
C GLN A 493 18.25 45.66 5.33
N PRO A 494 18.19 46.37 6.46
CA PRO A 494 17.76 45.73 7.70
C PRO A 494 16.29 45.34 7.68
N TYR A 495 15.98 44.26 8.40
CA TYR A 495 14.60 43.83 8.63
C TYR A 495 14.49 43.40 10.08
N ARG A 496 13.61 44.07 10.84
CA ARG A 496 13.39 43.72 12.24
C ARG A 496 12.48 42.50 12.30
N VAL A 497 12.98 41.38 12.79
CA VAL A 497 12.26 40.11 12.78
C VAL A 497 12.01 39.67 14.21
N VAL A 498 10.75 39.34 14.51
CA VAL A 498 10.36 38.72 15.76
C VAL A 498 9.62 37.43 15.44
N VAL A 499 10.09 36.33 16.00
CA VAL A 499 9.42 35.03 15.90
C VAL A 499 8.68 34.81 17.20
N LEU A 500 7.37 34.56 17.09
CA LEU A 500 6.52 34.25 18.23
C LEU A 500 6.27 32.74 18.21
N SER A 501 6.84 32.04 19.19
CA SER A 501 6.76 30.59 19.30
C SER A 501 5.79 30.22 20.42
N PHE A 502 4.95 29.23 20.15
CA PHE A 502 3.90 28.81 21.07
C PHE A 502 3.94 27.30 21.24
N GLU A 503 3.50 26.84 22.41
CA GLU A 503 3.44 25.42 22.73
C GLU A 503 2.00 25.07 23.06
N LEU A 504 1.41 24.19 22.26
CA LEU A 504 0.04 23.71 22.51
C LEU A 504 0.03 22.43 23.32
N LEU A 505 0.71 22.47 24.47
CA LEU A 505 0.76 21.31 25.35
C LEU A 505 -0.54 21.15 26.13
N HIS A 506 -0.71 19.98 26.72
CA HIS A 506 -1.87 19.69 27.56
C HIS A 506 -1.63 20.19 28.98
N ALA A 507 -1.44 21.51 29.08
CA ALA A 507 -1.16 22.20 30.33
C ALA A 507 -2.12 23.38 30.46
N PRO A 508 -2.40 23.82 31.69
CA PRO A 508 -3.27 24.99 31.87
C PRO A 508 -2.71 26.21 31.18
N ALA A 509 -3.43 26.70 30.18
CA ALA A 509 -2.98 27.81 29.37
C ALA A 509 -2.92 29.10 30.20
N THR A 510 -1.96 29.95 29.86
CA THR A 510 -1.78 31.25 30.51
C THR A 510 -2.22 32.42 29.64
N VAL A 511 -1.94 32.36 28.35
CA VAL A 511 -2.29 33.43 27.42
C VAL A 511 -3.52 32.99 26.64
N CYS A 512 -4.64 33.68 26.85
CA CYS A 512 -5.82 33.47 26.03
C CYS A 512 -6.42 34.80 25.59
N GLY A 513 -7.11 34.74 24.45
CA GLY A 513 -7.70 35.90 23.85
C GLY A 513 -8.95 36.34 24.56
N PRO A 514 -9.46 37.52 24.23
CA PRO A 514 -10.60 38.12 24.95
C PRO A 514 -11.95 37.56 24.51
N LYS A 515 -12.13 36.26 24.69
CA LYS A 515 -13.43 35.62 24.49
C LYS A 515 -14.07 35.39 25.85
N LYS A 516 -15.28 35.90 26.03
CA LYS A 516 -15.94 35.86 27.33
C LYS A 516 -16.61 34.52 27.56
N SER A 517 -16.35 33.91 28.70
CA SER A 517 -16.98 32.64 29.05
C SER A 517 -18.44 32.86 29.37
N THR A 518 -19.31 32.01 28.81
CA THR A 518 -20.74 32.12 29.04
C THR A 518 -21.15 31.23 30.21
N ASN A 519 -22.44 31.25 30.52
CA ASN A 519 -22.96 30.45 31.62
C ASN A 519 -22.89 28.97 31.29
N LEU A 520 -22.67 28.15 32.33
CA LEU A 520 -22.60 26.72 32.17
C LEU A 520 -24.00 26.11 32.07
N VAL A 521 -24.15 25.13 31.19
CA VAL A 521 -25.40 24.41 31.02
C VAL A 521 -25.11 22.92 31.20
N LYS A 522 -26.03 22.21 31.83
CA LYS A 522 -25.81 20.84 32.28
C LYS A 522 -26.92 19.93 31.79
N ASN A 523 -26.55 18.68 31.48
CA ASN A 523 -27.42 17.59 31.06
C ASN A 523 -27.93 17.72 29.63
N LYS A 524 -27.56 18.78 28.91
CA LYS A 524 -27.97 18.97 27.53
C LYS A 524 -26.74 18.90 26.63
N CYS A 525 -26.88 18.19 25.51
CA CYS A 525 -25.75 18.03 24.59
C CYS A 525 -25.36 19.38 24.01
N VAL A 526 -24.12 19.80 24.27
CA VAL A 526 -23.64 21.11 23.88
C VAL A 526 -22.26 20.99 23.26
N ASN A 527 -21.86 22.04 22.54
CA ASN A 527 -20.52 22.19 22.00
C ASN A 527 -19.74 23.01 23.02
N PHE A 528 -18.88 22.35 23.77
CA PHE A 528 -18.14 22.98 24.86
C PHE A 528 -16.72 23.34 24.43
N ASN A 529 -16.21 24.43 24.99
CA ASN A 529 -14.84 24.90 24.76
C ASN A 529 -14.24 25.23 26.13
N PHE A 530 -13.45 24.31 26.68
CA PHE A 530 -12.80 24.48 27.97
C PHE A 530 -11.31 24.76 27.73
N ASN A 531 -10.93 26.03 27.84
CA ASN A 531 -9.53 26.45 27.78
C ASN A 531 -8.84 25.95 26.51
N GLY A 532 -9.53 26.07 25.38
CA GLY A 532 -9.01 25.62 24.10
C GLY A 532 -9.35 24.20 23.74
N LEU A 533 -9.78 23.38 24.70
CA LEU A 533 -10.24 22.03 24.42
C LEU A 533 -11.67 22.11 23.91
N THR A 534 -11.87 21.82 22.64
CA THR A 534 -13.20 21.87 22.03
C THR A 534 -13.77 20.46 21.91
N GLY A 535 -15.08 20.36 22.07
CA GLY A 535 -15.73 19.07 21.94
C GLY A 535 -17.23 19.23 21.92
N THR A 536 -17.92 18.11 21.72
CA THR A 536 -19.38 18.08 21.71
C THR A 536 -19.85 16.90 22.53
N GLY A 537 -20.79 17.15 23.43
CA GLY A 537 -21.33 16.07 24.25
C GLY A 537 -22.16 16.62 25.37
N VAL A 538 -22.62 15.70 26.23
CA VAL A 538 -23.45 16.02 27.37
C VAL A 538 -22.62 15.94 28.64
N LEU A 539 -22.73 16.96 29.48
CA LEU A 539 -21.96 17.05 30.72
C LEU A 539 -22.82 16.62 31.90
N THR A 540 -22.20 15.95 32.86
CA THR A 540 -22.90 15.50 34.06
C THR A 540 -21.97 15.62 35.25
N GLU A 541 -22.57 15.61 36.44
CA GLU A 541 -21.80 15.68 37.68
C GLU A 541 -21.11 14.35 37.94
N SER A 542 -19.78 14.40 38.04
CA SER A 542 -18.96 13.21 38.23
C SER A 542 -18.59 13.05 39.69
N ASN A 543 -18.61 11.81 40.16
CA ASN A 543 -18.21 11.47 41.53
C ASN A 543 -16.75 11.09 41.63
N LYS A 544 -15.99 11.19 40.54
CA LYS A 544 -14.58 10.84 40.56
C LYS A 544 -13.79 11.83 41.41
N LYS A 545 -12.63 11.39 41.87
CA LYS A 545 -11.70 12.21 42.62
C LYS A 545 -10.51 12.55 41.72
N PHE A 546 -10.15 13.83 41.68
CA PHE A 546 -9.02 14.30 40.89
C PHE A 546 -7.91 14.76 41.81
N LEU A 547 -6.68 14.38 41.47
CA LEU A 547 -5.53 14.89 42.21
C LEU A 547 -5.42 16.40 42.00
N PRO A 548 -4.90 17.14 42.99
CA PRO A 548 -4.93 18.60 42.90
C PRO A 548 -4.22 19.17 41.67
N PHE A 549 -3.31 18.42 41.06
CA PHE A 549 -2.62 18.87 39.87
C PHE A 549 -3.17 18.23 38.59
N GLN A 550 -4.26 17.49 38.69
CA GLN A 550 -4.80 16.74 37.55
C GLN A 550 -5.97 17.50 36.95
N GLN A 551 -5.98 17.61 35.62
CA GLN A 551 -7.01 18.34 34.90
C GLN A 551 -7.94 17.45 34.09
N PHE A 552 -7.38 16.61 33.21
CA PHE A 552 -8.19 15.79 32.33
C PHE A 552 -8.35 14.37 32.89
N GLY A 553 -9.11 13.56 32.18
CA GLY A 553 -9.26 12.15 32.49
C GLY A 553 -9.60 11.35 31.26
N ARG A 554 -8.84 10.29 30.99
CA ARG A 554 -9.02 9.49 29.77
C ARG A 554 -8.71 8.04 30.11
N ASP A 555 -9.75 7.21 30.20
CA ASP A 555 -9.62 5.83 30.60
C ASP A 555 -9.55 4.86 29.42
N ILE A 556 -9.59 5.36 28.19
CA ILE A 556 -9.54 4.50 27.01
C ILE A 556 -8.47 5.02 26.05
N ALA A 557 -7.71 6.02 26.49
CA ALA A 557 -6.48 6.54 25.89
C ALA A 557 -6.70 7.45 24.69
N ASP A 558 -7.93 7.75 24.29
CA ASP A 558 -8.13 8.69 23.20
C ASP A 558 -9.20 9.75 23.46
N THR A 559 -10.15 9.52 24.36
CA THR A 559 -11.23 10.45 24.63
C THR A 559 -11.16 10.91 26.08
N THR A 560 -11.25 12.22 26.30
CA THR A 560 -11.25 12.80 27.64
C THR A 560 -12.66 12.72 28.18
N ASP A 561 -12.93 11.73 29.03
CA ASP A 561 -14.27 11.53 29.55
C ASP A 561 -14.62 12.57 30.62
N ALA A 562 -13.63 13.08 31.35
CA ALA A 562 -13.85 14.04 32.41
C ALA A 562 -13.07 15.31 32.13
N VAL A 563 -13.40 16.36 32.89
CA VAL A 563 -12.76 17.66 32.74
C VAL A 563 -13.00 18.45 34.01
N ARG A 564 -12.15 19.45 34.25
CA ARG A 564 -12.28 20.36 35.38
C ARG A 564 -12.43 21.78 34.86
N ASP A 565 -13.49 22.45 35.29
CA ASP A 565 -13.75 23.81 34.88
C ASP A 565 -12.87 24.78 35.65
N PRO A 566 -12.32 25.81 34.99
CA PRO A 566 -11.48 26.78 35.71
C PRO A 566 -12.27 27.78 36.54
N GLN A 567 -13.44 28.21 36.04
CA GLN A 567 -14.26 29.16 36.77
C GLN A 567 -14.71 28.58 38.11
N THR A 568 -15.44 27.47 38.08
CA THR A 568 -15.78 26.71 39.26
C THR A 568 -15.09 25.36 39.20
N LEU A 569 -14.52 24.95 40.33
CA LEU A 569 -13.61 23.81 40.34
C LEU A 569 -14.33 22.47 40.27
N GLU A 570 -15.65 22.45 40.11
CA GLU A 570 -16.38 21.19 40.06
C GLU A 570 -15.96 20.37 38.85
N ILE A 571 -15.80 19.06 39.06
CA ILE A 571 -15.45 18.15 38.00
C ILE A 571 -16.71 17.78 37.22
N LEU A 572 -16.56 17.61 35.90
CA LEU A 572 -17.68 17.27 35.04
C LEU A 572 -17.27 16.12 34.12
N ASP A 573 -18.10 15.08 34.06
CA ASP A 573 -17.83 13.98 33.15
C ASP A 573 -18.64 14.14 31.88
N ILE A 574 -18.08 13.65 30.77
CA ILE A 574 -18.58 13.95 29.44
C ILE A 574 -19.01 12.65 28.77
N THR A 575 -20.21 12.64 28.21
CA THR A 575 -20.77 11.50 27.51
C THR A 575 -21.13 11.89 26.08
N PRO A 576 -20.89 11.01 25.10
CA PRO A 576 -21.20 11.35 23.70
C PRO A 576 -22.68 11.66 23.51
N CYS A 577 -22.95 12.46 22.48
CA CYS A 577 -24.25 13.07 22.20
C CYS A 577 -25.31 12.07 21.75
N SER A 578 -25.02 10.76 21.80
CA SER A 578 -25.97 9.72 21.42
C SER A 578 -26.21 9.69 19.92
N PHE A 579 -26.43 8.51 19.37
CA PHE A 579 -26.59 8.32 17.93
C PHE A 579 -27.16 6.92 17.73
N GLY A 580 -27.33 6.55 16.47
CA GLY A 580 -27.77 5.20 16.15
C GLY A 580 -28.40 5.07 14.79
N GLY A 581 -28.27 3.88 14.19
CA GLY A 581 -28.86 3.65 12.90
C GLY A 581 -30.38 3.56 12.97
N VAL A 582 -31.01 3.72 11.81
CA VAL A 582 -32.45 3.62 11.66
C VAL A 582 -32.76 2.53 10.65
N SER A 583 -33.58 1.57 11.07
CA SER A 583 -33.98 0.45 10.24
C SER A 583 -35.47 0.53 9.96
N VAL A 584 -35.87 -0.06 8.84
CA VAL A 584 -37.23 0.07 8.33
C VAL A 584 -37.85 -1.32 8.27
N ILE A 585 -38.97 -1.50 8.97
CA ILE A 585 -39.73 -2.75 8.93
C ILE A 585 -40.89 -2.55 7.97
N THR A 586 -40.93 -3.36 6.91
CA THR A 586 -41.96 -3.22 5.90
C THR A 586 -42.40 -4.59 5.41
N PRO A 587 -43.67 -4.73 5.05
CA PRO A 587 -44.10 -5.88 4.24
C PRO A 587 -43.81 -5.63 2.78
N GLY A 588 -44.28 -6.51 1.89
CA GLY A 588 -44.13 -6.27 0.47
C GLY A 588 -44.85 -5.01 0.04
N THR A 589 -44.35 -4.40 -1.04
CA THR A 589 -44.87 -3.10 -1.46
C THR A 589 -46.33 -3.18 -1.90
N ASN A 590 -46.72 -4.22 -2.65
CA ASN A 590 -48.10 -4.26 -3.07
C ASN A 590 -49.01 -4.84 -2.00
N THR A 591 -48.44 -5.45 -0.96
CA THR A 591 -49.22 -5.97 0.16
C THR A 591 -49.87 -4.84 0.95
N SER A 592 -49.11 -3.80 1.26
CA SER A 592 -49.62 -2.60 1.94
C SER A 592 -48.52 -1.55 1.86
N ASN A 593 -48.81 -0.37 2.42
CA ASN A 593 -47.84 0.71 2.48
C ASN A 593 -47.60 1.17 3.92
N GLN A 594 -47.98 0.37 4.90
CA GLN A 594 -47.76 0.68 6.30
C GLN A 594 -46.38 0.20 6.73
N VAL A 595 -45.69 1.04 7.50
CA VAL A 595 -44.28 0.85 7.79
C VAL A 595 -44.04 1.03 9.29
N ALA A 596 -42.94 0.46 9.78
CA ALA A 596 -42.48 0.67 11.14
C ALA A 596 -41.02 1.09 11.12
N VAL A 597 -40.61 1.85 12.13
CA VAL A 597 -39.27 2.41 12.22
C VAL A 597 -38.61 1.93 13.49
N LEU A 598 -37.32 1.61 13.41
CA LEU A 598 -36.57 1.10 14.54
C LEU A 598 -35.27 1.88 14.68
N TYR A 599 -35.13 2.61 15.79
CA TYR A 599 -33.89 3.31 16.11
C TYR A 599 -33.03 2.40 16.98
N GLN A 600 -31.82 2.11 16.52
CA GLN A 600 -30.96 1.14 17.18
C GLN A 600 -30.28 1.72 18.40
N GLY A 601 -30.44 1.05 19.54
CA GLY A 601 -29.66 1.36 20.73
C GLY A 601 -29.92 2.73 21.35
N VAL A 602 -31.16 3.21 21.28
CA VAL A 602 -31.56 4.44 21.96
C VAL A 602 -32.90 4.20 22.64
N ASN A 603 -33.06 4.74 23.84
CA ASN A 603 -34.37 4.69 24.46
C ASN A 603 -35.29 5.75 23.87
N CYS A 604 -36.59 5.58 24.09
CA CYS A 604 -37.57 6.44 23.48
C CYS A 604 -37.74 7.74 24.28
N THR A 605 -36.63 8.40 24.59
CA THR A 605 -36.66 9.71 25.23
C THR A 605 -35.99 10.79 24.40
N GLU A 606 -34.76 10.57 23.94
CA GLU A 606 -34.06 11.56 23.16
C GLU A 606 -34.44 11.54 21.68
N VAL A 607 -35.24 10.58 21.25
CA VAL A 607 -35.73 10.61 19.87
C VAL A 607 -36.62 11.83 19.68
N PRO A 608 -36.44 12.62 18.62
CA PRO A 608 -37.26 13.83 18.45
C PRO A 608 -38.74 13.47 18.34
N VAL A 609 -39.57 14.32 18.95
CA VAL A 609 -41.01 14.09 18.96
C VAL A 609 -41.63 14.62 17.67
N PRO A 618 -36.87 19.09 5.77
CA PRO A 618 -38.32 18.91 5.90
C PRO A 618 -38.73 17.43 5.91
N THR A 619 -37.86 16.59 6.47
CA THR A 619 -38.16 15.17 6.55
C THR A 619 -39.32 14.92 7.50
N TRP A 620 -39.80 13.67 7.50
CA TRP A 620 -40.90 13.30 8.37
C TRP A 620 -40.45 13.40 9.83
N ARG A 621 -41.36 13.85 10.69
CA ARG A 621 -41.00 14.24 12.05
C ARG A 621 -41.28 13.17 13.09
N VAL A 622 -42.16 12.21 12.80
CA VAL A 622 -42.59 11.19 13.76
C VAL A 622 -43.27 11.89 14.94
N TYR A 623 -44.56 12.17 14.79
CA TYR A 623 -45.33 12.83 15.85
C TYR A 623 -45.77 11.75 16.84
N SER A 624 -44.84 11.36 17.70
CA SER A 624 -45.11 10.35 18.71
C SER A 624 -46.21 10.82 19.66
N THR A 625 -47.18 9.94 19.90
CA THR A 625 -48.33 10.28 20.73
C THR A 625 -48.61 9.26 21.82
N GLY A 626 -47.71 8.29 22.01
CA GLY A 626 -47.91 7.25 22.99
C GLY A 626 -48.65 6.05 22.41
N SER A 627 -48.50 4.91 23.09
CA SER A 627 -49.10 3.63 22.73
C SER A 627 -48.63 3.11 21.38
N ASN A 628 -47.64 3.75 20.76
CA ASN A 628 -47.06 3.27 19.52
C ASN A 628 -45.54 3.38 19.54
N VAL A 629 -44.95 3.73 20.68
CA VAL A 629 -43.52 4.03 20.79
C VAL A 629 -42.97 2.97 21.72
N PHE A 630 -43.55 1.79 21.67
CA PHE A 630 -43.19 0.68 22.56
C PHE A 630 -41.69 0.40 22.50
N GLN A 631 -41.07 0.29 23.67
CA GLN A 631 -39.63 0.20 23.81
C GLN A 631 -39.21 -1.26 23.98
N THR A 632 -38.21 -1.67 23.22
CA THR A 632 -37.68 -3.02 23.25
C THR A 632 -36.20 -3.00 23.65
N ARG A 633 -35.62 -4.19 23.78
CA ARG A 633 -34.21 -4.30 24.12
C ARG A 633 -33.31 -3.83 22.99
N ALA A 634 -33.73 -4.05 21.74
CA ALA A 634 -32.90 -3.69 20.60
C ALA A 634 -32.84 -2.18 20.37
N GLY A 635 -33.81 -1.43 20.88
CA GLY A 635 -33.85 0.00 20.66
C GLY A 635 -35.24 0.58 20.85
N CYS A 636 -35.59 1.57 20.04
CA CYS A 636 -36.90 2.22 20.12
C CYS A 636 -37.68 1.91 18.84
N LEU A 637 -38.87 1.33 18.99
CA LEU A 637 -39.70 0.92 17.87
C LEU A 637 -40.93 1.81 17.82
N ILE A 638 -41.15 2.45 16.66
CA ILE A 638 -42.26 3.36 16.46
C ILE A 638 -43.07 2.88 15.26
N GLY A 639 -44.39 2.81 15.44
CA GLY A 639 -45.28 2.38 14.39
C GLY A 639 -45.75 0.95 14.46
N ALA A 640 -45.52 0.26 15.58
CA ALA A 640 -45.94 -1.12 15.74
C ALA A 640 -46.69 -1.27 17.05
N GLU A 641 -47.60 -2.24 17.09
CA GLU A 641 -48.46 -2.48 18.24
C GLU A 641 -48.01 -3.73 18.97
N HIS A 642 -47.88 -3.61 20.30
CA HIS A 642 -47.49 -4.76 21.12
C HIS A 642 -48.64 -5.75 21.22
N VAL A 643 -48.30 -7.04 21.19
CA VAL A 643 -49.27 -8.12 21.32
C VAL A 643 -48.68 -9.20 22.20
N ASN A 644 -49.53 -9.80 23.06
CA ASN A 644 -49.07 -10.85 23.94
C ASN A 644 -48.91 -12.19 23.23
N ASN A 645 -49.70 -12.45 22.20
CA ASN A 645 -49.70 -13.76 21.55
C ASN A 645 -48.34 -14.02 20.90
N SER A 646 -47.95 -15.29 20.88
CA SER A 646 -46.68 -15.72 20.33
C SER A 646 -46.89 -16.40 18.99
N TYR A 647 -46.01 -16.10 18.04
CA TYR A 647 -46.09 -16.66 16.69
C TYR A 647 -44.69 -17.03 16.23
N GLU A 648 -44.61 -17.65 15.06
CA GLU A 648 -43.32 -17.89 14.42
C GLU A 648 -42.71 -16.57 13.98
N CYS A 649 -41.38 -16.50 14.01
CA CYS A 649 -40.69 -15.29 13.61
C CYS A 649 -40.86 -15.06 12.11
N ASP A 650 -41.26 -13.84 11.74
CA ASP A 650 -41.47 -13.48 10.34
C ASP A 650 -40.44 -12.46 9.87
N ILE A 651 -40.33 -11.33 10.55
CA ILE A 651 -39.29 -10.34 10.30
C ILE A 651 -38.47 -10.19 11.57
N PRO A 652 -37.27 -10.76 11.61
CA PRO A 652 -36.50 -10.75 12.85
C PRO A 652 -36.00 -9.37 13.23
N ILE A 653 -36.57 -8.79 14.29
CA ILE A 653 -36.10 -7.52 14.81
C ILE A 653 -34.92 -7.71 15.75
N GLY A 654 -35.04 -8.61 16.71
CA GLY A 654 -33.91 -8.98 17.56
C GLY A 654 -34.29 -9.06 19.03
N ALA A 655 -33.40 -9.63 19.82
CA ALA A 655 -33.58 -9.79 21.26
C ALA A 655 -34.86 -10.57 21.57
N GLY A 656 -35.17 -11.55 20.71
CA GLY A 656 -36.37 -12.33 20.87
C GLY A 656 -37.65 -11.64 20.42
N ILE A 657 -37.53 -10.52 19.70
CA ILE A 657 -38.69 -9.76 19.24
C ILE A 657 -38.77 -9.88 17.73
N CYS A 658 -39.94 -10.29 17.24
CA CYS A 658 -40.20 -10.43 15.81
C CYS A 658 -41.50 -9.70 15.48
N ALA A 659 -41.52 -9.02 14.34
CA ALA A 659 -42.67 -8.22 13.91
C ALA A 659 -43.20 -8.74 12.59
N SER A 660 -44.50 -8.57 12.39
CA SER A 660 -45.16 -9.03 11.17
C SER A 660 -46.40 -8.21 10.91
N TYR A 661 -46.86 -8.26 9.65
CA TYR A 661 -48.04 -7.54 9.21
C TYR A 661 -49.28 -8.41 9.38
N GLN A 662 -50.38 -7.79 9.80
CA GLN A 662 -51.64 -8.50 9.97
C GLN A 662 -52.78 -7.53 9.81
N THR A 663 -53.95 -8.08 9.48
CA THR A 663 -55.17 -7.28 9.34
C THR A 663 -56.34 -7.96 10.05
N GLN A 677 -52.72 -0.20 14.81
CA GLN A 677 -51.81 -0.19 13.68
C GLN A 677 -51.86 -1.52 12.93
N SER A 678 -51.22 -1.57 11.76
CA SER A 678 -51.26 -2.75 10.92
C SER A 678 -50.09 -3.70 11.14
N ILE A 679 -49.00 -3.23 11.75
CA ILE A 679 -47.82 -4.04 11.98
C ILE A 679 -47.74 -4.32 13.48
N ILE A 680 -47.65 -5.59 13.84
CA ILE A 680 -47.58 -6.00 15.24
C ILE A 680 -46.18 -6.54 15.52
N ALA A 681 -45.79 -6.47 16.78
CA ALA A 681 -44.50 -6.98 17.24
C ALA A 681 -44.73 -7.82 18.48
N TYR A 682 -44.09 -8.99 18.53
CA TYR A 682 -44.32 -9.96 19.60
C TYR A 682 -43.00 -10.62 19.96
N THR A 683 -43.05 -11.49 20.96
CA THR A 683 -41.94 -12.37 21.29
C THR A 683 -42.11 -13.67 20.51
N MET A 684 -41.06 -14.08 19.81
CA MET A 684 -41.18 -15.21 18.90
C MET A 684 -41.49 -16.49 19.66
N SER A 685 -42.25 -17.37 19.01
CA SER A 685 -42.64 -18.65 19.58
C SER A 685 -41.75 -19.74 19.01
N LEU A 686 -41.19 -20.58 19.90
CA LEU A 686 -40.28 -21.63 19.45
C LEU A 686 -41.02 -22.79 18.79
N GLY A 687 -42.32 -22.93 19.02
CA GLY A 687 -43.08 -23.99 18.39
C GLY A 687 -44.12 -24.60 19.32
N ALA A 688 -44.85 -25.59 18.81
CA ALA A 688 -45.86 -26.25 19.62
C ALA A 688 -45.20 -27.09 20.72
N GLU A 689 -45.90 -27.20 21.85
CA GLU A 689 -45.42 -27.97 22.99
C GLU A 689 -46.04 -29.36 22.94
N ASN A 690 -45.21 -30.38 23.12
CA ASN A 690 -45.68 -31.76 22.99
C ASN A 690 -44.92 -32.62 23.98
N SER A 691 -45.59 -33.06 25.04
CA SER A 691 -45.01 -33.97 26.00
C SER A 691 -45.41 -35.40 25.65
N VAL A 692 -44.47 -36.32 25.89
CA VAL A 692 -44.64 -37.73 25.53
C VAL A 692 -45.11 -38.50 26.76
N ALA A 693 -46.15 -39.31 26.60
CA ALA A 693 -46.66 -40.14 27.69
C ALA A 693 -45.70 -41.31 27.87
N TYR A 694 -44.67 -41.07 28.67
CA TYR A 694 -43.60 -42.03 28.89
C TYR A 694 -43.80 -42.79 30.19
N SER A 695 -43.58 -44.10 30.14
CA SER A 695 -43.57 -44.94 31.33
C SER A 695 -42.53 -46.03 31.11
N ASN A 696 -42.41 -46.91 32.09
CA ASN A 696 -41.40 -47.96 32.04
C ASN A 696 -41.91 -49.25 31.41
N ASN A 697 -43.18 -49.30 31.00
CA ASN A 697 -43.71 -50.48 30.33
C ASN A 697 -44.63 -50.09 29.17
N SER A 698 -44.38 -48.96 28.53
CA SER A 698 -45.17 -48.51 27.39
C SER A 698 -44.26 -48.28 26.19
N ILE A 699 -44.72 -48.71 25.02
CA ILE A 699 -43.96 -48.56 23.77
C ILE A 699 -44.93 -48.22 22.64
N ALA A 700 -44.52 -47.32 21.77
CA ALA A 700 -45.32 -46.92 20.62
C ALA A 700 -44.72 -47.52 19.35
N ILE A 701 -45.55 -48.18 18.56
CA ILE A 701 -45.10 -48.84 17.34
C ILE A 701 -45.94 -48.38 16.16
N PRO A 702 -45.32 -48.00 15.04
CA PRO A 702 -46.09 -47.57 13.88
C PRO A 702 -46.86 -48.71 13.25
N THR A 703 -47.96 -48.37 12.59
CA THR A 703 -48.79 -49.33 11.87
C THR A 703 -48.93 -49.02 10.40
N ASN A 704 -48.39 -47.90 9.94
CA ASN A 704 -48.51 -47.48 8.55
C ASN A 704 -47.31 -46.59 8.23
N PHE A 705 -47.18 -46.21 6.96
CA PHE A 705 -46.01 -45.46 6.54
C PHE A 705 -46.37 -44.57 5.37
N THR A 706 -45.51 -43.57 5.13
CA THR A 706 -45.65 -42.66 4.00
C THR A 706 -44.30 -42.46 3.35
N ILE A 707 -44.34 -42.07 2.08
CA ILE A 707 -43.15 -41.77 1.28
C ILE A 707 -43.16 -40.28 0.98
N SER A 708 -42.03 -39.62 1.23
CA SER A 708 -41.92 -38.18 1.07
C SER A 708 -40.78 -37.85 0.11
N VAL A 709 -40.96 -36.74 -0.61
CA VAL A 709 -39.95 -36.25 -1.54
C VAL A 709 -39.62 -34.81 -1.15
N THR A 710 -38.34 -34.56 -0.86
CA THR A 710 -37.88 -33.25 -0.45
C THR A 710 -36.88 -32.70 -1.47
N THR A 711 -36.80 -31.37 -1.56
CA THR A 711 -35.97 -30.69 -2.53
C THR A 711 -34.85 -29.93 -1.81
N GLU A 712 -33.62 -30.08 -2.31
CA GLU A 712 -32.48 -29.37 -1.76
C GLU A 712 -31.71 -28.68 -2.88
N ILE A 713 -31.36 -27.42 -2.67
CA ILE A 713 -30.70 -26.59 -3.68
C ILE A 713 -29.30 -26.25 -3.20
N LEU A 714 -28.31 -26.48 -4.06
CA LEU A 714 -26.92 -26.18 -3.71
C LEU A 714 -26.20 -25.46 -4.85
N PRO A 715 -25.62 -24.30 -4.60
CA PRO A 715 -24.77 -23.66 -5.61
C PRO A 715 -23.51 -24.46 -5.87
N VAL A 716 -23.02 -24.39 -7.10
CA VAL A 716 -21.85 -25.16 -7.50
C VAL A 716 -20.78 -24.26 -8.10
N SER A 717 -21.15 -23.49 -9.12
CA SER A 717 -20.17 -22.74 -9.90
C SER A 717 -20.48 -21.26 -9.86
N MET A 718 -19.43 -20.45 -9.95
CA MET A 718 -19.53 -19.00 -10.04
C MET A 718 -19.26 -18.56 -11.47
N THR A 719 -19.59 -17.30 -11.75
CA THR A 719 -19.37 -16.76 -13.09
C THR A 719 -17.88 -16.50 -13.30
N LYS A 720 -17.35 -16.98 -14.43
CA LYS A 720 -15.93 -16.85 -14.75
C LYS A 720 -15.68 -15.45 -15.31
N THR A 721 -15.52 -14.49 -14.40
CA THR A 721 -15.30 -13.10 -14.77
C THR A 721 -13.84 -12.75 -14.62
N SER A 722 -13.25 -12.19 -15.67
CA SER A 722 -11.88 -11.69 -15.64
C SER A 722 -11.89 -10.19 -15.91
N VAL A 723 -10.94 -9.48 -15.31
CA VAL A 723 -10.84 -8.04 -15.44
C VAL A 723 -9.40 -7.67 -15.74
N ASP A 724 -9.20 -6.87 -16.79
CA ASP A 724 -7.86 -6.41 -17.14
C ASP A 724 -7.42 -5.32 -16.18
N CYS A 725 -6.10 -5.21 -16.00
CA CYS A 725 -5.52 -4.27 -15.05
C CYS A 725 -5.19 -2.93 -15.70
N THR A 726 -4.34 -2.95 -16.72
CA THR A 726 -3.93 -1.71 -17.37
C THR A 726 -5.12 -0.99 -18.01
N MET A 727 -6.02 -1.75 -18.63
CA MET A 727 -7.20 -1.14 -19.23
C MET A 727 -8.07 -0.47 -18.18
N TYR A 728 -8.30 -1.12 -17.05
CA TYR A 728 -9.13 -0.52 -16.00
C TYR A 728 -8.47 0.72 -15.41
N ILE A 729 -7.16 0.67 -15.18
CA ILE A 729 -6.50 1.78 -14.50
C ILE A 729 -6.05 2.86 -15.48
N CYS A 730 -5.51 2.46 -16.62
CA CYS A 730 -4.82 3.37 -17.54
C CYS A 730 -5.36 3.23 -18.95
N GLY A 731 -6.68 3.27 -19.09
CA GLY A 731 -7.32 3.06 -20.37
C GLY A 731 -6.87 4.01 -21.47
N ASP A 732 -6.08 3.47 -22.41
CA ASP A 732 -5.61 4.18 -23.60
C ASP A 732 -4.84 5.45 -23.21
N SER A 733 -3.71 5.22 -22.56
CA SER A 733 -2.79 6.30 -22.21
C SER A 733 -1.40 5.75 -21.94
N THR A 734 -0.42 6.12 -22.78
CA THR A 734 0.95 5.66 -22.57
C THR A 734 1.54 6.25 -21.30
N GLU A 735 1.22 7.51 -21.01
CA GLU A 735 1.73 8.16 -19.80
C GLU A 735 1.26 7.45 -18.54
N CYS A 736 -0.02 7.06 -18.50
CA CYS A 736 -0.53 6.36 -17.33
C CYS A 736 0.13 4.99 -17.19
N SER A 737 0.34 4.28 -18.29
CA SER A 737 1.01 2.99 -18.21
C SER A 737 2.44 3.15 -17.71
N ASN A 738 3.15 4.17 -18.18
CA ASN A 738 4.50 4.41 -17.70
C ASN A 738 4.51 4.75 -16.22
N LEU A 739 3.54 5.55 -15.76
CA LEU A 739 3.46 5.87 -14.35
C LEU A 739 3.16 4.62 -13.52
N LEU A 740 2.27 3.76 -14.01
CA LEU A 740 1.95 2.52 -13.29
C LEU A 740 3.14 1.57 -13.26
N LEU A 741 4.01 1.61 -14.29
CA LEU A 741 5.15 0.72 -14.33
C LEU A 741 6.08 0.91 -13.15
N GLN A 742 6.03 2.05 -12.47
CA GLN A 742 6.84 2.29 -11.29
C GLN A 742 6.30 1.58 -10.04
N TYR A 743 5.11 1.00 -10.10
CA TYR A 743 4.50 0.37 -8.95
C TYR A 743 4.86 -1.11 -8.81
N GLY A 744 5.65 -1.65 -9.70
CA GLY A 744 6.14 -3.02 -9.55
C GLY A 744 5.28 -4.02 -10.31
N SER A 745 4.74 -5.01 -9.59
CA SER A 745 4.07 -6.15 -10.18
C SER A 745 2.75 -6.45 -9.45
N PHE A 746 1.93 -5.43 -9.28
CA PHE A 746 0.65 -5.61 -8.59
C PHE A 746 -0.39 -6.27 -9.48
N CYS A 747 -0.71 -5.64 -10.61
CA CYS A 747 -1.83 -6.12 -11.40
C CYS A 747 -1.54 -7.44 -12.09
N THR A 748 -0.26 -7.80 -12.24
CA THR A 748 0.06 -9.14 -12.73
C THR A 748 -0.43 -10.21 -11.77
N GLN A 749 -0.16 -10.02 -10.47
CA GLN A 749 -0.64 -10.97 -9.48
C GLN A 749 -2.16 -10.89 -9.33
N LEU A 750 -2.75 -9.71 -9.54
CA LEU A 750 -4.21 -9.61 -9.56
C LEU A 750 -4.79 -10.48 -10.68
N ASN A 751 -4.22 -10.37 -11.88
CA ASN A 751 -4.67 -11.20 -13.00
C ASN A 751 -4.49 -12.68 -12.68
N ARG A 752 -3.37 -13.03 -12.05
CA ARG A 752 -3.13 -14.43 -11.69
C ARG A 752 -4.22 -14.95 -10.76
N ALA A 753 -4.57 -14.15 -9.75
CA ALA A 753 -5.64 -14.58 -8.82
C ALA A 753 -6.96 -14.76 -9.56
N LEU A 754 -7.27 -13.84 -10.48
CA LEU A 754 -8.53 -13.95 -11.23
C LEU A 754 -8.57 -15.22 -12.08
N THR A 755 -7.47 -15.54 -12.78
CA THR A 755 -7.45 -16.76 -13.57
C THR A 755 -7.49 -18.00 -12.69
N GLY A 756 -6.88 -17.93 -11.50
CA GLY A 756 -6.99 -19.04 -10.57
C GLY A 756 -8.43 -19.33 -10.18
N ILE A 757 -9.17 -18.27 -9.86
CA ILE A 757 -10.60 -18.44 -9.56
C ILE A 757 -11.34 -19.02 -10.76
N ALA A 758 -11.02 -18.51 -11.95
CA ALA A 758 -11.69 -19.00 -13.16
C ALA A 758 -11.46 -20.49 -13.37
N VAL A 759 -10.24 -20.96 -13.09
CA VAL A 759 -9.97 -22.39 -13.23
C VAL A 759 -10.68 -23.19 -12.14
N GLU A 760 -10.72 -22.65 -10.91
CA GLU A 760 -11.40 -23.35 -9.82
C GLU A 760 -12.87 -23.56 -10.14
N GLN A 761 -13.50 -22.64 -10.88
CA GLN A 761 -14.91 -22.83 -11.21
C GLN A 761 -15.13 -24.09 -12.04
N ASP A 762 -14.34 -24.27 -13.10
CA ASP A 762 -14.46 -25.47 -13.92
C ASP A 762 -14.10 -26.72 -13.13
N LYS A 763 -13.09 -26.62 -12.26
CA LYS A 763 -12.73 -27.76 -11.43
C LYS A 763 -13.91 -28.16 -10.55
N ASN A 764 -14.60 -27.18 -9.96
CA ASN A 764 -15.77 -27.47 -9.14
C ASN A 764 -16.85 -28.19 -9.94
N THR A 765 -17.17 -27.66 -11.12
CA THR A 765 -18.23 -28.27 -11.93
C THR A 765 -17.87 -29.71 -12.30
N GLN A 766 -16.63 -29.94 -12.74
CA GLN A 766 -16.22 -31.28 -13.14
C GLN A 766 -16.24 -32.24 -11.96
N GLU A 767 -15.79 -31.78 -10.79
CA GLU A 767 -15.83 -32.64 -9.60
C GLU A 767 -17.26 -33.00 -9.22
N VAL A 768 -18.18 -32.03 -9.30
CA VAL A 768 -19.55 -32.29 -8.88
C VAL A 768 -20.23 -33.27 -9.82
N PHE A 769 -20.09 -33.07 -11.13
CA PHE A 769 -20.93 -33.82 -12.06
C PHE A 769 -20.27 -35.04 -12.69
N ALA A 770 -18.96 -34.99 -12.95
CA ALA A 770 -18.30 -36.06 -13.70
C ALA A 770 -17.85 -37.17 -12.73
N GLN A 771 -18.82 -37.96 -12.29
CA GLN A 771 -18.56 -39.12 -11.43
C GLN A 771 -18.94 -40.44 -12.08
N VAL A 772 -19.31 -40.43 -13.35
CA VAL A 772 -19.68 -41.64 -14.08
C VAL A 772 -18.78 -41.78 -15.30
N LYS A 773 -18.20 -42.96 -15.48
CA LYS A 773 -17.25 -43.16 -16.56
C LYS A 773 -17.93 -43.32 -17.92
N GLN A 774 -19.11 -43.94 -17.94
CA GLN A 774 -19.87 -44.13 -19.16
C GLN A 774 -21.13 -43.27 -19.12
N ILE A 775 -21.99 -43.43 -20.11
CA ILE A 775 -23.29 -42.75 -20.16
C ILE A 775 -24.33 -43.82 -20.46
N TYR A 776 -25.10 -44.20 -19.44
CA TYR A 776 -26.11 -45.22 -19.59
C TYR A 776 -27.38 -44.63 -20.18
N LYS A 777 -28.21 -45.50 -20.74
CA LYS A 777 -29.48 -45.10 -21.33
C LYS A 777 -30.59 -46.02 -20.85
N THR A 778 -31.74 -45.42 -20.55
CA THR A 778 -32.89 -46.19 -20.11
C THR A 778 -33.46 -47.01 -21.27
N PRO A 779 -34.06 -48.16 -20.98
CA PRO A 779 -34.71 -48.93 -22.04
C PRO A 779 -35.89 -48.17 -22.61
N PRO A 780 -36.23 -48.40 -23.88
CA PRO A 780 -37.32 -47.61 -24.50
C PRO A 780 -38.67 -47.77 -23.80
N ILE A 781 -38.96 -48.95 -23.26
CA ILE A 781 -40.24 -49.20 -22.60
C ILE A 781 -40.09 -48.89 -21.12
N LYS A 782 -41.05 -48.14 -20.58
CA LYS A 782 -41.01 -47.72 -19.18
C LYS A 782 -41.84 -48.68 -18.33
N ASP A 783 -41.32 -49.90 -18.17
CA ASP A 783 -41.97 -50.94 -17.38
C ASP A 783 -41.25 -51.05 -16.05
N PHE A 784 -41.72 -50.28 -15.06
CA PHE A 784 -41.10 -50.23 -13.75
C PHE A 784 -42.06 -50.67 -12.65
N GLY A 785 -43.02 -51.53 -12.99
CA GLY A 785 -43.92 -52.09 -11.99
C GLY A 785 -44.80 -51.07 -11.28
N GLY A 786 -45.28 -50.07 -12.02
CA GLY A 786 -46.19 -49.08 -11.49
C GLY A 786 -45.55 -47.73 -11.20
N PHE A 787 -44.25 -47.70 -10.92
CA PHE A 787 -43.58 -46.44 -10.66
C PHE A 787 -43.50 -45.60 -11.93
N ASN A 788 -43.59 -44.30 -11.76
CA ASN A 788 -43.61 -43.35 -12.88
C ASN A 788 -42.44 -42.40 -12.74
N PHE A 789 -41.63 -42.29 -13.79
CA PHE A 789 -40.47 -41.41 -13.82
C PHE A 789 -40.55 -40.37 -14.93
N SER A 790 -41.76 -40.03 -15.36
CA SER A 790 -41.91 -39.08 -16.46
C SER A 790 -41.37 -37.70 -16.10
N GLN A 791 -41.59 -37.27 -14.86
CA GLN A 791 -41.23 -35.91 -14.46
C GLN A 791 -39.73 -35.70 -14.35
N ILE A 792 -38.91 -36.74 -14.41
CA ILE A 792 -37.48 -36.60 -14.26
C ILE A 792 -36.69 -37.16 -15.45
N LEU A 793 -37.25 -38.11 -16.20
CA LEU A 793 -36.56 -38.60 -17.38
C LEU A 793 -36.59 -37.55 -18.49
N PRO A 794 -35.58 -37.52 -19.36
CA PRO A 794 -35.52 -36.48 -20.39
C PRO A 794 -36.69 -36.59 -21.37
N ASP A 795 -37.12 -35.43 -21.88
CA ASP A 795 -38.20 -35.34 -22.83
C ASP A 795 -37.63 -35.05 -24.22
N PRO A 796 -37.73 -35.97 -25.18
CA PRO A 796 -37.10 -35.74 -26.48
C PRO A 796 -37.82 -34.72 -27.35
N SER A 797 -39.07 -34.40 -27.05
CA SER A 797 -39.83 -33.47 -27.90
C SER A 797 -39.22 -32.07 -27.87
N LYS A 798 -38.77 -31.62 -26.70
CA LYS A 798 -38.25 -30.27 -26.57
C LYS A 798 -36.97 -30.10 -27.37
N PRO A 799 -36.66 -28.87 -27.81
CA PRO A 799 -35.39 -28.65 -28.53
C PRO A 799 -34.17 -29.05 -27.72
N SER A 800 -34.23 -28.89 -26.40
CA SER A 800 -33.20 -29.37 -25.49
C SER A 800 -33.74 -30.58 -24.74
N LYS A 801 -32.95 -31.65 -24.71
CA LYS A 801 -33.38 -32.90 -24.08
C LYS A 801 -33.33 -32.72 -22.57
N ARG A 802 -34.42 -32.15 -22.04
CA ARG A 802 -34.50 -31.79 -20.63
C ARG A 802 -35.79 -32.32 -20.02
N SER A 803 -35.70 -32.67 -18.74
CA SER A 803 -36.88 -33.07 -17.99
C SER A 803 -37.76 -31.86 -17.70
N PRO A 804 -39.06 -32.07 -17.48
CA PRO A 804 -39.94 -30.93 -17.18
C PRO A 804 -39.50 -30.14 -15.96
N ILE A 805 -39.02 -30.82 -14.91
CA ILE A 805 -38.58 -30.12 -13.71
C ILE A 805 -37.34 -29.27 -14.01
N GLU A 806 -36.45 -29.78 -14.86
CA GLU A 806 -35.28 -29.00 -15.25
C GLU A 806 -35.68 -27.73 -16.00
N ASP A 807 -36.67 -27.83 -16.88
CA ASP A 807 -37.16 -26.65 -17.58
C ASP A 807 -37.80 -25.65 -16.62
N LEU A 808 -38.58 -26.16 -15.66
CA LEU A 808 -39.16 -25.29 -14.65
C LEU A 808 -38.08 -24.58 -13.85
N LEU A 809 -37.00 -25.29 -13.54
CA LEU A 809 -35.86 -24.66 -12.86
C LEU A 809 -35.22 -23.59 -13.73
N PHE A 810 -35.05 -23.87 -15.02
CA PHE A 810 -34.36 -22.95 -15.91
C PHE A 810 -35.17 -21.67 -16.14
N ASN A 811 -36.49 -21.79 -16.20
CA ASN A 811 -37.32 -20.62 -16.43
C ASN A 811 -37.35 -19.68 -15.22
N LYS A 812 -37.09 -20.19 -14.02
CA LYS A 812 -37.28 -19.42 -12.80
C LYS A 812 -36.02 -18.70 -12.33
N VAL A 813 -34.91 -18.79 -13.06
CA VAL A 813 -33.66 -18.13 -12.68
C VAL A 813 -33.24 -17.21 -13.83
N THR A 814 -32.92 -15.97 -13.50
CA THR A 814 -32.48 -14.99 -14.49
C THR A 814 -31.03 -15.26 -14.91
N PHE A 842 -17.09 -3.47 -20.60
CA PHE A 842 -16.59 -2.70 -21.72
C PHE A 842 -15.33 -1.94 -21.34
N ASN A 843 -14.95 -2.03 -20.07
CA ASN A 843 -13.79 -1.32 -19.52
C ASN A 843 -12.71 -2.29 -19.07
N GLY A 844 -12.44 -3.31 -19.88
CA GLY A 844 -11.42 -4.27 -19.56
C GLY A 844 -11.91 -5.53 -18.86
N LEU A 845 -13.21 -5.78 -18.84
CA LEU A 845 -13.76 -6.96 -18.20
C LEU A 845 -14.41 -7.87 -19.24
N THR A 846 -14.20 -9.16 -19.07
CA THR A 846 -14.78 -10.17 -19.95
C THR A 846 -15.34 -11.31 -19.10
N VAL A 847 -16.26 -12.05 -19.69
CA VAL A 847 -16.80 -13.26 -19.08
C VAL A 847 -16.44 -14.44 -19.98
N LEU A 848 -15.73 -15.42 -19.41
CA LEU A 848 -15.29 -16.57 -20.16
C LEU A 848 -16.36 -17.65 -20.11
N PRO A 849 -16.84 -18.15 -21.25
CA PRO A 849 -17.86 -19.18 -21.22
C PRO A 849 -17.36 -20.44 -20.54
N PRO A 850 -18.22 -21.17 -19.85
CA PRO A 850 -17.78 -22.35 -19.11
C PRO A 850 -17.33 -23.46 -20.05
N LEU A 851 -16.46 -24.32 -19.51
CA LEU A 851 -15.96 -25.45 -20.29
C LEU A 851 -17.08 -26.42 -20.63
N LEU A 852 -17.98 -26.68 -19.68
CA LEU A 852 -19.08 -27.61 -19.87
C LEU A 852 -20.34 -26.85 -20.27
N THR A 853 -20.82 -27.09 -21.48
CA THR A 853 -22.10 -26.53 -21.89
C THR A 853 -23.24 -27.24 -21.15
N ASP A 854 -24.38 -26.55 -21.06
CA ASP A 854 -25.48 -27.05 -20.23
C ASP A 854 -26.04 -28.36 -20.76
N GLU A 855 -26.00 -28.59 -22.08
CA GLU A 855 -26.47 -29.85 -22.62
C GLU A 855 -25.63 -31.01 -22.09
N MET A 856 -24.32 -30.78 -21.93
CA MET A 856 -23.45 -31.82 -21.36
C MET A 856 -23.84 -32.13 -19.92
N ILE A 857 -24.19 -31.10 -19.15
CA ILE A 857 -24.63 -31.32 -17.77
C ILE A 857 -25.92 -32.12 -17.76
N ALA A 858 -26.86 -31.78 -18.66
CA ALA A 858 -28.11 -32.52 -18.73
C ALA A 858 -27.86 -33.98 -19.08
N GLN A 859 -26.95 -34.23 -20.02
CA GLN A 859 -26.62 -35.60 -20.38
C GLN A 859 -26.00 -36.36 -19.21
N TYR A 860 -25.13 -35.69 -18.45
CA TYR A 860 -24.53 -36.33 -17.28
C TYR A 860 -25.59 -36.71 -16.26
N THR A 861 -26.51 -35.78 -15.97
CA THR A 861 -27.57 -36.07 -15.00
C THR A 861 -28.47 -37.18 -15.50
N SER A 862 -28.79 -37.19 -16.80
CA SER A 862 -29.61 -38.26 -17.35
C SER A 862 -28.92 -39.61 -17.24
N ALA A 863 -27.61 -39.65 -17.48
CA ALA A 863 -26.86 -40.89 -17.33
C ALA A 863 -26.89 -41.37 -15.90
N LEU A 864 -26.69 -40.47 -14.95
CA LEU A 864 -26.73 -40.86 -13.54
C LEU A 864 -28.11 -41.40 -13.16
N LEU A 865 -29.18 -40.72 -13.62
CA LEU A 865 -30.53 -41.16 -13.30
C LEU A 865 -30.82 -42.53 -13.91
N ALA A 866 -30.43 -42.74 -15.18
CA ALA A 866 -30.66 -44.03 -15.81
C ALA A 866 -29.90 -45.14 -15.09
N GLY A 867 -28.65 -44.86 -14.70
CA GLY A 867 -27.89 -45.86 -13.98
C GLY A 867 -28.50 -46.22 -12.64
N THR A 868 -28.90 -45.21 -11.87
CA THR A 868 -29.48 -45.49 -10.57
C THR A 868 -30.90 -46.06 -10.67
N ILE A 869 -31.54 -45.95 -11.83
CA ILE A 869 -32.85 -46.57 -12.00
C ILE A 869 -32.70 -48.03 -12.40
N THR A 870 -31.83 -48.32 -13.37
CA THR A 870 -31.73 -49.67 -13.91
C THR A 870 -30.73 -50.56 -13.18
N SER A 871 -29.89 -50.02 -12.30
CA SER A 871 -28.86 -50.86 -11.69
C SER A 871 -28.67 -50.60 -10.20
N GLY A 872 -29.55 -49.85 -9.55
CA GLY A 872 -29.40 -49.62 -8.12
C GLY A 872 -28.12 -48.84 -7.81
N TRP A 873 -27.36 -49.34 -6.84
CA TRP A 873 -26.11 -48.70 -6.44
C TRP A 873 -24.88 -49.43 -6.96
N THR A 874 -25.06 -50.47 -7.78
CA THR A 874 -23.93 -51.28 -8.21
C THR A 874 -23.00 -50.53 -9.16
N PHE A 875 -23.56 -49.64 -9.99
CA PHE A 875 -22.74 -48.94 -10.97
C PHE A 875 -21.76 -47.97 -10.32
N GLY A 876 -21.98 -47.61 -9.05
CA GLY A 876 -21.01 -46.79 -8.36
C GLY A 876 -19.72 -47.54 -8.07
N ALA A 877 -19.83 -48.81 -7.70
CA ALA A 877 -18.65 -49.59 -7.31
C ALA A 877 -17.92 -50.15 -8.52
N GLY A 878 -18.59 -50.98 -9.31
CA GLY A 878 -17.98 -51.59 -10.47
C GLY A 878 -18.87 -51.56 -11.69
N PRO A 879 -18.88 -52.65 -12.45
CA PRO A 879 -19.75 -52.71 -13.63
C PRO A 879 -21.22 -52.69 -13.25
N ALA A 880 -22.03 -52.10 -14.12
CA ALA A 880 -23.46 -52.03 -13.88
C ALA A 880 -24.11 -53.40 -14.05
N LEU A 881 -25.04 -53.72 -13.16
CA LEU A 881 -25.76 -54.99 -13.20
C LEU A 881 -27.25 -54.69 -13.16
N GLN A 882 -27.98 -55.24 -14.14
CA GLN A 882 -29.42 -55.02 -14.20
C GLN A 882 -30.12 -55.74 -13.05
N ILE A 883 -31.23 -55.15 -12.60
CA ILE A 883 -32.00 -55.67 -11.48
C ILE A 883 -33.39 -55.03 -11.52
N PRO A 884 -34.47 -55.79 -11.34
CA PRO A 884 -35.80 -55.18 -11.36
C PRO A 884 -35.96 -54.13 -10.29
N PHE A 885 -36.69 -53.06 -10.64
CA PHE A 885 -36.87 -51.94 -9.71
C PHE A 885 -37.55 -52.34 -8.41
N PRO A 886 -38.63 -53.12 -8.39
CA PRO A 886 -39.20 -53.53 -7.10
C PRO A 886 -38.20 -54.27 -6.22
N MET A 887 -37.32 -55.08 -6.80
CA MET A 887 -36.30 -55.74 -5.99
C MET A 887 -35.32 -54.74 -5.40
N GLN A 888 -34.97 -53.70 -6.16
CA GLN A 888 -34.11 -52.65 -5.62
C GLN A 888 -34.79 -51.93 -4.46
N MET A 889 -36.10 -51.67 -4.59
CA MET A 889 -36.83 -51.04 -3.49
C MET A 889 -36.86 -51.96 -2.27
N ALA A 890 -36.99 -53.27 -2.48
CA ALA A 890 -36.92 -54.21 -1.36
C ALA A 890 -35.54 -54.18 -0.72
N TYR A 891 -34.49 -54.07 -1.54
CA TYR A 891 -33.13 -53.90 -1.02
C TYR A 891 -33.06 -52.70 -0.09
N ARG A 892 -33.56 -51.56 -0.54
CA ARG A 892 -33.51 -50.34 0.30
C ARG A 892 -34.35 -50.51 1.56
N PHE A 893 -35.52 -51.14 1.46
CA PHE A 893 -36.35 -51.36 2.63
C PHE A 893 -35.65 -52.23 3.66
N ASN A 894 -34.99 -53.30 3.21
CA ASN A 894 -34.14 -54.07 4.12
C ASN A 894 -33.00 -53.21 4.66
N GLY A 895 -32.53 -52.25 3.87
CA GLY A 895 -31.47 -51.38 4.34
C GLY A 895 -31.88 -50.52 5.51
N ILE A 896 -33.11 -50.01 5.49
CA ILE A 896 -33.57 -49.12 6.56
C ILE A 896 -34.25 -49.91 7.67
N GLY A 897 -34.10 -51.23 7.65
CA GLY A 897 -34.55 -52.05 8.76
C GLY A 897 -35.99 -52.51 8.70
N VAL A 898 -36.56 -52.65 7.52
CA VAL A 898 -37.91 -53.20 7.35
C VAL A 898 -37.84 -54.38 6.38
N THR A 899 -38.45 -55.49 6.75
CA THR A 899 -38.41 -56.68 5.92
C THR A 899 -39.12 -56.43 4.60
N GLN A 900 -38.67 -57.15 3.55
CA GLN A 900 -39.10 -56.85 2.19
C GLN A 900 -40.53 -57.27 1.91
N ASN A 901 -41.11 -58.15 2.72
CA ASN A 901 -42.50 -58.55 2.50
C ASN A 901 -43.44 -57.35 2.60
N VAL A 902 -43.06 -56.34 3.39
CA VAL A 902 -43.87 -55.12 3.48
C VAL A 902 -44.03 -54.48 2.11
N LEU A 903 -42.92 -54.27 1.40
CA LEU A 903 -43.00 -53.71 0.06
C LEU A 903 -43.68 -54.67 -0.90
N TYR A 904 -43.31 -55.95 -0.85
CA TYR A 904 -43.90 -56.88 -1.81
C TYR A 904 -45.39 -57.10 -1.59
N GLU A 905 -45.94 -56.65 -0.46
CA GLU A 905 -47.38 -56.69 -0.25
C GLU A 905 -48.05 -55.32 -0.34
N ASN A 906 -47.30 -54.22 -0.33
CA ASN A 906 -47.86 -52.88 -0.45
C ASN A 906 -47.30 -52.13 -1.66
N GLN A 907 -46.86 -52.88 -2.68
CA GLN A 907 -46.26 -52.29 -3.87
C GLN A 907 -47.14 -51.22 -4.52
N LYS A 908 -48.41 -51.54 -4.77
CA LYS A 908 -49.26 -50.60 -5.49
C LYS A 908 -49.51 -49.32 -4.69
N LEU A 909 -49.74 -49.45 -3.40
CA LEU A 909 -49.91 -48.27 -2.55
C LEU A 909 -48.66 -47.43 -2.52
N ILE A 910 -47.48 -48.08 -2.41
CA ILE A 910 -46.23 -47.33 -2.40
C ILE A 910 -46.03 -46.61 -3.72
N ALA A 911 -46.34 -47.26 -4.84
CA ALA A 911 -46.21 -46.64 -6.14
C ALA A 911 -47.13 -45.42 -6.27
N ASN A 912 -48.37 -45.56 -5.80
CA ASN A 912 -49.29 -44.42 -5.86
C ASN A 912 -48.79 -43.26 -5.02
N GLN A 913 -48.30 -43.54 -3.81
CA GLN A 913 -47.77 -42.47 -2.96
C GLN A 913 -46.56 -41.81 -3.60
N PHE A 914 -45.66 -42.60 -4.19
CA PHE A 914 -44.49 -42.03 -4.86
C PHE A 914 -44.90 -41.16 -6.03
N ASN A 915 -45.87 -41.61 -6.82
CA ASN A 915 -46.31 -40.82 -7.97
C ASN A 915 -46.92 -39.49 -7.51
N SER A 916 -47.76 -39.53 -6.47
CA SER A 916 -48.36 -38.29 -5.96
C SER A 916 -47.29 -37.36 -5.42
N ALA A 917 -46.32 -37.89 -4.68
CA ALA A 917 -45.26 -37.06 -4.12
C ALA A 917 -44.42 -36.42 -5.20
N ILE A 918 -44.09 -37.18 -6.25
CA ILE A 918 -43.31 -36.62 -7.35
C ILE A 918 -44.12 -35.59 -8.11
N GLY A 919 -45.44 -35.78 -8.21
CA GLY A 919 -46.27 -34.80 -8.88
C GLY A 919 -46.36 -33.49 -8.12
N LYS A 920 -46.42 -33.57 -6.78
CA LYS A 920 -46.56 -32.36 -5.98
C LYS A 920 -45.33 -31.46 -6.03
N ILE A 921 -44.18 -31.98 -6.43
CA ILE A 921 -42.94 -31.20 -6.37
C ILE A 921 -42.97 -30.06 -7.38
N GLN A 922 -43.56 -30.30 -8.56
CA GLN A 922 -43.64 -29.24 -9.55
C GLN A 922 -44.46 -28.06 -9.05
N ASP A 923 -45.60 -28.35 -8.43
CA ASP A 923 -46.43 -27.29 -7.86
C ASP A 923 -45.72 -26.59 -6.72
N SER A 924 -45.10 -27.36 -5.82
CA SER A 924 -44.40 -26.77 -4.69
C SER A 924 -43.23 -25.90 -5.13
N LEU A 925 -42.67 -26.17 -6.31
CA LEU A 925 -41.58 -25.34 -6.81
C LEU A 925 -42.09 -24.11 -7.55
N SER A 926 -43.01 -24.31 -8.50
CA SER A 926 -43.47 -23.20 -9.34
C SER A 926 -44.30 -22.20 -8.55
N SER A 927 -45.13 -22.67 -7.62
CA SER A 927 -46.03 -21.77 -6.91
C SER A 927 -45.26 -20.74 -6.10
N THR A 928 -44.20 -21.16 -5.41
CA THR A 928 -43.40 -20.25 -4.61
C THR A 928 -42.29 -19.68 -5.48
N PRO A 929 -42.26 -18.37 -5.74
CA PRO A 929 -41.20 -17.80 -6.57
C PRO A 929 -39.90 -17.52 -5.84
N SER A 930 -39.83 -17.83 -4.55
CA SER A 930 -38.62 -17.62 -3.75
C SER A 930 -37.91 -18.93 -3.41
N ALA A 931 -38.28 -20.03 -4.07
CA ALA A 931 -37.64 -21.31 -3.78
C ALA A 931 -36.17 -21.32 -4.19
N LEU A 932 -35.86 -20.68 -5.32
CA LEU A 932 -34.51 -20.70 -5.88
C LEU A 932 -33.63 -19.56 -5.36
N GLY A 933 -33.92 -19.06 -4.16
CA GLY A 933 -33.22 -17.88 -3.67
C GLY A 933 -31.72 -18.07 -3.51
N LYS A 934 -31.28 -19.31 -3.27
CA LYS A 934 -29.86 -19.55 -3.01
C LYS A 934 -28.99 -19.19 -4.21
N LEU A 935 -29.41 -19.61 -5.41
CA LEU A 935 -28.63 -19.31 -6.61
C LEU A 935 -28.80 -17.87 -7.05
N GLN A 936 -30.03 -17.35 -6.97
CA GLN A 936 -30.28 -15.96 -7.32
C GLN A 936 -29.46 -15.03 -6.43
N ASP A 937 -29.25 -15.41 -5.17
CA ASP A 937 -28.47 -14.58 -4.27
C ASP A 937 -27.03 -14.43 -4.76
N VAL A 938 -26.39 -15.53 -5.15
CA VAL A 938 -25.01 -15.45 -5.61
C VAL A 938 -24.93 -14.72 -6.94
N VAL A 939 -25.92 -14.92 -7.82
CA VAL A 939 -25.91 -14.20 -9.10
C VAL A 939 -26.01 -12.70 -8.85
N ASN A 940 -26.93 -12.29 -7.98
CA ASN A 940 -27.09 -10.87 -7.67
C ASN A 940 -25.84 -10.31 -7.00
N GLN A 941 -25.22 -11.09 -6.11
CA GLN A 941 -24.02 -10.63 -5.43
C GLN A 941 -22.90 -10.35 -6.43
N ASN A 942 -22.67 -11.29 -7.35
CA ASN A 942 -21.63 -11.09 -8.35
C ASN A 942 -21.92 -9.88 -9.24
N ALA A 943 -23.16 -9.79 -9.72
CA ALA A 943 -23.51 -8.68 -10.61
C ALA A 943 -23.36 -7.34 -9.91
N GLN A 944 -23.81 -7.25 -8.66
CA GLN A 944 -23.74 -5.99 -7.93
C GLN A 944 -22.30 -5.61 -7.61
N ALA A 945 -21.46 -6.60 -7.26
CA ALA A 945 -20.06 -6.31 -7.01
C ALA A 945 -19.37 -5.76 -8.26
N LEU A 946 -19.60 -6.41 -9.40
CA LEU A 946 -18.99 -5.92 -10.63
C LEU A 946 -19.54 -4.54 -11.00
N ASN A 947 -20.83 -4.31 -10.79
CA ASN A 947 -21.42 -3.02 -11.10
C ASN A 947 -20.82 -1.91 -10.24
N THR A 948 -20.63 -2.16 -8.95
CA THR A 948 -20.03 -1.14 -8.10
C THR A 948 -18.56 -0.93 -8.42
N LEU A 949 -17.85 -1.98 -8.84
CA LEU A 949 -16.48 -1.81 -9.29
C LEU A 949 -16.41 -0.90 -10.50
N VAL A 950 -17.32 -1.08 -11.45
CA VAL A 950 -17.35 -0.21 -12.62
C VAL A 950 -17.76 1.21 -12.23
N LYS A 951 -18.73 1.33 -11.32
CA LYS A 951 -19.20 2.65 -10.91
C LYS A 951 -18.11 3.45 -10.18
N GLN A 952 -17.19 2.77 -9.51
CA GLN A 952 -16.11 3.47 -8.81
C GLN A 952 -15.20 4.23 -9.76
N LEU A 953 -15.26 3.95 -11.07
CA LEU A 953 -14.39 4.61 -12.03
C LEU A 953 -14.65 6.10 -12.14
N SER A 954 -15.81 6.58 -11.69
CA SER A 954 -16.21 7.96 -11.91
C SER A 954 -15.77 8.91 -10.80
N SER A 955 -15.18 8.41 -9.73
CA SER A 955 -14.80 9.27 -8.63
C SER A 955 -13.56 10.09 -8.96
N ASN A 956 -13.43 11.23 -8.28
CA ASN A 956 -12.34 12.17 -8.54
C ASN A 956 -11.06 11.82 -7.80
N PHE A 957 -11.17 11.31 -6.57
CA PHE A 957 -10.02 10.94 -5.74
C PHE A 957 -9.10 12.13 -5.47
N GLY A 958 -9.67 13.34 -5.44
CA GLY A 958 -8.90 14.53 -5.18
C GLY A 958 -8.24 15.16 -6.38
N ALA A 959 -8.30 14.53 -7.55
CA ALA A 959 -7.74 15.11 -8.76
C ALA A 959 -8.68 16.18 -9.31
N ILE A 960 -8.21 16.91 -10.31
CA ILE A 960 -9.00 18.00 -10.87
C ILE A 960 -10.09 17.49 -11.81
N SER A 961 -9.99 16.25 -12.29
CA SER A 961 -11.00 15.70 -13.18
C SER A 961 -11.05 14.19 -13.01
N SER A 962 -12.20 13.62 -13.35
CA SER A 962 -12.43 12.19 -13.21
C SER A 962 -12.16 11.41 -14.49
N VAL A 963 -11.79 12.07 -15.57
CA VAL A 963 -11.49 11.42 -16.85
C VAL A 963 -10.05 11.72 -17.20
N LEU A 964 -9.27 10.66 -17.47
CA LEU A 964 -7.83 10.80 -17.64
C LEU A 964 -7.48 11.63 -18.86
N ASN A 965 -8.18 11.42 -19.98
CA ASN A 965 -7.79 12.06 -21.24
C ASN A 965 -7.88 13.58 -21.13
N ASP A 966 -8.99 14.08 -20.58
CA ASP A 966 -9.16 15.53 -20.48
C ASP A 966 -8.11 16.16 -19.58
N ILE A 967 -7.85 15.54 -18.42
CA ILE A 967 -6.93 16.15 -17.46
C ILE A 967 -5.51 16.10 -17.99
N LEU A 968 -5.13 15.03 -18.68
CA LEU A 968 -3.79 15.00 -19.26
C LEU A 968 -3.67 15.94 -20.45
N SER A 969 -4.77 16.17 -21.18
CA SER A 969 -4.71 17.08 -22.32
C SER A 969 -4.59 18.53 -21.87
N ARG A 970 -5.39 18.94 -20.89
CA ARG A 970 -5.41 20.34 -20.47
C ARG A 970 -4.08 20.77 -19.87
N LEU A 971 -3.48 19.93 -19.03
CA LEU A 971 -2.36 20.35 -18.20
C LEU A 971 -1.03 19.91 -18.81
N ASP A 972 0.03 20.62 -18.44
CA ASP A 972 1.37 20.29 -18.91
C ASP A 972 1.90 19.05 -18.19
N PRO A 973 2.85 18.34 -18.80
CA PRO A 973 3.34 17.08 -18.22
C PRO A 973 3.89 17.24 -16.82
N PRO A 974 4.55 18.37 -16.48
CA PRO A 974 5.01 18.51 -15.09
C PRO A 974 3.92 18.34 -14.05
N GLU A 975 2.72 18.86 -14.27
CA GLU A 975 1.67 18.77 -13.26
C GLU A 975 0.66 17.66 -13.52
N ALA A 976 0.61 17.10 -14.73
CA ALA A 976 -0.33 16.03 -15.01
C ALA A 976 -0.04 14.80 -14.15
N GLU A 977 1.24 14.50 -13.92
CA GLU A 977 1.60 13.36 -13.10
C GLU A 977 1.12 13.51 -11.66
N VAL A 978 1.12 14.74 -11.15
CA VAL A 978 0.74 14.99 -9.75
C VAL A 978 -0.69 14.56 -9.51
N GLN A 979 -1.53 14.55 -10.54
CA GLN A 979 -2.93 14.15 -10.43
C GLN A 979 -3.17 12.71 -10.86
N ILE A 980 -2.52 12.26 -11.94
CA ILE A 980 -2.75 10.89 -12.35
C ILE A 980 -2.17 9.93 -11.33
N ASP A 981 -1.21 10.38 -10.49
CA ASP A 981 -0.73 9.53 -9.40
C ASP A 981 -1.85 9.25 -8.40
N ARG A 982 -2.60 10.29 -8.01
CA ARG A 982 -3.72 10.10 -7.10
C ARG A 982 -4.77 9.20 -7.74
N LEU A 983 -5.07 9.42 -9.03
CA LEU A 983 -6.07 8.59 -9.69
C LEU A 983 -5.63 7.13 -9.73
N ILE A 984 -4.36 6.88 -10.03
CA ILE A 984 -3.83 5.52 -10.07
C ILE A 984 -3.94 4.88 -8.69
N THR A 985 -3.58 5.61 -7.64
CA THR A 985 -3.66 5.07 -6.29
C THR A 985 -5.09 4.66 -5.95
N GLY A 986 -6.05 5.54 -6.22
CA GLY A 986 -7.43 5.23 -5.89
C GLY A 986 -7.95 4.02 -6.65
N ARG A 987 -7.70 3.97 -7.96
CA ARG A 987 -8.21 2.85 -8.74
C ARG A 987 -7.52 1.55 -8.37
N LEU A 988 -6.23 1.60 -8.03
CA LEU A 988 -5.54 0.41 -7.55
C LEU A 988 -6.16 -0.11 -6.26
N GLN A 989 -6.46 0.79 -5.32
CA GLN A 989 -7.09 0.36 -4.07
C GLN A 989 -8.45 -0.29 -4.34
N SER A 990 -9.25 0.32 -5.21
CA SER A 990 -10.57 -0.24 -5.51
C SER A 990 -10.44 -1.63 -6.13
N LEU A 991 -9.53 -1.79 -7.09
CA LEU A 991 -9.33 -3.08 -7.73
C LEU A 991 -8.89 -4.14 -6.72
N GLN A 992 -7.97 -3.76 -5.82
CA GLN A 992 -7.50 -4.72 -4.81
C GLN A 992 -8.63 -5.18 -3.91
N THR A 993 -9.48 -4.25 -3.46
CA THR A 993 -10.60 -4.63 -2.61
C THR A 993 -11.55 -5.56 -3.35
N TYR A 994 -11.85 -5.26 -4.60
CA TYR A 994 -12.74 -6.13 -5.38
C TYR A 994 -12.16 -7.53 -5.52
N VAL A 995 -10.85 -7.62 -5.80
CA VAL A 995 -10.21 -8.92 -5.99
C VAL A 995 -10.26 -9.73 -4.69
N THR A 996 -9.99 -9.08 -3.55
CA THR A 996 -10.04 -9.80 -2.28
C THR A 996 -11.44 -10.33 -1.99
N GLN A 997 -12.46 -9.51 -2.23
CA GLN A 997 -13.83 -9.97 -2.01
C GLN A 997 -14.16 -11.15 -2.92
N GLN A 998 -13.71 -11.09 -4.18
CA GLN A 998 -13.95 -12.19 -5.10
C GLN A 998 -13.26 -13.47 -4.61
N LEU A 999 -12.06 -13.35 -4.08
CA LEU A 999 -11.36 -14.53 -3.55
C LEU A 999 -12.14 -15.17 -2.41
N ILE A 1000 -12.65 -14.35 -1.48
CA ILE A 1000 -13.42 -14.92 -0.36
C ILE A 1000 -14.67 -15.61 -0.86
N ARG A 1001 -15.39 -14.97 -1.80
CA ARG A 1001 -16.59 -15.59 -2.34
C ARG A 1001 -16.27 -16.90 -3.06
N ALA A 1002 -15.16 -16.94 -3.77
CA ALA A 1002 -14.75 -18.17 -4.46
C ALA A 1002 -14.47 -19.28 -3.46
N ALA A 1003 -13.85 -18.95 -2.33
CA ALA A 1003 -13.62 -19.97 -1.30
C ALA A 1003 -14.95 -20.52 -0.78
N GLU A 1004 -15.91 -19.63 -0.53
CA GLU A 1004 -17.23 -20.09 -0.06
C GLU A 1004 -17.88 -21.02 -1.08
N ILE A 1005 -17.82 -20.65 -2.36
CA ILE A 1005 -18.42 -21.47 -3.40
C ILE A 1005 -17.70 -22.81 -3.52
N ARG A 1006 -16.39 -22.82 -3.31
CA ARG A 1006 -15.65 -24.09 -3.30
C ARG A 1006 -16.13 -25.00 -2.19
N ALA A 1007 -16.34 -24.45 -1.00
CA ALA A 1007 -16.86 -25.27 0.09
C ALA A 1007 -18.23 -25.85 -0.25
N SER A 1008 -19.10 -25.01 -0.85
CA SER A 1008 -20.43 -25.50 -1.23
C SER A 1008 -20.34 -26.59 -2.29
N ALA A 1009 -19.42 -26.44 -3.24
CA ALA A 1009 -19.26 -27.45 -4.30
C ALA A 1009 -18.74 -28.76 -3.72
N ASN A 1010 -17.82 -28.70 -2.75
CA ASN A 1010 -17.36 -29.93 -2.10
C ASN A 1010 -18.51 -30.63 -1.38
N LEU A 1011 -19.34 -29.86 -0.67
CA LEU A 1011 -20.50 -30.46 -0.03
C LEU A 1011 -21.42 -31.12 -1.04
N ALA A 1012 -21.66 -30.44 -2.17
CA ALA A 1012 -22.53 -31.01 -3.20
C ALA A 1012 -21.95 -32.29 -3.77
N ALA A 1013 -20.64 -32.33 -3.99
CA ALA A 1013 -20.00 -33.53 -4.51
C ALA A 1013 -20.13 -34.69 -3.53
N THR A 1014 -19.91 -34.44 -2.24
CA THR A 1014 -20.07 -35.50 -1.25
C THR A 1014 -21.52 -36.00 -1.22
N LYS A 1015 -22.48 -35.07 -1.26
CA LYS A 1015 -23.89 -35.46 -1.26
C LYS A 1015 -24.23 -36.31 -2.48
N MET A 1016 -23.66 -35.95 -3.63
CA MET A 1016 -23.88 -36.74 -4.84
C MET A 1016 -23.30 -38.14 -4.70
N SER A 1017 -22.08 -38.24 -4.15
CA SER A 1017 -21.42 -39.53 -4.04
C SER A 1017 -22.16 -40.45 -3.07
N GLU A 1018 -22.67 -39.91 -1.96
CA GLU A 1018 -23.22 -40.79 -0.93
C GLU A 1018 -24.73 -40.96 -1.06
N CYS A 1019 -25.48 -39.86 -1.22
CA CYS A 1019 -26.94 -39.97 -1.23
C CYS A 1019 -27.48 -40.56 -2.52
N VAL A 1020 -26.85 -40.28 -3.65
CA VAL A 1020 -27.34 -40.73 -4.95
C VAL A 1020 -26.84 -42.14 -5.25
N LEU A 1021 -25.53 -42.32 -5.28
CA LEU A 1021 -24.90 -43.59 -5.62
C LEU A 1021 -25.01 -44.63 -4.54
N GLY A 1022 -25.78 -44.38 -3.47
CA GLY A 1022 -25.93 -45.34 -2.41
C GLY A 1022 -27.10 -44.97 -1.53
N GLN A 1023 -27.16 -45.62 -0.37
CA GLN A 1023 -28.22 -45.39 0.61
C GLN A 1023 -27.54 -45.01 1.92
N SER A 1024 -27.40 -43.71 2.17
CA SER A 1024 -26.70 -43.25 3.35
C SER A 1024 -27.51 -43.50 4.62
N LYS A 1025 -26.83 -43.97 5.66
CA LYS A 1025 -27.45 -44.18 6.96
C LYS A 1025 -27.27 -42.99 7.90
N ARG A 1026 -26.59 -41.94 7.46
CA ARG A 1026 -26.43 -40.75 8.30
C ARG A 1026 -27.76 -40.03 8.47
N VAL A 1027 -28.00 -39.53 9.67
CA VAL A 1027 -29.27 -38.90 9.99
C VAL A 1027 -29.30 -37.49 9.41
N ASP A 1028 -30.35 -37.17 8.68
CA ASP A 1028 -30.63 -35.86 8.10
C ASP A 1028 -29.55 -35.40 7.11
N PHE A 1029 -28.67 -36.30 6.67
CA PHE A 1029 -27.70 -35.94 5.65
C PHE A 1029 -28.33 -35.90 4.27
N CYS A 1030 -29.28 -36.78 3.99
CA CYS A 1030 -29.96 -36.80 2.69
C CYS A 1030 -31.46 -36.59 2.87
N GLY A 1031 -31.84 -35.63 3.71
CA GLY A 1031 -33.23 -35.32 3.94
C GLY A 1031 -33.74 -35.93 5.24
N LYS A 1032 -34.83 -35.35 5.74
CA LYS A 1032 -35.41 -35.79 7.00
C LYS A 1032 -36.07 -37.15 6.86
N GLY A 1033 -35.94 -37.97 7.90
CA GLY A 1033 -36.49 -39.31 7.90
C GLY A 1033 -35.50 -40.34 7.42
N TYR A 1034 -35.96 -41.58 7.43
CA TYR A 1034 -35.13 -42.68 6.92
C TYR A 1034 -34.96 -42.51 5.42
N HIS A 1035 -33.71 -42.58 4.95
CA HIS A 1035 -33.39 -42.28 3.56
C HIS A 1035 -33.58 -43.52 2.71
N LEU A 1036 -34.39 -43.39 1.65
CA LEU A 1036 -34.55 -44.46 0.69
C LEU A 1036 -33.59 -44.28 -0.48
N MET A 1037 -33.71 -43.17 -1.21
CA MET A 1037 -32.85 -42.92 -2.36
C MET A 1037 -33.03 -41.48 -2.81
N SER A 1038 -32.41 -41.11 -3.91
CA SER A 1038 -32.42 -39.71 -4.33
C SER A 1038 -32.11 -39.59 -5.82
N PHE A 1039 -32.43 -38.43 -6.36
CA PHE A 1039 -32.21 -38.10 -7.77
C PHE A 1039 -31.55 -36.74 -7.91
N PRO A 1040 -30.72 -36.58 -8.93
CA PRO A 1040 -30.15 -35.26 -9.24
C PRO A 1040 -30.92 -34.50 -10.30
N GLN A 1041 -30.82 -33.17 -10.30
CA GLN A 1041 -31.30 -32.33 -11.37
C GLN A 1041 -30.37 -31.14 -11.50
N SER A 1042 -30.18 -30.65 -12.72
CA SER A 1042 -29.30 -29.52 -12.95
C SER A 1042 -30.08 -28.21 -12.85
N ALA A 1043 -29.34 -27.13 -12.60
CA ALA A 1043 -29.90 -25.79 -12.53
C ALA A 1043 -28.79 -24.81 -12.83
N PRO A 1044 -29.12 -23.58 -13.28
CA PRO A 1044 -28.05 -22.63 -13.63
C PRO A 1044 -27.11 -22.41 -12.47
N HIS A 1045 -25.87 -22.88 -12.62
CA HIS A 1045 -24.85 -22.81 -11.58
C HIS A 1045 -25.34 -23.43 -10.27
N GLY A 1046 -25.97 -24.59 -10.35
CA GLY A 1046 -26.43 -25.25 -9.14
C GLY A 1046 -27.01 -26.62 -9.41
N VAL A 1047 -27.24 -27.34 -8.32
CA VAL A 1047 -27.80 -28.69 -8.36
C VAL A 1047 -29.03 -28.74 -7.45
N VAL A 1048 -30.03 -29.49 -7.86
CA VAL A 1048 -31.24 -29.70 -7.08
C VAL A 1048 -31.39 -31.20 -6.84
N PHE A 1049 -31.33 -31.61 -5.58
CA PHE A 1049 -31.49 -33.00 -5.20
C PHE A 1049 -32.92 -33.26 -4.76
N LEU A 1050 -33.49 -34.35 -5.25
CA LEU A 1050 -34.80 -34.84 -4.80
C LEU A 1050 -34.56 -36.06 -3.94
N HIS A 1051 -34.79 -35.93 -2.63
CA HIS A 1051 -34.60 -37.01 -1.68
C HIS A 1051 -35.93 -37.71 -1.45
N VAL A 1052 -35.98 -39.01 -1.76
CA VAL A 1052 -37.12 -39.85 -1.49
C VAL A 1052 -36.84 -40.61 -0.20
N THR A 1053 -37.69 -40.39 0.80
CA THR A 1053 -37.48 -40.87 2.16
C THR A 1053 -38.76 -41.52 2.69
N TYR A 1054 -38.59 -42.24 3.79
CA TYR A 1054 -39.63 -43.04 4.41
C TYR A 1054 -39.96 -42.45 5.78
N VAL A 1055 -41.25 -42.26 6.07
CA VAL A 1055 -41.69 -41.63 7.31
C VAL A 1055 -42.78 -42.48 7.95
N PRO A 1056 -42.63 -42.89 9.22
CA PRO A 1056 -43.69 -43.69 9.85
C PRO A 1056 -44.98 -42.90 10.04
N ALA A 1057 -46.08 -43.56 9.75
CA ALA A 1057 -47.42 -42.99 9.88
C ALA A 1057 -47.98 -43.34 11.27
N GLN A 1058 -49.30 -43.20 11.43
CA GLN A 1058 -50.01 -43.42 12.69
C GLN A 1058 -49.46 -44.61 13.46
N GLU A 1059 -49.32 -44.44 14.77
CA GLU A 1059 -48.73 -45.42 15.67
C GLU A 1059 -49.77 -45.91 16.66
N LYS A 1060 -49.37 -46.91 17.45
CA LYS A 1060 -50.25 -47.50 18.46
C LYS A 1060 -49.47 -47.80 19.73
N ASN A 1061 -50.17 -47.71 20.86
CA ASN A 1061 -49.62 -47.98 22.18
C ASN A 1061 -49.59 -49.47 22.45
N PHE A 1062 -48.59 -49.91 23.23
CA PHE A 1062 -48.48 -51.30 23.63
C PHE A 1062 -47.73 -51.37 24.96
N THR A 1063 -47.91 -52.50 25.64
CA THR A 1063 -47.18 -52.81 26.87
C THR A 1063 -46.14 -53.86 26.57
N THR A 1064 -44.88 -53.56 26.87
CA THR A 1064 -43.74 -54.38 26.48
C THR A 1064 -43.14 -55.07 27.69
N ALA A 1065 -42.18 -55.96 27.42
CA ALA A 1065 -41.44 -56.67 28.44
C ALA A 1065 -40.01 -56.85 27.97
N PRO A 1066 -39.04 -56.94 28.88
CA PRO A 1066 -37.65 -57.13 28.47
C PRO A 1066 -37.35 -58.55 28.01
N ALA A 1067 -37.95 -59.53 28.67
CA ALA A 1067 -37.69 -60.94 28.36
C ALA A 1067 -38.88 -61.77 28.81
N ILE A 1068 -38.91 -63.01 28.35
CA ILE A 1068 -40.01 -63.93 28.63
C ILE A 1068 -39.42 -65.19 29.25
N CYS A 1069 -39.96 -65.59 30.41
CA CYS A 1069 -39.55 -66.80 31.09
C CYS A 1069 -40.53 -67.93 30.75
N HIS A 1070 -40.00 -69.09 30.38
CA HIS A 1070 -40.81 -70.22 29.95
C HIS A 1070 -40.71 -71.40 30.90
N ASP A 1071 -39.51 -71.92 31.14
CA ASP A 1071 -39.27 -73.05 32.03
C ASP A 1071 -38.10 -72.76 32.95
N GLY A 1072 -37.97 -71.52 33.40
CA GLY A 1072 -36.79 -71.07 34.10
C GLY A 1072 -35.74 -70.44 33.21
N LYS A 1073 -35.90 -70.54 31.90
CA LYS A 1073 -35.01 -69.86 30.96
C LYS A 1073 -35.45 -68.43 30.75
N ALA A 1074 -34.55 -67.63 30.19
CA ALA A 1074 -34.82 -66.23 29.87
C ALA A 1074 -34.67 -66.06 28.35
N HIS A 1075 -35.80 -65.95 27.66
CA HIS A 1075 -35.80 -65.83 26.21
C HIS A 1075 -35.75 -64.35 25.81
N PHE A 1076 -34.94 -64.06 24.80
CA PHE A 1076 -34.77 -62.71 24.28
C PHE A 1076 -35.04 -62.71 22.79
N PRO A 1077 -35.51 -61.60 22.24
CA PRO A 1077 -35.85 -61.58 20.81
C PRO A 1077 -34.62 -61.39 19.94
N ARG A 1078 -34.54 -62.19 18.87
CA ARG A 1078 -33.44 -62.05 17.92
C ARG A 1078 -33.50 -60.71 17.22
N GLU A 1079 -34.71 -60.26 16.85
CA GLU A 1079 -34.91 -58.91 16.36
C GLU A 1079 -36.36 -58.52 16.65
N GLY A 1080 -36.56 -57.24 16.92
CA GLY A 1080 -37.87 -56.74 17.26
C GLY A 1080 -38.11 -56.63 18.75
N VAL A 1081 -39.38 -56.48 19.12
CA VAL A 1081 -39.80 -56.22 20.47
C VAL A 1081 -40.84 -57.25 20.88
N PHE A 1082 -40.89 -57.54 22.18
CA PHE A 1082 -42.01 -58.26 22.77
C PHE A 1082 -43.12 -57.26 23.10
N VAL A 1083 -44.29 -57.47 22.51
CA VAL A 1083 -45.41 -56.55 22.69
C VAL A 1083 -46.68 -57.34 22.97
N SER A 1084 -47.52 -56.82 23.85
CA SER A 1084 -48.78 -57.45 24.21
C SER A 1084 -49.93 -56.49 23.92
N ASN A 1085 -50.98 -57.00 23.30
CA ASN A 1085 -52.18 -56.19 23.06
C ASN A 1085 -53.10 -56.14 24.27
N GLY A 1086 -52.77 -56.88 25.33
CA GLY A 1086 -53.59 -56.91 26.52
C GLY A 1086 -53.84 -58.32 27.03
N THR A 1087 -53.91 -59.29 26.11
CA THR A 1087 -54.20 -60.68 26.46
C THR A 1087 -53.02 -61.60 26.17
N HIS A 1088 -52.53 -61.62 24.93
CA HIS A 1088 -51.44 -62.50 24.53
C HIS A 1088 -50.18 -61.66 24.28
N TRP A 1089 -49.13 -62.33 23.83
CA TRP A 1089 -47.84 -61.69 23.57
C TRP A 1089 -47.34 -62.07 22.19
N PHE A 1090 -46.57 -61.17 21.59
CA PHE A 1090 -46.08 -61.36 20.23
C PHE A 1090 -44.70 -60.72 20.10
N VAL A 1091 -44.01 -61.09 19.03
CA VAL A 1091 -42.73 -60.49 18.66
C VAL A 1091 -42.94 -59.72 17.36
N THR A 1092 -42.55 -58.46 17.35
CA THR A 1092 -42.81 -57.59 16.21
C THR A 1092 -41.52 -56.91 15.76
N GLN A 1093 -41.53 -56.43 14.52
CA GLN A 1093 -40.45 -55.58 14.05
C GLN A 1093 -40.56 -54.19 14.68
N ARG A 1094 -39.43 -53.50 14.75
CA ARG A 1094 -39.39 -52.22 15.46
C ARG A 1094 -40.09 -51.12 14.68
N ASN A 1095 -39.96 -51.11 13.36
CA ASN A 1095 -40.44 -50.00 12.54
C ASN A 1095 -41.75 -50.32 11.82
N PHE A 1096 -42.40 -51.42 12.17
CA PHE A 1096 -43.67 -51.78 11.54
C PHE A 1096 -44.35 -52.84 12.40
N TYR A 1097 -45.66 -52.68 12.59
CA TYR A 1097 -46.40 -53.58 13.47
C TYR A 1097 -46.81 -54.83 12.69
N GLU A 1098 -46.15 -55.95 12.98
CA GLU A 1098 -46.48 -57.24 12.38
C GLU A 1098 -46.39 -58.30 13.46
N PRO A 1099 -47.49 -58.57 14.16
CA PRO A 1099 -47.44 -59.54 15.25
C PRO A 1099 -47.15 -60.94 14.75
N GLN A 1100 -46.44 -61.71 15.58
CA GLN A 1100 -46.06 -63.07 15.25
C GLN A 1100 -46.07 -63.90 16.52
N ILE A 1101 -46.34 -65.20 16.37
CA ILE A 1101 -46.32 -66.09 17.53
C ILE A 1101 -44.90 -66.23 18.04
N ILE A 1102 -44.74 -66.31 19.35
CA ILE A 1102 -43.43 -66.34 19.97
C ILE A 1102 -42.95 -67.80 20.00
N THR A 1103 -42.01 -68.12 19.11
CA THR A 1103 -41.48 -69.47 18.98
C THR A 1103 -39.98 -69.46 19.21
N THR A 1104 -39.40 -70.66 19.28
CA THR A 1104 -37.97 -70.79 19.50
C THR A 1104 -37.13 -70.28 18.34
N ASP A 1105 -37.76 -70.04 17.17
CA ASP A 1105 -37.01 -69.49 16.05
C ASP A 1105 -36.88 -67.97 16.13
N ASN A 1106 -37.84 -67.30 16.78
CA ASN A 1106 -37.78 -65.86 16.92
C ASN A 1106 -36.94 -65.41 18.12
N THR A 1107 -36.60 -66.33 19.02
CA THR A 1107 -35.97 -65.96 20.28
C THR A 1107 -34.76 -66.86 20.54
N PHE A 1108 -33.86 -66.36 21.39
CA PHE A 1108 -32.70 -67.11 21.83
C PHE A 1108 -32.66 -67.13 23.35
N VAL A 1109 -32.04 -68.17 23.91
CA VAL A 1109 -32.06 -68.45 25.34
C VAL A 1109 -30.73 -68.05 25.95
N SER A 1110 -30.79 -67.36 27.10
CA SER A 1110 -29.59 -66.97 27.82
C SER A 1110 -29.95 -66.64 29.26
N GLY A 1111 -29.28 -67.28 30.21
CA GLY A 1111 -29.44 -66.93 31.61
C GLY A 1111 -30.63 -67.63 32.27
N ASN A 1112 -31.04 -67.05 33.40
CA ASN A 1112 -32.14 -67.59 34.19
C ASN A 1112 -33.19 -66.53 34.45
N CYS A 1113 -34.13 -66.81 35.35
CA CYS A 1113 -35.27 -65.94 35.61
C CYS A 1113 -35.07 -65.05 36.83
N ASP A 1114 -33.86 -64.98 37.39
CA ASP A 1114 -33.60 -64.24 38.61
C ASP A 1114 -32.56 -63.15 38.44
N VAL A 1115 -32.37 -62.66 37.21
CA VAL A 1115 -31.36 -61.63 36.97
C VAL A 1115 -32.02 -60.40 36.35
N VAL A 1116 -32.68 -60.59 35.21
CA VAL A 1116 -33.27 -59.47 34.50
C VAL A 1116 -34.46 -58.92 35.29
N ILE A 1117 -34.61 -57.60 35.27
CA ILE A 1117 -35.67 -56.92 36.00
C ILE A 1117 -36.81 -56.62 35.04
N GLY A 1118 -38.01 -57.04 35.40
CA GLY A 1118 -39.19 -56.81 34.58
C GLY A 1118 -39.66 -57.99 33.76
N ILE A 1119 -39.11 -59.18 33.98
CA ILE A 1119 -39.50 -60.35 33.20
C ILE A 1119 -40.97 -60.68 33.46
N VAL A 1120 -41.67 -61.06 32.39
CA VAL A 1120 -43.06 -61.51 32.48
C VAL A 1120 -43.12 -62.98 32.11
N ASN A 1121 -44.22 -63.61 32.49
CA ASN A 1121 -44.44 -65.02 32.20
C ASN A 1121 -45.22 -65.20 30.91
N ASN A 1122 -44.91 -66.27 30.20
CA ASN A 1122 -45.59 -66.62 28.95
C ASN A 1122 -45.22 -68.06 28.61
N THR A 1123 -45.63 -68.51 27.43
CA THR A 1123 -45.31 -69.83 26.92
C THR A 1123 -44.68 -69.69 25.55
N VAL A 1124 -43.64 -70.50 25.29
CA VAL A 1124 -42.93 -70.48 24.03
C VAL A 1124 -43.31 -71.73 23.25
N TYR A 1125 -43.87 -71.54 22.06
CA TYR A 1125 -44.27 -72.65 21.20
C TYR A 1125 -43.05 -73.18 20.46
N ASP A 1126 -42.77 -74.47 20.63
CA ASP A 1126 -41.66 -75.09 19.93
C ASP A 1126 -42.19 -75.76 18.67
N PRO A 1127 -41.74 -75.35 17.48
CA PRO A 1127 -42.35 -75.88 16.25
C PRO A 1127 -42.17 -77.38 16.05
N LEU A 1128 -41.06 -77.96 16.52
CA LEU A 1128 -40.79 -79.35 16.19
C LEU A 1128 -41.49 -80.34 17.11
N GLN A 1129 -42.05 -79.88 18.23
CA GLN A 1129 -42.78 -80.80 19.11
C GLN A 1129 -44.01 -81.40 18.45
N PRO A 1130 -44.91 -80.64 17.82
CA PRO A 1130 -46.03 -81.30 17.12
C PRO A 1130 -45.58 -82.21 15.98
N GLU A 1131 -44.50 -81.87 15.29
CA GLU A 1131 -43.98 -82.75 14.25
C GLU A 1131 -43.50 -84.06 14.83
N LEU A 1132 -42.80 -84.01 15.97
CA LEU A 1132 -42.38 -85.23 16.65
C LEU A 1132 -43.58 -86.04 17.10
N ASP A 1133 -44.60 -85.38 17.65
CA ASP A 1133 -45.80 -86.10 18.09
C ASP A 1133 -46.56 -86.68 16.90
N SER A 1134 -46.65 -85.95 15.81
CA SER A 1134 -47.36 -86.41 14.63
C SER A 1134 -46.65 -87.59 13.97
N GLN B 1 29.05 36.46 56.43
CA GLN B 1 29.85 35.81 55.40
C GLN B 1 29.86 34.30 55.57
N CYS B 2 31.04 33.70 55.43
CA CYS B 2 31.19 32.25 55.53
C CYS B 2 32.32 31.91 56.50
N VAL B 3 32.40 30.62 56.83
CA VAL B 3 33.39 30.10 57.76
C VAL B 3 34.13 28.95 57.08
N ASN B 4 35.46 28.99 57.13
CA ASN B 4 36.27 27.93 56.54
C ASN B 4 36.31 26.74 57.50
N LEU B 5 35.89 25.58 57.00
CA LEU B 5 35.82 24.37 57.81
C LEU B 5 37.01 23.47 57.50
N THR B 6 36.99 22.26 58.08
CA THR B 6 38.07 21.31 57.89
C THR B 6 37.89 20.56 56.56
N THR B 7 38.89 19.76 56.21
CA THR B 7 38.89 19.03 54.96
C THR B 7 37.96 17.82 55.05
N ARG B 8 37.30 17.51 53.94
CA ARG B 8 36.39 16.37 53.87
C ARG B 8 37.13 15.03 53.80
N THR B 9 38.43 15.05 53.52
CA THR B 9 39.32 13.88 53.53
C THR B 9 38.96 12.84 52.47
N GLN B 10 37.99 13.13 51.61
CA GLN B 10 37.59 12.23 50.53
C GLN B 10 37.25 10.83 51.08
N LEU B 11 36.41 10.82 52.10
CA LEU B 11 36.10 9.57 52.79
C LEU B 11 35.32 8.63 51.87
N PRO B 12 35.61 7.33 51.90
CA PRO B 12 34.86 6.38 51.08
C PRO B 12 33.56 5.98 51.75
N PRO B 13 32.42 6.26 51.10
CA PRO B 13 31.13 5.88 51.68
C PRO B 13 30.66 4.50 51.22
N ALA B 14 29.66 4.00 51.94
CA ALA B 14 29.02 2.75 51.59
C ALA B 14 27.98 3.02 50.50
N TYR B 15 27.15 2.02 50.20
CA TYR B 15 26.17 2.15 49.13
C TYR B 15 24.90 1.39 49.46
N THR B 16 23.80 1.82 48.85
CA THR B 16 22.52 1.14 48.96
C THR B 16 21.70 1.50 47.74
N ASN B 17 20.54 0.85 47.61
CA ASN B 17 19.76 0.87 46.37
C ASN B 17 18.30 1.19 46.65
N SER B 18 17.66 1.79 45.65
CA SER B 18 16.21 1.98 45.68
C SER B 18 15.54 0.72 45.15
N PHE B 19 14.94 -0.06 46.03
CA PHE B 19 14.20 -1.25 45.65
C PHE B 19 12.78 -0.83 45.32
N THR B 20 12.54 -0.52 44.04
CA THR B 20 11.25 -0.05 43.53
C THR B 20 10.80 1.22 44.25
N ARG B 21 11.59 2.27 44.07
CA ARG B 21 11.29 3.59 44.63
C ARG B 21 11.51 4.65 43.57
N GLY B 22 10.84 5.78 43.76
CA GLY B 22 11.06 6.95 42.94
C GLY B 22 10.11 7.18 41.80
N VAL B 23 9.01 6.42 41.71
CA VAL B 23 8.04 6.62 40.65
C VAL B 23 7.14 7.79 41.01
N TYR B 24 6.91 8.68 40.05
CA TYR B 24 6.06 9.85 40.24
C TYR B 24 4.99 9.86 39.15
N TYR B 25 4.17 10.91 39.15
CA TYR B 25 3.15 11.07 38.13
C TYR B 25 3.72 11.90 36.99
N PRO B 26 3.93 11.33 35.80
CA PRO B 26 4.53 12.11 34.70
C PRO B 26 3.54 12.98 33.95
N ASP B 27 2.25 12.87 34.22
CA ASP B 27 1.23 13.58 33.46
C ASP B 27 0.22 14.21 34.42
N LYS B 28 -0.56 15.15 33.89
CA LYS B 28 -1.60 15.83 34.63
C LYS B 28 -2.99 15.32 34.26
N VAL B 29 -3.10 14.02 33.99
CA VAL B 29 -4.37 13.39 33.65
C VAL B 29 -4.69 12.34 34.70
N PHE B 30 -5.95 11.90 34.70
CA PHE B 30 -6.45 10.97 35.68
C PHE B 30 -6.92 9.69 34.98
N ARG B 31 -6.39 8.56 35.40
CA ARG B 31 -6.74 7.26 34.84
C ARG B 31 -7.12 6.30 35.96
N SER B 32 -8.08 5.43 35.68
CA SER B 32 -8.68 4.56 36.69
C SER B 32 -8.67 3.12 36.21
N SER B 33 -8.00 2.24 36.97
CA SER B 33 -7.95 0.81 36.67
C SER B 33 -7.38 0.53 35.28
N VAL B 34 -6.23 1.16 34.99
CA VAL B 34 -5.58 1.02 33.69
C VAL B 34 -4.13 0.67 33.93
N LEU B 35 -3.50 0.13 32.88
CA LEU B 35 -2.05 -0.01 32.81
C LEU B 35 -1.52 0.86 31.68
N HIS B 36 -0.50 1.65 31.96
CA HIS B 36 0.04 2.59 30.97
C HIS B 36 1.54 2.40 30.81
N SER B 37 2.01 2.69 29.61
CA SER B 37 3.43 2.65 29.29
C SER B 37 3.91 4.08 29.03
N THR B 38 4.93 4.50 29.77
CA THR B 38 5.42 5.87 29.70
C THR B 38 6.91 5.88 29.38
N GLN B 39 7.29 6.68 28.39
CA GLN B 39 8.68 6.95 28.04
C GLN B 39 9.10 8.21 28.77
N ASP B 40 9.92 8.07 29.80
CA ASP B 40 10.24 9.21 30.65
C ASP B 40 11.48 8.84 31.44
N LEU B 41 12.11 9.85 32.05
CA LEU B 41 13.32 9.63 32.83
C LEU B 41 12.96 9.29 34.27
N PHE B 42 13.29 8.06 34.67
CA PHE B 42 12.93 7.56 36.00
C PHE B 42 14.17 7.12 36.76
N LEU B 43 13.96 6.58 37.97
CA LEU B 43 15.03 5.98 38.72
C LEU B 43 15.01 4.47 38.49
N PRO B 44 16.05 3.89 37.89
CA PRO B 44 16.01 2.47 37.54
C PRO B 44 15.81 1.59 38.76
N PHE B 45 15.07 0.50 38.58
CA PHE B 45 14.84 -0.43 39.66
C PHE B 45 16.14 -1.07 40.11
N PHE B 46 16.32 -1.13 41.43
CA PHE B 46 17.46 -1.79 42.08
C PHE B 46 18.80 -1.15 41.72
N SER B 47 18.79 0.05 41.14
CA SER B 47 20.03 0.73 40.83
C SER B 47 20.68 1.24 42.10
N ASN B 48 22.02 1.39 42.06
CA ASN B 48 22.79 1.76 43.24
C ASN B 48 22.82 3.29 43.37
N VAL B 49 22.30 3.79 44.49
CA VAL B 49 22.36 5.20 44.82
C VAL B 49 23.45 5.40 45.86
N THR B 50 24.13 6.54 45.81
CA THR B 50 25.21 6.83 46.74
C THR B 50 24.64 7.52 47.97
N TRP B 51 24.96 7.01 49.15
CA TRP B 51 24.36 7.49 50.39
C TRP B 51 25.39 8.22 51.23
N PHE B 52 24.98 9.36 51.78
CA PHE B 52 25.85 10.25 52.53
C PHE B 52 25.33 10.42 53.95
N HIS B 53 26.18 10.15 54.93
CA HIS B 53 25.89 10.47 56.31
C HIS B 53 25.98 11.97 56.52
N ALA B 54 25.04 12.52 57.30
CA ALA B 54 25.09 13.94 57.62
C ALA B 54 26.35 14.27 58.40
N ILE B 55 26.65 13.49 59.44
CA ILE B 55 27.87 13.62 60.22
C ILE B 55 28.59 12.29 60.21
N HIS B 56 29.85 12.30 59.81
CA HIS B 56 30.67 11.10 59.72
C HIS B 56 31.68 11.10 60.85
N VAL B 57 31.64 10.05 61.67
CA VAL B 57 32.60 9.88 62.76
C VAL B 57 33.74 8.99 62.24
N SER B 58 34.83 9.64 61.81
CA SER B 58 36.01 8.88 61.44
C SER B 58 36.53 8.07 62.61
N GLY B 59 36.40 8.61 63.82
CA GLY B 59 36.62 7.84 65.03
C GLY B 59 35.45 8.02 65.97
N THR B 60 35.22 7.00 66.80
CA THR B 60 34.13 7.05 67.75
C THR B 60 34.36 8.08 68.85
N ASN B 61 35.57 8.62 68.96
CA ASN B 61 35.85 9.63 69.98
C ASN B 61 35.02 10.88 69.77
N GLY B 62 34.68 11.19 68.52
CA GLY B 62 33.99 12.43 68.22
C GLY B 62 34.61 13.18 67.06
N THR B 63 35.46 12.52 66.29
CA THR B 63 36.05 13.13 65.09
C THR B 63 34.97 13.18 64.02
N LYS B 64 34.03 14.10 64.20
CA LYS B 64 32.86 14.23 63.33
C LYS B 64 33.15 15.29 62.27
N ARG B 65 33.07 14.88 61.00
CA ARG B 65 33.25 15.78 59.87
C ARG B 65 32.03 15.69 58.97
N PHE B 66 31.54 16.85 58.54
CA PHE B 66 30.41 16.89 57.61
C PHE B 66 30.76 16.18 56.32
N ASP B 67 29.78 15.49 55.75
CA ASP B 67 29.92 14.77 54.49
C ASP B 67 28.85 15.31 53.56
N ASN B 68 29.23 16.27 52.72
CA ASN B 68 28.32 16.88 51.76
C ASN B 68 29.11 17.39 50.56
N PRO B 69 29.77 16.52 49.80
CA PRO B 69 30.58 16.98 48.68
C PRO B 69 29.72 17.43 47.51
N VAL B 70 30.36 18.13 46.58
CA VAL B 70 29.67 18.52 45.36
C VAL B 70 29.40 17.29 44.51
N LEU B 71 28.26 17.30 43.83
CA LEU B 71 27.85 16.19 42.98
C LEU B 71 27.36 16.72 41.64
N PRO B 72 27.72 16.06 40.54
CA PRO B 72 27.21 16.46 39.23
C PRO B 72 25.69 16.45 39.18
N PHE B 73 25.15 17.09 38.15
CA PHE B 73 23.71 17.21 37.95
C PHE B 73 23.41 16.97 36.48
N ASN B 74 22.95 15.76 36.16
CA ASN B 74 22.59 15.39 34.80
C ASN B 74 21.17 14.85 34.78
N ASP B 75 20.29 15.57 34.08
CA ASP B 75 18.88 15.18 33.91
C ASP B 75 18.19 14.95 35.25
N GLY B 76 18.45 15.85 36.19
CA GLY B 76 17.78 15.80 37.48
C GLY B 76 18.33 14.74 38.41
N VAL B 77 18.01 14.85 39.71
CA VAL B 77 18.46 13.90 40.71
C VAL B 77 17.30 13.54 41.63
N TYR B 78 17.32 12.28 42.07
CA TYR B 78 16.41 11.80 43.11
C TYR B 78 17.12 11.90 44.45
N PHE B 79 16.44 12.51 45.41
CA PHE B 79 17.03 12.84 46.71
C PHE B 79 16.13 12.27 47.79
N ALA B 80 16.63 11.32 48.56
CA ALA B 80 15.91 10.78 49.69
C ALA B 80 16.60 11.21 50.98
N SER B 81 15.81 11.44 52.02
CA SER B 81 16.39 11.86 53.29
C SER B 81 15.68 11.16 54.43
N THR B 82 16.44 10.47 55.28
CA THR B 82 15.90 9.91 56.51
C THR B 82 16.45 10.71 57.68
N GLU B 83 15.55 11.22 58.50
CA GLU B 83 15.95 12.13 59.57
C GLU B 83 14.77 12.35 60.50
N LYS B 84 15.08 12.84 61.71
CA LYS B 84 14.05 13.22 62.67
C LYS B 84 14.34 14.55 63.34
N SER B 85 15.37 15.28 62.90
CA SER B 85 15.76 16.54 63.53
C SER B 85 16.07 17.62 62.50
N ASN B 86 15.44 17.54 61.32
CA ASN B 86 15.55 18.55 60.26
C ASN B 86 16.99 18.99 60.01
N ILE B 87 17.90 18.01 59.91
CA ILE B 87 19.30 18.33 59.70
C ILE B 87 19.52 18.90 58.30
N ILE B 88 18.80 18.39 57.30
CA ILE B 88 18.90 18.93 55.94
C ILE B 88 18.04 20.18 55.84
N ARG B 89 18.60 21.24 55.25
CA ARG B 89 17.91 22.52 55.21
C ARG B 89 17.68 23.07 53.80
N GLY B 90 18.30 22.51 52.77
CA GLY B 90 18.08 23.00 51.43
C GLY B 90 19.17 22.54 50.49
N TRP B 91 19.17 23.16 49.31
CA TRP B 91 20.09 22.79 48.24
C TRP B 91 20.45 24.03 47.43
N ILE B 92 21.54 23.91 46.68
CA ILE B 92 22.07 24.99 45.85
C ILE B 92 22.48 24.39 44.50
N PHE B 93 22.11 25.05 43.41
CA PHE B 93 22.30 24.53 42.08
C PHE B 93 22.98 25.57 41.21
N GLY B 94 23.74 25.11 40.22
CA GLY B 94 24.39 26.01 39.29
C GLY B 94 25.37 25.26 38.43
N THR B 95 26.21 26.03 37.74
CA THR B 95 27.26 25.49 36.89
C THR B 95 28.65 25.63 37.53
N THR B 96 29.02 26.84 37.94
CA THR B 96 30.28 27.07 38.63
C THR B 96 30.10 27.45 40.09
N LEU B 97 28.87 27.73 40.53
CA LEU B 97 28.55 28.04 41.92
C LEU B 97 29.34 29.24 42.42
N ASP B 98 29.35 30.32 41.63
CA ASP B 98 29.99 31.56 42.02
C ASP B 98 29.31 32.71 41.30
N SER B 99 29.83 33.92 41.51
CA SER B 99 29.31 35.09 40.81
C SER B 99 29.68 35.10 39.33
N LYS B 100 30.51 34.15 38.89
CA LYS B 100 30.81 34.04 37.46
C LYS B 100 29.57 33.64 36.66
N THR B 101 28.74 32.76 37.23
CA THR B 101 27.58 32.21 36.53
C THR B 101 26.33 32.36 37.38
N GLN B 102 25.18 32.29 36.73
CA GLN B 102 23.90 32.32 37.41
C GLN B 102 23.69 31.05 38.23
N SER B 103 22.99 31.18 39.36
CA SER B 103 22.77 30.04 40.24
C SER B 103 21.41 30.15 40.92
N LEU B 104 20.99 29.02 41.50
CA LEU B 104 19.70 28.87 42.14
C LEU B 104 19.90 28.35 43.55
N LEU B 105 19.01 28.71 44.46
CA LEU B 105 19.17 28.36 45.86
C LEU B 105 17.81 28.18 46.53
N ILE B 106 17.65 27.07 47.23
CA ILE B 106 16.52 26.83 48.12
C ILE B 106 17.07 26.60 49.52
N VAL B 107 16.61 27.39 50.48
CA VAL B 107 17.09 27.25 51.86
C VAL B 107 15.93 27.32 52.83
N ASN B 108 16.16 26.80 54.03
CA ASN B 108 15.22 26.92 55.14
C ASN B 108 15.83 27.89 56.16
N ASN B 109 15.26 29.09 56.23
CA ASN B 109 15.74 30.12 57.16
C ASN B 109 15.06 29.87 58.50
N ALA B 110 15.66 29.00 59.31
CA ALA B 110 15.21 28.72 60.66
C ALA B 110 13.79 28.15 60.69
N THR B 111 12.81 28.95 60.27
CA THR B 111 11.42 28.50 60.23
C THR B 111 10.68 28.87 58.95
N ASN B 112 11.29 29.61 58.03
CA ASN B 112 10.68 29.95 56.75
C ASN B 112 11.43 29.25 55.62
N VAL B 113 10.87 29.36 54.42
CA VAL B 113 11.53 28.85 53.22
C VAL B 113 11.90 30.03 52.34
N VAL B 114 13.01 29.87 51.61
CA VAL B 114 13.53 30.95 50.77
C VAL B 114 13.98 30.35 49.45
N ILE B 115 13.56 30.96 48.35
CA ILE B 115 13.92 30.55 46.99
C ILE B 115 14.49 31.78 46.30
N LYS B 116 15.74 31.67 45.84
CA LYS B 116 16.43 32.82 45.24
C LYS B 116 17.27 32.38 44.06
N VAL B 117 17.24 33.16 42.98
CA VAL B 117 18.04 32.88 41.79
C VAL B 117 18.83 34.13 41.41
N CYS B 118 20.16 34.02 41.45
CA CYS B 118 21.09 35.02 40.94
C CYS B 118 22.50 34.44 41.05
N GLU B 119 23.51 35.27 40.77
CA GLU B 119 24.90 34.83 40.75
C GLU B 119 25.52 34.99 42.14
N PHE B 120 25.12 34.10 43.04
CA PHE B 120 25.65 34.12 44.40
C PHE B 120 27.13 33.76 44.41
N GLN B 121 27.88 34.39 45.30
CA GLN B 121 29.24 33.98 45.63
C GLN B 121 29.15 32.93 46.74
N PHE B 122 28.99 31.68 46.33
CA PHE B 122 29.00 30.58 47.29
C PHE B 122 30.41 30.32 47.78
N CYS B 123 30.54 30.06 49.07
CA CYS B 123 31.81 29.71 49.67
C CYS B 123 32.07 28.22 49.51
N ASN B 124 33.30 27.81 49.86
CA ASN B 124 33.69 26.41 49.69
C ASN B 124 32.93 25.48 50.61
N ASP B 125 32.59 25.94 51.81
CA ASP B 125 31.85 25.13 52.79
C ASP B 125 30.64 25.90 53.29
N PRO B 126 29.58 25.98 52.47
CA PRO B 126 28.34 26.58 52.96
C PRO B 126 27.64 25.66 53.94
N PHE B 127 27.06 26.26 54.99
CA PHE B 127 26.38 25.48 56.01
C PHE B 127 25.51 26.40 56.85
N LEU B 128 24.58 25.80 57.58
CA LEU B 128 23.83 26.45 58.64
C LEU B 128 24.19 25.83 59.97
N GLY B 129 24.64 26.66 60.92
CA GLY B 129 25.01 26.19 62.24
C GLY B 129 23.96 26.58 63.27
N VAL B 130 23.67 25.67 64.18
CA VAL B 130 22.73 25.91 65.27
C VAL B 130 23.29 25.31 66.54
N TYR B 131 23.21 26.06 67.65
CA TYR B 131 23.75 25.59 68.92
C TYR B 131 22.97 26.21 70.07
N TYR B 132 22.92 25.50 71.18
CA TYR B 132 22.14 25.91 72.35
C TYR B 132 22.99 25.82 73.61
N HIS B 133 22.50 26.50 74.65
CA HIS B 133 23.03 26.37 76.01
C HIS B 133 21.86 26.43 76.98
N LYS B 134 21.91 25.56 77.99
CA LYS B 134 20.84 25.55 79.00
C LYS B 134 20.80 26.86 79.76
N ASN B 135 21.96 27.40 80.12
CA ASN B 135 22.03 28.71 80.75
C ASN B 135 21.56 29.79 79.79
N ASN B 136 20.94 30.83 80.35
CA ASN B 136 20.33 31.92 79.57
C ASN B 136 19.28 31.30 78.64
N LYS B 137 18.94 32.00 77.55
CA LYS B 137 17.97 31.54 76.55
C LYS B 137 18.66 31.59 75.20
N SER B 138 19.37 30.51 74.84
CA SER B 138 19.97 30.39 73.52
C SER B 138 19.08 29.58 72.58
N TRP B 139 18.81 28.32 72.93
CA TRP B 139 17.80 27.49 72.29
C TRP B 139 17.91 27.53 70.76
N MET B 140 19.03 26.98 70.28
CA MET B 140 19.29 26.79 68.85
C MET B 140 19.53 28.13 68.15
N GLU B 141 20.40 28.95 68.73
CA GLU B 141 20.88 30.14 68.04
C GLU B 141 21.65 29.72 66.79
N SER B 142 21.51 30.51 65.72
CA SER B 142 21.89 30.07 64.39
C SER B 142 22.86 31.06 63.74
N GLU B 143 23.72 30.50 62.89
CA GLU B 143 24.60 31.25 62.00
C GLU B 143 24.38 30.74 60.59
N PHE B 144 24.17 31.65 59.65
CA PHE B 144 23.89 31.30 58.26
C PHE B 144 25.07 31.77 57.42
N ARG B 145 25.78 30.82 56.83
CA ARG B 145 27.01 31.07 56.07
C ARG B 145 26.96 30.36 54.73
N VAL B 146 25.86 30.54 54.00
CA VAL B 146 25.66 29.81 52.75
C VAL B 146 26.39 30.49 51.59
N TYR B 147 26.32 31.82 51.50
CA TYR B 147 26.95 32.53 50.39
C TYR B 147 27.50 33.85 50.89
N SER B 148 28.14 34.59 49.98
CA SER B 148 28.78 35.86 50.30
C SER B 148 27.93 37.05 49.89
N SER B 149 27.60 37.15 48.60
CA SER B 149 26.84 38.29 48.09
C SER B 149 25.86 37.82 47.01
N ALA B 150 24.81 38.61 46.84
CA ALA B 150 23.77 38.33 45.85
C ALA B 150 23.37 39.64 45.17
N ASN B 151 23.40 39.64 43.84
CA ASN B 151 23.11 40.84 43.06
C ASN B 151 22.11 40.51 41.95
N ASN B 152 21.21 41.47 41.67
CA ASN B 152 20.27 41.38 40.55
C ASN B 152 19.49 40.07 40.56
N CYS B 153 18.97 39.69 41.73
CA CYS B 153 18.23 38.45 41.85
C CYS B 153 16.77 38.68 41.46
N THR B 154 16.27 37.83 40.56
CA THR B 154 14.96 38.03 39.95
C THR B 154 13.83 37.44 40.79
N PHE B 155 13.85 36.13 41.02
CA PHE B 155 12.76 35.46 41.71
C PHE B 155 13.01 35.45 43.21
N GLU B 156 11.94 35.72 43.97
CA GLU B 156 12.00 35.75 45.42
C GLU B 156 10.76 35.06 45.98
N TYR B 157 10.93 34.38 47.11
CA TYR B 157 9.82 33.75 47.78
C TYR B 157 10.11 33.66 49.28
N VAL B 158 9.11 34.03 50.08
CA VAL B 158 9.16 33.89 51.53
C VAL B 158 7.84 33.24 51.97
N SER B 159 7.86 32.64 53.15
CA SER B 159 6.69 31.94 53.68
C SER B 159 6.56 32.25 55.16
N GLN B 160 5.66 31.53 55.82
CA GLN B 160 5.39 31.74 57.24
C GLN B 160 6.41 30.98 58.09
N PRO B 161 6.72 31.50 59.28
CA PRO B 161 7.68 30.81 60.14
C PRO B 161 7.04 29.74 61.00
N PHE B 162 7.33 28.46 60.72
CA PHE B 162 6.82 27.38 61.56
C PHE B 162 7.63 26.11 61.32
N LEU B 163 8.36 25.67 62.36
CA LEU B 163 8.88 24.31 62.45
C LEU B 163 9.45 24.07 63.85
N MET B 164 9.00 23.00 64.49
CA MET B 164 9.45 22.65 65.83
C MET B 164 10.66 21.71 65.75
N ASP B 165 11.30 21.52 66.91
CA ASP B 165 12.42 20.59 67.02
C ASP B 165 12.48 20.10 68.46
N LEU B 166 13.46 19.22 68.73
CA LEU B 166 13.60 18.64 70.06
C LEU B 166 14.10 19.65 71.09
N GLU B 167 14.74 20.72 70.65
CA GLU B 167 15.26 21.73 71.57
C GLU B 167 14.14 22.46 72.31
N GLY B 171 12.39 6.13 70.21
CA GLY B 171 12.66 7.31 69.41
C GLY B 171 13.29 6.99 68.06
N ASN B 172 12.66 6.08 67.32
CA ASN B 172 13.12 5.67 66.01
C ASN B 172 12.17 6.11 64.89
N PHE B 173 11.46 7.22 65.11
CA PHE B 173 10.50 7.71 64.14
C PHE B 173 11.18 8.51 63.03
N LYS B 174 12.20 7.91 62.41
CA LYS B 174 12.94 8.58 61.35
C LYS B 174 12.04 8.79 60.14
N ASN B 175 11.61 10.03 59.92
CA ASN B 175 10.79 10.34 58.76
C ASN B 175 11.64 10.41 57.51
N LEU B 176 11.06 10.00 56.39
CA LEU B 176 11.74 9.95 55.10
C LEU B 176 11.04 10.87 54.11
N ARG B 177 11.84 11.62 53.37
CA ARG B 177 11.34 12.60 52.41
C ARG B 177 11.97 12.32 51.05
N GLU B 178 11.15 12.28 50.00
CA GLU B 178 11.62 11.99 48.65
C GLU B 178 11.41 13.19 47.74
N PHE B 179 12.39 13.43 46.86
CA PHE B 179 12.33 14.52 45.91
C PHE B 179 12.93 14.07 44.58
N VAL B 180 12.39 14.61 43.49
CA VAL B 180 12.72 14.16 42.14
C VAL B 180 13.23 15.34 41.30
N PHE B 181 14.06 16.20 41.90
CA PHE B 181 14.42 17.48 41.28
C PHE B 181 14.77 17.31 39.80
N LYS B 182 14.01 17.96 38.93
CA LYS B 182 14.34 17.91 37.50
C LYS B 182 14.17 19.28 36.87
N ASN B 183 15.24 19.77 36.24
CA ASN B 183 15.21 20.99 35.45
C ASN B 183 15.01 20.62 33.99
N ILE B 184 13.84 20.95 33.44
CA ILE B 184 13.52 20.67 32.05
C ILE B 184 12.75 21.85 31.47
N ASP B 185 13.10 22.22 30.24
CA ASP B 185 12.46 23.32 29.51
C ASP B 185 12.46 24.61 30.33
N GLY B 186 13.62 24.92 30.92
CA GLY B 186 13.74 26.11 31.74
C GLY B 186 12.87 26.12 32.96
N TYR B 187 12.42 24.96 33.41
CA TYR B 187 11.55 24.81 34.56
C TYR B 187 12.21 23.90 35.57
N PHE B 188 11.78 24.00 36.82
CA PHE B 188 12.46 23.33 37.93
C PHE B 188 11.53 22.41 38.71
N LYS B 189 10.88 21.48 38.01
CA LYS B 189 9.87 20.63 38.64
C LYS B 189 10.42 19.93 39.87
N ILE B 190 9.67 20.01 40.96
CA ILE B 190 10.06 19.41 42.24
C ILE B 190 8.93 18.48 42.66
N TYR B 191 9.05 17.21 42.30
CA TYR B 191 8.14 16.19 42.81
C TYR B 191 8.60 15.78 44.19
N SER B 192 7.70 15.83 45.16
CA SER B 192 8.07 15.56 46.55
C SER B 192 7.05 14.63 47.19
N LYS B 193 7.50 13.95 48.24
CA LYS B 193 6.63 13.08 49.01
C LYS B 193 7.15 12.99 50.45
N HIS B 194 6.25 13.22 51.40
CA HIS B 194 6.53 13.12 52.82
C HIS B 194 5.70 11.99 53.39
N THR B 195 6.37 11.02 54.01
CA THR B 195 5.73 9.84 54.57
C THR B 195 6.42 9.48 55.88
N PRO B 196 5.69 8.97 56.87
CA PRO B 196 6.29 8.50 58.09
C PRO B 196 6.57 7.01 58.28
N ILE B 197 7.80 6.73 58.69
CA ILE B 197 8.24 5.37 58.94
C ILE B 197 8.94 5.34 60.28
N ASN B 198 8.94 4.17 60.91
CA ASN B 198 9.57 3.98 62.20
C ASN B 198 10.33 2.65 62.18
N LEU B 199 11.20 2.47 63.18
CA LEU B 199 11.95 1.23 63.37
C LEU B 199 12.82 0.93 62.14
N VAL B 200 13.72 1.85 61.85
CA VAL B 200 14.57 1.76 60.67
C VAL B 200 15.98 2.24 61.01
N ARG B 201 16.96 1.71 60.28
CA ARG B 201 18.34 2.16 60.34
C ARG B 201 18.84 2.71 59.02
N ASP B 202 18.55 2.04 57.91
CA ASP B 202 18.75 2.55 56.56
C ASP B 202 17.38 2.67 55.90
N LEU B 203 17.37 3.09 54.63
CA LEU B 203 16.10 3.25 53.93
C LEU B 203 15.46 1.88 53.74
N PRO B 204 14.18 1.72 54.07
CA PRO B 204 13.53 0.42 53.93
C PRO B 204 12.94 0.23 52.54
N GLN B 205 12.57 -1.01 52.26
CA GLN B 205 11.93 -1.34 51.00
C GLN B 205 10.44 -1.03 51.09
N GLY B 206 9.94 -0.27 50.14
CA GLY B 206 8.54 0.11 50.15
C GLY B 206 8.15 0.72 48.83
N PHE B 207 6.86 1.07 48.72
CA PHE B 207 6.32 1.63 47.50
C PHE B 207 5.46 2.84 47.83
N SER B 208 5.64 3.91 47.07
CA SER B 208 4.89 5.15 47.29
C SER B 208 4.99 6.01 46.05
N ALA B 209 3.84 6.43 45.52
CA ALA B 209 3.82 7.38 44.43
C ALA B 209 4.24 8.76 44.90
N LEU B 210 4.92 9.50 44.03
CA LEU B 210 5.45 10.81 44.36
C LEU B 210 4.70 11.88 43.57
N GLU B 211 4.23 12.91 44.26
CA GLU B 211 3.39 13.93 43.65
C GLU B 211 4.16 15.20 43.38
N PRO B 212 3.77 15.96 42.34
CA PRO B 212 4.49 17.20 42.02
C PRO B 212 4.10 18.33 42.97
N LEU B 213 5.10 18.86 43.67
CA LEU B 213 4.82 19.91 44.64
C LEU B 213 4.75 21.28 43.97
N VAL B 214 5.73 21.62 43.12
CA VAL B 214 5.78 22.94 42.54
C VAL B 214 6.71 22.94 41.33
N ASP B 215 6.39 23.78 40.36
CA ASP B 215 7.26 24.12 39.25
C ASP B 215 7.77 25.53 39.44
N LEU B 216 9.07 25.74 39.17
CA LEU B 216 9.70 27.04 39.30
C LEU B 216 10.21 27.50 37.94
N PRO B 217 9.78 28.66 37.44
CA PRO B 217 10.38 29.20 36.21
C PRO B 217 11.72 29.88 36.48
N ILE B 218 12.83 29.21 36.16
CA ILE B 218 14.13 29.79 36.42
C ILE B 218 14.92 29.99 35.13
N GLY B 219 14.71 29.09 34.17
CA GLY B 219 15.39 29.14 32.89
C GLY B 219 16.87 29.42 32.93
N ILE B 220 17.64 28.57 33.62
CA ILE B 220 19.08 28.77 33.75
C ILE B 220 19.80 27.46 33.47
N ASN B 221 21.10 27.58 33.18
CA ASN B 221 21.97 26.43 33.00
C ASN B 221 22.33 25.83 34.35
N ILE B 222 22.18 24.51 34.46
CA ILE B 222 22.50 23.79 35.69
C ILE B 222 23.34 22.57 35.33
N THR B 223 24.52 22.46 35.92
CA THR B 223 25.39 21.30 35.72
C THR B 223 25.96 20.74 37.02
N ARG B 224 25.58 21.28 38.18
CA ARG B 224 26.12 20.82 39.45
C ARG B 224 25.18 21.24 40.55
N PHE B 225 25.32 20.59 41.71
CA PHE B 225 24.42 20.85 42.84
C PHE B 225 25.13 20.43 44.13
N GLN B 226 24.62 20.97 45.24
CA GLN B 226 25.15 20.69 46.57
C GLN B 226 23.99 20.58 47.54
N THR B 227 24.31 20.54 48.83
CA THR B 227 23.29 20.45 49.87
C THR B 227 23.74 21.24 51.09
N LEU B 228 22.77 21.67 51.88
CA LEU B 228 23.02 22.41 53.12
C LEU B 228 22.52 21.57 54.29
N LEU B 229 23.38 21.36 55.27
CA LEU B 229 23.07 20.54 56.43
C LEU B 229 23.13 21.39 57.69
N ALA B 230 22.16 21.21 58.58
CA ALA B 230 22.10 21.99 59.80
C ALA B 230 23.20 21.55 60.75
N LEU B 231 24.18 22.42 60.98
CA LEU B 231 25.29 22.10 61.87
C LEU B 231 24.86 22.32 63.31
N HIS B 232 24.86 21.24 64.09
CA HIS B 232 24.54 21.29 65.51
C HIS B 232 25.75 21.72 66.35
N ARG B 233 26.75 22.34 65.71
CA ARG B 233 28.02 22.68 66.34
C ARG B 233 28.41 24.08 65.88
N SER B 234 29.66 24.46 66.16
CA SER B 234 30.22 25.72 65.71
C SER B 234 31.72 25.56 65.53
N TYR B 235 32.25 26.13 64.45
CA TYR B 235 33.67 25.94 64.14
C TYR B 235 34.58 26.60 65.16
N LEU B 236 34.11 27.66 65.82
CA LEU B 236 34.94 28.36 66.78
C LEU B 236 35.27 27.48 67.98
N THR B 237 34.28 26.76 68.51
CA THR B 237 34.47 25.83 69.62
C THR B 237 33.81 24.50 69.24
N PRO B 238 34.44 23.70 68.39
CA PRO B 238 33.82 22.45 67.94
C PRO B 238 34.02 21.34 68.97
N GLY B 239 32.91 20.84 69.51
CA GLY B 239 32.97 19.69 70.39
C GLY B 239 33.12 18.40 69.61
N ASP B 240 33.57 17.36 70.31
CA ASP B 240 33.86 16.08 69.63
C ASP B 240 32.60 15.24 69.45
N SER B 241 32.00 14.79 70.55
CA SER B 241 30.92 13.81 70.52
C SER B 241 29.66 14.42 71.10
N SER B 242 28.52 14.00 70.55
CA SER B 242 27.17 14.46 70.87
C SER B 242 26.95 15.92 70.53
N SER B 243 27.97 16.60 69.99
CA SER B 243 27.75 17.95 69.48
C SER B 243 26.77 17.94 68.31
N GLY B 244 26.90 16.95 67.42
CA GLY B 244 25.93 16.72 66.39
C GLY B 244 24.77 15.88 66.89
N TRP B 245 23.96 15.42 65.94
CA TRP B 245 22.78 14.62 66.24
C TRP B 245 23.06 13.16 65.95
N THR B 246 23.00 12.34 66.99
CA THR B 246 23.23 10.88 66.96
C THR B 246 24.33 10.48 65.97
N ALA B 247 25.44 11.20 66.05
CA ALA B 247 26.64 10.91 65.25
C ALA B 247 26.32 10.82 63.76
N GLY B 248 25.39 11.67 63.31
CA GLY B 248 25.00 11.66 61.91
C GLY B 248 24.32 10.39 61.47
N ALA B 249 23.53 9.77 62.35
CA ALA B 249 22.76 8.60 61.94
C ALA B 249 21.74 8.96 60.89
N ALA B 250 21.06 10.09 61.07
CA ALA B 250 20.19 10.62 60.01
C ALA B 250 21.04 10.96 58.79
N ALA B 251 20.59 10.54 57.62
CA ALA B 251 21.42 10.62 56.43
C ALA B 251 20.54 10.90 55.22
N TYR B 252 21.19 11.03 54.06
CA TYR B 252 20.46 11.19 52.81
C TYR B 252 21.08 10.30 51.75
N TYR B 253 20.36 10.18 50.63
CA TYR B 253 20.70 9.28 49.55
C TYR B 253 20.47 10.00 48.24
N VAL B 254 21.42 9.87 47.31
CA VAL B 254 21.36 10.55 46.02
C VAL B 254 21.39 9.50 44.93
N GLY B 255 20.40 9.56 44.03
CA GLY B 255 20.39 8.71 42.86
C GLY B 255 20.20 9.54 41.61
N TYR B 256 20.68 8.98 40.50
CA TYR B 256 20.68 9.68 39.22
C TYR B 256 19.71 8.99 38.28
N LEU B 257 18.80 9.76 37.71
CA LEU B 257 17.76 9.22 36.85
C LEU B 257 18.28 8.96 35.44
N GLN B 258 17.62 8.04 34.75
CA GLN B 258 17.93 7.66 33.39
C GLN B 258 16.65 7.57 32.58
N PRO B 259 16.69 7.88 31.28
CA PRO B 259 15.48 7.86 30.45
C PRO B 259 15.11 6.44 30.05
N ARG B 260 14.03 5.92 30.62
CA ARG B 260 13.59 4.56 30.33
C ARG B 260 12.11 4.53 29.97
N THR B 261 11.56 3.31 29.90
CA THR B 261 10.13 3.09 29.77
C THR B 261 9.63 2.36 30.99
N PHE B 262 8.45 2.74 31.46
CA PHE B 262 7.86 2.16 32.66
C PHE B 262 6.42 1.75 32.37
N LEU B 263 5.96 0.71 33.06
CA LEU B 263 4.57 0.28 33.02
C LEU B 263 3.98 0.55 34.39
N LEU B 264 3.09 1.54 34.46
CA LEU B 264 2.46 1.95 35.70
C LEU B 264 1.04 1.42 35.78
N LYS B 265 0.63 0.98 36.96
CA LYS B 265 -0.68 0.39 37.19
C LYS B 265 -1.52 1.36 38.02
N TYR B 266 -2.42 2.07 37.36
CA TYR B 266 -3.39 2.91 38.05
C TYR B 266 -4.55 2.05 38.53
N ASN B 267 -4.83 2.08 39.83
CA ASN B 267 -5.98 1.38 40.36
C ASN B 267 -7.25 2.18 40.09
N GLU B 268 -8.37 1.76 40.70
CA GLU B 268 -9.63 2.44 40.43
C GLU B 268 -9.67 3.82 41.06
N ASN B 269 -8.87 4.07 42.09
CA ASN B 269 -8.79 5.35 42.77
C ASN B 269 -7.85 6.33 42.08
N GLY B 270 -7.11 5.89 41.08
CA GLY B 270 -6.17 6.76 40.40
C GLY B 270 -4.83 6.90 41.10
N THR B 271 -4.59 6.15 42.16
CA THR B 271 -3.32 6.19 42.88
C THR B 271 -2.40 5.12 42.30
N ILE B 272 -1.21 5.54 41.86
CA ILE B 272 -0.25 4.59 41.30
C ILE B 272 0.12 3.58 42.37
N THR B 273 -0.10 2.29 42.06
CA THR B 273 0.12 1.22 43.01
C THR B 273 1.31 0.35 42.68
N ASP B 274 1.41 -0.14 41.45
CA ASP B 274 2.52 -1.01 41.05
C ASP B 274 3.19 -0.45 39.80
N ALA B 275 4.46 -0.82 39.64
CA ALA B 275 5.24 -0.38 38.48
C ALA B 275 6.19 -1.50 38.07
N VAL B 276 6.41 -1.59 36.76
CA VAL B 276 7.29 -2.60 36.18
C VAL B 276 8.24 -1.90 35.21
N ASP B 277 9.54 -2.15 35.37
CA ASP B 277 10.55 -1.57 34.50
C ASP B 277 10.84 -2.54 33.36
N CYS B 278 10.54 -2.11 32.13
CA CYS B 278 10.63 -3.00 30.98
C CYS B 278 12.06 -3.44 30.72
N ALA B 279 13.03 -2.53 30.87
CA ALA B 279 14.41 -2.79 30.48
C ALA B 279 15.23 -3.49 31.56
N LEU B 280 14.59 -4.19 32.49
CA LEU B 280 15.32 -4.85 33.57
C LEU B 280 15.53 -6.34 33.35
N ASP B 281 14.51 -7.05 32.89
CA ASP B 281 14.57 -8.51 32.79
C ASP B 281 13.81 -8.95 31.54
N PRO B 282 14.12 -10.13 31.00
CA PRO B 282 13.28 -10.67 29.92
C PRO B 282 11.83 -10.84 30.35
N LEU B 283 11.58 -11.25 31.59
CA LEU B 283 10.22 -11.38 32.08
C LEU B 283 9.52 -10.02 32.11
N SER B 284 10.26 -8.98 32.48
CA SER B 284 9.70 -7.63 32.46
C SER B 284 9.35 -7.20 31.04
N GLU B 285 10.20 -7.55 30.07
CA GLU B 285 9.88 -7.26 28.68
C GLU B 285 8.62 -8.01 28.24
N THR B 286 8.48 -9.27 28.67
CA THR B 286 7.27 -10.03 28.34
C THR B 286 6.04 -9.38 28.95
N LYS B 287 6.13 -8.93 30.21
CA LYS B 287 5.00 -8.26 30.84
C LYS B 287 4.64 -6.98 30.11
N CYS B 288 5.65 -6.20 29.71
CA CYS B 288 5.39 -4.96 28.99
C CYS B 288 4.75 -5.21 27.64
N THR B 289 5.22 -6.23 26.90
CA THR B 289 4.67 -6.48 25.58
C THR B 289 3.28 -7.10 25.66
N LEU B 290 2.98 -7.79 26.78
CA LEU B 290 1.62 -8.29 26.98
C LEU B 290 0.71 -7.28 27.66
N LYS B 291 1.24 -6.14 28.11
CA LYS B 291 0.46 -5.11 28.80
C LYS B 291 -0.29 -5.69 29.99
N SER B 292 0.39 -6.57 30.74
CA SER B 292 -0.21 -7.21 31.89
C SER B 292 0.87 -7.52 32.91
N PHE B 293 0.43 -7.80 34.15
CA PHE B 293 1.36 -8.10 35.23
C PHE B 293 1.54 -9.59 35.47
N THR B 294 0.63 -10.42 34.98
CA THR B 294 0.73 -11.87 35.12
C THR B 294 0.77 -12.51 33.74
N VAL B 295 1.66 -13.47 33.57
CA VAL B 295 1.88 -14.13 32.28
C VAL B 295 1.79 -15.63 32.48
N GLU B 296 0.97 -16.29 31.68
CA GLU B 296 0.77 -17.72 31.80
C GLU B 296 1.89 -18.49 31.08
N LYS B 297 1.96 -19.78 31.37
CA LYS B 297 3.02 -20.62 30.82
C LYS B 297 2.94 -20.65 29.29
N GLY B 298 4.08 -20.44 28.65
CA GLY B 298 4.14 -20.41 27.21
C GLY B 298 5.42 -19.74 26.75
N ILE B 299 5.52 -19.57 25.43
CA ILE B 299 6.65 -18.93 24.79
C ILE B 299 6.14 -17.72 24.03
N TYR B 300 6.73 -16.55 24.30
CA TYR B 300 6.31 -15.29 23.72
C TYR B 300 7.48 -14.64 23.01
N GLN B 301 7.18 -13.96 21.90
CA GLN B 301 8.17 -13.21 21.13
C GLN B 301 8.08 -11.74 21.51
N THR B 302 9.16 -11.21 22.07
CA THR B 302 9.16 -9.84 22.56
C THR B 302 9.70 -8.85 21.52
N SER B 303 10.93 -9.07 21.06
CA SER B 303 11.60 -8.12 20.18
C SER B 303 12.39 -8.86 19.12
N ASN B 304 13.06 -8.09 18.28
CA ASN B 304 13.93 -8.60 17.23
C ASN B 304 15.35 -8.08 17.45
N PHE B 305 16.33 -8.97 17.27
CA PHE B 305 17.73 -8.68 17.50
C PHE B 305 18.48 -8.70 16.18
N ARG B 306 19.36 -7.72 15.99
CA ARG B 306 20.18 -7.63 14.79
C ARG B 306 21.59 -7.21 15.17
N VAL B 307 22.56 -7.61 14.36
CA VAL B 307 23.95 -7.25 14.55
C VAL B 307 24.23 -5.96 13.81
N GLN B 308 24.96 -5.06 14.45
CA GLN B 308 25.26 -3.78 13.83
C GLN B 308 26.66 -3.80 13.25
N PRO B 309 26.88 -3.13 12.11
CA PRO B 309 28.23 -3.04 11.56
C PRO B 309 29.17 -2.32 12.53
N THR B 310 30.40 -2.82 12.61
CA THR B 310 31.38 -2.24 13.53
C THR B 310 32.05 -1.02 12.93
N GLU B 311 32.70 -1.19 11.79
CA GLU B 311 33.38 -0.08 11.11
C GLU B 311 33.03 -0.09 9.64
N SER B 312 32.88 1.12 9.09
CA SER B 312 32.58 1.29 7.67
C SER B 312 33.88 1.29 6.89
N ILE B 313 33.90 0.57 5.78
CA ILE B 313 35.11 0.41 4.99
C ILE B 313 34.79 0.77 3.54
N VAL B 314 35.58 1.68 2.98
CA VAL B 314 35.49 2.08 1.57
C VAL B 314 36.83 1.76 0.94
N ARG B 315 36.80 1.05 -0.20
CA ARG B 315 38.03 0.78 -0.94
C ARG B 315 37.74 0.83 -2.43
N PHE B 316 38.51 1.64 -3.15
CA PHE B 316 38.63 1.57 -4.59
C PHE B 316 40.02 1.10 -4.97
N PRO B 317 40.21 0.52 -6.17
CA PRO B 317 41.50 -0.07 -6.52
C PRO B 317 42.56 0.99 -6.76
N ASN B 318 43.51 1.09 -5.83
CA ASN B 318 44.71 1.91 -6.03
C ASN B 318 45.60 1.32 -7.12
N ILE B 319 45.35 0.08 -7.51
CA ILE B 319 46.30 -0.75 -8.26
C ILE B 319 46.80 -0.03 -9.50
N THR B 320 48.08 0.34 -9.49
CA THR B 320 48.74 1.05 -10.60
C THR B 320 50.25 1.22 -10.38
N ASN B 321 50.86 2.11 -11.16
CA ASN B 321 52.27 2.48 -11.02
C ASN B 321 52.30 3.84 -10.32
N LEU B 322 53.48 4.46 -10.21
CA LEU B 322 53.55 5.58 -9.28
C LEU B 322 52.86 6.81 -9.81
N CYS B 323 53.53 7.61 -10.68
CA CYS B 323 52.95 8.31 -11.81
C CYS B 323 54.02 9.23 -12.39
N PRO B 324 54.13 9.42 -13.71
CA PRO B 324 55.15 10.33 -14.24
C PRO B 324 54.91 11.80 -13.92
N PHE B 325 55.20 12.21 -12.68
CA PHE B 325 55.17 13.61 -12.28
C PHE B 325 56.54 14.18 -11.93
N GLY B 326 57.39 13.42 -11.26
CA GLY B 326 58.69 13.94 -10.88
C GLY B 326 59.53 14.36 -12.08
N GLU B 327 59.41 13.64 -13.19
CA GLU B 327 60.12 13.99 -14.41
C GLU B 327 59.60 15.26 -15.06
N VAL B 328 58.47 15.80 -14.59
CA VAL B 328 57.91 17.03 -15.12
C VAL B 328 58.29 18.20 -14.21
N PHE B 329 57.85 18.14 -12.94
CA PHE B 329 58.10 19.24 -12.02
C PHE B 329 59.56 19.30 -11.60
N ASN B 330 60.16 18.16 -11.27
CA ASN B 330 61.52 18.11 -10.77
C ASN B 330 62.56 17.95 -11.88
N ALA B 331 62.17 18.14 -13.14
CA ALA B 331 63.10 18.01 -14.24
C ALA B 331 64.19 19.08 -14.17
N THR B 332 65.40 18.70 -14.57
CA THR B 332 66.53 19.62 -14.54
C THR B 332 66.33 20.77 -15.53
N ARG B 333 66.00 20.44 -16.77
CA ARG B 333 65.79 21.44 -17.81
C ARG B 333 64.35 21.42 -18.28
N PHE B 334 63.88 22.58 -18.71
CA PHE B 334 62.53 22.74 -19.24
C PHE B 334 62.61 23.21 -20.69
N ALA B 335 61.59 22.82 -21.47
CA ALA B 335 61.58 23.16 -22.88
C ALA B 335 61.34 24.66 -23.08
N SER B 336 61.61 25.11 -24.31
CA SER B 336 61.33 26.49 -24.66
C SER B 336 59.82 26.72 -24.76
N VAL B 337 59.45 27.96 -25.06
CA VAL B 337 58.04 28.34 -25.07
C VAL B 337 57.44 28.10 -26.45
N TYR B 338 58.26 27.62 -27.40
CA TYR B 338 57.76 27.29 -28.73
C TYR B 338 57.99 25.84 -29.15
N ALA B 339 59.02 25.18 -28.64
CA ALA B 339 59.18 23.73 -28.79
C ALA B 339 58.62 23.11 -27.52
N TRP B 340 57.30 22.90 -27.51
CA TRP B 340 56.57 22.66 -26.28
C TRP B 340 56.66 21.19 -25.87
N ASN B 341 56.98 20.95 -24.59
CA ASN B 341 57.14 19.62 -24.02
C ASN B 341 55.90 19.26 -23.20
N ARG B 342 55.06 18.41 -23.78
CA ARG B 342 53.94 17.77 -23.10
C ARG B 342 54.28 16.31 -22.87
N LYS B 343 54.17 15.85 -21.63
CA LYS B 343 54.35 14.46 -21.28
C LYS B 343 52.98 13.84 -20.99
N ARG B 344 52.77 12.63 -21.50
CA ARG B 344 51.50 11.93 -21.36
C ARG B 344 51.47 11.13 -20.08
N ILE B 345 50.33 11.18 -19.40
CA ILE B 345 50.16 10.59 -18.08
C ILE B 345 48.90 9.75 -18.08
N SER B 346 49.06 8.46 -17.79
CA SER B 346 47.95 7.52 -17.72
C SER B 346 48.39 6.34 -16.87
N ASN B 347 47.41 5.54 -16.44
CA ASN B 347 47.67 4.34 -15.65
C ASN B 347 48.50 4.65 -14.41
N CYS B 348 48.12 5.70 -13.67
CA CYS B 348 48.83 6.03 -12.45
C CYS B 348 47.91 6.72 -11.45
N VAL B 349 48.32 6.71 -10.18
CA VAL B 349 47.71 7.55 -9.15
C VAL B 349 48.43 8.88 -9.12
N ALA B 350 47.67 9.96 -9.25
CA ALA B 350 48.21 11.31 -9.18
C ALA B 350 47.87 11.90 -7.81
N ASP B 351 48.91 12.25 -7.06
CA ASP B 351 48.75 12.83 -5.73
C ASP B 351 49.14 14.30 -5.84
N TYR B 352 48.16 15.13 -6.19
CA TYR B 352 48.40 16.55 -6.34
C TYR B 352 48.55 17.27 -5.01
N SER B 353 48.24 16.59 -3.89
CA SER B 353 48.36 17.23 -2.58
C SER B 353 49.81 17.62 -2.31
N VAL B 354 50.76 16.78 -2.71
CA VAL B 354 52.18 17.12 -2.53
C VAL B 354 52.50 18.42 -3.27
N LEU B 355 51.97 18.59 -4.47
CA LEU B 355 52.16 19.83 -5.21
C LEU B 355 51.42 20.98 -4.53
N TYR B 356 50.17 20.76 -4.14
CA TYR B 356 49.34 21.81 -3.59
C TYR B 356 49.71 22.19 -2.16
N ASN B 357 50.37 21.29 -1.42
CA ASN B 357 50.84 21.58 -0.07
C ASN B 357 52.31 21.94 -0.02
N SER B 358 52.95 22.14 -1.17
CA SER B 358 54.35 22.53 -1.18
C SER B 358 54.54 23.94 -0.65
N ALA B 359 53.54 24.81 -0.85
CA ALA B 359 53.48 26.19 -0.38
C ALA B 359 54.49 27.11 -1.08
N SER B 360 55.32 26.58 -1.97
CA SER B 360 56.26 27.41 -2.71
C SER B 360 55.72 27.86 -4.06
N PHE B 361 54.59 27.31 -4.50
CA PHE B 361 54.03 27.67 -5.80
C PHE B 361 53.51 29.11 -5.79
N SER B 362 53.71 29.81 -6.89
CA SER B 362 53.31 31.21 -7.02
C SER B 362 51.95 31.38 -7.70
N THR B 363 51.67 30.61 -8.75
CA THR B 363 50.43 30.72 -9.49
C THR B 363 49.65 29.42 -9.39
N PHE B 364 48.39 29.51 -8.99
CA PHE B 364 47.48 28.37 -8.90
C PHE B 364 46.20 28.75 -9.64
N LYS B 365 46.05 28.29 -10.88
CA LYS B 365 44.88 28.64 -11.69
C LYS B 365 44.26 27.35 -12.24
N CYS B 366 43.19 26.89 -11.60
CA CYS B 366 42.50 25.67 -12.00
C CYS B 366 41.14 26.01 -12.57
N TYR B 367 40.85 25.50 -13.77
CA TYR B 367 39.57 25.69 -14.44
C TYR B 367 38.93 24.34 -14.67
N GLY B 368 37.65 24.22 -14.31
CA GLY B 368 36.92 22.99 -14.48
C GLY B 368 36.86 22.16 -13.21
N VAL B 369 37.96 22.09 -12.47
CA VAL B 369 38.06 21.33 -11.24
C VAL B 369 38.58 22.25 -10.14
N SER B 370 37.92 22.22 -8.99
CA SER B 370 38.37 23.01 -7.86
C SER B 370 39.75 22.54 -7.40
N PRO B 371 40.60 23.45 -6.91
CA PRO B 371 41.95 23.05 -6.51
C PRO B 371 41.98 21.98 -5.43
N THR B 372 41.01 21.96 -4.51
CA THR B 372 40.99 20.99 -3.44
C THR B 372 40.29 19.68 -3.81
N LYS B 373 39.69 19.62 -4.99
CA LYS B 373 38.96 18.43 -5.43
C LYS B 373 39.77 17.56 -6.39
N LEU B 374 41.06 17.87 -6.59
CA LEU B 374 41.87 17.07 -7.49
C LEU B 374 42.04 15.65 -6.97
N ASN B 375 42.25 15.50 -5.66
CA ASN B 375 42.42 14.19 -5.04
C ASN B 375 41.11 13.44 -4.86
N ASP B 376 40.01 13.92 -5.45
CA ASP B 376 38.72 13.24 -5.36
C ASP B 376 38.06 13.01 -6.71
N LEU B 377 38.75 13.28 -7.82
CA LEU B 377 38.20 13.10 -9.15
C LEU B 377 39.08 12.16 -9.97
N CYS B 378 38.45 11.34 -10.79
CA CYS B 378 39.16 10.44 -11.69
C CYS B 378 39.39 11.13 -13.03
N PHE B 379 40.60 11.00 -13.55
CA PHE B 379 41.00 11.65 -14.80
C PHE B 379 41.48 10.62 -15.79
N THR B 380 40.96 10.70 -17.03
CA THR B 380 41.31 9.70 -18.04
C THR B 380 42.75 9.87 -18.52
N ASN B 381 43.22 11.10 -18.66
CA ASN B 381 44.57 11.36 -19.13
C ASN B 381 45.03 12.70 -18.61
N VAL B 382 46.32 12.82 -18.32
CA VAL B 382 46.90 14.06 -17.84
C VAL B 382 48.06 14.44 -18.77
N TYR B 383 47.97 15.60 -19.40
CA TYR B 383 49.05 16.13 -20.22
C TYR B 383 49.79 17.18 -19.41
N ALA B 384 51.07 16.92 -19.13
CA ALA B 384 51.89 17.80 -18.31
C ALA B 384 52.86 18.54 -19.22
N ASP B 385 52.60 19.83 -19.46
CA ASP B 385 53.45 20.64 -20.31
C ASP B 385 54.30 21.56 -19.44
N SER B 386 55.61 21.56 -19.68
CA SER B 386 56.57 22.15 -18.75
C SER B 386 57.57 23.03 -19.47
N PHE B 387 57.60 24.32 -19.14
CA PHE B 387 58.45 25.30 -19.82
C PHE B 387 58.95 26.33 -18.83
N VAL B 388 59.66 27.33 -19.35
CA VAL B 388 60.10 28.49 -18.59
C VAL B 388 59.65 29.75 -19.30
N ILE B 389 58.91 30.60 -18.60
CA ILE B 389 58.29 31.80 -19.17
C ILE B 389 58.60 32.98 -18.25
N ARG B 390 58.62 34.17 -18.84
CA ARG B 390 58.80 35.38 -18.04
C ARG B 390 57.62 35.58 -17.10
N GLY B 391 57.92 36.17 -15.93
CA GLY B 391 56.87 36.33 -14.91
C GLY B 391 55.74 37.22 -15.37
N ASP B 392 56.06 38.35 -15.99
CA ASP B 392 55.02 39.24 -16.50
C ASP B 392 54.18 38.58 -17.58
N GLU B 393 54.71 37.57 -18.26
CA GLU B 393 53.95 36.80 -19.24
C GLU B 393 53.23 35.61 -18.62
N VAL B 394 53.49 35.31 -17.34
CA VAL B 394 52.79 34.22 -16.67
C VAL B 394 51.29 34.48 -16.64
N ARG B 395 50.89 35.76 -16.59
CA ARG B 395 49.49 36.13 -16.60
C ARG B 395 48.80 35.80 -17.93
N GLN B 396 49.55 35.45 -18.96
CA GLN B 396 49.00 35.22 -20.29
C GLN B 396 48.63 33.76 -20.53
N ILE B 397 48.73 32.90 -19.52
CA ILE B 397 48.35 31.51 -19.69
C ILE B 397 47.05 31.22 -18.94
N ALA B 398 45.93 31.37 -19.65
CA ALA B 398 44.59 31.10 -19.13
C ALA B 398 43.59 31.22 -20.28
N PRO B 399 42.45 30.55 -20.20
CA PRO B 399 41.44 30.70 -21.27
C PRO B 399 40.92 32.12 -21.36
N GLY B 400 40.59 32.52 -22.58
CA GLY B 400 40.03 33.85 -22.80
C GLY B 400 40.97 35.00 -22.50
N GLN B 401 42.24 34.89 -22.87
CA GLN B 401 43.21 35.95 -22.67
C GLN B 401 43.92 36.25 -23.98
N THR B 402 44.42 37.48 -24.09
CA THR B 402 45.16 37.94 -25.25
C THR B 402 46.61 38.20 -24.86
N GLY B 403 47.40 38.64 -25.84
CA GLY B 403 48.82 38.85 -25.66
C GLY B 403 49.63 38.02 -26.64
N LYS B 404 50.95 38.28 -26.62
CA LYS B 404 51.84 37.59 -27.54
C LYS B 404 51.84 36.09 -27.29
N ILE B 405 52.07 35.68 -26.04
CA ILE B 405 52.08 34.25 -25.72
C ILE B 405 50.67 33.67 -25.80
N ALA B 406 49.68 34.42 -25.34
CA ALA B 406 48.32 33.90 -25.29
C ALA B 406 47.70 33.73 -26.67
N ASP B 407 48.18 34.45 -27.68
CA ASP B 407 47.60 34.38 -29.01
C ASP B 407 48.55 33.79 -30.04
N TYR B 408 49.74 34.35 -30.22
CA TYR B 408 50.65 33.86 -31.25
C TYR B 408 51.29 32.55 -30.84
N ASN B 409 51.71 32.43 -29.59
CA ASN B 409 52.55 31.30 -29.19
C ASN B 409 51.71 30.04 -29.00
N TYR B 410 50.81 30.06 -28.02
CA TYR B 410 49.92 28.93 -27.75
C TYR B 410 48.64 29.46 -27.14
N LYS B 411 47.51 28.87 -27.53
CA LYS B 411 46.20 29.25 -27.01
C LYS B 411 45.62 28.09 -26.21
N LEU B 412 45.25 28.37 -24.97
CA LEU B 412 44.43 27.40 -24.25
C LEU B 412 42.98 27.54 -24.70
N PRO B 413 42.23 26.44 -24.77
CA PRO B 413 40.82 26.52 -25.16
C PRO B 413 40.03 27.36 -24.16
N ASP B 414 39.02 28.06 -24.66
CA ASP B 414 38.20 28.91 -23.79
C ASP B 414 37.42 28.09 -22.77
N ASP B 415 37.26 26.79 -23.00
CA ASP B 415 36.65 25.87 -22.04
C ASP B 415 37.69 24.92 -21.46
N PHE B 416 38.88 25.46 -21.18
CA PHE B 416 39.99 24.64 -20.71
C PHE B 416 39.69 24.00 -19.36
N THR B 417 40.00 22.72 -19.25
CA THR B 417 39.87 21.97 -18.00
C THR B 417 41.28 21.54 -17.58
N GLY B 418 41.83 22.22 -16.59
CA GLY B 418 43.18 21.92 -16.15
C GLY B 418 43.70 22.99 -15.23
N CYS B 419 44.93 22.77 -14.77
CA CYS B 419 45.55 23.64 -13.78
C CYS B 419 46.89 24.16 -14.28
N VAL B 420 47.10 25.47 -14.19
CA VAL B 420 48.38 26.12 -14.42
C VAL B 420 49.00 26.39 -13.06
N ILE B 421 50.22 25.88 -12.84
CA ILE B 421 50.85 25.88 -11.53
C ILE B 421 52.18 26.61 -11.59
N ALA B 422 52.25 27.66 -12.42
CA ALA B 422 53.49 28.41 -12.64
C ALA B 422 54.23 28.71 -11.35
N TRP B 423 55.47 28.24 -11.27
CA TRP B 423 56.39 28.36 -10.16
C TRP B 423 57.49 29.36 -10.51
N ASN B 424 58.30 29.72 -9.52
CA ASN B 424 59.41 30.64 -9.72
C ASN B 424 60.71 29.86 -9.86
N SER B 425 61.48 30.19 -10.89
CA SER B 425 62.79 29.56 -11.13
C SER B 425 63.81 30.68 -11.37
N ASN B 426 64.38 31.20 -10.29
CA ASN B 426 65.41 32.22 -10.38
C ASN B 426 66.81 31.70 -10.11
N ASN B 427 66.93 30.59 -9.38
CA ASN B 427 68.21 29.96 -9.11
C ASN B 427 68.35 28.62 -9.81
N LEU B 428 67.49 28.34 -10.80
CA LEU B 428 67.53 27.10 -11.55
C LEU B 428 67.72 27.29 -13.05
N ASP B 429 67.41 28.46 -13.59
CA ASP B 429 67.49 28.70 -15.03
C ASP B 429 68.18 30.00 -15.40
N SER B 430 68.68 30.77 -14.43
CA SER B 430 69.31 32.05 -14.70
C SER B 430 70.80 31.96 -14.40
N LYS B 431 71.60 32.62 -15.24
CA LYS B 431 73.05 32.62 -15.11
C LYS B 431 73.56 34.06 -15.11
N VAL B 432 74.82 34.21 -14.66
CA VAL B 432 75.43 35.54 -14.62
C VAL B 432 75.60 36.09 -16.03
N GLY B 433 76.02 35.25 -16.97
CA GLY B 433 76.23 35.69 -18.34
C GLY B 433 74.98 35.80 -19.19
N GLY B 434 73.82 35.45 -18.64
CA GLY B 434 72.58 35.54 -19.38
C GLY B 434 72.21 34.23 -20.05
N ASN B 435 71.12 33.61 -19.59
CA ASN B 435 70.67 32.34 -20.14
C ASN B 435 69.74 32.63 -21.31
N TYR B 436 70.30 32.59 -22.52
CA TYR B 436 69.56 32.82 -23.75
C TYR B 436 68.99 31.53 -24.35
N ASN B 437 69.10 30.41 -23.63
CA ASN B 437 68.64 29.13 -24.15
C ASN B 437 67.15 29.11 -24.44
N TYR B 438 66.37 29.97 -23.79
CA TYR B 438 64.93 30.06 -24.05
C TYR B 438 64.66 31.18 -25.04
N LEU B 439 63.92 30.86 -26.10
CA LEU B 439 63.74 31.74 -27.24
C LEU B 439 62.28 32.16 -27.35
N TYR B 440 62.05 33.36 -27.89
CA TYR B 440 60.71 33.91 -28.04
C TYR B 440 60.53 34.48 -29.44
N ARG B 441 59.30 34.39 -29.94
CA ARG B 441 58.92 35.00 -31.20
C ARG B 441 58.05 36.22 -30.95
N LEU B 442 58.15 37.20 -31.85
CA LEU B 442 57.36 38.42 -31.75
C LEU B 442 56.49 38.68 -32.97
N PHE B 443 56.61 37.89 -34.03
CA PHE B 443 55.83 38.07 -35.23
C PHE B 443 55.36 36.71 -35.75
N ARG B 444 54.10 36.65 -36.18
CA ARG B 444 53.53 35.46 -36.77
C ARG B 444 52.54 35.86 -37.85
N LYS B 445 52.31 34.93 -38.79
CA LYS B 445 51.33 35.19 -39.84
C LYS B 445 49.92 35.33 -39.28
N SER B 446 49.56 34.46 -38.33
CA SER B 446 48.23 34.49 -37.73
C SER B 446 48.28 33.83 -36.37
N ASN B 447 47.24 34.06 -35.58
CA ASN B 447 47.14 33.45 -34.27
C ASN B 447 46.84 31.96 -34.39
N LEU B 448 47.26 31.20 -33.37
CA LEU B 448 47.19 29.76 -33.42
C LEU B 448 45.83 29.25 -32.96
N LYS B 449 45.71 27.93 -32.88
CA LYS B 449 44.52 27.22 -32.44
C LYS B 449 44.75 26.59 -31.07
N PRO B 450 43.68 26.20 -30.37
CA PRO B 450 43.87 25.55 -29.07
C PRO B 450 44.71 24.28 -29.18
N PHE B 451 45.73 24.20 -28.33
CA PHE B 451 46.65 23.06 -28.29
C PHE B 451 47.28 22.79 -29.66
N GLU B 452 47.66 23.87 -30.35
CA GLU B 452 48.34 23.78 -31.64
C GLU B 452 49.81 24.10 -31.45
N ARG B 453 50.69 23.23 -31.96
CA ARG B 453 52.13 23.34 -31.77
C ARG B 453 52.79 23.56 -33.12
N ASP B 454 53.12 24.81 -33.42
CA ASP B 454 53.85 25.19 -34.63
C ASP B 454 55.25 25.64 -34.25
N ILE B 455 56.25 25.09 -34.94
CA ILE B 455 57.64 25.39 -34.63
C ILE B 455 58.37 25.78 -35.91
N SER B 456 57.62 26.24 -36.90
CA SER B 456 58.22 26.66 -38.17
C SER B 456 59.19 27.80 -37.95
N THR B 457 60.40 27.67 -38.51
CA THR B 457 61.45 28.66 -38.35
C THR B 457 61.56 29.59 -39.55
N GLU B 458 60.59 29.56 -40.45
CA GLU B 458 60.65 30.40 -41.66
C GLU B 458 60.69 31.88 -41.29
N ILE B 459 61.60 32.61 -41.94
CA ILE B 459 61.72 34.04 -41.69
C ILE B 459 60.47 34.74 -42.18
N TYR B 460 59.75 35.38 -41.26
CA TYR B 460 58.50 36.02 -41.60
C TYR B 460 58.73 37.28 -42.42
N GLN B 461 57.79 37.56 -43.33
CA GLN B 461 57.89 38.68 -44.26
C GLN B 461 57.12 39.85 -43.66
N ALA B 462 57.84 40.73 -42.95
CA ALA B 462 57.20 41.90 -42.37
C ALA B 462 56.68 42.84 -43.45
N GLY B 463 57.45 43.03 -44.51
CA GLY B 463 57.09 43.90 -45.60
C GLY B 463 56.45 43.16 -46.76
N SER B 464 56.67 43.67 -47.96
CA SER B 464 56.11 43.09 -49.18
C SER B 464 57.08 42.18 -49.91
N THR B 465 58.36 42.52 -49.92
CA THR B 465 59.34 41.69 -50.63
C THR B 465 59.53 40.37 -49.90
N PRO B 466 59.55 39.25 -50.61
CA PRO B 466 59.76 37.95 -49.95
C PRO B 466 61.16 37.85 -49.37
N CYS B 467 61.28 37.08 -48.29
CA CYS B 467 62.56 36.88 -47.63
C CYS B 467 63.37 35.73 -48.20
N ASN B 468 62.70 34.77 -48.86
CA ASN B 468 63.35 33.59 -49.44
C ASN B 468 64.14 32.80 -48.39
N GLY B 469 63.67 32.82 -47.15
CA GLY B 469 64.40 32.17 -46.08
C GLY B 469 65.71 32.85 -45.73
N VAL B 470 65.86 34.13 -46.06
CA VAL B 470 67.08 34.87 -45.84
C VAL B 470 66.73 36.18 -45.15
N GLU B 471 67.45 36.50 -44.08
CA GLU B 471 67.21 37.75 -43.36
C GLU B 471 67.57 38.95 -44.23
N GLY B 472 66.90 40.06 -43.98
CA GLY B 472 67.12 41.27 -44.74
C GLY B 472 66.17 42.37 -44.32
N PHE B 473 65.96 43.32 -45.22
CA PHE B 473 65.03 44.42 -44.94
C PHE B 473 63.62 43.88 -44.80
N ASN B 474 62.95 44.28 -43.72
CA ASN B 474 61.61 43.79 -43.39
C ASN B 474 61.56 42.27 -43.30
N CYS B 475 62.66 41.66 -42.85
CA CYS B 475 62.77 40.21 -42.70
C CYS B 475 63.56 39.93 -41.44
N TYR B 476 62.87 39.58 -40.37
CA TYR B 476 63.49 39.32 -39.07
C TYR B 476 63.38 37.84 -38.74
N PHE B 477 64.38 37.34 -38.02
CA PHE B 477 64.33 35.97 -37.55
C PHE B 477 63.19 35.80 -36.55
N PRO B 478 62.46 34.68 -36.60
CA PRO B 478 61.32 34.51 -35.70
C PRO B 478 61.69 34.49 -34.23
N LEU B 479 62.59 33.58 -33.84
CA LEU B 479 62.87 33.33 -32.43
C LEU B 479 63.93 34.30 -31.93
N GLN B 480 63.60 35.04 -30.87
CA GLN B 480 64.52 35.97 -30.23
C GLN B 480 64.76 35.52 -28.80
N SER B 481 66.04 35.43 -28.43
CA SER B 481 66.39 34.92 -27.11
C SER B 481 66.08 35.95 -26.03
N TYR B 482 66.10 35.48 -24.78
CA TYR B 482 65.80 36.31 -23.62
C TYR B 482 67.00 36.36 -22.70
N GLY B 483 67.30 37.55 -22.18
CA GLY B 483 68.43 37.73 -21.28
C GLY B 483 68.10 37.44 -19.84
N PHE B 484 67.94 36.17 -19.49
CA PHE B 484 67.60 35.78 -18.13
C PHE B 484 68.84 35.89 -17.25
N GLN B 485 68.78 36.78 -16.26
CA GLN B 485 69.87 36.99 -15.32
C GLN B 485 69.30 37.18 -13.92
N PRO B 486 70.06 36.85 -12.88
CA PRO B 486 69.59 37.14 -11.51
C PRO B 486 69.38 38.62 -11.26
N THR B 487 70.12 39.49 -11.95
CA THR B 487 69.97 40.93 -11.77
C THR B 487 68.61 41.43 -12.24
N ASN B 488 67.91 40.65 -13.06
CA ASN B 488 66.59 41.05 -13.54
C ASN B 488 65.59 41.12 -12.38
N GLY B 489 64.59 41.97 -12.53
CA GLY B 489 63.57 42.13 -11.52
C GLY B 489 62.64 40.93 -11.48
N VAL B 490 61.65 41.03 -10.58
CA VAL B 490 60.69 39.94 -10.39
C VAL B 490 59.89 39.71 -11.67
N GLY B 491 59.55 40.78 -12.38
CA GLY B 491 58.75 40.64 -13.58
C GLY B 491 59.46 39.86 -14.67
N TYR B 492 60.76 40.10 -14.85
CA TYR B 492 61.53 39.45 -15.91
C TYR B 492 62.25 38.20 -15.46
N GLN B 493 62.06 37.78 -14.20
CA GLN B 493 62.68 36.56 -13.72
C GLN B 493 62.07 35.34 -14.42
N PRO B 494 62.85 34.29 -14.64
CA PRO B 494 62.30 33.07 -15.22
C PRO B 494 61.32 32.40 -14.26
N TYR B 495 60.30 31.76 -14.84
CA TYR B 495 59.27 31.05 -14.08
C TYR B 495 59.10 29.68 -14.71
N ARG B 496 59.09 28.64 -13.88
CA ARG B 496 58.88 27.27 -14.35
C ARG B 496 57.38 27.03 -14.42
N VAL B 497 56.82 27.12 -15.61
CA VAL B 497 55.37 27.01 -15.79
C VAL B 497 55.04 25.58 -16.19
N VAL B 498 54.20 24.93 -15.39
CA VAL B 498 53.71 23.58 -15.66
C VAL B 498 52.19 23.63 -15.71
N VAL B 499 51.62 23.15 -16.80
CA VAL B 499 50.18 23.06 -16.96
C VAL B 499 49.81 21.59 -17.05
N LEU B 500 48.91 21.15 -16.18
CA LEU B 500 48.35 19.81 -16.19
C LEU B 500 46.94 19.89 -16.76
N SER B 501 46.76 19.35 -17.95
CA SER B 501 45.44 19.28 -18.59
C SER B 501 44.86 17.90 -18.34
N PHE B 502 43.71 17.87 -17.66
CA PHE B 502 43.05 16.62 -17.29
C PHE B 502 41.87 16.39 -18.24
N GLU B 503 41.84 15.24 -18.89
CA GLU B 503 40.78 14.91 -19.83
C GLU B 503 39.69 14.16 -19.09
N LEU B 504 38.56 14.83 -18.83
CA LEU B 504 37.40 14.20 -18.22
C LEU B 504 36.42 13.85 -19.35
N LEU B 505 36.74 12.79 -20.07
CA LEU B 505 35.97 12.35 -21.22
C LEU B 505 35.27 11.04 -20.91
N HIS B 506 34.51 10.55 -21.89
CA HIS B 506 33.79 9.28 -21.76
C HIS B 506 34.77 8.13 -22.01
N ALA B 507 35.65 7.94 -21.03
CA ALA B 507 36.74 6.98 -21.12
C ALA B 507 36.90 6.26 -19.80
N PRO B 508 37.45 5.04 -19.83
CA PRO B 508 37.90 4.41 -18.58
C PRO B 508 39.04 5.21 -17.97
N ALA B 509 38.79 5.76 -16.79
CA ALA B 509 39.75 6.66 -16.16
C ALA B 509 41.06 5.93 -15.88
N THR B 510 42.17 6.59 -16.22
CA THR B 510 43.51 6.04 -16.04
C THR B 510 44.30 6.73 -14.95
N VAL B 511 44.16 8.05 -14.81
CA VAL B 511 44.88 8.81 -13.80
C VAL B 511 43.89 9.03 -12.65
N CYS B 512 43.90 8.11 -11.70
CA CYS B 512 43.02 8.18 -10.54
C CYS B 512 43.60 7.26 -9.47
N GLY B 513 43.04 7.33 -8.27
CA GLY B 513 43.60 6.60 -7.16
C GLY B 513 43.62 7.31 -5.81
N PRO B 514 43.70 8.66 -5.76
CA PRO B 514 43.65 9.33 -4.45
C PRO B 514 42.37 9.08 -3.67
N LYS B 515 41.44 8.34 -4.27
CA LYS B 515 40.31 7.76 -3.54
C LYS B 515 40.81 6.58 -2.70
N LYS B 516 41.56 6.92 -1.66
CA LYS B 516 42.34 5.92 -0.95
C LYS B 516 41.44 4.93 -0.22
N SER B 517 41.96 3.72 0.00
CA SER B 517 41.17 2.58 0.40
C SER B 517 41.40 2.14 1.84
N THR B 518 42.40 2.70 2.52
CA THR B 518 42.82 2.23 3.84
C THR B 518 43.09 0.72 3.81
N ASN B 519 42.19 -0.07 4.41
CA ASN B 519 42.38 -1.52 4.47
C ASN B 519 40.99 -2.16 4.58
N LEU B 520 40.93 -3.45 4.29
CA LEU B 520 39.68 -4.20 4.31
C LEU B 520 39.66 -5.20 5.46
N VAL B 521 38.46 -5.67 5.81
CA VAL B 521 38.25 -6.57 6.93
C VAL B 521 37.37 -7.73 6.50
N LYS B 522 37.68 -8.94 6.99
CA LYS B 522 36.97 -10.15 6.62
C LYS B 522 36.44 -10.85 7.86
N ASN B 523 35.46 -11.73 7.65
CA ASN B 523 34.87 -12.54 8.72
C ASN B 523 34.34 -11.68 9.86
N LYS B 524 33.78 -10.53 9.53
CA LYS B 524 33.21 -9.64 10.52
C LYS B 524 32.19 -8.74 9.84
N CYS B 525 30.99 -8.64 10.42
CA CYS B 525 29.90 -7.89 9.82
C CYS B 525 30.22 -6.40 9.85
N VAL B 526 30.49 -5.82 8.68
CA VAL B 526 30.89 -4.43 8.56
C VAL B 526 30.04 -3.76 7.48
N ASN B 527 30.03 -2.42 7.55
CA ASN B 527 29.53 -1.60 6.45
C ASN B 527 30.59 -1.57 5.35
N PHE B 528 30.15 -1.73 4.11
CA PHE B 528 31.05 -1.76 2.97
C PHE B 528 30.53 -0.85 1.86
N ASN B 529 31.43 -0.08 1.26
CA ASN B 529 31.12 0.65 0.03
C ASN B 529 32.13 0.20 -1.00
N PHE B 530 31.68 -0.61 -1.95
CA PHE B 530 32.51 -1.28 -2.93
C PHE B 530 32.26 -0.68 -4.31
N ASN B 531 33.08 0.29 -4.68
CA ASN B 531 32.97 0.96 -5.98
C ASN B 531 31.56 1.50 -6.21
N GLY B 532 30.96 2.07 -5.16
CA GLY B 532 29.62 2.58 -5.21
C GLY B 532 28.55 1.65 -4.69
N LEU B 533 28.84 0.36 -4.55
CA LEU B 533 27.88 -0.59 -3.98
C LEU B 533 27.91 -0.44 -2.46
N THR B 534 26.91 0.24 -1.91
CA THR B 534 26.84 0.51 -0.48
C THR B 534 25.98 -0.55 0.20
N GLY B 535 26.39 -0.97 1.39
CA GLY B 535 25.58 -1.90 2.14
C GLY B 535 26.29 -2.36 3.40
N THR B 536 25.76 -3.44 3.97
CA THR B 536 26.35 -4.07 5.14
C THR B 536 26.43 -5.57 4.90
N GLY B 537 27.35 -6.22 5.59
CA GLY B 537 27.45 -7.67 5.49
C GLY B 537 28.79 -8.15 6.02
N VAL B 538 28.90 -9.47 6.08
CA VAL B 538 30.17 -10.14 6.36
C VAL B 538 30.78 -10.56 5.04
N LEU B 539 32.06 -10.28 4.87
CA LEU B 539 32.77 -10.48 3.61
C LEU B 539 33.73 -11.65 3.79
N THR B 540 33.52 -12.72 3.04
CA THR B 540 34.34 -13.92 3.15
C THR B 540 34.96 -14.27 1.81
N GLU B 541 35.96 -15.15 1.87
CA GLU B 541 36.58 -15.66 0.65
C GLU B 541 35.60 -16.51 -0.13
N SER B 542 35.63 -16.36 -1.46
CA SER B 542 34.74 -17.09 -2.35
C SER B 542 35.56 -17.93 -3.32
N ASN B 543 35.03 -19.10 -3.65
CA ASN B 543 35.67 -20.03 -4.57
C ASN B 543 35.12 -19.93 -5.99
N LYS B 544 34.32 -18.90 -6.28
CA LYS B 544 33.77 -18.72 -7.61
C LYS B 544 34.89 -18.39 -8.60
N LYS B 545 34.52 -18.29 -9.87
CA LYS B 545 35.42 -17.83 -10.92
C LYS B 545 34.71 -16.79 -11.76
N PHE B 546 35.20 -15.56 -11.73
CA PHE B 546 34.63 -14.46 -12.49
C PHE B 546 35.38 -14.28 -13.80
N LEU B 547 34.64 -14.05 -14.88
CA LEU B 547 35.26 -13.73 -16.15
C LEU B 547 35.94 -12.36 -16.05
N PRO B 548 36.97 -12.13 -16.86
CA PRO B 548 37.76 -10.89 -16.68
C PRO B 548 36.97 -9.60 -16.85
N PHE B 549 35.81 -9.65 -17.47
CA PHE B 549 35.00 -8.46 -17.71
C PHE B 549 33.92 -8.26 -16.65
N GLN B 550 33.90 -9.08 -15.62
CA GLN B 550 32.81 -9.09 -14.64
C GLN B 550 33.30 -8.59 -13.29
N GLN B 551 32.42 -7.88 -12.58
CA GLN B 551 32.73 -7.30 -11.29
C GLN B 551 31.97 -7.95 -10.14
N PHE B 552 30.65 -8.04 -10.24
CA PHE B 552 29.82 -8.60 -9.18
C PHE B 552 28.91 -9.67 -9.77
N GLY B 553 28.28 -10.44 -8.88
CA GLY B 553 27.45 -11.54 -9.29
C GLY B 553 26.13 -11.56 -8.53
N ARG B 554 25.10 -12.07 -9.19
CA ARG B 554 23.76 -12.17 -8.63
C ARG B 554 23.24 -13.60 -8.87
N ASP B 555 23.60 -14.51 -7.96
CA ASP B 555 23.16 -15.89 -8.09
C ASP B 555 21.67 -16.04 -7.78
N ILE B 556 21.21 -15.37 -6.72
CA ILE B 556 19.80 -15.47 -6.33
C ILE B 556 18.91 -14.74 -7.31
N ALA B 557 19.52 -13.96 -8.21
CA ALA B 557 18.93 -13.29 -9.38
C ALA B 557 18.15 -12.03 -9.02
N ASP B 558 18.04 -11.66 -7.74
CA ASP B 558 17.43 -10.38 -7.38
C ASP B 558 18.32 -9.49 -6.54
N THR B 559 19.37 -10.03 -5.92
CA THR B 559 20.31 -9.22 -5.15
C THR B 559 21.72 -9.68 -5.45
N THR B 560 22.69 -8.83 -5.07
CA THR B 560 24.10 -9.10 -5.32
C THR B 560 24.73 -9.75 -4.09
N ASP B 561 25.50 -10.82 -4.32
CA ASP B 561 26.11 -11.56 -3.22
C ASP B 561 27.60 -11.83 -3.41
N ALA B 562 28.20 -11.43 -4.53
CA ALA B 562 29.63 -11.58 -4.76
C ALA B 562 30.15 -10.33 -5.43
N VAL B 563 31.45 -10.08 -5.28
CA VAL B 563 32.07 -8.88 -5.84
C VAL B 563 33.56 -9.14 -6.05
N ARG B 564 34.16 -8.30 -6.89
CA ARG B 564 35.61 -8.31 -7.07
C ARG B 564 36.26 -7.49 -5.96
N ASP B 565 37.42 -7.94 -5.52
CA ASP B 565 38.09 -7.32 -4.38
C ASP B 565 38.52 -5.90 -4.76
N PRO B 566 38.27 -4.91 -3.91
CA PRO B 566 38.74 -3.55 -4.22
C PRO B 566 40.23 -3.37 -4.02
N GLN B 567 40.81 -4.00 -2.98
CA GLN B 567 42.25 -3.92 -2.77
C GLN B 567 43.02 -4.56 -3.93
N THR B 568 42.63 -5.78 -4.31
CA THR B 568 43.37 -6.55 -5.32
C THR B 568 42.38 -7.37 -6.13
N LEU B 569 42.87 -8.38 -6.85
CA LEU B 569 42.09 -9.00 -7.91
C LEU B 569 41.32 -10.23 -7.46
N GLU B 570 41.25 -10.50 -6.16
CA GLU B 570 40.48 -11.66 -5.73
C GLU B 570 38.98 -11.34 -5.78
N ILE B 571 38.18 -12.31 -5.36
CA ILE B 571 36.72 -12.20 -5.36
C ILE B 571 36.23 -12.55 -3.96
N LEU B 572 35.37 -11.69 -3.42
CA LEU B 572 34.80 -11.90 -2.09
C LEU B 572 33.29 -12.06 -2.18
N ASP B 573 32.77 -13.01 -1.41
CA ASP B 573 31.32 -13.16 -1.31
C ASP B 573 30.81 -12.42 -0.08
N ILE B 574 29.54 -12.01 -0.16
CA ILE B 574 28.91 -11.18 0.85
C ILE B 574 27.74 -11.94 1.43
N THR B 575 27.71 -12.05 2.76
CA THR B 575 26.58 -12.66 3.46
C THR B 575 25.96 -11.61 4.37
N PRO B 576 24.68 -11.29 4.22
CA PRO B 576 24.08 -10.22 5.04
C PRO B 576 24.16 -10.54 6.52
N CYS B 577 24.31 -9.49 7.32
CA CYS B 577 24.51 -9.64 8.76
C CYS B 577 23.30 -10.31 9.40
N SER B 578 23.57 -11.14 10.41
CA SER B 578 22.55 -11.99 11.00
C SER B 578 21.53 -11.17 11.78
N PHE B 579 20.38 -11.78 12.03
CA PHE B 579 19.31 -11.19 12.83
C PHE B 579 18.30 -12.29 13.14
N GLY B 580 17.28 -11.93 13.90
CA GLY B 580 16.20 -12.86 14.18
C GLY B 580 15.43 -12.45 15.41
N GLY B 581 14.30 -13.12 15.60
CA GLY B 581 13.46 -12.84 16.75
C GLY B 581 14.05 -13.35 18.05
N VAL B 582 13.58 -12.76 19.15
CA VAL B 582 13.97 -13.17 20.49
C VAL B 582 12.70 -13.62 21.19
N SER B 583 12.69 -14.85 21.70
CA SER B 583 11.54 -15.43 22.36
C SER B 583 11.87 -15.69 23.83
N VAL B 584 10.89 -15.48 24.69
CA VAL B 584 11.04 -15.72 26.12
C VAL B 584 10.21 -16.93 26.49
N ILE B 585 10.86 -17.94 27.06
CA ILE B 585 10.21 -19.18 27.47
C ILE B 585 10.10 -19.16 28.99
N THR B 586 8.87 -19.19 29.50
CA THR B 586 8.63 -19.14 30.92
C THR B 586 7.49 -20.07 31.30
N PRO B 587 7.55 -20.68 32.48
CA PRO B 587 6.36 -21.31 33.05
C PRO B 587 5.40 -20.26 33.57
N GLY B 588 4.35 -20.67 34.28
CA GLY B 588 3.43 -19.72 34.87
C GLY B 588 4.15 -18.71 35.75
N THR B 589 3.87 -17.42 35.55
CA THR B 589 4.60 -16.39 36.28
C THR B 589 4.38 -16.49 37.78
N ASN B 590 3.22 -16.96 38.20
CA ASN B 590 2.96 -17.15 39.62
C ASN B 590 3.48 -18.49 40.13
N THR B 591 4.16 -19.27 39.28
CA THR B 591 4.87 -20.46 39.72
C THR B 591 6.34 -20.17 39.98
N SER B 592 7.02 -19.50 39.06
CA SER B 592 8.43 -19.18 39.20
C SER B 592 8.76 -17.97 38.33
N ASN B 593 9.93 -17.39 38.58
CA ASN B 593 10.40 -16.23 37.84
C ASN B 593 11.53 -16.53 36.87
N GLN B 594 12.24 -17.65 37.04
CA GLN B 594 13.30 -18.00 36.11
C GLN B 594 12.74 -18.27 34.73
N VAL B 595 13.42 -17.76 33.71
CA VAL B 595 12.98 -17.85 32.31
C VAL B 595 14.17 -18.31 31.46
N ALA B 596 13.91 -18.45 30.17
CA ALA B 596 14.95 -18.76 29.20
C ALA B 596 14.74 -17.89 27.96
N VAL B 597 15.82 -17.68 27.22
CA VAL B 597 15.81 -16.80 26.05
C VAL B 597 16.25 -17.60 24.83
N LEU B 598 15.45 -17.53 23.76
CA LEU B 598 15.74 -18.24 22.53
C LEU B 598 15.91 -17.22 21.41
N TYR B 599 17.14 -17.08 20.91
CA TYR B 599 17.41 -16.30 19.70
C TYR B 599 17.13 -17.21 18.51
N GLN B 600 16.07 -16.90 17.76
CA GLN B 600 15.62 -17.81 16.71
C GLN B 600 16.54 -17.73 15.50
N GLY B 601 17.13 -18.87 15.13
CA GLY B 601 17.93 -18.98 13.92
C GLY B 601 19.21 -18.18 13.90
N VAL B 602 20.13 -18.49 14.80
CA VAL B 602 21.45 -17.83 14.81
C VAL B 602 22.38 -18.70 15.64
N ASN B 603 23.62 -18.85 15.17
CA ASN B 603 24.63 -19.60 15.90
C ASN B 603 24.98 -18.87 17.20
N CYS B 604 25.42 -19.65 18.19
CA CYS B 604 25.72 -19.12 19.52
C CYS B 604 27.07 -18.43 19.61
N THR B 605 27.92 -18.53 18.58
CA THR B 605 29.22 -17.86 18.59
C THR B 605 29.11 -16.36 18.34
N GLU B 606 27.91 -15.80 18.53
CA GLU B 606 27.53 -14.49 18.02
C GLU B 606 26.69 -13.68 19.00
N VAL B 607 25.89 -14.33 19.86
CA VAL B 607 24.90 -13.57 20.65
C VAL B 607 25.48 -12.52 21.59
N PRO B 608 26.60 -12.74 22.29
CA PRO B 608 26.92 -11.85 23.42
C PRO B 608 27.36 -10.45 23.03
N VAL B 609 27.82 -10.21 21.81
CA VAL B 609 28.58 -8.99 21.53
C VAL B 609 27.95 -8.08 20.48
N ALA B 610 26.88 -8.50 19.80
CA ALA B 610 26.34 -7.65 18.74
C ALA B 610 25.38 -6.60 19.28
N ILE B 611 24.39 -7.02 20.07
CA ILE B 611 23.31 -6.12 20.44
C ILE B 611 23.82 -5.05 21.40
N HIS B 612 23.16 -3.91 21.40
CA HIS B 612 23.61 -2.76 22.18
C HIS B 612 22.95 -2.69 23.54
N THR B 619 19.57 -2.37 29.91
CA THR B 619 19.13 -3.63 29.31
C THR B 619 19.85 -4.81 29.93
N TRP B 620 19.25 -5.98 29.82
CA TRP B 620 19.85 -7.20 30.38
C TRP B 620 20.96 -7.72 29.48
N ARG B 621 21.94 -8.38 30.10
CA ARG B 621 23.03 -9.02 29.40
C ARG B 621 22.90 -10.53 29.53
N VAL B 622 23.74 -11.26 28.79
CA VAL B 622 23.60 -12.70 28.64
C VAL B 622 24.67 -13.46 29.45
N TYR B 623 25.95 -13.11 29.26
CA TYR B 623 27.07 -13.77 29.93
C TYR B 623 27.22 -15.23 29.52
N SER B 624 28.39 -15.60 29.04
CA SER B 624 28.61 -16.97 28.57
C SER B 624 28.44 -17.97 29.71
N THR B 625 28.92 -17.63 30.91
CA THR B 625 28.73 -18.48 32.08
C THR B 625 27.30 -18.47 32.59
N GLY B 626 26.45 -17.58 32.08
CA GLY B 626 25.07 -17.48 32.53
C GLY B 626 24.28 -18.76 32.34
N SER B 627 24.71 -19.63 31.43
CA SER B 627 24.08 -20.92 31.22
C SER B 627 25.08 -21.83 30.50
N ASN B 628 24.59 -22.98 30.04
CA ASN B 628 25.39 -23.83 29.16
C ASN B 628 25.34 -23.36 27.72
N VAL B 629 24.49 -22.38 27.40
CA VAL B 629 24.29 -21.88 26.05
C VAL B 629 24.11 -23.05 25.09
N PHE B 630 22.97 -23.73 25.18
CA PHE B 630 22.65 -24.83 24.29
C PHE B 630 22.55 -24.31 22.85
N GLN B 631 22.79 -25.20 21.89
CA GLN B 631 22.70 -24.88 20.48
C GLN B 631 21.71 -25.84 19.84
N THR B 632 20.54 -25.31 19.47
CA THR B 632 19.47 -26.10 18.88
C THR B 632 19.34 -25.77 17.39
N ARG B 633 18.62 -26.64 16.68
CA ARG B 633 18.35 -26.38 15.27
C ARG B 633 17.50 -25.13 15.09
N ALA B 634 16.67 -24.80 16.08
CA ALA B 634 15.83 -23.61 16.01
C ALA B 634 16.62 -22.32 16.22
N GLY B 635 17.73 -22.38 16.94
CA GLY B 635 18.51 -21.19 17.21
C GLY B 635 19.42 -21.40 18.42
N CYS B 636 19.69 -20.30 19.12
CA CYS B 636 20.54 -20.31 20.30
C CYS B 636 19.68 -20.18 21.54
N LEU B 637 19.88 -21.09 22.50
CA LEU B 637 19.06 -21.15 23.69
C LEU B 637 19.92 -20.84 24.91
N ILE B 638 19.43 -19.93 25.76
CA ILE B 638 20.17 -19.45 26.92
C ILE B 638 19.28 -19.62 28.15
N GLY B 639 19.84 -20.19 29.21
CA GLY B 639 19.15 -20.30 30.48
C GLY B 639 18.60 -21.65 30.83
N ALA B 640 18.81 -22.66 29.99
CA ALA B 640 18.28 -23.99 30.24
C ALA B 640 19.36 -25.03 30.00
N GLU B 641 19.26 -26.15 30.72
CA GLU B 641 20.21 -27.25 30.60
C GLU B 641 19.72 -28.24 29.55
N HIS B 642 20.37 -29.39 29.47
CA HIS B 642 20.03 -30.44 28.52
C HIS B 642 19.87 -31.75 29.27
N VAL B 643 18.72 -32.41 29.07
CA VAL B 643 18.40 -33.65 29.75
C VAL B 643 18.20 -34.74 28.70
N ASN B 644 18.90 -35.86 28.86
CA ASN B 644 18.79 -36.95 27.88
C ASN B 644 17.40 -37.57 27.90
N ASN B 645 16.70 -37.53 29.03
CA ASN B 645 15.38 -38.14 29.13
C ASN B 645 14.38 -37.39 28.25
N SER B 646 13.29 -38.08 27.91
CA SER B 646 12.26 -37.54 27.03
C SER B 646 10.90 -37.66 27.71
N TYR B 647 10.10 -36.61 27.60
CA TYR B 647 8.75 -36.58 28.16
C TYR B 647 7.82 -35.97 27.13
N GLU B 648 6.59 -35.68 27.55
CA GLU B 648 5.64 -35.00 26.69
C GLU B 648 6.08 -33.56 26.44
N CYS B 649 5.63 -33.01 25.31
CA CYS B 649 6.03 -31.65 24.95
C CYS B 649 5.31 -30.62 25.80
N ASP B 650 5.94 -30.18 26.89
CA ASP B 650 5.33 -29.18 27.75
C ASP B 650 5.24 -27.83 27.05
N ILE B 651 6.34 -27.39 26.44
CA ILE B 651 6.38 -26.12 25.72
C ILE B 651 6.99 -26.35 24.34
N PRO B 652 6.31 -25.94 23.26
CA PRO B 652 6.85 -26.16 21.91
C PRO B 652 7.93 -25.15 21.57
N ILE B 653 9.15 -25.63 21.37
CA ILE B 653 10.27 -24.79 20.96
C ILE B 653 10.50 -24.89 19.47
N GLY B 654 10.58 -26.09 18.93
CA GLY B 654 10.78 -26.31 17.51
C GLY B 654 11.80 -27.41 17.25
N ALA B 655 11.67 -28.04 16.08
CA ALA B 655 12.59 -29.10 15.65
C ALA B 655 12.67 -30.24 16.66
N GLY B 656 11.52 -30.59 17.24
CA GLY B 656 11.46 -31.70 18.17
C GLY B 656 11.96 -31.42 19.56
N ILE B 657 12.27 -30.16 19.88
CA ILE B 657 12.78 -29.77 21.19
C ILE B 657 11.65 -29.14 21.98
N CYS B 658 11.47 -29.58 23.23
CA CYS B 658 10.45 -29.04 24.11
C CYS B 658 11.05 -28.74 25.47
N ALA B 659 10.59 -27.66 26.09
CA ALA B 659 11.14 -27.18 27.35
C ALA B 659 10.11 -27.32 28.47
N SER B 660 10.61 -27.49 29.69
CA SER B 660 9.75 -27.65 30.85
C SER B 660 10.48 -27.11 32.08
N TYR B 661 9.75 -27.09 33.19
CA TYR B 661 10.24 -26.58 34.46
C TYR B 661 10.38 -27.73 35.46
N GLN B 662 11.52 -27.77 36.14
CA GLN B 662 11.76 -28.75 37.19
C GLN B 662 12.63 -28.12 38.26
N THR B 663 12.35 -28.47 39.52
CA THR B 663 13.06 -27.89 40.65
C THR B 663 14.52 -28.34 40.69
N SER B 676 22.55 -26.39 37.86
CA SER B 676 21.19 -26.86 37.64
C SER B 676 20.22 -25.69 37.48
N GLN B 677 19.79 -25.45 36.25
CA GLN B 677 18.81 -24.42 35.96
C GLN B 677 17.40 -24.97 36.07
N SER B 678 16.47 -24.12 36.51
CA SER B 678 15.11 -24.55 36.74
C SER B 678 14.38 -24.94 35.45
N ILE B 679 14.88 -24.51 34.30
CA ILE B 679 14.27 -24.80 33.01
C ILE B 679 15.16 -25.81 32.28
N ILE B 680 14.55 -26.85 31.71
CA ILE B 680 15.28 -27.86 30.97
C ILE B 680 14.67 -28.00 29.58
N ALA B 681 15.49 -28.44 28.63
CA ALA B 681 15.06 -28.67 27.26
C ALA B 681 15.44 -30.08 26.85
N TYR B 682 14.52 -30.77 26.18
CA TYR B 682 14.69 -32.17 25.85
C TYR B 682 14.13 -32.44 24.46
N THR B 683 14.42 -33.64 23.96
CA THR B 683 13.81 -34.13 22.73
C THR B 683 12.48 -34.79 23.05
N MET B 684 11.43 -34.37 22.35
CA MET B 684 10.09 -34.81 22.69
C MET B 684 9.94 -36.32 22.51
N SER B 685 9.17 -36.93 23.40
CA SER B 685 8.84 -38.35 23.32
C SER B 685 7.45 -38.50 22.73
N LEU B 686 7.34 -39.27 21.65
CA LEU B 686 6.06 -39.42 20.97
C LEU B 686 5.05 -40.22 21.80
N GLY B 687 5.51 -40.95 22.78
CA GLY B 687 4.63 -41.74 23.63
C GLY B 687 5.34 -42.97 24.15
N ALA B 688 4.71 -43.58 25.16
CA ALA B 688 5.26 -44.80 25.74
C ALA B 688 5.28 -45.91 24.70
N GLU B 689 6.41 -46.61 24.61
CA GLU B 689 6.56 -47.66 23.62
C GLU B 689 5.76 -48.89 24.04
N ASN B 690 5.16 -49.55 23.06
CA ASN B 690 4.37 -50.75 23.30
C ASN B 690 4.58 -51.73 22.16
N SER B 691 4.45 -53.02 22.47
CA SER B 691 4.51 -54.07 21.46
C SER B 691 3.41 -55.08 21.74
N VAL B 692 2.68 -55.47 20.71
CA VAL B 692 1.58 -56.41 20.82
C VAL B 692 2.06 -57.78 20.36
N ALA B 693 1.75 -58.80 21.14
CA ALA B 693 2.21 -60.16 20.85
C ALA B 693 1.35 -60.73 19.73
N TYR B 694 1.93 -60.77 18.52
CA TYR B 694 1.23 -61.28 17.36
C TYR B 694 1.62 -62.73 17.09
N SER B 695 0.64 -63.50 16.61
CA SER B 695 0.86 -64.88 16.21
C SER B 695 -0.12 -65.18 15.08
N ASN B 696 -0.30 -66.47 14.77
CA ASN B 696 -1.24 -66.88 13.73
C ASN B 696 -2.39 -67.71 14.26
N ASN B 697 -2.41 -68.03 15.56
CA ASN B 697 -3.51 -68.82 16.13
C ASN B 697 -3.91 -68.32 17.50
N SER B 698 -3.79 -67.02 17.77
CA SER B 698 -4.12 -66.46 19.07
C SER B 698 -4.96 -65.21 18.91
N ILE B 699 -5.96 -65.06 19.79
CA ILE B 699 -6.80 -63.87 19.80
C ILE B 699 -7.01 -63.44 21.25
N ALA B 700 -7.04 -62.12 21.46
CA ALA B 700 -7.40 -61.55 22.76
C ALA B 700 -8.82 -61.03 22.68
N ILE B 701 -9.65 -61.47 23.63
CA ILE B 701 -11.07 -61.12 23.65
C ILE B 701 -11.35 -60.40 24.96
N PRO B 702 -12.01 -59.24 24.93
CA PRO B 702 -12.33 -58.54 26.18
C PRO B 702 -13.34 -59.31 27.01
N THR B 703 -13.24 -59.13 28.34
CA THR B 703 -14.14 -59.79 29.28
C THR B 703 -14.92 -58.81 30.13
N ASN B 704 -14.68 -57.51 30.00
CA ASN B 704 -15.35 -56.51 30.82
C ASN B 704 -15.29 -55.19 30.07
N PHE B 705 -16.08 -54.22 30.51
CA PHE B 705 -16.21 -52.97 29.79
C PHE B 705 -16.38 -51.81 30.76
N THR B 706 -16.15 -50.60 30.24
CA THR B 706 -16.38 -49.36 30.96
C THR B 706 -17.19 -48.42 30.08
N ILE B 707 -17.94 -47.53 30.73
CA ILE B 707 -18.71 -46.50 30.05
C ILE B 707 -18.06 -45.16 30.33
N SER B 708 -17.71 -44.43 29.28
CA SER B 708 -16.98 -43.18 29.39
C SER B 708 -17.82 -42.02 28.89
N VAL B 709 -17.59 -40.84 29.47
CA VAL B 709 -18.25 -39.62 29.04
C VAL B 709 -17.16 -38.60 28.72
N THR B 710 -17.17 -38.10 27.49
CA THR B 710 -16.18 -37.14 27.03
C THR B 710 -16.87 -35.86 26.59
N THR B 711 -16.11 -34.77 26.54
CA THR B 711 -16.64 -33.47 26.18
C THR B 711 -15.99 -32.95 24.90
N GLU B 712 -16.79 -32.28 24.08
CA GLU B 712 -16.32 -31.62 22.88
C GLU B 712 -16.89 -30.21 22.83
N ILE B 713 -16.03 -29.21 22.67
CA ILE B 713 -16.43 -27.81 22.72
C ILE B 713 -16.29 -27.22 21.32
N LEU B 714 -17.35 -26.58 20.83
CA LEU B 714 -17.36 -26.04 19.47
C LEU B 714 -17.92 -24.62 19.47
N PRO B 715 -17.14 -23.63 19.01
CA PRO B 715 -17.70 -22.29 18.84
C PRO B 715 -18.72 -22.27 17.71
N VAL B 716 -19.70 -21.38 17.83
CA VAL B 716 -20.79 -21.30 16.86
C VAL B 716 -20.92 -19.89 16.30
N SER B 717 -21.00 -18.89 17.18
CA SER B 717 -21.35 -17.54 16.76
C SER B 717 -20.30 -16.55 17.24
N MET B 718 -20.29 -15.39 16.59
CA MET B 718 -19.42 -14.28 16.91
C MET B 718 -20.28 -13.05 17.19
N THR B 719 -19.76 -12.16 18.03
CA THR B 719 -20.52 -10.97 18.40
C THR B 719 -20.82 -10.11 17.17
N LYS B 720 -22.07 -9.64 17.08
CA LYS B 720 -22.53 -8.89 15.92
C LYS B 720 -22.13 -7.43 16.10
N THR B 721 -20.87 -7.15 15.78
CA THR B 721 -20.33 -5.80 15.87
C THR B 721 -20.53 -5.08 14.54
N SER B 722 -21.04 -3.86 14.61
CA SER B 722 -21.19 -3.01 13.43
C SER B 722 -20.49 -1.68 13.70
N VAL B 723 -19.95 -1.09 12.63
CA VAL B 723 -19.31 0.21 12.70
C VAL B 723 -19.82 1.05 11.54
N ASP B 724 -19.77 2.36 11.72
CA ASP B 724 -20.23 3.29 10.70
C ASP B 724 -19.03 4.06 10.18
N CYS B 725 -18.86 4.06 8.85
CA CYS B 725 -17.70 4.69 8.23
C CYS B 725 -17.65 6.19 8.49
N THR B 726 -18.78 6.88 8.30
CA THR B 726 -18.77 8.34 8.30
C THR B 726 -18.43 8.91 9.68
N MET B 727 -19.14 8.47 10.71
CA MET B 727 -18.90 9.04 12.03
C MET B 727 -17.62 8.49 12.68
N TYR B 728 -17.04 7.44 12.13
CA TYR B 728 -15.72 7.02 12.59
C TYR B 728 -14.63 7.88 11.98
N ILE B 729 -14.63 8.02 10.66
CA ILE B 729 -13.55 8.75 9.99
C ILE B 729 -13.66 10.24 10.27
N CYS B 730 -14.86 10.81 10.19
CA CYS B 730 -15.07 12.25 10.25
C CYS B 730 -16.18 12.60 11.23
N GLY B 731 -16.09 12.05 12.44
CA GLY B 731 -17.12 12.26 13.44
C GLY B 731 -17.37 13.71 13.79
N ASP B 732 -18.64 14.14 13.63
CA ASP B 732 -19.08 15.48 14.01
C ASP B 732 -18.27 16.57 13.32
N SER B 733 -18.00 16.39 12.03
CA SER B 733 -17.28 17.39 11.25
C SER B 733 -17.79 17.37 9.82
N THR B 734 -18.31 18.51 9.36
CA THR B 734 -18.89 18.57 8.02
C THR B 734 -17.82 18.58 6.94
N GLU B 735 -16.73 19.33 7.15
CA GLU B 735 -15.70 19.47 6.13
C GLU B 735 -15.03 18.13 5.83
N CYS B 736 -14.78 17.33 6.87
CA CYS B 736 -14.16 16.04 6.66
C CYS B 736 -15.05 15.11 5.84
N SER B 737 -16.36 15.12 6.11
CA SER B 737 -17.29 14.33 5.30
C SER B 737 -17.35 14.84 3.87
N ASN B 738 -17.29 16.16 3.69
CA ASN B 738 -17.27 16.72 2.35
C ASN B 738 -16.05 16.23 1.57
N LEU B 739 -14.89 16.19 2.23
CA LEU B 739 -13.69 15.65 1.59
C LEU B 739 -13.83 14.15 1.33
N LEU B 740 -14.44 13.42 2.25
CA LEU B 740 -14.53 11.97 2.12
C LEU B 740 -15.48 11.56 1.00
N LEU B 741 -16.50 12.38 0.71
CA LEU B 741 -17.48 12.00 -0.30
C LEU B 741 -16.87 11.86 -1.68
N GLN B 742 -15.69 12.43 -1.92
CA GLN B 742 -15.07 12.34 -3.23
C GLN B 742 -14.43 10.98 -3.48
N TYR B 743 -14.22 10.18 -2.44
CA TYR B 743 -13.53 8.90 -2.58
C TYR B 743 -14.41 7.80 -3.16
N GLY B 744 -15.72 8.03 -3.29
CA GLY B 744 -16.59 7.03 -3.88
C GLY B 744 -17.65 6.48 -2.94
N SER B 745 -17.69 5.17 -2.79
CA SER B 745 -18.71 4.50 -2.00
C SER B 745 -18.10 3.41 -1.14
N PHE B 746 -16.92 3.67 -0.57
CA PHE B 746 -16.26 2.68 0.28
C PHE B 746 -17.11 2.34 1.49
N CYS B 747 -17.70 3.35 2.12
CA CYS B 747 -18.45 3.15 3.35
C CYS B 747 -19.66 2.25 3.11
N THR B 748 -20.28 2.37 1.94
CA THR B 748 -21.42 1.53 1.61
C THR B 748 -21.02 0.05 1.55
N GLN B 749 -19.90 -0.24 0.88
CA GLN B 749 -19.42 -1.62 0.83
C GLN B 749 -19.08 -2.14 2.22
N LEU B 750 -18.44 -1.31 3.04
CA LEU B 750 -18.06 -1.74 4.38
C LEU B 750 -19.28 -2.07 5.23
N ASN B 751 -20.30 -1.20 5.19
CA ASN B 751 -21.51 -1.45 5.94
C ASN B 751 -22.24 -2.69 5.42
N ARG B 752 -22.26 -2.88 4.10
CA ARG B 752 -22.89 -4.06 3.54
C ARG B 752 -22.21 -5.34 3.99
N ALA B 753 -20.86 -5.35 4.00
CA ALA B 753 -20.14 -6.53 4.45
C ALA B 753 -20.39 -6.82 5.92
N LEU B 754 -20.39 -5.78 6.75
CA LEU B 754 -20.64 -5.99 8.18
C LEU B 754 -22.06 -6.49 8.42
N THR B 755 -23.02 -5.97 7.67
CA THR B 755 -24.40 -6.46 7.81
C THR B 755 -24.51 -7.92 7.37
N GLY B 756 -23.80 -8.29 6.31
CA GLY B 756 -23.80 -9.68 5.89
C GLY B 756 -23.23 -10.60 6.95
N ILE B 757 -22.14 -10.17 7.59
CA ILE B 757 -21.57 -10.96 8.70
C ILE B 757 -22.58 -11.08 9.84
N ALA B 758 -23.25 -9.97 10.17
CA ALA B 758 -24.22 -9.99 11.26
C ALA B 758 -25.36 -10.96 10.98
N VAL B 759 -25.85 -10.99 9.73
CA VAL B 759 -26.90 -11.93 9.37
C VAL B 759 -26.38 -13.37 9.42
N GLU B 760 -25.15 -13.59 8.94
CA GLU B 760 -24.60 -14.93 8.94
C GLU B 760 -24.48 -15.48 10.36
N GLN B 761 -24.19 -14.62 11.34
CA GLN B 761 -24.01 -15.10 12.71
C GLN B 761 -25.29 -15.75 13.25
N ASP B 762 -26.42 -15.04 13.18
CA ASP B 762 -27.64 -15.63 13.72
C ASP B 762 -28.19 -16.72 12.81
N LYS B 763 -27.87 -16.69 11.51
CA LYS B 763 -28.19 -17.85 10.69
C LYS B 763 -27.46 -19.09 11.19
N ASN B 764 -26.18 -18.95 11.53
CA ASN B 764 -25.42 -20.07 12.07
C ASN B 764 -26.04 -20.57 13.37
N THR B 765 -26.37 -19.65 14.27
CA THR B 765 -26.95 -20.06 15.56
C THR B 765 -28.25 -20.82 15.36
N GLN B 766 -29.15 -20.29 14.52
CA GLN B 766 -30.42 -20.95 14.28
C GLN B 766 -30.23 -22.31 13.63
N GLU B 767 -29.27 -22.41 12.70
CA GLU B 767 -29.03 -23.70 12.03
C GLU B 767 -28.51 -24.74 13.02
N VAL B 768 -27.62 -24.34 13.93
CA VAL B 768 -27.07 -25.30 14.89
C VAL B 768 -28.15 -25.77 15.86
N PHE B 769 -28.94 -24.83 16.39
CA PHE B 769 -29.80 -25.19 17.52
C PHE B 769 -31.22 -25.60 17.13
N ALA B 770 -31.81 -24.97 16.11
CA ALA B 770 -33.22 -25.22 15.78
C ALA B 770 -33.34 -26.42 14.84
N GLN B 771 -33.09 -27.61 15.40
CA GLN B 771 -33.20 -28.85 14.67
C GLN B 771 -34.45 -29.66 15.02
N VAL B 772 -35.33 -29.12 15.87
CA VAL B 772 -36.51 -29.85 16.32
C VAL B 772 -37.74 -28.99 16.07
N LYS B 773 -38.80 -29.61 15.56
CA LYS B 773 -40.02 -28.86 15.25
C LYS B 773 -40.79 -28.48 16.51
N GLN B 774 -40.88 -29.40 17.46
CA GLN B 774 -41.69 -29.24 18.66
C GLN B 774 -40.82 -28.97 19.88
N ILE B 775 -41.46 -28.63 20.98
CA ILE B 775 -40.78 -28.40 22.26
C ILE B 775 -41.26 -29.50 23.21
N TYR B 776 -40.43 -30.52 23.37
CA TYR B 776 -40.77 -31.65 24.22
C TYR B 776 -40.50 -31.33 25.68
N LYS B 777 -41.21 -32.03 26.57
CA LYS B 777 -41.07 -31.85 28.01
C LYS B 777 -40.90 -33.21 28.68
N THR B 778 -39.97 -33.27 29.63
CA THR B 778 -39.73 -34.49 30.37
C THR B 778 -40.88 -34.76 31.35
N PRO B 779 -41.20 -36.04 31.58
CA PRO B 779 -42.23 -36.34 32.58
C PRO B 779 -41.77 -35.99 33.98
N PRO B 780 -42.68 -35.64 34.87
CA PRO B 780 -42.28 -35.34 36.26
C PRO B 780 -41.65 -36.52 36.98
N ILE B 781 -42.10 -37.74 36.68
CA ILE B 781 -41.56 -38.93 37.33
C ILE B 781 -40.21 -39.26 36.72
N LYS B 782 -39.20 -39.42 37.57
CA LYS B 782 -37.82 -39.61 37.15
C LYS B 782 -37.35 -41.05 37.31
N ASP B 783 -38.22 -42.02 37.04
CA ASP B 783 -37.86 -43.43 37.08
C ASP B 783 -37.24 -43.80 35.75
N PHE B 784 -35.93 -44.05 35.75
CA PHE B 784 -35.19 -44.36 34.53
C PHE B 784 -34.41 -45.66 34.66
N GLY B 785 -34.86 -46.57 35.50
CA GLY B 785 -34.21 -47.85 35.66
C GLY B 785 -32.86 -47.81 36.36
N GLY B 786 -32.51 -46.70 37.00
CA GLY B 786 -31.25 -46.55 37.71
C GLY B 786 -30.42 -45.37 37.26
N PHE B 787 -30.62 -44.87 36.04
CA PHE B 787 -29.86 -43.74 35.57
C PHE B 787 -30.33 -42.46 36.24
N ASN B 788 -29.45 -41.46 36.27
CA ASN B 788 -29.71 -40.21 36.98
C ASN B 788 -29.16 -39.07 36.13
N PHE B 789 -30.05 -38.36 35.43
CA PHE B 789 -29.69 -37.25 34.56
C PHE B 789 -29.87 -35.90 35.23
N SER B 790 -29.70 -35.84 36.55
CA SER B 790 -29.95 -34.60 37.27
C SER B 790 -28.98 -33.49 36.87
N GLN B 791 -27.76 -33.85 36.46
CA GLN B 791 -26.75 -32.85 36.15
C GLN B 791 -26.88 -32.27 34.75
N ILE B 792 -27.74 -32.84 33.90
CA ILE B 792 -27.88 -32.35 32.53
C ILE B 792 -29.30 -31.82 32.33
N LEU B 793 -30.27 -32.36 33.06
CA LEU B 793 -31.63 -31.87 32.97
C LEU B 793 -31.75 -30.49 33.61
N PRO B 794 -32.58 -29.61 33.04
CA PRO B 794 -32.72 -28.26 33.60
C PRO B 794 -33.24 -28.30 35.03
N ASP B 795 -32.78 -27.33 35.83
CA ASP B 795 -33.15 -27.25 37.23
C ASP B 795 -34.37 -26.36 37.37
N PRO B 796 -35.54 -26.90 37.71
CA PRO B 796 -36.74 -26.05 37.87
C PRO B 796 -36.60 -25.01 38.97
N SER B 797 -35.88 -25.33 40.05
CA SER B 797 -35.78 -24.44 41.20
C SER B 797 -34.63 -23.44 41.05
N LYS B 798 -34.64 -22.69 39.94
CA LYS B 798 -33.63 -21.67 39.69
C LYS B 798 -34.13 -20.74 38.61
N PRO B 799 -33.96 -19.43 38.76
CA PRO B 799 -34.31 -18.51 37.67
C PRO B 799 -33.44 -18.78 36.45
N SER B 800 -34.03 -18.58 35.27
CA SER B 800 -33.40 -18.94 34.01
C SER B 800 -32.98 -20.41 34.03
N LYS B 801 -34.00 -21.26 34.08
CA LYS B 801 -33.84 -22.68 34.37
C LYS B 801 -32.75 -23.31 33.51
N ARG B 802 -31.71 -23.80 34.19
CA ARG B 802 -30.57 -24.42 33.55
C ARG B 802 -30.06 -25.56 34.43
N SER B 803 -29.44 -26.55 33.81
CA SER B 803 -28.80 -27.60 34.58
C SER B 803 -27.51 -27.06 35.20
N PRO B 804 -27.01 -27.72 36.26
CA PRO B 804 -25.79 -27.20 36.91
C PRO B 804 -24.61 -27.07 35.97
N ILE B 805 -24.51 -27.94 34.96
CA ILE B 805 -23.39 -27.86 34.03
C ILE B 805 -23.48 -26.59 33.18
N GLU B 806 -24.68 -26.20 32.77
CA GLU B 806 -24.82 -24.95 32.02
C GLU B 806 -24.47 -23.75 32.89
N ASP B 807 -24.85 -23.77 34.16
CA ASP B 807 -24.47 -22.69 35.06
C ASP B 807 -22.96 -22.62 35.23
N LEU B 808 -22.32 -23.80 35.36
CA LEU B 808 -20.86 -23.85 35.45
C LEU B 808 -20.22 -23.27 34.20
N LEU B 809 -20.75 -23.61 33.02
CA LEU B 809 -20.21 -23.08 31.78
C LEU B 809 -20.39 -21.57 31.69
N PHE B 810 -21.56 -21.07 32.08
CA PHE B 810 -21.82 -19.64 32.01
C PHE B 810 -20.92 -18.85 32.95
N ASN B 811 -20.74 -19.34 34.18
CA ASN B 811 -19.92 -18.62 35.14
C ASN B 811 -18.43 -18.77 34.89
N LYS B 812 -18.01 -19.70 34.04
CA LYS B 812 -16.60 -19.94 33.80
C LYS B 812 -16.04 -19.18 32.60
N VAL B 813 -16.87 -18.49 31.84
CA VAL B 813 -16.44 -17.76 30.65
C VAL B 813 -16.59 -16.27 30.93
N THR B 814 -15.51 -15.53 30.77
CA THR B 814 -15.52 -14.09 31.01
C THR B 814 -15.86 -13.33 29.73
N LYS B 841 -16.90 1.85 21.61
CA LYS B 841 -18.09 1.88 22.44
C LYS B 841 -18.81 3.22 22.31
N PHE B 842 -18.04 4.27 22.00
CA PHE B 842 -18.58 5.62 21.87
C PHE B 842 -18.03 6.33 20.65
N ASN B 843 -17.64 5.58 19.62
CA ASN B 843 -17.01 6.15 18.43
C ASN B 843 -17.63 5.60 17.16
N GLY B 844 -18.95 5.59 17.11
CA GLY B 844 -19.65 5.14 15.92
C GLY B 844 -19.74 3.65 15.74
N LEU B 845 -19.36 2.88 16.75
CA LEU B 845 -19.42 1.42 16.70
C LEU B 845 -20.43 0.92 17.72
N THR B 846 -21.29 0.01 17.30
CA THR B 846 -22.32 -0.57 18.16
C THR B 846 -22.23 -2.08 18.11
N VAL B 847 -22.85 -2.72 19.10
CA VAL B 847 -22.95 -4.17 19.17
C VAL B 847 -24.43 -4.52 19.20
N LEU B 848 -24.89 -5.28 18.22
CA LEU B 848 -26.31 -5.58 18.19
C LEU B 848 -26.61 -6.84 18.99
N PRO B 849 -27.75 -6.88 19.68
CA PRO B 849 -28.10 -8.09 20.43
C PRO B 849 -28.39 -9.23 19.47
N PRO B 850 -28.08 -10.46 19.86
CA PRO B 850 -28.42 -11.60 19.03
C PRO B 850 -29.92 -11.81 18.97
N LEU B 851 -30.39 -12.36 17.85
CA LEU B 851 -31.82 -12.62 17.69
C LEU B 851 -32.32 -13.60 18.75
N LEU B 852 -31.53 -14.62 19.05
CA LEU B 852 -31.89 -15.62 20.06
C LEU B 852 -31.02 -15.41 21.29
N THR B 853 -31.63 -14.98 22.39
CA THR B 853 -30.92 -14.90 23.65
C THR B 853 -30.84 -16.27 24.30
N ASP B 854 -30.08 -16.34 25.40
CA ASP B 854 -29.73 -17.63 25.99
C ASP B 854 -30.94 -18.40 26.52
N GLU B 855 -32.07 -17.73 26.76
CA GLU B 855 -33.22 -18.43 27.33
C GLU B 855 -33.81 -19.42 26.33
N MET B 856 -34.05 -18.98 25.10
CA MET B 856 -34.56 -19.94 24.11
C MET B 856 -33.50 -20.94 23.68
N ILE B 857 -32.21 -20.61 23.81
CA ILE B 857 -31.17 -21.61 23.59
C ILE B 857 -31.28 -22.72 24.63
N ALA B 858 -31.47 -22.34 25.89
CA ALA B 858 -31.69 -23.32 26.94
C ALA B 858 -32.96 -24.13 26.68
N GLN B 859 -34.01 -23.47 26.19
CA GLN B 859 -35.23 -24.18 25.84
C GLN B 859 -34.98 -25.22 24.75
N TYR B 860 -34.21 -24.86 23.73
CA TYR B 860 -33.90 -25.78 22.63
C TYR B 860 -33.12 -26.98 23.15
N THR B 861 -32.10 -26.73 23.97
CA THR B 861 -31.30 -27.83 24.52
C THR B 861 -32.16 -28.73 25.41
N SER B 862 -33.04 -28.14 26.21
CA SER B 862 -33.93 -28.94 27.04
C SER B 862 -34.87 -29.80 26.19
N ALA B 863 -35.39 -29.23 25.11
CA ALA B 863 -36.27 -30.00 24.23
C ALA B 863 -35.53 -31.17 23.62
N LEU B 864 -34.30 -30.93 23.13
CA LEU B 864 -33.52 -32.02 22.55
C LEU B 864 -33.20 -33.10 23.58
N LEU B 865 -32.84 -32.70 24.80
CA LEU B 865 -32.54 -33.67 25.85
C LEU B 865 -33.78 -34.50 26.19
N ALA B 866 -34.93 -33.85 26.34
CA ALA B 866 -36.15 -34.58 26.65
C ALA B 866 -36.51 -35.55 25.54
N GLY B 867 -36.36 -35.12 24.28
CA GLY B 867 -36.64 -36.01 23.17
C GLY B 867 -35.74 -37.22 23.14
N THR B 868 -34.42 -36.99 23.29
CA THR B 868 -33.49 -38.11 23.24
C THR B 868 -33.55 -38.98 24.48
N ILE B 869 -34.18 -38.50 25.56
CA ILE B 869 -34.37 -39.34 26.74
C ILE B 869 -35.61 -40.21 26.60
N THR B 870 -36.74 -39.59 26.25
CA THR B 870 -38.02 -40.30 26.30
C THR B 870 -38.44 -40.91 24.96
N SER B 871 -37.70 -40.69 23.88
CA SER B 871 -38.12 -41.20 22.58
C SER B 871 -37.00 -41.87 21.80
N GLY B 872 -35.83 -42.07 22.39
CA GLY B 872 -34.74 -42.64 21.63
C GLY B 872 -34.31 -41.72 20.52
N TRP B 873 -33.98 -42.31 19.37
CA TRP B 873 -33.58 -41.55 18.19
C TRP B 873 -34.71 -41.44 17.16
N THR B 874 -35.94 -41.79 17.54
CA THR B 874 -37.03 -41.83 16.58
C THR B 874 -37.55 -40.43 16.25
N PHE B 875 -37.52 -39.51 17.22
CA PHE B 875 -38.15 -38.21 17.02
C PHE B 875 -37.42 -37.36 15.98
N GLY B 876 -36.22 -37.75 15.56
CA GLY B 876 -35.53 -37.08 14.48
C GLY B 876 -35.86 -37.61 13.10
N ALA B 877 -36.77 -38.58 12.99
CA ALA B 877 -37.13 -39.17 11.71
C ALA B 877 -38.62 -39.12 11.41
N GLY B 878 -39.46 -38.87 12.39
CA GLY B 878 -40.89 -38.80 12.15
C GLY B 878 -41.67 -38.47 13.42
N PRO B 879 -42.80 -39.14 13.61
CA PRO B 879 -43.58 -38.95 14.82
C PRO B 879 -42.81 -39.48 16.02
N ALA B 880 -42.77 -38.69 17.10
CA ALA B 880 -42.04 -39.12 18.29
C ALA B 880 -42.77 -40.25 18.99
N LEU B 881 -42.04 -41.31 19.31
CA LEU B 881 -42.60 -42.50 19.95
C LEU B 881 -41.85 -42.78 21.24
N GLN B 882 -42.59 -43.12 22.29
CA GLN B 882 -41.97 -43.36 23.59
C GLN B 882 -41.39 -44.77 23.65
N ILE B 883 -40.36 -44.92 24.48
CA ILE B 883 -39.67 -46.19 24.66
C ILE B 883 -38.95 -46.15 26.01
N PRO B 884 -39.04 -47.20 26.82
CA PRO B 884 -38.30 -47.21 28.09
C PRO B 884 -36.80 -47.12 27.85
N PHE B 885 -36.13 -46.36 28.71
CA PHE B 885 -34.68 -46.20 28.60
C PHE B 885 -33.93 -47.53 28.74
N PRO B 886 -34.24 -48.40 29.71
CA PRO B 886 -33.57 -49.71 29.74
C PRO B 886 -33.88 -50.59 28.54
N MET B 887 -34.90 -50.25 27.76
CA MET B 887 -35.15 -50.92 26.48
C MET B 887 -34.55 -50.16 25.31
N GLN B 888 -34.42 -48.85 25.42
CA GLN B 888 -33.72 -48.11 24.37
C GLN B 888 -32.24 -48.44 24.33
N MET B 889 -31.61 -48.65 25.49
CA MET B 889 -30.17 -48.94 25.49
C MET B 889 -29.85 -50.23 24.72
N ALA B 890 -30.62 -51.35 24.86
CA ALA B 890 -30.42 -52.58 23.93
C ALA B 890 -30.18 -52.26 22.50
N TYR B 891 -30.82 -51.22 22.01
CA TYR B 891 -30.74 -50.91 20.59
C TYR B 891 -29.37 -50.36 20.24
N ARG B 892 -28.86 -49.45 21.09
CA ARG B 892 -27.50 -48.96 20.94
C ARG B 892 -26.49 -50.09 21.13
N PHE B 893 -26.71 -50.96 22.12
CA PHE B 893 -25.78 -52.07 22.33
C PHE B 893 -25.73 -52.98 21.11
N ASN B 894 -26.88 -53.25 20.49
CA ASN B 894 -26.87 -54.02 19.25
C ASN B 894 -26.21 -53.24 18.12
N GLY B 895 -26.36 -51.92 18.10
CA GLY B 895 -25.71 -51.11 17.09
C GLY B 895 -24.20 -51.19 17.16
N ILE B 896 -23.64 -51.27 18.37
CA ILE B 896 -22.19 -51.45 18.51
C ILE B 896 -21.77 -52.91 18.38
N GLY B 897 -22.72 -53.83 18.22
CA GLY B 897 -22.38 -55.22 18.00
C GLY B 897 -22.33 -56.10 19.23
N VAL B 898 -23.03 -55.72 20.30
CA VAL B 898 -23.07 -56.52 21.52
C VAL B 898 -24.51 -56.91 21.80
N THR B 899 -24.71 -58.16 22.20
CA THR B 899 -26.05 -58.70 22.38
C THR B 899 -26.71 -58.07 23.61
N GLN B 900 -28.04 -58.20 23.68
CA GLN B 900 -28.84 -57.46 24.66
C GLN B 900 -28.66 -58.00 26.08
N ASN B 901 -28.41 -59.30 26.24
CA ASN B 901 -28.36 -59.89 27.57
C ASN B 901 -27.25 -59.26 28.41
N VAL B 902 -26.22 -58.71 27.78
CA VAL B 902 -25.11 -58.13 28.53
C VAL B 902 -25.63 -57.01 29.42
N LEU B 903 -26.32 -56.03 28.83
CA LEU B 903 -26.86 -54.96 29.65
C LEU B 903 -28.03 -55.45 30.48
N TYR B 904 -28.92 -56.27 29.90
CA TYR B 904 -30.05 -56.71 30.69
C TYR B 904 -29.64 -57.54 31.90
N GLU B 905 -28.36 -57.91 32.01
CA GLU B 905 -27.84 -58.51 33.23
C GLU B 905 -26.90 -57.60 34.02
N ASN B 906 -26.36 -56.54 33.41
CA ASN B 906 -25.43 -55.63 34.11
C ASN B 906 -25.92 -54.19 34.11
N GLN B 907 -27.24 -53.98 34.11
CA GLN B 907 -27.78 -52.63 34.05
C GLN B 907 -27.44 -51.82 35.30
N LYS B 908 -27.43 -52.45 36.47
CA LYS B 908 -27.09 -51.74 37.69
C LYS B 908 -25.65 -51.23 37.62
N LEU B 909 -24.72 -52.09 37.18
CA LEU B 909 -23.33 -51.68 37.07
C LEU B 909 -23.17 -50.57 36.03
N ILE B 910 -23.88 -50.68 34.90
CA ILE B 910 -23.77 -49.65 33.87
C ILE B 910 -24.32 -48.32 34.37
N ALA B 911 -25.43 -48.35 35.11
CA ALA B 911 -25.97 -47.12 35.69
C ALA B 911 -24.99 -46.50 36.68
N ASN B 912 -24.36 -47.33 37.51
CA ASN B 912 -23.37 -46.82 38.46
C ASN B 912 -22.21 -46.17 37.73
N GLN B 913 -21.70 -46.82 36.68
CA GLN B 913 -20.59 -46.25 35.92
C GLN B 913 -21.00 -44.95 35.24
N PHE B 914 -22.22 -44.90 34.71
CA PHE B 914 -22.70 -43.68 34.04
C PHE B 914 -22.78 -42.52 35.03
N ASN B 915 -23.35 -42.76 36.21
CA ASN B 915 -23.44 -41.72 37.22
C ASN B 915 -22.05 -41.27 37.67
N SER B 916 -21.13 -42.22 37.85
CA SER B 916 -19.77 -41.87 38.24
C SER B 916 -19.10 -41.01 37.18
N ALA B 917 -19.30 -41.35 35.90
CA ALA B 917 -18.72 -40.56 34.83
C ALA B 917 -19.30 -39.15 34.79
N ILE B 918 -20.61 -39.02 35.01
CA ILE B 918 -21.23 -37.70 35.02
C ILE B 918 -20.67 -36.86 36.17
N GLY B 919 -20.54 -37.46 37.36
CA GLY B 919 -19.93 -36.74 38.46
C GLY B 919 -18.49 -36.35 38.18
N LYS B 920 -17.74 -37.24 37.54
CA LYS B 920 -16.34 -36.97 37.23
C LYS B 920 -16.21 -35.79 36.27
N ILE B 921 -17.05 -35.74 35.23
CA ILE B 921 -16.94 -34.62 34.29
C ILE B 921 -17.40 -33.33 34.96
N GLN B 922 -18.43 -33.40 35.81
CA GLN B 922 -18.84 -32.24 36.57
C GLN B 922 -17.69 -31.68 37.38
N ASP B 923 -16.95 -32.56 38.06
CA ASP B 923 -15.78 -32.12 38.83
C ASP B 923 -14.69 -31.57 37.91
N SER B 924 -14.44 -32.23 36.78
CA SER B 924 -13.33 -31.85 35.92
C SER B 924 -13.56 -30.48 35.27
N LEU B 925 -14.81 -30.12 35.00
CA LEU B 925 -15.09 -28.83 34.37
C LEU B 925 -14.67 -27.67 35.26
N SER B 926 -15.07 -27.71 36.53
CA SER B 926 -14.83 -26.58 37.43
C SER B 926 -13.42 -26.54 37.99
N SER B 927 -12.69 -27.66 37.96
CA SER B 927 -11.35 -27.70 38.53
C SER B 927 -10.25 -27.42 37.52
N THR B 928 -10.51 -27.63 36.23
CA THR B 928 -9.54 -27.33 35.19
C THR B 928 -9.93 -26.03 34.51
N PRO B 929 -9.10 -24.97 34.61
CA PRO B 929 -9.52 -23.66 34.08
C PRO B 929 -9.30 -23.46 32.60
N SER B 930 -8.42 -24.24 31.97
CA SER B 930 -8.06 -24.04 30.57
C SER B 930 -8.87 -24.91 29.62
N ALA B 931 -9.85 -25.66 30.12
CA ALA B 931 -10.64 -26.53 29.25
C ALA B 931 -11.44 -25.74 28.23
N LEU B 932 -12.05 -24.63 28.67
CA LEU B 932 -12.87 -23.80 27.79
C LEU B 932 -12.04 -22.72 27.09
N GLY B 933 -10.98 -23.14 26.41
CA GLY B 933 -10.13 -22.21 25.69
C GLY B 933 -10.67 -21.84 24.34
N LYS B 934 -11.19 -22.83 23.60
CA LYS B 934 -11.63 -22.61 22.23
C LYS B 934 -12.66 -21.48 22.16
N LEU B 935 -13.63 -21.49 23.06
CA LEU B 935 -14.57 -20.38 23.15
C LEU B 935 -13.84 -19.10 23.57
N GLN B 936 -13.07 -19.17 24.66
CA GLN B 936 -12.46 -17.97 25.22
C GLN B 936 -11.61 -17.24 24.19
N ASP B 937 -10.85 -18.00 23.39
CA ASP B 937 -10.03 -17.39 22.35
C ASP B 937 -10.87 -16.50 21.44
N VAL B 938 -11.99 -17.04 20.92
CA VAL B 938 -12.79 -16.26 19.99
C VAL B 938 -13.40 -15.05 20.67
N VAL B 939 -13.52 -15.07 21.99
CA VAL B 939 -13.98 -13.89 22.71
C VAL B 939 -12.91 -12.81 22.68
N ASN B 940 -11.65 -13.18 22.91
CA ASN B 940 -10.58 -12.19 23.01
C ASN B 940 -10.27 -11.59 21.65
N GLN B 941 -10.06 -12.44 20.65
CA GLN B 941 -9.55 -12.00 19.34
C GLN B 941 -10.33 -10.80 18.82
N ASN B 942 -11.64 -10.98 18.61
CA ASN B 942 -12.52 -9.89 18.19
C ASN B 942 -12.21 -8.62 18.97
N ALA B 943 -12.39 -8.70 20.30
CA ALA B 943 -12.17 -7.54 21.15
C ALA B 943 -10.82 -6.92 20.87
N GLN B 944 -9.76 -7.74 20.88
CA GLN B 944 -8.42 -7.24 20.64
C GLN B 944 -8.38 -6.43 19.36
N ALA B 945 -8.87 -7.02 18.26
CA ALA B 945 -8.87 -6.31 16.99
C ALA B 945 -9.60 -4.99 17.11
N LEU B 946 -10.80 -5.01 17.68
CA LEU B 946 -11.56 -3.78 17.81
C LEU B 946 -10.78 -2.76 18.63
N ASN B 947 -10.15 -3.21 19.72
CA ASN B 947 -9.34 -2.30 20.51
C ASN B 947 -8.30 -1.60 19.64
N THR B 948 -7.56 -2.39 18.85
CA THR B 948 -6.56 -1.81 17.97
C THR B 948 -7.19 -0.76 17.05
N LEU B 949 -8.38 -1.05 16.53
CA LEU B 949 -9.06 -0.10 15.67
C LEU B 949 -9.20 1.25 16.37
N VAL B 950 -9.71 1.24 17.59
CA VAL B 950 -9.86 2.49 18.33
C VAL B 950 -8.50 3.14 18.55
N LYS B 951 -7.49 2.32 18.87
CA LYS B 951 -6.16 2.87 19.08
C LYS B 951 -5.63 3.52 17.81
N GLN B 952 -6.04 3.02 16.64
CA GLN B 952 -5.58 3.62 15.38
C GLN B 952 -6.06 5.05 15.23
N LEU B 953 -7.06 5.46 15.99
CA LEU B 953 -7.52 6.84 15.97
C LEU B 953 -6.57 7.80 16.65
N SER B 954 -5.55 7.29 17.35
CA SER B 954 -4.66 8.14 18.13
C SER B 954 -3.35 8.46 17.42
N SER B 955 -3.23 8.16 16.13
CA SER B 955 -2.02 8.42 15.36
C SER B 955 -2.29 9.49 14.32
N ASN B 956 -1.30 10.36 14.10
CA ASN B 956 -1.46 11.49 13.19
C ASN B 956 -1.29 11.11 11.73
N PHE B 957 -0.76 9.94 11.43
CA PHE B 957 -0.64 9.43 10.05
C PHE B 957 0.13 10.39 9.16
N GLY B 958 1.18 11.00 9.70
CA GLY B 958 2.01 11.92 8.95
C GLY B 958 1.56 13.35 8.95
N ALA B 959 0.40 13.65 9.52
CA ALA B 959 -0.06 15.02 9.66
C ALA B 959 0.59 15.65 10.89
N ILE B 960 0.12 16.84 11.28
CA ILE B 960 0.66 17.54 12.44
C ILE B 960 -0.17 17.32 13.69
N SER B 961 -1.29 16.59 13.60
CA SER B 961 -2.12 16.32 14.76
C SER B 961 -2.91 15.04 14.52
N SER B 962 -3.38 14.45 15.62
CA SER B 962 -4.20 13.25 15.57
C SER B 962 -5.66 13.53 15.86
N VAL B 963 -6.02 14.75 16.24
CA VAL B 963 -7.39 15.12 16.54
C VAL B 963 -7.84 16.16 15.51
N LEU B 964 -9.04 15.95 14.97
CA LEU B 964 -9.49 16.72 13.82
C LEU B 964 -9.89 18.14 14.21
N ASN B 965 -10.53 18.30 15.37
CA ASN B 965 -11.03 19.61 15.78
C ASN B 965 -9.91 20.60 16.02
N ASP B 966 -8.73 20.12 16.43
CA ASP B 966 -7.59 21.02 16.59
C ASP B 966 -7.20 21.63 15.25
N ILE B 967 -7.09 20.79 14.21
CA ILE B 967 -6.76 21.30 12.89
C ILE B 967 -7.85 22.21 12.37
N LEU B 968 -9.11 21.83 12.55
CA LEU B 968 -10.22 22.63 12.05
C LEU B 968 -10.31 23.99 12.72
N SER B 969 -9.79 24.12 13.95
CA SER B 969 -9.82 25.38 14.68
C SER B 969 -8.49 26.11 14.68
N ARG B 970 -7.55 25.72 13.82
CA ARG B 970 -6.23 26.30 13.84
C ARG B 970 -5.78 26.80 12.47
N LEU B 971 -6.23 26.16 11.40
CA LEU B 971 -5.73 26.44 10.07
C LEU B 971 -6.86 26.85 9.13
N ASP B 972 -6.48 27.56 8.07
CA ASP B 972 -7.39 27.94 7.01
C ASP B 972 -7.66 26.74 6.10
N PRO B 973 -8.79 26.75 5.37
CA PRO B 973 -9.18 25.58 4.56
C PRO B 973 -8.11 25.13 3.57
N PRO B 974 -7.37 26.05 2.90
CA PRO B 974 -6.39 25.57 1.91
C PRO B 974 -5.37 24.57 2.45
N GLU B 975 -4.89 24.77 3.68
CA GLU B 975 -3.99 23.80 4.29
C GLU B 975 -4.73 22.78 5.14
N ALA B 976 -5.90 23.17 5.66
CA ALA B 976 -6.75 22.22 6.37
C ALA B 976 -7.01 20.99 5.52
N GLU B 977 -7.47 21.19 4.28
CA GLU B 977 -7.77 20.07 3.40
C GLU B 977 -6.53 19.20 3.16
N VAL B 978 -5.36 19.83 3.06
CA VAL B 978 -4.12 19.08 2.86
C VAL B 978 -3.85 18.17 4.04
N GLN B 979 -4.21 18.61 5.25
CA GLN B 979 -4.07 17.71 6.40
C GLN B 979 -5.18 16.64 6.43
N ILE B 980 -6.42 17.04 6.12
CA ILE B 980 -7.55 16.13 6.25
C ILE B 980 -7.43 14.97 5.28
N ASP B 981 -6.88 15.20 4.08
CA ASP B 981 -6.78 14.09 3.13
C ASP B 981 -5.85 12.99 3.66
N ARG B 982 -4.73 13.38 4.26
CA ARG B 982 -3.85 12.40 4.90
C ARG B 982 -4.59 11.68 6.02
N LEU B 983 -5.32 12.42 6.84
CA LEU B 983 -6.03 11.80 7.97
C LEU B 983 -7.04 10.77 7.49
N ILE B 984 -7.85 11.13 6.49
CA ILE B 984 -8.87 10.21 6.03
C ILE B 984 -8.24 9.02 5.34
N THR B 985 -7.13 9.22 4.62
CA THR B 985 -6.44 8.10 4.02
C THR B 985 -6.03 7.09 5.07
N GLY B 986 -5.39 7.55 6.14
CA GLY B 986 -4.96 6.63 7.18
C GLY B 986 -6.11 5.90 7.85
N ARG B 987 -7.15 6.65 8.23
CA ARG B 987 -8.27 6.04 8.94
C ARG B 987 -9.01 5.05 8.04
N LEU B 988 -9.18 5.38 6.75
CA LEU B 988 -9.84 4.49 5.82
C LEU B 988 -9.04 3.20 5.63
N GLN B 989 -7.71 3.32 5.54
CA GLN B 989 -6.89 2.11 5.43
C GLN B 989 -7.05 1.22 6.65
N SER B 990 -7.07 1.82 7.84
CA SER B 990 -7.26 1.03 9.05
C SER B 990 -8.62 0.32 9.05
N LEU B 991 -9.66 1.03 8.64
CA LEU B 991 -11.00 0.42 8.61
C LEU B 991 -11.06 -0.72 7.61
N GLN B 992 -10.43 -0.55 6.44
CA GLN B 992 -10.39 -1.62 5.45
C GLN B 992 -9.70 -2.86 6.00
N THR B 993 -8.56 -2.68 6.69
CA THR B 993 -7.86 -3.82 7.27
C THR B 993 -8.75 -4.54 8.28
N TYR B 994 -9.43 -3.78 9.13
CA TYR B 994 -10.31 -4.39 10.13
C TYR B 994 -11.42 -5.19 9.46
N VAL B 995 -12.01 -4.65 8.39
CA VAL B 995 -13.09 -5.34 7.70
C VAL B 995 -12.60 -6.65 7.10
N THR B 996 -11.42 -6.64 6.48
CA THR B 996 -10.90 -7.87 5.89
C THR B 996 -10.66 -8.94 6.97
N GLN B 997 -10.06 -8.54 8.09
CA GLN B 997 -9.83 -9.50 9.17
C GLN B 997 -11.15 -10.09 9.66
N GLN B 998 -12.17 -9.24 9.83
CA GLN B 998 -13.46 -9.72 10.29
C GLN B 998 -14.06 -10.71 9.29
N LEU B 999 -13.93 -10.44 7.99
CA LEU B 999 -14.47 -11.35 6.99
C LEU B 999 -13.82 -12.73 7.07
N ILE B 1000 -12.49 -12.76 7.19
CA ILE B 1000 -11.81 -14.06 7.27
C ILE B 1000 -12.24 -14.81 8.53
N ARG B 1001 -12.29 -14.12 9.66
CA ARG B 1001 -12.68 -14.77 10.91
C ARG B 1001 -14.11 -15.30 10.82
N ALA B 1002 -14.99 -14.53 10.19
CA ALA B 1002 -16.38 -14.98 10.02
C ALA B 1002 -16.46 -16.23 9.16
N ALA B 1003 -15.64 -16.31 8.11
CA ALA B 1003 -15.61 -17.53 7.30
C ALA B 1003 -15.19 -18.74 8.13
N GLU B 1004 -14.14 -18.58 8.95
CA GLU B 1004 -13.70 -19.70 9.78
C GLU B 1004 -14.81 -20.11 10.76
N ILE B 1005 -15.48 -19.13 11.36
CA ILE B 1005 -16.54 -19.44 12.31
C ILE B 1005 -17.71 -20.12 11.60
N ARG B 1006 -17.99 -19.75 10.35
CA ARG B 1006 -19.03 -20.42 9.58
C ARG B 1006 -18.68 -21.89 9.38
N ALA B 1007 -17.43 -22.18 9.05
CA ALA B 1007 -17.02 -23.58 8.89
C ALA B 1007 -17.21 -24.36 10.20
N SER B 1008 -16.80 -23.75 11.32
CA SER B 1008 -16.96 -24.41 12.61
C SER B 1008 -18.44 -24.65 12.93
N ALA B 1009 -19.30 -23.68 12.61
CA ALA B 1009 -20.73 -23.84 12.86
C ALA B 1009 -21.32 -24.95 12.01
N ASN B 1010 -20.88 -25.08 10.76
CA ASN B 1010 -21.35 -26.18 9.92
C ASN B 1010 -20.96 -27.53 10.52
N LEU B 1011 -19.71 -27.63 11.00
CA LEU B 1011 -19.28 -28.87 11.64
C LEU B 1011 -20.13 -29.17 12.87
N ALA B 1012 -20.41 -28.15 13.68
CA ALA B 1012 -21.23 -28.35 14.88
C ALA B 1012 -22.63 -28.80 14.53
N ALA B 1013 -23.22 -28.21 13.48
CA ALA B 1013 -24.55 -28.62 13.05
C ALA B 1013 -24.56 -30.07 12.59
N THR B 1014 -23.54 -30.49 11.84
CA THR B 1014 -23.47 -31.88 11.42
C THR B 1014 -23.35 -32.82 12.63
N LYS B 1015 -22.51 -32.46 13.60
CA LYS B 1015 -22.37 -33.29 14.79
C LYS B 1015 -23.67 -33.40 15.55
N MET B 1016 -24.40 -32.28 15.68
CA MET B 1016 -25.70 -32.32 16.37
C MET B 1016 -26.69 -33.19 15.61
N SER B 1017 -26.67 -33.12 14.28
CA SER B 1017 -27.61 -33.91 13.49
C SER B 1017 -27.32 -35.40 13.59
N GLU B 1018 -26.04 -35.78 13.67
CA GLU B 1018 -25.68 -37.19 13.63
C GLU B 1018 -25.44 -37.80 15.01
N CYS B 1019 -24.58 -37.18 15.82
CA CYS B 1019 -24.23 -37.79 17.10
C CYS B 1019 -25.40 -37.78 18.07
N VAL B 1020 -26.22 -36.74 18.05
CA VAL B 1020 -27.29 -36.59 19.04
C VAL B 1020 -28.59 -37.23 18.56
N LEU B 1021 -29.04 -36.86 17.36
CA LEU B 1021 -30.31 -37.35 16.85
C LEU B 1021 -30.31 -38.84 16.54
N GLY B 1022 -29.14 -39.47 16.53
CA GLY B 1022 -29.06 -40.90 16.26
C GLY B 1022 -27.73 -41.44 16.74
N GLN B 1023 -27.52 -42.73 16.46
CA GLN B 1023 -26.30 -43.41 16.82
C GLN B 1023 -25.41 -43.51 15.59
N SER B 1024 -24.16 -43.07 15.71
CA SER B 1024 -23.24 -43.01 14.60
C SER B 1024 -22.24 -44.16 14.67
N LYS B 1025 -21.77 -44.58 13.50
CA LYS B 1025 -20.76 -45.63 13.39
C LYS B 1025 -19.44 -45.13 12.82
N ARG B 1026 -19.37 -43.87 12.41
CA ARG B 1026 -18.09 -43.31 11.99
C ARG B 1026 -17.12 -43.28 13.16
N VAL B 1027 -15.89 -43.74 12.91
CA VAL B 1027 -14.92 -43.89 13.99
C VAL B 1027 -14.39 -42.52 14.39
N ASP B 1028 -14.39 -42.26 15.70
CA ASP B 1028 -13.86 -41.04 16.31
C ASP B 1028 -14.60 -39.77 15.90
N PHE B 1029 -15.75 -39.90 15.23
CA PHE B 1029 -16.53 -38.71 14.88
C PHE B 1029 -17.20 -38.13 16.12
N CYS B 1030 -17.82 -38.98 16.94
CA CYS B 1030 -18.50 -38.51 18.14
C CYS B 1030 -17.56 -38.52 19.34
N GLY B 1031 -17.00 -39.69 19.67
CA GLY B 1031 -16.09 -39.79 20.79
C GLY B 1031 -15.24 -41.03 20.67
N LYS B 1032 -14.19 -41.07 21.51
CA LYS B 1032 -13.28 -42.21 21.51
C LYS B 1032 -14.00 -43.48 21.96
N GLY B 1033 -13.76 -44.57 21.26
CA GLY B 1033 -14.46 -45.81 21.52
C GLY B 1033 -15.75 -45.91 20.73
N TYR B 1034 -16.47 -47.00 20.98
CA TYR B 1034 -17.75 -47.21 20.32
C TYR B 1034 -18.78 -46.24 20.87
N HIS B 1035 -19.49 -45.57 19.97
CA HIS B 1035 -20.41 -44.51 20.37
C HIS B 1035 -21.74 -45.10 20.83
N LEU B 1036 -22.25 -44.61 21.95
CA LEU B 1036 -23.55 -45.02 22.46
C LEU B 1036 -24.59 -43.92 22.36
N MET B 1037 -24.31 -42.72 22.87
CA MET B 1037 -25.22 -41.59 22.68
C MET B 1037 -24.47 -40.30 22.96
N SER B 1038 -25.19 -39.19 22.98
CA SER B 1038 -24.60 -37.90 23.32
C SER B 1038 -25.70 -36.94 23.75
N PHE B 1039 -25.30 -35.90 24.48
CA PHE B 1039 -26.20 -34.87 24.96
C PHE B 1039 -25.61 -33.48 24.67
N PRO B 1040 -26.44 -32.52 24.30
CA PRO B 1040 -25.93 -31.15 24.07
C PRO B 1040 -26.08 -30.25 25.27
N GLN B 1041 -25.22 -29.24 25.36
CA GLN B 1041 -25.32 -28.19 26.37
C GLN B 1041 -24.91 -26.88 25.73
N SER B 1042 -25.54 -25.78 26.14
CA SER B 1042 -25.24 -24.49 25.57
C SER B 1042 -24.09 -23.82 26.32
N ALA B 1043 -23.52 -22.80 25.69
CA ALA B 1043 -22.46 -22.01 26.29
C ALA B 1043 -22.37 -20.69 25.53
N PRO B 1044 -21.81 -19.63 26.13
CA PRO B 1044 -21.75 -18.35 25.43
C PRO B 1044 -20.99 -18.46 24.12
N HIS B 1045 -21.70 -18.29 23.02
CA HIS B 1045 -21.15 -18.43 21.67
C HIS B 1045 -20.52 -19.81 21.47
N GLY B 1046 -21.18 -20.87 21.95
CA GLY B 1046 -20.64 -22.20 21.75
C GLY B 1046 -21.56 -23.28 22.24
N VAL B 1047 -21.20 -24.51 21.87
CA VAL B 1047 -21.92 -25.71 22.27
C VAL B 1047 -20.91 -26.69 22.88
N VAL B 1048 -21.41 -27.51 23.81
CA VAL B 1048 -20.61 -28.54 24.47
C VAL B 1048 -21.37 -29.86 24.33
N PHE B 1049 -20.70 -30.86 23.78
CA PHE B 1049 -21.29 -32.18 23.59
C PHE B 1049 -20.71 -33.14 24.62
N LEU B 1050 -21.59 -33.85 25.33
CA LEU B 1050 -21.21 -34.94 26.21
C LEU B 1050 -21.47 -36.24 25.47
N HIS B 1051 -20.40 -36.89 25.03
CA HIS B 1051 -20.50 -38.15 24.30
C HIS B 1051 -20.34 -39.30 25.29
N VAL B 1052 -21.35 -40.18 25.32
CA VAL B 1052 -21.33 -41.38 26.16
C VAL B 1052 -20.96 -42.55 25.24
N THR B 1053 -19.82 -43.18 25.54
CA THR B 1053 -19.23 -44.20 24.70
C THR B 1053 -18.86 -45.42 25.54
N TYR B 1054 -18.51 -46.49 24.83
CA TYR B 1054 -18.26 -47.81 25.41
C TYR B 1054 -16.82 -48.21 25.11
N VAL B 1055 -16.12 -48.72 26.11
CA VAL B 1055 -14.70 -49.07 25.94
C VAL B 1055 -14.42 -50.44 26.57
N PRO B 1056 -13.85 -51.39 25.84
CA PRO B 1056 -13.45 -52.66 26.45
C PRO B 1056 -12.40 -52.46 27.52
N ALA B 1057 -12.46 -53.28 28.57
CA ALA B 1057 -11.66 -53.07 29.76
C ALA B 1057 -10.60 -54.16 29.99
N GLN B 1058 -11.00 -55.43 30.06
CA GLN B 1058 -10.10 -56.50 30.43
C GLN B 1058 -10.12 -57.58 29.36
N GLU B 1059 -8.96 -57.89 28.79
CA GLU B 1059 -8.82 -58.83 27.69
C GLU B 1059 -8.14 -60.10 28.16
N LYS B 1060 -8.59 -61.24 27.65
CA LYS B 1060 -8.02 -62.54 27.95
C LYS B 1060 -7.55 -63.21 26.67
N ASN B 1061 -6.46 -63.95 26.77
CA ASN B 1061 -5.86 -64.66 25.64
C ASN B 1061 -6.60 -65.97 25.38
N PHE B 1062 -6.64 -66.35 24.10
CA PHE B 1062 -7.26 -67.61 23.68
C PHE B 1062 -6.61 -68.07 22.39
N THR B 1063 -6.76 -69.36 22.09
CA THR B 1063 -6.32 -69.92 20.83
C THR B 1063 -7.54 -70.13 19.93
N THR B 1064 -7.39 -69.81 18.65
CA THR B 1064 -8.51 -69.79 17.72
C THR B 1064 -8.22 -70.66 16.51
N ALA B 1065 -9.24 -70.81 15.66
CA ALA B 1065 -9.16 -71.60 14.44
C ALA B 1065 -10.16 -71.06 13.42
N PRO B 1066 -9.77 -70.90 12.16
CA PRO B 1066 -10.69 -70.33 11.16
C PRO B 1066 -11.95 -71.14 10.95
N ALA B 1067 -11.89 -72.46 11.06
CA ALA B 1067 -13.04 -73.31 10.83
C ALA B 1067 -12.83 -74.64 11.55
N ILE B 1068 -13.81 -75.53 11.41
CA ILE B 1068 -13.77 -76.84 12.03
C ILE B 1068 -14.23 -77.88 11.00
N CYS B 1069 -13.48 -78.97 10.90
CA CYS B 1069 -13.80 -80.06 9.98
C CYS B 1069 -14.32 -81.24 10.79
N HIS B 1070 -15.58 -81.60 10.54
CA HIS B 1070 -16.31 -82.51 11.44
C HIS B 1070 -16.52 -83.88 10.82
N ASP B 1071 -17.18 -83.97 9.67
CA ASP B 1071 -17.39 -85.23 8.96
C ASP B 1071 -16.95 -85.07 7.51
N GLY B 1072 -15.79 -84.46 7.31
CA GLY B 1072 -15.38 -84.01 6.01
C GLY B 1072 -15.97 -82.68 5.60
N LYS B 1073 -16.92 -82.15 6.39
CA LYS B 1073 -17.53 -80.86 6.13
C LYS B 1073 -16.84 -79.79 6.95
N ALA B 1074 -16.82 -78.57 6.43
CA ALA B 1074 -16.22 -77.43 7.10
C ALA B 1074 -17.33 -76.54 7.65
N HIS B 1075 -17.27 -76.25 8.95
CA HIS B 1075 -18.25 -75.42 9.62
C HIS B 1075 -17.67 -74.05 9.89
N PHE B 1076 -18.41 -73.00 9.52
CA PHE B 1076 -17.99 -71.63 9.73
C PHE B 1076 -19.01 -70.90 10.59
N PRO B 1077 -18.57 -70.08 11.54
CA PRO B 1077 -19.52 -69.48 12.48
C PRO B 1077 -20.42 -68.45 11.80
N ARG B 1078 -21.71 -68.49 12.16
CA ARG B 1078 -22.64 -67.50 11.64
C ARG B 1078 -22.27 -66.11 12.11
N GLU B 1079 -21.92 -65.97 13.40
CA GLU B 1079 -21.33 -64.75 13.91
C GLU B 1079 -20.46 -65.13 15.12
N GLY B 1080 -19.41 -64.35 15.32
CA GLY B 1080 -18.46 -64.66 16.38
C GLY B 1080 -17.26 -65.43 15.87
N VAL B 1081 -16.40 -65.80 16.82
CA VAL B 1081 -15.15 -66.49 16.52
C VAL B 1081 -15.12 -67.81 17.30
N PHE B 1082 -14.39 -68.77 16.75
CA PHE B 1082 -14.09 -70.01 17.46
C PHE B 1082 -13.00 -69.73 18.48
N VAL B 1083 -13.21 -70.20 19.71
CA VAL B 1083 -12.35 -69.85 20.83
C VAL B 1083 -11.98 -71.14 21.56
N SER B 1084 -10.80 -71.13 22.18
CA SER B 1084 -10.36 -72.27 22.97
C SER B 1084 -9.41 -71.80 24.06
N ASN B 1085 -9.61 -72.32 25.27
CA ASN B 1085 -8.74 -72.05 26.40
C ASN B 1085 -7.64 -73.09 26.54
N GLY B 1086 -7.55 -74.04 25.61
CA GLY B 1086 -6.54 -75.09 25.64
C GLY B 1086 -7.10 -76.50 25.71
N THR B 1087 -8.37 -76.66 26.09
CA THR B 1087 -8.95 -77.98 26.22
C THR B 1087 -10.21 -78.18 25.40
N HIS B 1088 -11.07 -77.16 25.30
CA HIS B 1088 -12.35 -77.28 24.61
C HIS B 1088 -12.52 -76.12 23.64
N TRP B 1089 -13.51 -76.25 22.77
CA TRP B 1089 -13.78 -75.28 21.72
C TRP B 1089 -15.18 -74.72 21.88
N PHE B 1090 -15.32 -73.40 21.73
CA PHE B 1090 -16.60 -72.72 21.86
C PHE B 1090 -16.73 -71.67 20.77
N VAL B 1091 -17.91 -71.06 20.71
CA VAL B 1091 -18.20 -69.96 19.80
C VAL B 1091 -18.56 -68.74 20.63
N THR B 1092 -17.91 -67.62 20.36
CA THR B 1092 -18.08 -66.42 21.17
C THR B 1092 -18.38 -65.22 20.29
N GLN B 1093 -19.19 -64.30 20.79
CA GLN B 1093 -19.35 -63.03 20.10
C GLN B 1093 -18.05 -62.24 20.16
N ARG B 1094 -17.86 -61.37 19.17
CA ARG B 1094 -16.53 -60.82 18.92
C ARG B 1094 -16.11 -59.79 19.97
N ASN B 1095 -17.04 -58.99 20.46
CA ASN B 1095 -16.70 -57.87 21.34
C ASN B 1095 -16.92 -58.16 22.82
N PHE B 1096 -17.30 -59.38 23.18
CA PHE B 1096 -17.50 -59.73 24.58
C PHE B 1096 -17.33 -61.23 24.73
N TYR B 1097 -16.78 -61.65 25.87
CA TYR B 1097 -16.49 -63.06 26.10
C TYR B 1097 -17.65 -63.74 26.81
N GLU B 1098 -18.24 -64.74 26.17
CA GLU B 1098 -19.21 -65.64 26.78
C GLU B 1098 -19.19 -66.96 26.03
N PRO B 1099 -18.50 -67.97 26.56
CA PRO B 1099 -18.41 -69.25 25.83
C PRO B 1099 -19.77 -69.88 25.63
N GLN B 1100 -19.94 -70.49 24.45
CA GLN B 1100 -21.17 -71.17 24.08
C GLN B 1100 -20.82 -72.46 23.36
N ILE B 1101 -21.54 -73.53 23.68
CA ILE B 1101 -21.25 -74.82 23.07
C ILE B 1101 -21.58 -74.76 21.59
N ILE B 1102 -20.63 -75.18 20.76
CA ILE B 1102 -20.82 -75.14 19.32
C ILE B 1102 -21.89 -76.14 18.91
N THR B 1103 -22.93 -75.66 18.23
CA THR B 1103 -23.99 -76.52 17.72
C THR B 1103 -24.17 -76.29 16.23
N THR B 1104 -25.20 -76.88 15.64
CA THR B 1104 -25.50 -76.64 14.23
C THR B 1104 -26.19 -75.31 14.00
N ASP B 1105 -26.66 -74.65 15.06
CA ASP B 1105 -27.34 -73.38 14.93
C ASP B 1105 -26.39 -72.19 14.96
N ASN B 1106 -25.17 -72.36 15.48
CA ASN B 1106 -24.20 -71.28 15.52
C ASN B 1106 -23.30 -71.22 14.30
N THR B 1107 -23.28 -72.29 13.48
CA THR B 1107 -22.38 -72.35 12.34
C THR B 1107 -23.10 -72.99 11.16
N PHE B 1108 -22.57 -72.72 9.97
CA PHE B 1108 -23.12 -73.23 8.72
C PHE B 1108 -22.04 -73.98 7.95
N VAL B 1109 -22.46 -74.93 7.13
CA VAL B 1109 -21.56 -75.78 6.36
C VAL B 1109 -21.24 -75.10 5.04
N SER B 1110 -20.00 -75.26 4.58
CA SER B 1110 -19.57 -74.68 3.30
C SER B 1110 -18.43 -75.53 2.76
N GLY B 1111 -18.75 -76.40 1.79
CA GLY B 1111 -17.72 -77.17 1.13
C GLY B 1111 -17.13 -78.26 2.01
N ASN B 1112 -15.89 -78.61 1.73
CA ASN B 1112 -15.19 -79.66 2.47
C ASN B 1112 -13.95 -79.08 3.15
N CYS B 1113 -13.28 -79.89 3.97
CA CYS B 1113 -12.13 -79.44 4.73
C CYS B 1113 -10.79 -79.80 4.09
N ASP B 1114 -10.73 -79.87 2.77
CA ASP B 1114 -9.46 -79.97 2.05
C ASP B 1114 -9.04 -78.64 1.46
N VAL B 1115 -9.77 -77.56 1.72
CA VAL B 1115 -9.57 -76.28 1.07
C VAL B 1115 -9.02 -75.24 2.03
N VAL B 1116 -9.42 -75.28 3.29
CA VAL B 1116 -9.02 -74.25 4.25
C VAL B 1116 -7.62 -74.55 4.78
N ILE B 1117 -6.89 -73.49 5.10
CA ILE B 1117 -5.55 -73.59 5.68
C ILE B 1117 -5.68 -73.25 7.15
N GLY B 1118 -5.50 -74.25 8.01
CA GLY B 1118 -5.59 -74.05 9.44
C GLY B 1118 -6.82 -74.61 10.12
N ILE B 1119 -7.46 -75.61 9.52
CA ILE B 1119 -8.62 -76.22 10.17
C ILE B 1119 -8.20 -76.93 11.45
N VAL B 1120 -9.18 -77.22 12.30
CA VAL B 1120 -8.97 -77.98 13.52
C VAL B 1120 -10.04 -79.04 13.63
N ASN B 1121 -9.74 -80.09 14.39
CA ASN B 1121 -10.66 -81.21 14.58
C ASN B 1121 -11.41 -81.04 15.89
N ASN B 1122 -12.72 -81.28 15.84
CA ASN B 1122 -13.58 -81.23 17.01
C ASN B 1122 -14.91 -81.88 16.61
N THR B 1123 -15.82 -81.95 17.57
CA THR B 1123 -17.15 -82.51 17.35
C THR B 1123 -18.19 -81.41 17.47
N VAL B 1124 -19.03 -81.30 16.45
CA VAL B 1124 -20.16 -80.37 16.48
C VAL B 1124 -21.37 -81.10 17.05
N TYR B 1125 -22.25 -80.35 17.70
CA TYR B 1125 -23.38 -80.92 18.44
C TYR B 1125 -24.66 -80.58 17.68
N ASP B 1126 -25.52 -81.58 17.52
CA ASP B 1126 -26.80 -81.39 16.85
C ASP B 1126 -27.91 -81.39 17.88
N PRO B 1127 -28.58 -80.26 18.13
CA PRO B 1127 -29.65 -80.25 19.13
C PRO B 1127 -30.81 -81.16 18.79
N LEU B 1128 -31.08 -81.36 17.50
CA LEU B 1128 -32.21 -82.19 17.10
C LEU B 1128 -31.99 -83.66 17.40
N GLN B 1129 -30.73 -84.10 17.45
CA GLN B 1129 -30.47 -85.54 17.60
C GLN B 1129 -30.94 -86.09 18.94
N PRO B 1130 -30.57 -85.52 20.10
CA PRO B 1130 -31.07 -86.08 21.37
C PRO B 1130 -32.58 -86.02 21.48
N GLU B 1131 -33.21 -84.97 20.95
CA GLU B 1131 -34.67 -84.90 20.95
C GLU B 1131 -35.27 -86.02 20.11
N LEU B 1132 -34.67 -86.31 18.96
CA LEU B 1132 -35.15 -87.41 18.13
C LEU B 1132 -34.96 -88.75 18.83
N ASP B 1133 -33.84 -88.91 19.53
CA ASP B 1133 -33.58 -90.15 20.27
C ASP B 1133 -34.46 -90.27 21.51
N SER B 1134 -35.05 -89.17 21.98
CA SER B 1134 -35.90 -89.20 23.15
C SER B 1134 -37.29 -89.75 22.81
N GLN C 1 50.35 6.12 -51.23
CA GLN C 1 49.24 6.84 -51.82
C GLN C 1 48.15 5.89 -52.32
N CYS C 2 46.92 6.39 -52.40
CA CYS C 2 45.81 5.57 -52.85
C CYS C 2 45.93 5.27 -54.33
N VAL C 3 45.42 4.10 -54.74
CA VAL C 3 45.50 3.63 -56.11
C VAL C 3 44.09 3.37 -56.62
N ASN C 4 43.76 3.93 -57.78
CA ASN C 4 42.46 3.72 -58.39
C ASN C 4 42.43 2.37 -59.11
N LEU C 5 41.30 1.68 -58.98
CA LEU C 5 41.06 0.40 -59.62
C LEU C 5 39.80 0.47 -60.47
N THR C 6 39.44 -0.65 -61.08
CA THR C 6 38.25 -0.71 -61.92
C THR C 6 36.99 -0.63 -61.06
N THR C 7 35.87 -0.31 -61.72
CA THR C 7 34.61 -0.16 -61.02
C THR C 7 34.08 -1.50 -60.52
N ARG C 8 33.34 -1.45 -59.41
CA ARG C 8 32.75 -2.66 -58.84
C ARG C 8 31.57 -3.17 -59.65
N THR C 9 30.97 -2.33 -60.50
CA THR C 9 29.90 -2.66 -61.43
C THR C 9 28.62 -3.12 -60.73
N GLN C 10 28.56 -3.04 -59.40
CA GLN C 10 27.36 -3.33 -58.61
C GLN C 10 26.84 -4.75 -58.89
N LEU C 11 27.69 -5.70 -58.57
CA LEU C 11 27.32 -7.11 -58.65
C LEU C 11 26.17 -7.39 -57.68
N PRO C 12 25.11 -8.10 -58.11
CA PRO C 12 23.93 -8.23 -57.27
C PRO C 12 24.10 -9.21 -56.13
N PRO C 13 23.63 -8.84 -54.94
CA PRO C 13 24.03 -9.54 -53.72
C PRO C 13 23.45 -10.93 -53.60
N ALA C 14 24.12 -11.74 -52.80
CA ALA C 14 23.65 -13.06 -52.40
C ALA C 14 23.46 -13.07 -50.89
N TYR C 15 22.36 -13.67 -50.44
CA TYR C 15 21.97 -13.63 -49.04
C TYR C 15 22.10 -15.01 -48.42
N THR C 16 22.12 -15.05 -47.09
CA THR C 16 22.29 -16.30 -46.35
C THR C 16 21.56 -16.17 -45.02
N ASN C 17 21.40 -17.31 -44.35
CA ASN C 17 20.73 -17.37 -43.07
C ASN C 17 21.71 -17.15 -41.93
N SER C 18 21.20 -16.60 -40.83
CA SER C 18 21.95 -16.53 -39.57
C SER C 18 21.28 -17.50 -38.59
N PHE C 19 21.82 -18.72 -38.50
CA PHE C 19 21.23 -19.78 -37.67
C PHE C 19 21.62 -19.55 -36.21
N THR C 20 20.85 -18.69 -35.54
CA THR C 20 20.95 -18.47 -34.09
C THR C 20 22.39 -18.17 -33.67
N ARG C 21 22.94 -17.11 -34.25
CA ARG C 21 24.30 -16.68 -33.97
C ARG C 21 24.30 -15.21 -33.57
N GLY C 22 25.38 -14.79 -32.93
CA GLY C 22 25.56 -13.40 -32.56
C GLY C 22 24.95 -13.04 -31.23
N VAL C 23 25.26 -13.82 -30.20
CA VAL C 23 24.79 -13.56 -28.83
C VAL C 23 26.01 -13.26 -27.98
N TYR C 24 26.01 -12.08 -27.36
CA TYR C 24 27.12 -11.63 -26.54
C TYR C 24 26.64 -11.41 -25.11
N TYR C 25 27.62 -11.22 -24.21
CA TYR C 25 27.34 -10.97 -22.80
C TYR C 25 26.79 -9.56 -22.64
N PRO C 26 25.48 -9.41 -22.42
CA PRO C 26 24.89 -8.07 -22.41
C PRO C 26 25.46 -7.16 -21.33
N ASP C 27 25.79 -7.71 -20.17
CA ASP C 27 26.26 -6.88 -19.06
C ASP C 27 27.57 -7.40 -18.51
N LYS C 28 28.00 -6.85 -17.37
CA LYS C 28 29.26 -7.21 -16.73
C LYS C 28 29.02 -7.91 -15.40
N VAL C 29 28.02 -8.79 -15.36
CA VAL C 29 27.61 -9.47 -14.13
C VAL C 29 27.77 -10.97 -14.34
N PHE C 30 28.01 -11.68 -13.24
CA PHE C 30 28.20 -13.12 -13.25
C PHE C 30 26.98 -13.79 -12.63
N ARG C 31 26.49 -14.85 -13.27
CA ARG C 31 25.37 -15.63 -12.76
C ARG C 31 25.71 -17.11 -12.88
N SER C 32 24.78 -17.96 -12.42
CA SER C 32 25.01 -19.40 -12.45
C SER C 32 23.67 -20.11 -12.32
N SER C 33 23.33 -20.94 -13.30
CA SER C 33 22.09 -21.70 -13.32
C SER C 33 20.88 -20.77 -13.20
N VAL C 34 20.86 -19.72 -14.01
CA VAL C 34 19.79 -18.75 -14.03
C VAL C 34 19.27 -18.63 -15.46
N LEU C 35 18.03 -18.18 -15.59
CA LEU C 35 17.40 -17.92 -16.88
C LEU C 35 16.98 -16.45 -16.87
N HIS C 36 17.90 -15.59 -17.29
CA HIS C 36 17.70 -14.15 -17.22
C HIS C 36 17.18 -13.61 -18.55
N SER C 37 16.24 -12.68 -18.48
CA SER C 37 15.64 -12.05 -19.65
C SER C 37 16.14 -10.62 -19.76
N THR C 38 16.77 -10.30 -20.89
CA THR C 38 17.40 -8.99 -21.09
C THR C 38 16.92 -8.35 -22.38
N GLN C 39 16.78 -7.03 -22.36
CA GLN C 39 16.41 -6.27 -23.55
C GLN C 39 17.68 -5.61 -24.07
N ASP C 40 18.04 -5.90 -25.32
CA ASP C 40 19.34 -5.48 -25.84
C ASP C 40 19.26 -5.45 -27.36
N LEU C 41 20.20 -4.74 -27.97
CA LEU C 41 20.33 -4.70 -29.43
C LEU C 41 20.95 -6.01 -29.88
N PHE C 42 20.10 -6.97 -30.26
CA PHE C 42 20.54 -8.30 -30.65
C PHE C 42 20.46 -8.47 -32.16
N LEU C 43 20.86 -9.66 -32.62
CA LEU C 43 20.64 -10.06 -34.00
C LEU C 43 19.55 -11.12 -34.02
N PRO C 44 18.37 -10.83 -34.57
CA PRO C 44 17.25 -11.77 -34.45
C PRO C 44 17.58 -13.11 -35.10
N PHE C 45 17.04 -14.18 -34.51
CA PHE C 45 17.28 -15.52 -35.00
C PHE C 45 16.73 -15.70 -36.40
N PHE C 46 17.48 -16.43 -37.23
CA PHE C 46 17.12 -16.73 -38.61
C PHE C 46 16.90 -15.43 -39.40
N SER C 47 17.97 -14.66 -39.52
CA SER C 47 17.94 -13.36 -40.16
C SER C 47 18.75 -13.38 -41.45
N ASN C 48 18.37 -12.47 -42.35
CA ASN C 48 19.06 -12.22 -43.61
C ASN C 48 20.44 -11.63 -43.36
N VAL C 49 21.49 -12.39 -43.63
CA VAL C 49 22.86 -11.91 -43.53
C VAL C 49 23.44 -11.84 -44.93
N THR C 50 24.05 -10.70 -45.27
CA THR C 50 24.56 -10.51 -46.62
C THR C 50 26.04 -10.83 -46.65
N TRP C 51 26.44 -11.71 -47.57
CA TRP C 51 27.80 -12.21 -47.61
C TRP C 51 28.47 -11.86 -48.93
N PHE C 52 29.74 -11.50 -48.86
CA PHE C 52 30.54 -11.16 -50.03
C PHE C 52 31.82 -11.97 -50.02
N HIS C 53 32.19 -12.49 -51.20
CA HIS C 53 33.46 -13.15 -51.34
C HIS C 53 34.60 -12.14 -51.29
N ALA C 54 35.82 -12.64 -51.09
CA ALA C 54 36.98 -11.76 -51.06
C ALA C 54 37.18 -11.09 -52.41
N ILE C 55 37.22 -11.87 -53.48
CA ILE C 55 37.36 -11.36 -54.85
C ILE C 55 36.36 -12.10 -55.72
N HIS C 56 35.51 -11.36 -56.42
CA HIS C 56 34.54 -11.97 -57.32
C HIS C 56 35.26 -12.36 -58.61
N VAL C 57 35.31 -13.66 -58.89
CA VAL C 57 35.88 -14.17 -60.14
C VAL C 57 34.71 -14.25 -61.11
N SER C 58 34.44 -13.13 -61.79
CA SER C 58 33.23 -13.03 -62.61
C SER C 58 33.23 -14.03 -63.75
N GLY C 59 34.36 -14.20 -64.42
CA GLY C 59 34.48 -15.14 -65.50
C GLY C 59 35.14 -16.44 -65.06
N THR C 60 34.86 -17.50 -65.81
CA THR C 60 35.49 -18.79 -65.52
C THR C 60 37.00 -18.72 -65.70
N ASN C 61 37.48 -17.87 -66.61
CA ASN C 61 38.91 -17.71 -66.82
C ASN C 61 39.59 -16.90 -65.72
N GLY C 62 38.86 -15.96 -65.12
CA GLY C 62 39.40 -15.25 -63.96
C GLY C 62 39.28 -13.75 -64.00
N THR C 63 38.65 -13.17 -62.98
CA THR C 63 38.61 -11.73 -62.76
C THR C 63 39.04 -11.44 -61.33
N LYS C 64 39.83 -10.40 -61.14
CA LYS C 64 40.43 -10.12 -59.84
C LYS C 64 39.98 -8.78 -59.28
N ARG C 65 38.68 -8.50 -59.32
CA ARG C 65 38.12 -7.26 -58.81
C ARG C 65 37.58 -7.46 -57.40
N PHE C 66 37.88 -6.51 -56.52
CA PHE C 66 37.54 -6.62 -55.11
C PHE C 66 36.04 -6.46 -54.88
N ASP C 67 35.57 -7.03 -53.78
CA ASP C 67 34.21 -6.85 -53.30
C ASP C 67 34.30 -6.09 -51.97
N ASN C 68 34.35 -4.77 -52.07
CA ASN C 68 34.46 -3.89 -50.91
C ASN C 68 33.44 -2.76 -51.02
N PRO C 69 32.15 -3.09 -50.90
CA PRO C 69 31.12 -2.05 -50.97
C PRO C 69 31.10 -1.22 -49.70
N VAL C 70 30.41 -0.09 -49.77
CA VAL C 70 30.20 0.78 -48.62
C VAL C 70 28.86 0.38 -48.02
N LEU C 71 28.91 -0.25 -46.84
CA LEU C 71 27.71 -0.74 -46.18
C LEU C 71 27.36 0.14 -44.99
N PRO C 72 26.09 0.49 -44.80
CA PRO C 72 25.73 1.40 -43.72
C PRO C 72 25.90 0.76 -42.35
N PHE C 73 25.88 1.64 -41.33
CA PHE C 73 26.02 1.25 -39.93
C PHE C 73 24.91 1.96 -39.15
N ASN C 74 23.88 1.22 -38.76
CA ASN C 74 22.76 1.78 -38.00
C ASN C 74 22.57 0.95 -36.73
N ASP C 75 23.13 1.46 -35.62
CA ASP C 75 22.88 0.93 -34.28
C ASP C 75 23.32 -0.54 -34.16
N GLY C 76 24.61 -0.76 -34.37
CA GLY C 76 25.18 -2.08 -34.14
C GLY C 76 25.33 -2.92 -35.40
N VAL C 77 26.43 -3.66 -35.49
CA VAL C 77 26.70 -4.50 -36.66
C VAL C 77 27.31 -5.81 -36.20
N TYR C 78 26.80 -6.92 -36.74
CA TYR C 78 27.39 -8.23 -36.57
C TYR C 78 28.22 -8.54 -37.81
N PHE C 79 29.52 -8.71 -37.62
CA PHE C 79 30.45 -8.98 -38.70
C PHE C 79 31.02 -10.38 -38.53
N ALA C 80 31.14 -11.11 -39.63
CA ALA C 80 31.74 -12.43 -39.60
C ALA C 80 32.71 -12.54 -40.76
N SER C 81 33.74 -13.38 -40.59
CA SER C 81 34.70 -13.58 -41.66
C SER C 81 35.24 -15.00 -41.58
N THR C 82 34.94 -15.82 -42.59
CA THR C 82 35.54 -17.13 -42.74
C THR C 82 36.68 -17.01 -43.75
N GLU C 83 37.90 -17.28 -43.30
CA GLU C 83 39.06 -17.07 -44.15
C GLU C 83 40.22 -17.93 -43.65
N LYS C 84 41.24 -18.05 -44.50
CA LYS C 84 42.39 -18.90 -44.21
C LYS C 84 43.74 -18.22 -44.42
N SER C 85 43.78 -17.00 -44.98
CA SER C 85 45.05 -16.39 -45.33
C SER C 85 45.11 -14.92 -44.95
N ASN C 86 44.30 -14.50 -43.96
CA ASN C 86 44.35 -13.14 -43.41
C ASN C 86 44.18 -12.08 -44.49
N ILE C 87 43.22 -12.30 -45.40
CA ILE C 87 43.03 -11.36 -46.50
C ILE C 87 42.30 -10.10 -46.04
N ILE C 88 41.47 -10.19 -45.01
CA ILE C 88 40.82 -9.01 -44.43
C ILE C 88 41.74 -8.43 -43.37
N ARG C 89 41.94 -7.10 -43.42
CA ARG C 89 42.93 -6.45 -42.59
C ARG C 89 42.37 -5.44 -41.61
N GLY C 90 41.08 -5.16 -41.64
CA GLY C 90 40.49 -4.21 -40.74
C GLY C 90 39.28 -3.56 -41.34
N TRP C 91 38.78 -2.53 -40.65
CA TRP C 91 37.54 -1.87 -41.03
C TRP C 91 37.67 -0.36 -40.84
N ILE C 92 36.91 0.37 -41.63
CA ILE C 92 36.86 1.83 -41.58
C ILE C 92 35.50 2.24 -41.04
N PHE C 93 35.48 3.29 -40.23
CA PHE C 93 34.22 3.78 -39.68
C PHE C 93 34.17 5.29 -39.79
N GLY C 94 32.96 5.82 -39.89
CA GLY C 94 32.78 7.26 -39.97
C GLY C 94 31.41 7.58 -40.53
N THR C 95 31.23 8.88 -40.82
CA THR C 95 29.99 9.38 -41.40
C THR C 95 30.14 9.81 -42.84
N THR C 96 31.16 10.60 -43.15
CA THR C 96 31.43 11.03 -44.51
C THR C 96 32.68 10.40 -45.11
N LEU C 97 33.54 9.80 -44.29
CA LEU C 97 34.75 9.12 -44.75
C LEU C 97 35.64 10.05 -45.56
N ASP C 98 35.81 11.28 -45.09
CA ASP C 98 36.68 12.25 -45.73
C ASP C 98 37.34 13.10 -44.66
N SER C 99 38.12 14.10 -45.11
CA SER C 99 38.77 15.02 -44.18
C SER C 99 37.78 15.95 -43.49
N LYS C 100 36.53 16.02 -43.95
CA LYS C 100 35.55 16.91 -43.35
C LYS C 100 35.23 16.51 -41.91
N THR C 101 35.12 15.20 -41.66
CA THR C 101 34.73 14.70 -40.36
C THR C 101 35.74 13.66 -39.86
N GLN C 102 35.78 13.50 -38.54
CA GLN C 102 36.67 12.53 -37.93
C GLN C 102 36.21 11.10 -38.26
N SER C 103 37.19 10.21 -38.40
CA SER C 103 36.92 8.83 -38.80
C SER C 103 37.74 7.88 -37.95
N LEU C 104 37.29 6.63 -37.89
CA LEU C 104 37.94 5.57 -37.14
C LEU C 104 38.63 4.62 -38.11
N LEU C 105 39.90 4.33 -37.84
CA LEU C 105 40.70 3.46 -38.68
C LEU C 105 41.34 2.39 -37.81
N ILE C 106 41.00 1.14 -38.06
CA ILE C 106 41.49 0.03 -37.24
C ILE C 106 42.08 -1.04 -38.14
N VAL C 107 42.52 -0.64 -39.34
CA VAL C 107 43.15 -1.60 -40.24
C VAL C 107 44.52 -2.00 -39.68
N ASN C 108 44.89 -3.25 -39.89
CA ASN C 108 46.20 -3.74 -39.47
C ASN C 108 47.04 -4.10 -40.68
N ASN C 109 48.31 -3.69 -40.64
CA ASN C 109 49.29 -4.20 -41.58
C ASN C 109 50.04 -5.35 -40.90
N ALA C 110 51.16 -5.78 -41.49
CA ALA C 110 51.88 -6.93 -40.96
C ALA C 110 52.33 -6.74 -39.53
N THR C 111 52.59 -5.50 -39.10
CA THR C 111 53.17 -5.27 -37.78
C THR C 111 52.16 -5.51 -36.67
N ASN C 112 51.08 -4.72 -36.64
CA ASN C 112 50.19 -4.74 -35.48
C ASN C 112 48.84 -4.15 -35.88
N VAL C 113 47.96 -3.99 -34.88
CA VAL C 113 46.58 -3.61 -35.13
C VAL C 113 46.48 -2.16 -35.58
N VAL C 114 47.23 -1.25 -34.96
CA VAL C 114 47.32 0.16 -35.36
C VAL C 114 45.95 0.83 -35.38
N ILE C 115 45.46 1.22 -34.21
CA ILE C 115 44.21 1.98 -34.12
C ILE C 115 44.52 3.46 -34.35
N LYS C 116 43.78 4.08 -35.27
CA LYS C 116 43.91 5.50 -35.56
C LYS C 116 42.55 6.19 -35.44
N VAL C 117 42.56 7.41 -34.89
CA VAL C 117 41.36 8.24 -34.78
C VAL C 117 41.76 9.63 -35.26
N CYS C 118 41.55 9.91 -36.54
CA CYS C 118 41.89 11.22 -37.12
C CYS C 118 40.86 11.54 -38.20
N GLU C 119 41.14 12.57 -38.98
CA GLU C 119 40.31 12.95 -40.13
C GLU C 119 41.06 12.54 -41.40
N PHE C 120 40.73 11.38 -41.94
CA PHE C 120 41.43 10.81 -43.08
C PHE C 120 40.68 11.11 -44.36
N GLN C 121 41.40 11.61 -45.37
CA GLN C 121 40.86 11.78 -46.71
C GLN C 121 40.92 10.42 -47.41
N PHE C 122 39.84 9.66 -47.28
CA PHE C 122 39.82 8.30 -47.80
C PHE C 122 39.63 8.30 -49.31
N CYS C 123 39.98 7.18 -49.94
CA CYS C 123 39.85 7.00 -51.37
C CYS C 123 38.70 6.02 -51.67
N ASN C 124 38.36 5.92 -52.95
CA ASN C 124 37.24 5.09 -53.35
C ASN C 124 37.52 3.61 -53.10
N ASP C 125 38.73 3.15 -53.41
CA ASP C 125 39.07 1.73 -53.32
C ASP C 125 40.37 1.56 -52.52
N PRO C 126 40.32 1.78 -51.21
CA PRO C 126 41.49 1.47 -50.38
C PRO C 126 41.68 -0.04 -50.23
N PHE C 127 42.92 -0.43 -50.00
CA PHE C 127 43.27 -1.83 -49.83
C PHE C 127 44.64 -1.90 -49.17
N LEU C 128 45.06 -3.13 -48.85
CA LEU C 128 46.39 -3.38 -48.31
C LEU C 128 47.15 -4.24 -49.30
N GLY C 129 48.25 -3.72 -49.84
CA GLY C 129 48.97 -4.41 -50.89
C GLY C 129 49.85 -5.51 -50.33
N VAL C 130 49.69 -6.71 -50.89
CA VAL C 130 50.53 -7.85 -50.54
C VAL C 130 50.97 -8.52 -51.84
N TYR C 131 52.28 -8.74 -51.97
CA TYR C 131 52.85 -9.31 -53.20
C TYR C 131 53.76 -10.47 -52.82
N TYR C 132 53.27 -11.70 -53.02
CA TYR C 132 54.13 -12.87 -52.90
C TYR C 132 55.21 -12.83 -53.97
N HIS C 133 56.44 -13.15 -53.57
CA HIS C 133 57.58 -12.96 -54.46
C HIS C 133 57.59 -14.01 -55.56
N LYS C 134 58.37 -13.74 -56.60
CA LYS C 134 58.49 -14.64 -57.74
C LYS C 134 59.87 -15.25 -57.91
N ASN C 135 60.94 -14.52 -57.54
CA ASN C 135 62.28 -15.07 -57.64
C ASN C 135 62.58 -15.98 -56.44
N ASN C 136 62.57 -15.40 -55.23
CA ASN C 136 62.73 -16.20 -54.02
C ASN C 136 61.42 -16.89 -53.64
N LYS C 137 60.28 -16.26 -53.93
CA LYS C 137 58.96 -16.79 -53.63
C LYS C 137 58.70 -16.91 -52.13
N SER C 138 59.34 -16.07 -51.33
CA SER C 138 59.06 -16.03 -49.90
C SER C 138 58.92 -14.62 -49.34
N TRP C 139 58.92 -13.59 -50.18
CA TRP C 139 58.74 -12.22 -49.69
C TRP C 139 57.27 -11.87 -49.62
N MET C 140 56.90 -11.17 -48.56
CA MET C 140 55.54 -10.70 -48.34
C MET C 140 55.53 -9.18 -48.22
N GLU C 141 56.12 -8.50 -49.21
CA GLU C 141 56.18 -7.04 -49.19
C GLU C 141 54.78 -6.45 -49.06
N SER C 142 54.63 -5.48 -48.16
CA SER C 142 53.34 -4.90 -47.86
C SER C 142 53.42 -3.39 -47.88
N GLU C 143 52.34 -2.75 -48.32
CA GLU C 143 52.22 -1.30 -48.30
C GLU C 143 50.77 -0.94 -48.07
N PHE C 144 50.53 0.24 -47.50
CA PHE C 144 49.20 0.72 -47.20
C PHE C 144 48.80 1.82 -48.16
N ARG C 145 47.57 1.72 -48.68
CA ARG C 145 47.01 2.66 -49.65
C ARG C 145 45.60 3.08 -49.23
N VAL C 146 45.46 3.44 -47.96
CA VAL C 146 44.14 3.66 -47.38
C VAL C 146 43.69 5.10 -47.51
N TYR C 147 44.57 6.05 -47.25
CA TYR C 147 44.21 7.45 -47.09
C TYR C 147 45.20 8.34 -47.81
N SER C 148 44.74 9.56 -48.14
CA SER C 148 45.58 10.54 -48.80
C SER C 148 46.10 11.60 -47.85
N SER C 149 45.23 12.16 -47.00
CA SER C 149 45.64 13.17 -46.04
C SER C 149 44.87 12.96 -44.74
N ALA C 150 45.59 13.10 -43.63
CA ALA C 150 45.05 12.84 -42.30
C ALA C 150 45.38 14.00 -41.39
N ASN C 151 44.37 14.50 -40.66
CA ASN C 151 44.53 15.59 -39.74
C ASN C 151 43.68 15.32 -38.50
N ASN C 152 43.96 16.06 -37.43
CA ASN C 152 43.18 16.01 -36.20
C ASN C 152 43.20 14.61 -35.58
N CYS C 153 44.40 14.14 -35.27
CA CYS C 153 44.57 12.84 -34.64
C CYS C 153 44.36 12.99 -33.13
N THR C 154 43.35 12.32 -32.60
CA THR C 154 42.95 12.45 -31.20
C THR C 154 43.31 11.24 -30.35
N PHE C 155 43.07 10.02 -30.83
CA PHE C 155 43.39 8.81 -30.10
C PHE C 155 44.37 7.98 -30.90
N GLU C 156 45.21 7.24 -30.19
CA GLU C 156 46.24 6.42 -30.83
C GLU C 156 46.43 5.13 -30.05
N TYR C 157 46.66 4.04 -30.77
CA TYR C 157 47.07 2.79 -30.17
C TYR C 157 47.93 2.01 -31.15
N VAL C 158 49.05 1.48 -30.66
CA VAL C 158 49.94 0.62 -31.43
C VAL C 158 50.29 -0.59 -30.56
N SER C 159 50.56 -1.71 -31.20
CA SER C 159 51.00 -2.92 -30.53
C SER C 159 52.46 -3.19 -30.89
N GLN C 160 53.31 -3.32 -29.87
CA GLN C 160 54.73 -3.56 -30.11
C GLN C 160 55.02 -4.88 -30.83
N PRO C 161 54.44 -6.02 -30.46
CA PRO C 161 54.79 -7.27 -31.13
C PRO C 161 54.37 -7.29 -32.60
N PHE C 162 55.10 -8.07 -33.39
CA PHE C 162 54.88 -8.24 -34.82
C PHE C 162 54.10 -9.52 -35.08
N LEU C 163 53.35 -9.52 -36.18
CA LEU C 163 52.53 -10.66 -36.57
C LEU C 163 52.88 -11.13 -37.98
N MET C 164 52.89 -12.44 -38.17
CA MET C 164 53.24 -13.03 -39.46
C MET C 164 52.02 -12.98 -40.38
N ASP C 165 52.27 -12.67 -41.65
CA ASP C 165 51.20 -12.46 -42.64
C ASP C 165 50.44 -13.75 -42.94
N GLY C 171 44.83 -27.24 -46.69
CA GLY C 171 44.31 -26.42 -47.78
C GLY C 171 43.04 -25.68 -47.42
N ASN C 172 42.07 -26.40 -46.86
CA ASN C 172 40.79 -25.84 -46.45
C ASN C 172 40.74 -25.58 -44.95
N PHE C 173 41.84 -25.14 -44.36
CA PHE C 173 41.88 -24.87 -42.94
C PHE C 173 41.29 -23.49 -42.63
N LYS C 174 40.07 -23.24 -43.12
CA LYS C 174 39.42 -21.97 -42.87
C LYS C 174 39.07 -21.81 -41.40
N ASN C 175 39.00 -20.56 -40.96
CA ASN C 175 38.62 -20.24 -39.59
C ASN C 175 37.63 -19.08 -39.63
N LEU C 176 36.73 -19.07 -38.65
CA LEU C 176 35.67 -18.06 -38.57
C LEU C 176 35.99 -17.10 -37.44
N ARG C 177 36.07 -15.82 -37.76
CA ARG C 177 36.21 -14.75 -36.78
C ARG C 177 34.90 -13.99 -36.73
N GLU C 178 34.29 -13.94 -35.54
CA GLU C 178 33.03 -13.26 -35.31
C GLU C 178 33.27 -12.02 -34.48
N PHE C 179 32.61 -10.92 -34.85
CA PHE C 179 32.72 -9.66 -34.14
C PHE C 179 31.34 -9.01 -34.06
N VAL C 180 31.15 -8.24 -32.99
CA VAL C 180 30.00 -7.36 -32.86
C VAL C 180 30.52 -5.98 -32.50
N PHE C 181 30.11 -4.98 -33.28
CA PHE C 181 30.50 -3.59 -33.06
C PHE C 181 29.28 -2.79 -32.65
N LYS C 182 29.39 -2.05 -31.55
CA LYS C 182 28.31 -1.20 -31.08
C LYS C 182 28.85 0.18 -30.75
N ASN C 183 27.98 1.18 -30.88
CA ASN C 183 28.31 2.56 -30.53
C ASN C 183 27.26 3.06 -29.55
N ILE C 184 27.61 3.11 -28.27
CA ILE C 184 26.68 3.52 -27.21
C ILE C 184 27.35 4.58 -26.35
N ASP C 185 26.73 5.75 -26.26
CA ASP C 185 27.18 6.85 -25.40
C ASP C 185 28.63 7.23 -25.72
N GLY C 186 28.94 7.28 -27.02
CA GLY C 186 30.29 7.61 -27.44
C GLY C 186 31.31 6.53 -27.19
N TYR C 187 30.88 5.31 -26.86
CA TYR C 187 31.77 4.18 -26.65
C TYR C 187 31.66 3.24 -27.82
N PHE C 188 32.79 2.84 -28.38
CA PHE C 188 32.87 1.84 -29.44
C PHE C 188 33.18 0.51 -28.78
N LYS C 189 32.14 -0.29 -28.55
CA LYS C 189 32.30 -1.61 -27.93
C LYS C 189 32.53 -2.66 -29.00
N ILE C 190 33.60 -3.44 -28.83
CA ILE C 190 33.98 -4.49 -29.76
C ILE C 190 34.00 -5.81 -28.99
N TYR C 191 33.16 -6.75 -29.43
CA TYR C 191 33.12 -8.11 -28.93
C TYR C 191 33.63 -9.04 -30.02
N SER C 192 34.41 -10.04 -29.64
CA SER C 192 35.06 -10.88 -30.64
C SER C 192 35.18 -12.32 -30.16
N LYS C 193 35.27 -13.23 -31.13
CA LYS C 193 35.49 -14.64 -30.86
C LYS C 193 36.06 -15.29 -32.12
N HIS C 194 36.82 -16.37 -31.92
CA HIS C 194 37.45 -17.11 -33.01
C HIS C 194 37.07 -18.58 -32.89
N THR C 195 36.86 -19.24 -34.04
CA THR C 195 36.37 -20.60 -34.04
C THR C 195 36.95 -21.36 -35.23
N PRO C 196 37.42 -22.60 -35.04
CA PRO C 196 37.91 -23.38 -36.18
C PRO C 196 36.77 -24.12 -36.89
N ILE C 197 36.73 -24.00 -38.21
CA ILE C 197 35.68 -24.56 -39.03
C ILE C 197 36.31 -25.35 -40.18
N ASN C 198 35.52 -26.23 -40.78
CA ASN C 198 35.99 -27.06 -41.88
C ASN C 198 34.83 -27.40 -42.79
N LEU C 199 35.04 -27.27 -44.11
CA LEU C 199 34.07 -27.64 -45.14
C LEU C 199 32.74 -26.91 -45.00
N VAL C 200 32.78 -25.68 -44.49
CA VAL C 200 31.58 -24.86 -44.39
C VAL C 200 31.89 -23.51 -45.05
N ARG C 201 31.17 -23.19 -46.13
CA ARG C 201 31.32 -21.90 -46.78
C ARG C 201 30.48 -20.82 -46.10
N ASP C 202 29.29 -21.19 -45.64
CA ASP C 202 28.37 -20.27 -44.98
C ASP C 202 28.57 -20.36 -43.47
N LEU C 203 27.63 -19.77 -42.72
CA LEU C 203 27.70 -19.84 -41.26
C LEU C 203 27.42 -21.27 -40.82
N PRO C 204 28.32 -21.90 -40.07
CA PRO C 204 28.03 -23.24 -39.54
C PRO C 204 26.93 -23.19 -38.49
N GLN C 205 26.18 -24.28 -38.40
CA GLN C 205 25.09 -24.37 -37.44
C GLN C 205 25.64 -24.61 -36.04
N GLY C 206 25.17 -23.83 -35.09
CA GLY C 206 25.62 -23.96 -33.71
C GLY C 206 25.38 -22.67 -32.94
N PHE C 207 25.86 -22.68 -31.71
CA PHE C 207 25.75 -21.54 -30.81
C PHE C 207 27.11 -21.25 -30.19
N SER C 208 27.41 -19.96 -30.02
CA SER C 208 28.68 -19.56 -29.43
C SER C 208 28.52 -18.16 -28.85
N ALA C 209 28.69 -18.02 -27.55
CA ALA C 209 28.55 -16.73 -26.89
C ALA C 209 29.72 -15.81 -27.26
N LEU C 210 29.45 -14.52 -27.32
CA LEU C 210 30.44 -13.51 -27.69
C LEU C 210 30.90 -12.77 -26.44
N GLU C 211 32.20 -12.78 -26.22
CA GLU C 211 32.95 -12.18 -25.12
C GLU C 211 33.40 -10.76 -25.49
N PRO C 212 33.28 -9.83 -24.54
CA PRO C 212 33.57 -8.43 -24.84
C PRO C 212 35.04 -8.07 -24.79
N LEU C 213 35.58 -7.79 -25.98
CA LEU C 213 37.03 -7.66 -26.14
C LEU C 213 37.54 -6.33 -25.63
N VAL C 214 36.97 -5.22 -26.11
CA VAL C 214 37.51 -3.91 -25.75
C VAL C 214 36.47 -2.83 -25.98
N ASP C 215 36.48 -1.83 -25.09
CA ASP C 215 35.73 -0.59 -25.29
C ASP C 215 36.70 0.50 -25.72
N LEU C 216 36.26 1.34 -26.66
CA LEU C 216 37.07 2.44 -27.17
C LEU C 216 36.39 3.77 -26.85
N PRO C 217 37.08 4.71 -26.21
CA PRO C 217 36.50 6.03 -25.89
C PRO C 217 36.61 7.04 -27.05
N ILE C 218 35.69 6.93 -28.01
CA ILE C 218 35.74 7.74 -29.21
C ILE C 218 34.90 8.99 -29.04
N GLY C 219 33.60 8.82 -28.87
CA GLY C 219 32.71 9.96 -28.69
C GLY C 219 32.36 10.73 -29.93
N ILE C 220 32.30 10.07 -31.09
CA ILE C 220 31.87 10.71 -32.34
C ILE C 220 30.79 9.84 -32.99
N ASN C 221 30.07 10.46 -33.92
CA ASN C 221 29.04 9.74 -34.65
C ASN C 221 29.66 8.75 -35.62
N ILE C 222 28.97 7.62 -35.81
CA ILE C 222 29.38 6.60 -36.78
C ILE C 222 28.13 6.19 -37.56
N THR C 223 28.19 6.30 -38.88
CA THR C 223 27.04 6.01 -39.72
C THR C 223 27.34 5.01 -40.82
N ARG C 224 28.53 5.06 -41.41
CA ARG C 224 28.90 4.17 -42.50
C ARG C 224 30.23 3.50 -42.18
N PHE C 225 30.41 2.27 -42.70
CA PHE C 225 31.62 1.51 -42.44
C PHE C 225 32.05 0.80 -43.70
N GLN C 226 33.32 0.38 -43.72
CA GLN C 226 33.92 -0.23 -44.89
C GLN C 226 34.88 -1.33 -44.43
N THR C 227 35.07 -2.32 -45.30
CA THR C 227 35.99 -3.43 -45.05
C THR C 227 37.22 -3.31 -45.95
N LEU C 228 38.39 -3.54 -45.38
CA LEU C 228 39.65 -3.45 -46.09
C LEU C 228 40.22 -4.85 -46.34
N LEU C 229 40.55 -5.12 -47.60
CA LEU C 229 41.04 -6.42 -48.03
C LEU C 229 42.49 -6.32 -48.49
N ALA C 230 43.14 -7.49 -48.57
CA ALA C 230 44.52 -7.59 -49.00
C ALA C 230 44.55 -7.92 -50.49
N LEU C 231 45.12 -7.01 -51.28
CA LEU C 231 45.26 -7.18 -52.72
C LEU C 231 46.45 -8.09 -52.99
N HIS C 232 46.17 -9.35 -53.29
CA HIS C 232 47.25 -10.30 -53.57
C HIS C 232 47.85 -10.10 -54.95
N ARG C 233 47.08 -9.58 -55.90
CA ARG C 233 47.54 -9.41 -57.28
C ARG C 233 48.15 -8.02 -57.46
N SER C 234 48.42 -7.65 -58.70
CA SER C 234 48.99 -6.36 -59.04
C SER C 234 47.99 -5.59 -59.90
N TYR C 235 47.73 -4.33 -59.52
CA TYR C 235 46.78 -3.53 -60.28
C TYR C 235 47.37 -3.03 -61.59
N LEU C 236 48.67 -2.72 -61.61
CA LEU C 236 49.30 -2.24 -62.84
C LEU C 236 49.35 -3.34 -63.90
N THR C 237 49.73 -4.56 -63.51
CA THR C 237 49.83 -5.70 -64.42
C THR C 237 49.07 -6.87 -63.82
N PRO C 238 47.74 -6.86 -63.89
CA PRO C 238 46.97 -7.99 -63.36
C PRO C 238 47.27 -9.27 -64.12
N GLY C 239 47.30 -10.38 -63.38
CA GLY C 239 47.50 -11.67 -64.01
C GLY C 239 46.24 -12.22 -64.65
N ASP C 240 46.43 -13.22 -65.52
CA ASP C 240 45.30 -13.86 -66.18
C ASP C 240 44.39 -14.55 -65.16
N SER C 241 44.98 -15.27 -64.22
CA SER C 241 44.25 -15.93 -63.14
C SER C 241 45.24 -16.36 -62.07
N SER C 242 44.71 -16.66 -60.90
CA SER C 242 45.45 -17.11 -59.72
C SER C 242 46.35 -16.03 -59.12
N SER C 243 46.41 -14.84 -59.73
CA SER C 243 47.14 -13.74 -59.12
C SER C 243 46.51 -13.28 -57.81
N GLY C 244 45.22 -13.54 -57.63
CA GLY C 244 44.57 -13.37 -56.36
C GLY C 244 44.81 -14.58 -55.47
N TRP C 245 44.00 -14.70 -54.44
CA TRP C 245 44.11 -15.81 -53.49
C TRP C 245 42.92 -16.75 -53.68
N THR C 246 43.19 -17.93 -54.23
CA THR C 246 42.22 -19.03 -54.42
C THR C 246 40.82 -18.51 -54.77
N ALA C 247 40.77 -17.67 -55.81
CA ALA C 247 39.52 -17.15 -56.36
C ALA C 247 38.70 -16.42 -55.30
N GLY C 248 39.37 -15.69 -54.41
CA GLY C 248 38.70 -14.94 -53.36
C GLY C 248 37.91 -15.83 -52.42
N ALA C 249 38.53 -16.92 -51.96
CA ALA C 249 37.81 -17.89 -51.14
C ALA C 249 37.34 -17.31 -49.83
N ALA C 250 38.02 -16.28 -49.32
CA ALA C 250 37.60 -15.65 -48.07
C ALA C 250 36.22 -15.03 -48.24
N ALA C 251 35.36 -15.24 -47.24
CA ALA C 251 34.00 -14.73 -47.26
C ALA C 251 33.76 -13.90 -46.02
N TYR C 252 33.07 -12.77 -46.18
CA TYR C 252 32.74 -11.92 -45.05
C TYR C 252 31.27 -11.55 -45.09
N TYR C 253 30.63 -11.64 -43.92
CA TYR C 253 29.19 -11.58 -43.77
C TYR C 253 28.84 -10.41 -42.86
N VAL C 254 27.77 -9.70 -43.22
CA VAL C 254 27.32 -8.51 -42.50
C VAL C 254 25.86 -8.69 -42.13
N GLY C 255 25.52 -8.40 -40.88
CA GLY C 255 24.15 -8.37 -40.44
C GLY C 255 23.92 -7.20 -39.51
N TYR C 256 22.67 -6.77 -39.42
CA TYR C 256 22.32 -5.56 -38.71
C TYR C 256 21.48 -5.88 -37.48
N LEU C 257 21.79 -5.22 -36.38
CA LEU C 257 21.15 -5.50 -35.10
C LEU C 257 19.76 -4.87 -35.05
N GLN C 258 19.08 -5.07 -33.93
CA GLN C 258 17.70 -4.64 -33.72
C GLN C 258 17.39 -4.73 -32.23
N PRO C 259 16.65 -3.77 -31.68
CA PRO C 259 16.30 -3.86 -30.25
C PRO C 259 15.33 -5.00 -29.98
N ARG C 260 15.78 -6.06 -29.30
CA ARG C 260 14.95 -7.21 -29.04
C ARG C 260 15.14 -7.64 -27.59
N THR C 261 14.08 -8.19 -27.01
CA THR C 261 14.23 -8.80 -25.70
C THR C 261 14.44 -10.32 -25.86
N PHE C 262 15.13 -10.89 -24.87
CA PHE C 262 15.75 -12.20 -25.01
C PHE C 262 15.65 -12.94 -23.68
N LEU C 263 15.71 -14.26 -23.76
CA LEU C 263 15.82 -15.13 -22.60
C LEU C 263 17.16 -15.85 -22.68
N LEU C 264 18.07 -15.50 -21.79
CA LEU C 264 19.44 -16.02 -21.79
C LEU C 264 19.59 -17.05 -20.68
N LYS C 265 20.14 -18.20 -21.03
CA LYS C 265 20.29 -19.34 -20.10
C LYS C 265 21.76 -19.49 -19.74
N TYR C 266 22.13 -18.95 -18.58
CA TYR C 266 23.47 -19.19 -18.04
C TYR C 266 23.57 -20.61 -17.52
N ASN C 267 24.75 -21.21 -17.69
CA ASN C 267 25.03 -22.53 -17.15
C ASN C 267 25.62 -22.39 -15.75
N GLU C 268 26.17 -23.48 -15.21
CA GLU C 268 26.77 -23.43 -13.88
C GLU C 268 27.94 -22.46 -13.85
N ASN C 269 28.76 -22.44 -14.91
CA ASN C 269 29.94 -21.58 -14.96
C ASN C 269 29.61 -20.14 -15.29
N GLY C 270 28.39 -19.83 -15.70
CA GLY C 270 28.03 -18.46 -16.02
C GLY C 270 28.27 -18.05 -17.46
N THR C 271 28.50 -19.00 -18.35
CA THR C 271 28.67 -18.72 -19.77
C THR C 271 27.39 -19.08 -20.50
N ILE C 272 26.97 -18.18 -21.42
CA ILE C 272 25.72 -18.40 -22.14
C ILE C 272 25.85 -19.66 -23.00
N THR C 273 24.83 -20.51 -22.96
CA THR C 273 24.80 -21.71 -23.77
C THR C 273 23.62 -21.77 -24.72
N ASP C 274 22.45 -21.29 -24.30
CA ASP C 274 21.24 -21.31 -25.12
C ASP C 274 20.59 -19.94 -25.09
N ALA C 275 19.66 -19.73 -26.02
CA ALA C 275 18.92 -18.48 -26.10
C ALA C 275 17.56 -18.74 -26.72
N VAL C 276 16.64 -17.82 -26.47
CA VAL C 276 15.27 -17.90 -26.98
C VAL C 276 14.81 -16.50 -27.35
N ASP C 277 14.28 -16.33 -28.56
CA ASP C 277 13.81 -15.03 -29.04
C ASP C 277 12.35 -14.87 -28.64
N CYS C 278 12.08 -13.85 -27.82
CA CYS C 278 10.74 -13.67 -27.26
C CYS C 278 9.71 -13.28 -28.32
N ALA C 279 10.13 -12.87 -29.50
CA ALA C 279 9.22 -12.39 -30.54
C ALA C 279 9.46 -13.06 -31.87
N LEU C 280 9.63 -14.39 -31.85
CA LEU C 280 9.81 -15.18 -33.07
C LEU C 280 8.58 -16.00 -33.42
N ASP C 281 8.07 -16.78 -32.46
CA ASP C 281 6.87 -17.58 -32.65
C ASP C 281 6.18 -17.71 -31.30
N PRO C 282 4.87 -18.02 -31.29
CA PRO C 282 4.15 -18.07 -30.01
C PRO C 282 4.75 -19.03 -29.00
N LEU C 283 5.35 -20.13 -29.44
CA LEU C 283 5.97 -21.06 -28.51
C LEU C 283 7.08 -20.38 -27.72
N SER C 284 7.90 -19.56 -28.39
CA SER C 284 8.94 -18.83 -27.69
C SER C 284 8.35 -17.75 -26.77
N GLU C 285 7.20 -17.18 -27.13
CA GLU C 285 6.51 -16.27 -26.23
C GLU C 285 6.09 -16.98 -24.95
N THR C 286 5.56 -18.19 -25.06
CA THR C 286 5.21 -18.98 -23.89
C THR C 286 6.44 -19.33 -23.07
N LYS C 287 7.54 -19.67 -23.75
CA LYS C 287 8.78 -19.95 -23.03
C LYS C 287 9.24 -18.73 -22.25
N CYS C 288 9.14 -17.54 -22.85
CA CYS C 288 9.50 -16.31 -22.14
C CYS C 288 8.61 -16.07 -20.93
N THR C 289 7.30 -16.20 -21.11
CA THR C 289 6.37 -15.89 -20.02
C THR C 289 6.52 -16.87 -18.87
N LEU C 290 6.68 -18.16 -19.17
CA LEU C 290 6.85 -19.16 -18.13
C LEU C 290 8.22 -19.11 -17.47
N LYS C 291 9.18 -18.38 -18.05
CA LYS C 291 10.55 -18.32 -17.55
C LYS C 291 11.16 -19.72 -17.46
N SER C 292 10.87 -20.55 -18.46
CA SER C 292 11.37 -21.92 -18.48
C SER C 292 11.69 -22.30 -19.92
N PHE C 293 12.63 -23.24 -20.07
CA PHE C 293 13.06 -23.68 -21.38
C PHE C 293 12.29 -24.89 -21.91
N THR C 294 11.44 -25.50 -21.09
CA THR C 294 10.61 -26.62 -21.50
C THR C 294 9.17 -26.34 -21.15
N VAL C 295 8.27 -26.67 -22.07
CA VAL C 295 6.85 -26.39 -21.91
C VAL C 295 6.10 -27.72 -21.93
N GLU C 296 5.31 -27.96 -20.88
CA GLU C 296 4.43 -29.12 -20.81
C GLU C 296 3.10 -28.80 -21.47
N LYS C 297 2.38 -29.85 -21.85
CA LYS C 297 1.15 -29.68 -22.61
C LYS C 297 0.11 -28.92 -21.78
N GLY C 298 -0.67 -28.11 -22.47
CA GLY C 298 -1.69 -27.31 -21.83
C GLY C 298 -1.94 -26.03 -22.62
N ILE C 299 -2.67 -25.12 -22.00
CA ILE C 299 -3.03 -23.84 -22.58
C ILE C 299 -2.48 -22.74 -21.69
N TYR C 300 -1.76 -21.79 -22.28
CA TYR C 300 -1.10 -20.72 -21.54
C TYR C 300 -1.49 -19.37 -22.12
N GLN C 301 -1.80 -18.43 -21.24
CA GLN C 301 -2.17 -17.07 -21.65
C GLN C 301 -0.94 -16.20 -21.62
N THR C 302 -0.54 -15.67 -22.77
CA THR C 302 0.70 -14.92 -22.88
C THR C 302 0.49 -13.41 -22.75
N SER C 303 -0.31 -12.83 -23.63
CA SER C 303 -0.43 -11.38 -23.69
C SER C 303 -1.83 -11.01 -24.15
N ASN C 304 -2.01 -9.72 -24.47
CA ASN C 304 -3.29 -9.17 -24.87
C ASN C 304 -3.23 -8.69 -26.31
N PHE C 305 -4.38 -8.73 -26.98
CA PHE C 305 -4.52 -8.29 -28.35
C PHE C 305 -5.60 -7.21 -28.40
N ARG C 306 -5.36 -6.17 -29.18
CA ARG C 306 -6.32 -5.08 -29.32
C ARG C 306 -6.06 -4.35 -30.63
N VAL C 307 -7.11 -3.70 -31.14
CA VAL C 307 -7.01 -2.96 -32.39
C VAL C 307 -6.53 -1.55 -32.11
N GLN C 308 -5.82 -0.97 -33.08
CA GLN C 308 -5.27 0.37 -32.95
C GLN C 308 -6.02 1.35 -33.83
N PRO C 309 -6.22 2.59 -33.37
CA PRO C 309 -6.86 3.60 -34.22
C PRO C 309 -5.89 4.08 -35.29
N THR C 310 -6.34 4.06 -36.55
CA THR C 310 -5.52 4.49 -37.67
C THR C 310 -5.89 5.88 -38.18
N GLU C 311 -6.83 6.57 -37.53
CA GLU C 311 -7.20 7.92 -37.92
C GLU C 311 -7.85 8.61 -36.74
N SER C 312 -8.13 9.89 -36.89
CA SER C 312 -8.78 10.68 -35.87
C SER C 312 -9.57 11.80 -36.54
N ILE C 313 -10.82 11.99 -36.12
CA ILE C 313 -11.71 12.96 -36.74
C ILE C 313 -12.17 13.95 -35.69
N VAL C 314 -12.50 15.16 -36.14
CA VAL C 314 -12.99 16.24 -35.29
C VAL C 314 -14.23 16.84 -35.92
N ARG C 315 -15.24 17.12 -35.11
CA ARG C 315 -16.48 17.75 -35.57
C ARG C 315 -16.78 18.94 -34.68
N PHE C 316 -16.79 20.13 -35.27
CA PHE C 316 -17.01 21.39 -34.59
C PHE C 316 -18.11 22.16 -35.29
N PRO C 317 -18.79 23.07 -34.58
CA PRO C 317 -19.83 23.87 -35.22
C PRO C 317 -19.26 24.78 -36.29
N ASN C 318 -20.11 25.11 -37.27
CA ASN C 318 -19.71 25.94 -38.41
C ASN C 318 -19.73 27.41 -37.97
N ILE C 319 -18.68 27.81 -37.25
CA ILE C 319 -18.52 29.17 -36.78
C ILE C 319 -17.14 29.66 -37.21
N THR C 320 -17.09 30.84 -37.82
CA THR C 320 -15.83 31.38 -38.34
C THR C 320 -15.47 32.75 -37.78
N ASN C 321 -16.41 33.47 -37.17
CA ASN C 321 -16.11 34.80 -36.65
C ASN C 321 -15.15 34.71 -35.46
N LEU C 322 -14.14 35.58 -35.46
CA LEU C 322 -13.14 35.59 -34.42
C LEU C 322 -13.69 36.23 -33.14
N CYS C 323 -13.16 35.79 -32.00
CA CYS C 323 -13.59 36.36 -30.73
C CYS C 323 -12.99 37.76 -30.55
N PRO C 324 -13.72 38.66 -29.88
CA PRO C 324 -13.25 40.04 -29.72
C PRO C 324 -12.27 40.20 -28.56
N PHE C 325 -11.12 39.53 -28.67
CA PHE C 325 -10.07 39.72 -27.67
C PHE C 325 -9.41 41.08 -27.80
N GLY C 326 -9.42 41.67 -29.00
CA GLY C 326 -8.91 43.02 -29.15
C GLY C 326 -9.64 44.03 -28.29
N GLU C 327 -10.97 43.92 -28.25
CA GLU C 327 -11.75 44.78 -27.36
C GLU C 327 -11.44 44.47 -25.89
N VAL C 328 -11.22 43.19 -25.56
CA VAL C 328 -11.02 42.81 -24.18
C VAL C 328 -9.71 43.38 -23.64
N PHE C 329 -8.61 43.20 -24.38
CA PHE C 329 -7.33 43.63 -23.83
C PHE C 329 -6.89 45.00 -24.35
N ASN C 330 -6.98 45.23 -25.67
CA ASN C 330 -6.61 46.51 -26.25
C ASN C 330 -7.45 47.67 -25.76
N ALA C 331 -8.41 47.42 -24.87
CA ALA C 331 -9.27 48.47 -24.35
C ALA C 331 -8.44 49.56 -23.66
N THR C 332 -8.85 50.81 -23.89
CA THR C 332 -8.12 51.94 -23.33
C THR C 332 -8.32 52.04 -21.82
N ARG C 333 -9.50 51.67 -21.32
CA ARG C 333 -9.86 51.86 -19.94
C ARG C 333 -9.99 50.52 -19.22
N PHE C 334 -9.44 50.46 -18.01
CA PHE C 334 -9.63 49.35 -17.09
C PHE C 334 -10.36 49.85 -15.86
N ALA C 335 -11.18 48.97 -15.27
CA ALA C 335 -12.00 49.37 -14.15
C ALA C 335 -11.21 49.30 -12.84
N SER C 336 -11.87 49.64 -11.74
CA SER C 336 -11.23 49.61 -10.44
C SER C 336 -11.13 48.17 -9.93
N VAL C 337 -10.34 47.99 -8.87
CA VAL C 337 -10.13 46.64 -8.33
C VAL C 337 -11.32 46.15 -7.51
N TYR C 338 -12.21 47.05 -7.07
CA TYR C 338 -13.34 46.65 -6.25
C TYR C 338 -14.58 46.32 -7.06
N ALA C 339 -14.78 46.98 -8.20
CA ALA C 339 -15.95 46.77 -9.05
C ALA C 339 -15.63 45.99 -10.31
N TRP C 340 -14.45 46.21 -10.87
CA TRP C 340 -13.91 45.59 -12.09
C TRP C 340 -14.97 45.62 -13.18
N ASN C 341 -14.92 44.69 -14.13
CA ASN C 341 -15.83 44.66 -15.26
C ASN C 341 -16.32 43.23 -15.46
N ARG C 342 -16.97 42.99 -16.60
CA ARG C 342 -17.35 41.66 -17.02
C ARG C 342 -17.60 41.67 -18.52
N LYS C 343 -17.21 40.60 -19.19
CA LYS C 343 -17.43 40.47 -20.63
C LYS C 343 -17.65 39.00 -20.95
N ARG C 344 -18.80 38.68 -21.53
CA ARG C 344 -19.15 37.30 -21.85
C ARG C 344 -18.72 37.00 -23.28
N ILE C 345 -17.66 36.22 -23.42
CA ILE C 345 -17.16 35.79 -24.72
C ILE C 345 -17.79 34.44 -25.05
N SER C 346 -18.48 34.37 -26.18
CA SER C 346 -19.15 33.17 -26.64
C SER C 346 -19.50 33.35 -28.11
N ASN C 347 -19.85 32.23 -28.75
CA ASN C 347 -20.28 32.22 -30.16
C ASN C 347 -19.21 32.81 -31.07
N CYS C 348 -17.97 32.40 -30.86
CA CYS C 348 -16.86 32.87 -31.68
C CYS C 348 -15.67 31.93 -31.51
N VAL C 349 -14.66 32.14 -32.34
CA VAL C 349 -13.41 31.40 -32.27
C VAL C 349 -12.34 32.34 -31.74
N ALA C 350 -11.64 31.90 -30.69
CA ALA C 350 -10.57 32.69 -30.08
C ALA C 350 -9.24 31.97 -30.26
N ASP C 351 -8.25 32.71 -30.77
CA ASP C 351 -6.90 32.17 -30.99
C ASP C 351 -6.00 32.68 -29.88
N TYR C 352 -5.94 31.93 -28.78
CA TYR C 352 -5.13 32.35 -27.64
C TYR C 352 -3.63 32.29 -27.94
N SER C 353 -3.24 31.59 -29.01
CA SER C 353 -1.83 31.60 -29.40
C SER C 353 -1.36 32.99 -29.80
N VAL C 354 -2.27 33.86 -30.21
CA VAL C 354 -1.91 35.26 -30.46
C VAL C 354 -1.46 35.94 -29.17
N LEU C 355 -2.18 35.69 -28.07
CA LEU C 355 -1.87 36.34 -26.81
C LEU C 355 -0.60 35.77 -26.18
N TYR C 356 -0.53 34.45 -26.04
CA TYR C 356 0.60 33.84 -25.34
C TYR C 356 1.92 34.01 -26.08
N ASN C 357 1.89 34.15 -27.40
CA ASN C 357 3.09 34.30 -28.20
C ASN C 357 3.30 35.73 -28.66
N SER C 358 2.93 36.70 -27.81
CA SER C 358 3.16 38.11 -28.10
C SER C 358 3.93 38.84 -27.00
N ALA C 359 4.00 38.30 -25.79
CA ALA C 359 4.79 38.85 -24.69
C ALA C 359 4.47 40.31 -24.38
N SER C 360 3.34 40.81 -24.84
CA SER C 360 2.81 42.08 -24.33
C SER C 360 1.99 41.82 -23.06
N PHE C 361 2.60 41.05 -22.16
CA PHE C 361 2.00 40.46 -20.98
C PHE C 361 3.10 40.20 -19.98
N SER C 362 2.73 40.13 -18.70
CA SER C 362 3.69 39.78 -17.65
C SER C 362 3.38 38.41 -17.04
N THR C 363 2.17 38.21 -16.51
CA THR C 363 1.83 36.95 -15.86
C THR C 363 0.74 36.25 -16.65
N PHE C 364 1.05 35.02 -17.12
CA PHE C 364 0.08 34.09 -17.66
C PHE C 364 -0.35 33.08 -16.59
N LYS C 365 -0.83 33.58 -15.46
CA LYS C 365 -1.06 32.68 -14.32
C LYS C 365 -2.36 31.93 -14.58
N CYS C 366 -2.25 30.82 -15.29
CA CYS C 366 -3.40 30.00 -15.64
C CYS C 366 -3.49 28.83 -14.66
N TYR C 367 -4.58 28.77 -13.90
CA TYR C 367 -4.84 27.67 -13.00
C TYR C 367 -5.96 26.82 -13.58
N GLY C 368 -5.72 25.51 -13.67
CA GLY C 368 -6.63 24.59 -14.30
C GLY C 368 -6.40 24.37 -15.78
N VAL C 369 -5.42 25.05 -16.38
CA VAL C 369 -5.16 24.94 -17.81
C VAL C 369 -3.72 25.39 -18.07
N SER C 370 -3.15 24.98 -19.23
CA SER C 370 -1.77 25.37 -19.55
C SER C 370 -1.77 26.51 -20.57
N PRO C 371 -0.81 27.42 -20.48
CA PRO C 371 -0.79 28.56 -21.37
C PRO C 371 -0.89 28.25 -22.84
N THR C 372 -0.52 27.05 -23.25
CA THR C 372 -0.45 26.71 -24.66
C THR C 372 -1.63 25.88 -25.15
N LYS C 373 -2.51 25.43 -24.25
CA LYS C 373 -3.57 24.49 -24.58
C LYS C 373 -4.92 25.13 -24.82
N LEU C 374 -5.09 26.42 -24.51
CA LEU C 374 -6.42 27.04 -24.58
C LEU C 374 -6.98 27.02 -26.00
N ASN C 375 -6.12 27.22 -27.00
CA ASN C 375 -6.59 27.20 -28.38
C ASN C 375 -7.12 25.83 -28.78
N ASP C 376 -6.61 24.76 -28.18
CA ASP C 376 -7.03 23.42 -28.55
C ASP C 376 -8.39 23.04 -27.96
N LEU C 377 -8.71 23.55 -26.78
CA LEU C 377 -9.91 23.11 -26.06
C LEU C 377 -11.12 23.98 -26.41
N CYS C 378 -12.30 23.40 -26.18
CA CYS C 378 -13.57 24.09 -26.32
C CYS C 378 -14.22 24.26 -24.96
N PHE C 379 -14.76 25.44 -24.70
CA PHE C 379 -15.39 25.76 -23.43
C PHE C 379 -16.78 26.33 -23.68
N THR C 380 -17.64 26.21 -22.67
CA THR C 380 -19.03 26.62 -22.82
C THR C 380 -19.15 28.12 -23.01
N ASN C 381 -18.74 28.89 -22.00
CA ASN C 381 -18.81 30.35 -22.05
C ASN C 381 -17.64 30.91 -21.27
N VAL C 382 -17.04 31.98 -21.80
CA VAL C 382 -15.86 32.56 -21.17
C VAL C 382 -16.24 33.91 -20.57
N TYR C 383 -15.63 34.26 -19.44
CA TYR C 383 -15.89 35.52 -18.78
C TYR C 383 -14.60 36.30 -18.59
N ALA C 384 -14.65 37.62 -18.79
CA ALA C 384 -13.49 38.48 -18.70
C ALA C 384 -13.72 39.57 -17.67
N ASP C 385 -12.70 39.79 -16.83
CA ASP C 385 -12.73 40.81 -15.78
C ASP C 385 -11.45 41.63 -15.90
N SER C 386 -11.51 42.91 -15.53
CA SER C 386 -10.35 43.79 -15.71
C SER C 386 -10.22 44.76 -14.54
N PHE C 387 -8.98 45.03 -14.15
CA PHE C 387 -8.68 46.03 -13.13
C PHE C 387 -7.19 46.34 -13.15
N VAL C 388 -6.83 47.48 -12.55
CA VAL C 388 -5.44 47.94 -12.47
C VAL C 388 -5.01 47.92 -11.01
N ILE C 389 -3.88 47.25 -10.74
CA ILE C 389 -3.40 47.00 -9.39
C ILE C 389 -1.93 47.41 -9.32
N ARG C 390 -1.31 47.18 -8.16
CA ARG C 390 0.12 47.43 -7.99
C ARG C 390 0.92 46.14 -8.23
N GLY C 391 2.25 46.29 -8.19
CA GLY C 391 3.15 45.20 -8.52
C GLY C 391 3.16 44.05 -7.53
N ASP C 392 3.63 44.31 -6.31
CA ASP C 392 3.76 43.26 -5.31
C ASP C 392 2.42 42.62 -4.95
N GLU C 393 1.32 43.33 -5.18
CA GLU C 393 0.00 42.80 -4.88
C GLU C 393 -0.54 41.90 -5.99
N VAL C 394 0.20 41.76 -7.10
CA VAL C 394 -0.25 40.90 -8.19
C VAL C 394 -0.40 39.46 -7.71
N ARG C 395 0.52 38.99 -6.87
CA ARG C 395 0.43 37.65 -6.31
C ARG C 395 -0.76 37.49 -5.37
N GLN C 396 -1.40 38.58 -4.96
CA GLN C 396 -2.59 38.52 -4.13
C GLN C 396 -3.86 38.27 -4.93
N ILE C 397 -3.75 37.79 -6.16
CA ILE C 397 -4.91 37.49 -7.01
C ILE C 397 -5.12 35.98 -7.03
N ALA C 398 -4.04 35.23 -6.85
CA ALA C 398 -4.09 33.78 -6.99
C ALA C 398 -5.05 33.18 -5.96
N PRO C 399 -5.81 32.15 -6.33
CA PRO C 399 -6.73 31.53 -5.38
C PRO C 399 -6.00 30.82 -4.27
N GLY C 400 -6.67 30.71 -3.12
CA GLY C 400 -6.09 30.04 -1.97
C GLY C 400 -5.06 30.85 -1.22
N GLN C 401 -4.88 32.12 -1.56
CA GLN C 401 -3.96 33.01 -0.86
C GLN C 401 -4.75 34.17 -0.28
N THR C 402 -4.30 34.65 0.88
CA THR C 402 -5.01 35.69 1.63
C THR C 402 -4.22 36.99 1.58
N GLY C 403 -4.91 38.08 1.32
CA GLY C 403 -4.27 39.38 1.27
C GLY C 403 -5.31 40.48 1.23
N LYS C 404 -4.84 41.71 1.04
CA LYS C 404 -5.75 42.84 0.97
C LYS C 404 -6.67 42.72 -0.24
N ILE C 405 -6.08 42.53 -1.42
CA ILE C 405 -6.89 42.35 -2.63
C ILE C 405 -7.60 41.01 -2.61
N ALA C 406 -6.90 39.96 -2.16
CA ALA C 406 -7.47 38.61 -2.17
C ALA C 406 -8.71 38.49 -1.29
N ASP C 407 -8.86 39.36 -0.30
CA ASP C 407 -9.98 39.27 0.62
C ASP C 407 -10.98 40.42 0.52
N TYR C 408 -10.54 41.60 0.08
CA TYR C 408 -11.42 42.76 0.02
C TYR C 408 -11.58 43.34 -1.38
N ASN C 409 -10.88 42.81 -2.38
CA ASN C 409 -11.03 43.29 -3.75
C ASN C 409 -11.46 42.19 -4.71
N TYR C 410 -10.77 41.05 -4.71
CA TYR C 410 -11.06 39.98 -5.67
C TYR C 410 -10.62 38.66 -5.03
N LYS C 411 -11.60 37.89 -4.56
CA LYS C 411 -11.35 36.58 -3.98
C LYS C 411 -11.57 35.50 -5.03
N LEU C 412 -10.60 34.61 -5.19
CA LEU C 412 -10.80 33.58 -6.19
C LEU C 412 -11.18 32.26 -5.53
N PRO C 413 -12.08 31.49 -6.14
CA PRO C 413 -12.52 30.23 -5.53
C PRO C 413 -11.40 29.20 -5.52
N ASP C 414 -11.54 28.24 -4.60
CA ASP C 414 -10.55 27.18 -4.49
C ASP C 414 -10.47 26.36 -5.77
N ASP C 415 -11.62 26.03 -6.35
CA ASP C 415 -11.68 25.31 -7.62
C ASP C 415 -11.89 26.31 -8.76
N PHE C 416 -10.89 27.16 -8.95
CA PHE C 416 -10.92 28.18 -9.99
C PHE C 416 -10.32 27.62 -11.27
N THR C 417 -11.03 27.78 -12.38
CA THR C 417 -10.61 27.27 -13.68
C THR C 417 -10.52 28.46 -14.63
N GLY C 418 -9.31 28.98 -14.82
CA GLY C 418 -9.13 30.11 -15.69
C GLY C 418 -7.73 30.68 -15.53
N CYS C 419 -7.48 31.75 -16.29
CA CYS C 419 -6.16 32.36 -16.33
C CYS C 419 -6.23 33.84 -15.99
N VAL C 420 -5.37 34.26 -15.08
CA VAL C 420 -5.13 35.67 -14.81
C VAL C 420 -4.03 36.15 -15.75
N ILE C 421 -4.24 37.29 -16.39
CA ILE C 421 -3.28 37.89 -17.30
C ILE C 421 -2.89 39.24 -16.69
N ALA C 422 -1.58 39.48 -16.61
CA ALA C 422 -1.09 40.74 -16.08
C ALA C 422 -0.01 41.32 -16.98
N TRP C 423 0.03 42.65 -17.06
CA TRP C 423 1.10 43.35 -17.76
C TRP C 423 1.37 44.70 -17.10
N ASN C 424 2.64 45.11 -17.11
CA ASN C 424 3.01 46.41 -16.59
C ASN C 424 2.48 47.52 -17.49
N SER C 425 1.91 48.56 -16.87
CA SER C 425 1.36 49.71 -17.59
C SER C 425 1.92 50.98 -16.95
N ASN C 426 3.10 51.39 -17.41
CA ASN C 426 3.73 52.61 -16.93
C ASN C 426 3.66 53.76 -17.93
N ASN C 427 3.64 53.46 -19.22
CA ASN C 427 3.52 54.48 -20.26
C ASN C 427 2.07 54.73 -20.66
N LEU C 428 1.12 54.00 -20.09
CA LEU C 428 -0.30 54.16 -20.41
C LEU C 428 -1.11 54.59 -19.20
N ASP C 429 -0.94 53.92 -18.06
CA ASP C 429 -1.72 54.23 -16.87
C ASP C 429 -1.05 55.29 -15.99
N SER C 430 0.22 55.07 -15.64
CA SER C 430 0.91 55.98 -14.74
C SER C 430 1.00 57.37 -15.37
N LYS C 431 0.69 58.39 -14.58
CA LYS C 431 0.67 59.77 -15.03
C LYS C 431 1.57 60.61 -14.13
N VAL C 432 2.13 61.67 -14.71
CA VAL C 432 3.09 62.51 -13.99
C VAL C 432 2.45 63.10 -12.74
N GLY C 433 1.23 63.60 -12.86
CA GLY C 433 0.51 64.14 -11.72
C GLY C 433 -0.13 63.10 -10.82
N GLY C 434 -0.02 61.82 -11.17
CA GLY C 434 -0.62 60.77 -10.38
C GLY C 434 -2.01 60.40 -10.83
N ASN C 435 -2.23 59.12 -11.11
CA ASN C 435 -3.54 58.63 -11.56
C ASN C 435 -4.30 58.11 -10.35
N TYR C 436 -5.06 59.01 -9.72
CA TYR C 436 -5.91 58.66 -8.58
C TYR C 436 -7.23 58.04 -9.00
N ASN C 437 -7.49 57.93 -10.30
CA ASN C 437 -8.78 57.47 -10.80
C ASN C 437 -9.04 55.99 -10.50
N TYR C 438 -8.03 55.25 -10.06
CA TYR C 438 -8.19 53.84 -9.72
C TYR C 438 -8.40 53.71 -8.21
N LEU C 439 -9.38 52.91 -7.83
CA LEU C 439 -9.81 52.81 -6.44
C LEU C 439 -9.20 51.58 -5.76
N TYR C 440 -9.28 51.57 -4.43
CA TYR C 440 -8.61 50.55 -3.62
C TYR C 440 -9.42 50.39 -2.33
N ARG C 441 -10.07 49.25 -2.17
CA ARG C 441 -10.88 48.97 -0.99
C ARG C 441 -10.05 48.18 0.02
N LEU C 442 -10.03 48.66 1.26
CA LEU C 442 -9.21 48.06 2.31
C LEU C 442 -10.01 47.54 3.49
N PHE C 443 -11.12 48.17 3.85
CA PHE C 443 -11.91 47.80 5.02
C PHE C 443 -13.25 47.24 4.56
N ARG C 444 -13.60 46.07 5.11
CA ARG C 444 -14.88 45.44 4.81
C ARG C 444 -15.32 44.62 6.02
N LYS C 445 -16.63 44.38 6.09
CA LYS C 445 -17.18 43.65 7.23
C LYS C 445 -16.64 42.22 7.29
N SER C 446 -16.57 41.55 6.15
CA SER C 446 -16.07 40.18 6.10
C SER C 446 -15.50 39.94 4.70
N ASN C 447 -14.77 38.83 4.57
CA ASN C 447 -14.16 38.49 3.30
C ASN C 447 -15.24 38.26 2.25
N LEU C 448 -15.06 38.87 1.07
CA LEU C 448 -16.04 38.73 0.00
C LEU C 448 -15.95 37.35 -0.63
N LYS C 449 -17.10 36.81 -1.00
CA LYS C 449 -17.15 35.49 -1.61
C LYS C 449 -16.57 35.53 -3.02
N PRO C 450 -16.07 34.40 -3.52
CA PRO C 450 -15.52 34.38 -4.88
C PRO C 450 -16.53 34.82 -5.92
N PHE C 451 -16.05 35.61 -6.88
CA PHE C 451 -16.85 36.14 -7.97
C PHE C 451 -18.10 36.85 -7.44
N GLU C 452 -17.86 37.90 -6.65
CA GLU C 452 -18.93 38.73 -6.12
C GLU C 452 -18.56 40.19 -6.29
N ARG C 453 -19.49 40.99 -6.81
CA ARG C 453 -19.25 42.41 -7.04
C ARG C 453 -19.87 43.20 -5.91
N ASP C 454 -19.06 44.03 -5.26
CA ASP C 454 -19.50 44.90 -4.17
C ASP C 454 -19.12 46.34 -4.53
N ILE C 455 -20.09 47.09 -5.05
CA ILE C 455 -19.89 48.49 -5.36
C ILE C 455 -20.34 49.39 -4.21
N SER C 456 -20.47 48.82 -3.01
CA SER C 456 -20.96 49.57 -1.86
C SER C 456 -20.05 50.76 -1.55
N THR C 457 -20.66 51.92 -1.38
CA THR C 457 -19.96 53.14 -1.00
C THR C 457 -20.18 53.51 0.45
N GLU C 458 -20.76 52.60 1.24
CA GLU C 458 -21.04 52.90 2.64
C GLU C 458 -19.75 53.09 3.42
N ILE C 459 -19.75 54.10 4.29
CA ILE C 459 -18.56 54.42 5.07
C ILE C 459 -18.44 53.43 6.22
N TYR C 460 -17.36 52.65 6.23
CA TYR C 460 -17.18 51.62 7.23
C TYR C 460 -16.88 52.23 8.60
N GLN C 461 -17.28 51.51 9.65
CA GLN C 461 -17.17 51.98 11.02
C GLN C 461 -16.17 51.10 11.76
N ALA C 462 -14.97 51.64 12.00
CA ALA C 462 -13.95 50.87 12.72
C ALA C 462 -14.37 50.59 14.15
N GLY C 463 -14.97 51.58 14.82
CA GLY C 463 -15.40 51.46 16.19
C GLY C 463 -16.90 51.23 16.30
N SER C 464 -17.40 51.42 17.52
CA SER C 464 -18.82 51.24 17.81
C SER C 464 -19.65 52.48 17.55
N THR C 465 -19.04 53.58 17.10
CA THR C 465 -19.77 54.80 16.82
C THR C 465 -20.43 54.71 15.45
N PRO C 466 -21.75 54.84 15.34
CA PRO C 466 -22.40 54.78 14.02
C PRO C 466 -22.10 56.03 13.21
N CYS C 467 -21.45 55.83 12.05
CA CYS C 467 -21.13 56.96 11.19
C CYS C 467 -22.37 57.51 10.49
N ASN C 468 -23.33 56.64 10.16
CA ASN C 468 -24.52 57.03 9.39
C ASN C 468 -24.13 57.69 8.08
N GLY C 469 -23.10 57.15 7.43
CA GLY C 469 -22.63 57.72 6.17
C GLY C 469 -21.89 59.02 6.30
N VAL C 470 -21.34 59.32 7.48
CA VAL C 470 -20.61 60.56 7.72
C VAL C 470 -19.19 60.19 8.16
N GLU C 471 -18.21 60.80 7.50
CA GLU C 471 -16.82 60.54 7.84
C GLU C 471 -16.43 61.23 9.16
N GLY C 472 -15.33 60.78 9.73
CA GLY C 472 -14.84 61.33 10.98
C GLY C 472 -14.07 60.32 11.81
N PHE C 473 -14.43 60.19 13.08
CA PHE C 473 -13.77 59.23 13.96
C PHE C 473 -14.30 57.83 13.69
N ASN C 474 -13.38 56.90 13.44
CA ASN C 474 -13.73 55.52 13.11
C ASN C 474 -14.67 55.46 11.91
N CYS C 475 -14.42 56.31 10.92
CA CYS C 475 -15.19 56.33 9.67
C CYS C 475 -14.19 56.50 8.54
N TYR C 476 -14.01 55.46 7.73
CA TYR C 476 -12.95 55.41 6.74
C TYR C 476 -13.51 55.46 5.33
N PHE C 477 -12.71 56.02 4.42
CA PHE C 477 -13.12 56.13 3.03
C PHE C 477 -13.23 54.74 2.41
N PRO C 478 -14.31 54.44 1.69
CA PRO C 478 -14.45 53.08 1.12
C PRO C 478 -13.36 52.72 0.13
N LEU C 479 -12.86 53.68 -0.65
CA LEU C 479 -11.96 53.38 -1.78
C LEU C 479 -10.88 54.45 -1.86
N GLN C 480 -9.74 54.17 -1.25
CA GLN C 480 -8.60 55.07 -1.36
C GLN C 480 -8.07 55.07 -2.81
N SER C 481 -7.51 56.20 -3.22
CA SER C 481 -7.06 56.37 -4.59
C SER C 481 -5.63 55.88 -4.76
N TYR C 482 -5.41 55.13 -5.85
CA TYR C 482 -4.06 54.67 -6.18
C TYR C 482 -3.18 55.86 -6.55
N GLY C 483 -1.94 55.86 -6.04
CA GLY C 483 -1.00 56.90 -6.35
C GLY C 483 -0.07 56.57 -7.50
N PHE C 484 -0.62 56.33 -8.68
CA PHE C 484 0.17 55.83 -9.80
C PHE C 484 0.94 56.97 -10.45
N GLN C 485 2.26 56.98 -10.24
CA GLN C 485 3.17 57.96 -10.81
C GLN C 485 4.30 57.25 -11.52
N PRO C 486 4.98 57.92 -12.46
CA PRO C 486 6.17 57.31 -13.06
C PRO C 486 7.31 57.08 -12.06
N THR C 487 7.33 57.83 -10.96
CA THR C 487 8.35 57.64 -9.92
C THR C 487 8.16 56.35 -9.14
N ASN C 488 7.05 55.65 -9.36
CA ASN C 488 6.76 54.42 -8.61
C ASN C 488 7.79 53.35 -8.94
N GLY C 489 8.00 52.46 -7.96
CA GLY C 489 8.89 51.33 -8.13
C GLY C 489 8.19 50.16 -8.77
N VAL C 490 8.80 48.98 -8.63
CA VAL C 490 8.22 47.77 -9.18
C VAL C 490 6.88 47.48 -8.52
N GLY C 491 6.82 47.61 -7.20
CA GLY C 491 5.64 47.28 -6.43
C GLY C 491 4.62 48.37 -6.27
N TYR C 492 4.76 49.49 -6.99
CA TYR C 492 3.83 50.60 -6.85
C TYR C 492 3.33 51.06 -8.21
N GLN C 493 4.07 50.79 -9.30
CA GLN C 493 3.67 51.16 -10.64
C GLN C 493 2.40 50.39 -11.06
N PRO C 494 1.60 50.96 -11.96
CA PRO C 494 0.37 50.28 -12.38
C PRO C 494 0.65 48.99 -13.12
N TYR C 495 -0.24 48.01 -12.91
CA TYR C 495 -0.23 46.75 -13.63
C TYR C 495 -1.66 46.42 -13.99
N ARG C 496 -1.95 46.30 -15.28
CA ARG C 496 -3.28 45.95 -15.73
C ARG C 496 -3.45 44.44 -15.72
N VAL C 497 -4.60 43.99 -15.23
CA VAL C 497 -4.88 42.57 -15.03
C VAL C 497 -6.26 42.27 -15.59
N VAL C 498 -6.33 41.27 -16.46
CA VAL C 498 -7.58 40.75 -17.00
C VAL C 498 -7.65 39.26 -16.68
N VAL C 499 -8.71 38.87 -15.99
CA VAL C 499 -8.93 37.48 -15.60
C VAL C 499 -9.95 36.86 -16.54
N LEU C 500 -9.58 35.77 -17.18
CA LEU C 500 -10.45 35.02 -18.09
C LEU C 500 -10.85 33.74 -17.38
N SER C 501 -12.09 33.65 -16.94
CA SER C 501 -12.62 32.47 -16.27
C SER C 501 -13.35 31.61 -17.28
N PHE C 502 -13.06 30.32 -17.27
CA PHE C 502 -13.60 29.36 -18.22
C PHE C 502 -14.49 28.37 -17.48
N GLU C 503 -15.51 27.87 -18.16
CA GLU C 503 -16.46 26.93 -17.59
C GLU C 503 -16.44 25.65 -18.41
N LEU C 504 -15.80 24.61 -17.87
CA LEU C 504 -15.77 23.30 -18.52
C LEU C 504 -16.95 22.49 -17.99
N LEU C 505 -18.07 22.60 -18.70
CA LEU C 505 -19.31 21.94 -18.30
C LEU C 505 -19.82 21.08 -19.45
N HIS C 506 -20.45 19.96 -19.10
CA HIS C 506 -21.00 19.05 -20.09
C HIS C 506 -22.25 19.68 -20.68
N ALA C 507 -22.03 20.58 -21.63
CA ALA C 507 -23.08 21.38 -22.23
C ALA C 507 -22.58 21.88 -23.58
N PRO C 508 -23.45 22.39 -24.44
CA PRO C 508 -22.99 22.93 -25.72
C PRO C 508 -21.96 24.03 -25.52
N ALA C 509 -20.92 24.00 -26.34
CA ALA C 509 -19.82 24.94 -26.26
C ALA C 509 -19.72 25.75 -27.54
N THR C 510 -19.33 27.02 -27.41
CA THR C 510 -19.30 27.94 -28.54
C THR C 510 -17.99 28.71 -28.66
N VAL C 511 -16.94 28.29 -27.94
CA VAL C 511 -15.68 29.03 -27.93
C VAL C 511 -14.58 28.08 -28.42
N CYS C 512 -14.92 27.23 -29.37
CA CYS C 512 -13.93 26.33 -29.95
C CYS C 512 -12.84 27.11 -30.67
N GLY C 513 -11.59 26.66 -30.49
CA GLY C 513 -10.46 27.33 -31.08
C GLY C 513 -10.26 26.96 -32.53
N PRO C 514 -9.12 27.33 -33.10
CA PRO C 514 -8.86 27.07 -34.52
C PRO C 514 -8.51 25.61 -34.77
N LYS C 515 -9.47 24.87 -35.34
CA LYS C 515 -9.25 23.48 -35.70
C LYS C 515 -10.26 23.11 -36.78
N LYS C 516 -9.76 22.63 -37.92
CA LYS C 516 -10.64 22.25 -39.01
C LYS C 516 -11.33 20.93 -38.70
N SER C 517 -12.51 20.75 -39.30
CA SER C 517 -13.35 19.59 -39.03
C SER C 517 -13.14 18.57 -40.15
N THR C 518 -12.43 17.49 -39.82
CA THR C 518 -12.26 16.40 -40.77
C THR C 518 -13.57 15.65 -40.96
N ASN C 519 -13.76 15.10 -42.16
CA ASN C 519 -14.97 14.36 -42.47
C ASN C 519 -15.04 13.11 -41.60
N LEU C 520 -16.27 12.72 -41.28
CA LEU C 520 -16.49 11.61 -40.37
C LEU C 520 -16.35 10.27 -41.08
N VAL C 521 -16.02 9.25 -40.29
CA VAL C 521 -15.92 7.87 -40.77
C VAL C 521 -16.74 6.99 -39.85
N LYS C 522 -17.21 5.86 -40.37
CA LYS C 522 -18.09 4.97 -39.63
C LYS C 522 -17.64 3.54 -39.81
N ASN C 523 -18.04 2.69 -38.85
CA ASN C 523 -17.73 1.26 -38.85
C ASN C 523 -16.23 1.01 -38.93
N LYS C 524 -15.46 1.78 -38.16
CA LYS C 524 -14.02 1.63 -38.13
C LYS C 524 -13.48 2.25 -36.85
N CYS C 525 -12.51 1.57 -36.23
CA CYS C 525 -11.93 2.05 -34.99
C CYS C 525 -11.18 3.36 -35.23
N VAL C 526 -11.56 4.40 -34.49
CA VAL C 526 -11.09 5.75 -34.78
C VAL C 526 -11.16 6.56 -33.49
N ASN C 527 -10.35 7.62 -33.41
CA ASN C 527 -10.39 8.56 -32.30
C ASN C 527 -11.35 9.69 -32.62
N PHE C 528 -12.41 9.79 -31.84
CA PHE C 528 -13.43 10.81 -32.03
C PHE C 528 -13.24 11.95 -31.04
N ASN C 529 -13.61 13.16 -31.47
CA ASN C 529 -13.54 14.35 -30.63
C ASN C 529 -14.70 15.26 -31.02
N PHE C 530 -15.80 15.14 -30.29
CA PHE C 530 -17.02 15.90 -30.55
C PHE C 530 -17.16 16.97 -29.48
N ASN C 531 -16.98 18.24 -29.87
CA ASN C 531 -17.15 19.38 -28.98
C ASN C 531 -16.32 19.23 -27.71
N GLY C 532 -15.09 18.73 -27.86
CA GLY C 532 -14.20 18.51 -26.75
C GLY C 532 -14.30 17.12 -26.12
N LEU C 533 -15.50 16.52 -26.16
CA LEU C 533 -15.66 15.15 -25.68
C LEU C 533 -14.82 14.22 -26.55
N THR C 534 -13.76 13.66 -25.98
CA THR C 534 -12.75 12.92 -26.74
C THR C 534 -12.70 11.48 -26.29
N GLY C 535 -12.55 10.58 -27.25
CA GLY C 535 -12.43 9.17 -26.92
C GLY C 535 -12.05 8.37 -28.15
N THR C 536 -12.13 7.05 -28.01
CA THR C 536 -11.82 6.14 -29.10
C THR C 536 -12.95 5.13 -29.23
N GLY C 537 -13.14 4.60 -30.43
CA GLY C 537 -14.13 3.58 -30.64
C GLY C 537 -14.58 3.54 -32.09
N VAL C 538 -15.65 2.78 -32.31
CA VAL C 538 -16.28 2.67 -33.62
C VAL C 538 -17.62 3.39 -33.55
N LEU C 539 -17.93 4.11 -34.62
CA LEU C 539 -19.13 4.93 -34.71
C LEU C 539 -20.12 4.28 -35.66
N THR C 540 -21.37 4.13 -35.20
CA THR C 540 -22.37 3.45 -36.00
C THR C 540 -23.66 4.27 -35.99
N GLU C 541 -24.46 4.10 -37.04
CA GLU C 541 -25.75 4.76 -37.16
C GLU C 541 -26.71 4.16 -36.15
N SER C 542 -26.89 4.84 -35.03
CA SER C 542 -27.74 4.33 -33.96
C SER C 542 -29.21 4.53 -34.29
N ASN C 543 -30.05 3.68 -33.69
CA ASN C 543 -31.49 3.81 -33.78
C ASN C 543 -32.10 4.47 -32.54
N LYS C 544 -31.26 4.98 -31.64
CA LYS C 544 -31.76 5.63 -30.44
C LYS C 544 -32.47 6.93 -30.79
N LYS C 545 -33.60 7.17 -30.12
CA LYS C 545 -34.37 8.39 -30.32
C LYS C 545 -33.94 9.43 -29.30
N PHE C 546 -33.47 10.57 -29.78
CA PHE C 546 -32.99 11.65 -28.94
C PHE C 546 -33.99 12.79 -28.92
N LEU C 547 -34.28 13.30 -27.73
CA LEU C 547 -35.12 14.48 -27.62
C LEU C 547 -34.37 15.69 -28.18
N PRO C 548 -35.08 16.72 -28.62
CA PRO C 548 -34.42 17.84 -29.30
C PRO C 548 -33.37 18.55 -28.46
N PHE C 549 -33.39 18.39 -27.14
CA PHE C 549 -32.46 19.10 -26.26
C PHE C 549 -31.39 18.20 -25.65
N GLN C 550 -31.23 16.98 -26.16
CA GLN C 550 -30.28 16.04 -25.58
C GLN C 550 -29.04 15.92 -26.45
N GLN C 551 -27.88 15.71 -25.80
CA GLN C 551 -26.61 15.63 -26.48
C GLN C 551 -25.96 14.25 -26.38
N PHE C 552 -25.77 13.74 -25.16
CA PHE C 552 -25.07 12.48 -24.97
C PHE C 552 -26.03 11.40 -24.49
N GLY C 553 -25.47 10.23 -24.17
CA GLY C 553 -26.21 9.15 -23.57
C GLY C 553 -25.30 8.26 -22.76
N ARG C 554 -25.82 7.67 -21.67
CA ARG C 554 -25.00 6.83 -20.81
C ARG C 554 -25.89 5.77 -20.17
N ASP C 555 -25.66 4.51 -20.53
CA ASP C 555 -26.48 3.42 -20.00
C ASP C 555 -26.15 3.12 -18.55
N ILE C 556 -24.86 3.08 -18.22
CA ILE C 556 -24.40 2.75 -16.86
C ILE C 556 -23.90 4.00 -16.15
N ALA C 557 -24.24 5.19 -16.66
CA ALA C 557 -24.05 6.49 -16.00
C ALA C 557 -22.60 6.95 -15.93
N ASP C 558 -21.67 6.26 -16.58
CA ASP C 558 -20.31 6.75 -16.66
C ASP C 558 -19.65 6.54 -18.01
N THR C 559 -20.36 6.01 -19.01
CA THR C 559 -19.81 5.78 -20.33
C THR C 559 -20.67 6.50 -21.36
N THR C 560 -20.05 7.33 -22.19
CA THR C 560 -20.77 8.03 -23.23
C THR C 560 -21.12 7.05 -24.36
N ASP C 561 -22.33 6.48 -24.30
CA ASP C 561 -22.70 5.45 -25.26
C ASP C 561 -22.96 6.05 -26.64
N ALA C 562 -23.69 7.16 -26.70
CA ALA C 562 -24.07 7.77 -27.95
C ALA C 562 -23.64 9.23 -27.97
N VAL C 563 -23.75 9.86 -29.14
CA VAL C 563 -23.37 11.26 -29.30
C VAL C 563 -24.04 11.81 -30.55
N ARG C 564 -24.28 13.11 -30.55
CA ARG C 564 -24.94 13.80 -31.66
C ARG C 564 -23.93 14.70 -32.35
N ASP C 565 -23.80 14.55 -33.66
CA ASP C 565 -22.79 15.30 -34.41
C ASP C 565 -23.17 16.77 -34.48
N PRO C 566 -22.28 17.68 -34.08
CA PRO C 566 -22.63 19.11 -34.10
C PRO C 566 -23.00 19.66 -35.46
N GLN C 567 -22.36 19.20 -36.53
CA GLN C 567 -22.62 19.75 -37.85
C GLN C 567 -23.96 19.26 -38.40
N THR C 568 -24.07 17.94 -38.61
CA THR C 568 -25.32 17.32 -39.03
C THR C 568 -25.97 16.70 -37.80
N LEU C 569 -27.16 17.20 -37.44
CA LEU C 569 -27.81 16.80 -36.19
C LEU C 569 -28.38 15.40 -36.35
N GLU C 570 -27.48 14.42 -36.36
CA GLU C 570 -27.83 13.01 -36.37
C GLU C 570 -27.16 12.33 -35.18
N ILE C 571 -27.73 11.21 -34.76
CA ILE C 571 -27.33 10.52 -33.55
C ILE C 571 -26.55 9.27 -33.94
N LEU C 572 -25.34 9.14 -33.42
CA LEU C 572 -24.48 7.99 -33.69
C LEU C 572 -24.04 7.36 -32.38
N ASP C 573 -24.07 6.03 -32.34
CA ASP C 573 -23.63 5.31 -31.14
C ASP C 573 -22.16 4.93 -31.27
N ILE C 574 -21.54 4.70 -30.12
CA ILE C 574 -20.10 4.52 -30.00
C ILE C 574 -19.82 3.23 -29.25
N THR C 575 -18.95 2.39 -29.81
CA THR C 575 -18.66 1.09 -29.25
C THR C 575 -17.15 0.93 -29.08
N PRO C 576 -16.69 0.32 -27.98
CA PRO C 576 -15.25 0.07 -27.83
C PRO C 576 -14.73 -0.81 -28.98
N CYS C 577 -13.51 -0.51 -29.42
CA CYS C 577 -13.01 -1.06 -30.67
C CYS C 577 -12.93 -2.59 -30.64
N SER C 578 -12.03 -3.12 -29.81
CA SER C 578 -11.89 -4.56 -29.59
C SER C 578 -10.74 -4.76 -28.61
N PHE C 579 -10.73 -5.93 -27.96
CA PHE C 579 -9.65 -6.35 -27.09
C PHE C 579 -9.92 -7.78 -26.64
N GLY C 580 -8.86 -8.45 -26.23
CA GLY C 580 -8.98 -9.81 -25.73
C GLY C 580 -7.64 -10.35 -25.31
N GLY C 581 -7.64 -11.58 -24.83
CA GLY C 581 -6.43 -12.27 -24.46
C GLY C 581 -6.00 -13.25 -25.53
N VAL C 582 -4.71 -13.58 -25.53
CA VAL C 582 -4.13 -14.53 -26.48
C VAL C 582 -3.67 -15.74 -25.70
N SER C 583 -4.21 -16.91 -26.06
CA SER C 583 -3.82 -18.17 -25.44
C SER C 583 -3.13 -19.04 -26.48
N VAL C 584 -2.17 -19.84 -26.03
CA VAL C 584 -1.38 -20.68 -26.93
C VAL C 584 -1.67 -22.12 -26.59
N ILE C 585 -2.51 -22.77 -27.40
CA ILE C 585 -2.73 -24.20 -27.29
C ILE C 585 -1.50 -24.92 -27.84
N THR C 586 -0.96 -25.84 -27.06
CA THR C 586 0.25 -26.56 -27.47
C THR C 586 0.29 -27.91 -26.79
N PRO C 587 0.80 -28.93 -27.45
CA PRO C 587 1.21 -30.16 -26.77
C PRO C 587 2.58 -29.94 -26.15
N GLY C 588 3.09 -30.98 -25.51
CA GLY C 588 4.41 -30.90 -24.89
C GLY C 588 5.50 -30.54 -25.88
N THR C 589 6.38 -29.61 -25.50
CA THR C 589 7.52 -29.28 -26.36
C THR C 589 8.41 -30.48 -26.59
N ASN C 590 8.39 -31.45 -25.68
CA ASN C 590 9.09 -32.72 -25.90
C ASN C 590 8.52 -33.45 -27.09
N THR C 591 7.22 -33.30 -27.37
CA THR C 591 6.58 -34.05 -28.44
C THR C 591 6.76 -33.38 -29.80
N SER C 592 6.59 -32.06 -29.88
CA SER C 592 6.70 -31.34 -31.14
C SER C 592 6.84 -29.85 -30.86
N ASN C 593 6.85 -29.05 -31.92
CA ASN C 593 6.95 -27.60 -31.81
C ASN C 593 5.73 -26.84 -32.31
N GLN C 594 4.87 -27.47 -33.11
CA GLN C 594 3.70 -26.78 -33.64
C GLN C 594 2.76 -26.38 -32.52
N VAL C 595 2.14 -25.21 -32.67
CA VAL C 595 1.19 -24.68 -31.71
C VAL C 595 -0.01 -24.12 -32.47
N ALA C 596 -1.03 -23.72 -31.73
CA ALA C 596 -2.15 -22.95 -32.27
C ALA C 596 -2.44 -21.82 -31.30
N VAL C 597 -3.01 -20.73 -31.77
CA VAL C 597 -3.29 -19.59 -30.90
C VAL C 597 -4.76 -19.24 -30.98
N LEU C 598 -5.34 -18.97 -29.83
CA LEU C 598 -6.76 -18.65 -29.70
C LEU C 598 -6.90 -17.26 -29.13
N TYR C 599 -7.63 -16.41 -29.86
CA TYR C 599 -7.97 -15.07 -29.39
C TYR C 599 -9.31 -15.15 -28.68
N GLN C 600 -9.30 -14.80 -27.39
CA GLN C 600 -10.48 -14.98 -26.55
C GLN C 600 -11.53 -13.92 -26.82
N GLY C 601 -12.78 -14.37 -26.96
CA GLY C 601 -13.93 -13.48 -26.97
C GLY C 601 -13.88 -12.36 -28.00
N VAL C 602 -13.49 -12.69 -29.23
CA VAL C 602 -13.38 -11.69 -30.28
C VAL C 602 -13.62 -12.35 -31.63
N ASN C 603 -14.35 -11.64 -32.50
CA ASN C 603 -14.41 -12.02 -33.89
C ASN C 603 -13.04 -11.85 -34.52
N CYS C 604 -12.76 -12.67 -35.54
CA CYS C 604 -11.57 -12.47 -36.36
C CYS C 604 -11.90 -12.11 -37.80
N THR C 605 -12.94 -11.28 -37.97
CA THR C 605 -12.94 -10.32 -39.07
C THR C 605 -12.04 -9.14 -38.73
N GLU C 606 -11.73 -8.93 -37.46
CA GLU C 606 -10.89 -7.83 -37.01
C GLU C 606 -9.57 -8.30 -36.39
N VAL C 607 -9.21 -9.57 -36.54
CA VAL C 607 -7.87 -10.01 -36.11
C VAL C 607 -6.75 -9.36 -36.93
N PRO C 608 -6.81 -9.26 -38.28
CA PRO C 608 -5.58 -8.94 -39.03
C PRO C 608 -5.07 -7.53 -38.80
N VAL C 609 -5.95 -6.54 -38.96
CA VAL C 609 -5.54 -5.15 -38.87
C VAL C 609 -6.11 -4.51 -37.62
N THR C 617 9.58 -6.70 -35.07
CA THR C 617 8.42 -6.95 -35.92
C THR C 617 8.09 -8.45 -35.97
N PRO C 618 7.24 -8.90 -35.05
CA PRO C 618 6.86 -10.32 -35.05
C PRO C 618 5.72 -10.60 -36.01
N THR C 619 5.91 -11.56 -36.91
CA THR C 619 4.91 -11.89 -37.93
C THR C 619 3.88 -12.81 -37.30
N TRP C 620 2.83 -12.21 -36.74
CA TRP C 620 1.70 -12.95 -36.21
C TRP C 620 0.64 -13.06 -37.30
N ARG C 621 -0.59 -13.42 -36.94
CA ARG C 621 -1.70 -13.65 -37.87
C ARG C 621 -1.36 -14.94 -38.62
N VAL C 622 -1.88 -15.07 -39.85
CA VAL C 622 -1.50 -16.13 -40.77
C VAL C 622 -1.01 -15.60 -42.10
N TYR C 623 -1.36 -14.34 -42.45
CA TYR C 623 -0.94 -13.65 -43.67
C TYR C 623 -1.51 -14.30 -44.93
N SER C 624 -2.16 -15.45 -44.77
CA SER C 624 -2.86 -16.12 -45.85
C SER C 624 -3.78 -17.18 -45.25
N THR C 625 -5.07 -17.12 -45.55
CA THR C 625 -6.01 -18.00 -44.87
C THR C 625 -5.82 -19.41 -45.43
N GLY C 626 -4.73 -20.06 -45.02
CA GLY C 626 -4.47 -21.44 -45.35
C GLY C 626 -4.52 -22.31 -44.12
N SER C 627 -4.59 -21.67 -42.95
CA SER C 627 -4.75 -22.37 -41.68
C SER C 627 -6.20 -22.67 -41.35
N ASN C 628 -7.15 -22.14 -42.12
CA ASN C 628 -8.58 -22.39 -41.95
C ASN C 628 -9.04 -22.01 -40.55
N VAL C 629 -8.97 -20.71 -40.30
CA VAL C 629 -9.48 -20.16 -39.04
C VAL C 629 -10.98 -20.43 -38.95
N PHE C 630 -11.48 -20.52 -37.71
CA PHE C 630 -12.92 -20.72 -37.52
C PHE C 630 -13.31 -20.26 -36.12
N GLN C 631 -14.45 -19.56 -36.04
CA GLN C 631 -14.91 -18.97 -34.79
C GLN C 631 -15.64 -20.00 -33.94
N THR C 632 -15.49 -19.87 -32.61
CA THR C 632 -16.19 -20.67 -31.62
C THR C 632 -16.67 -19.74 -30.51
N ARG C 633 -17.55 -20.27 -29.65
CA ARG C 633 -18.14 -19.46 -28.59
C ARG C 633 -17.09 -18.88 -27.65
N ALA C 634 -15.92 -19.49 -27.56
CA ALA C 634 -14.86 -19.04 -26.66
C ALA C 634 -13.93 -18.02 -27.30
N GLY C 635 -14.19 -17.61 -28.54
CA GLY C 635 -13.27 -16.79 -29.29
C GLY C 635 -12.97 -17.47 -30.59
N CYS C 636 -11.93 -17.06 -31.29
CA CYS C 636 -11.59 -17.77 -32.52
C CYS C 636 -10.13 -18.18 -32.50
N LEU C 637 -9.86 -19.37 -33.02
CA LEU C 637 -8.58 -20.03 -32.89
C LEU C 637 -8.01 -20.29 -34.27
N ILE C 638 -6.72 -20.00 -34.45
CA ILE C 638 -6.01 -20.23 -35.69
C ILE C 638 -4.93 -21.27 -35.43
N GLY C 639 -4.69 -22.11 -36.45
CA GLY C 639 -3.64 -23.10 -36.39
C GLY C 639 -4.08 -24.52 -36.10
N ALA C 640 -5.38 -24.79 -36.04
CA ALA C 640 -5.86 -26.15 -35.77
C ALA C 640 -6.99 -26.51 -36.72
N GLU C 641 -7.11 -27.81 -36.99
CA GLU C 641 -8.09 -28.35 -37.92
C GLU C 641 -9.36 -28.74 -37.18
N HIS C 642 -10.48 -28.73 -37.89
CA HIS C 642 -11.78 -29.11 -37.34
C HIS C 642 -12.10 -30.54 -37.75
N VAL C 643 -12.52 -31.35 -36.77
CA VAL C 643 -12.78 -32.77 -36.98
C VAL C 643 -14.13 -33.13 -36.36
N ASN C 644 -14.89 -33.97 -37.07
CA ASN C 644 -16.19 -34.42 -36.56
C ASN C 644 -16.03 -35.42 -35.43
N ASN C 645 -15.06 -36.33 -35.53
CA ASN C 645 -14.91 -37.39 -34.54
C ASN C 645 -14.63 -36.82 -33.16
N SER C 646 -15.29 -37.37 -32.15
CA SER C 646 -15.17 -36.91 -30.78
C SER C 646 -14.30 -37.87 -29.97
N TYR C 647 -13.57 -37.31 -29.00
CA TYR C 647 -12.72 -38.07 -28.12
C TYR C 647 -12.75 -37.43 -26.73
N GLU C 648 -12.05 -38.04 -25.79
CA GLU C 648 -11.90 -37.46 -24.47
C GLU C 648 -11.08 -36.17 -24.56
N CYS C 649 -11.42 -35.21 -23.69
CA CYS C 649 -10.74 -33.92 -23.72
C CYS C 649 -9.30 -34.07 -23.23
N ASP C 650 -8.38 -33.45 -23.98
CA ASP C 650 -6.96 -33.45 -23.62
C ASP C 650 -6.48 -32.05 -23.26
N ILE C 651 -6.68 -31.08 -24.15
CA ILE C 651 -6.39 -29.68 -23.89
C ILE C 651 -7.72 -28.92 -23.89
N PRO C 652 -8.24 -28.52 -22.73
CA PRO C 652 -9.58 -27.91 -22.67
C PRO C 652 -9.56 -26.49 -23.25
N ILE C 653 -10.29 -26.30 -24.34
CA ILE C 653 -10.41 -24.97 -24.94
C ILE C 653 -11.55 -24.20 -24.29
N GLY C 654 -12.71 -24.83 -24.18
CA GLY C 654 -13.88 -24.21 -23.59
C GLY C 654 -15.07 -24.23 -24.53
N ALA C 655 -16.23 -23.90 -23.95
CA ALA C 655 -17.50 -23.89 -24.67
C ALA C 655 -17.77 -25.22 -25.37
N GLY C 656 -17.35 -26.31 -24.73
CA GLY C 656 -17.53 -27.63 -25.30
C GLY C 656 -16.53 -28.02 -26.37
N ILE C 657 -15.44 -27.26 -26.52
CA ILE C 657 -14.43 -27.52 -27.53
C ILE C 657 -13.13 -27.88 -26.83
N CYS C 658 -12.45 -28.91 -27.35
CA CYS C 658 -11.16 -29.35 -26.86
C CYS C 658 -10.22 -29.57 -28.04
N ALA C 659 -8.93 -29.38 -27.79
CA ALA C 659 -7.90 -29.51 -28.81
C ALA C 659 -6.96 -30.66 -28.45
N SER C 660 -6.42 -31.31 -29.48
CA SER C 660 -5.52 -32.44 -29.30
C SER C 660 -4.50 -32.49 -30.42
N TYR C 661 -3.42 -33.22 -30.19
CA TYR C 661 -2.33 -33.37 -31.13
C TYR C 661 -2.30 -34.82 -31.61
N GLN C 662 -2.38 -35.03 -32.91
CA GLN C 662 -2.64 -36.38 -33.42
C GLN C 662 -1.99 -36.61 -34.78
N THR C 663 -1.96 -37.87 -35.18
CA THR C 663 -1.42 -38.29 -36.47
C THR C 663 -2.50 -38.34 -37.54
N SER C 676 2.67 -35.07 -40.64
CA SER C 676 2.12 -36.30 -40.12
C SER C 676 1.19 -36.02 -38.95
N GLN C 677 1.65 -35.19 -38.02
CA GLN C 677 0.94 -34.91 -36.78
C GLN C 677 0.67 -33.41 -36.67
N SER C 678 -0.56 -33.06 -36.30
CA SER C 678 -0.94 -31.66 -36.13
C SER C 678 -2.02 -31.56 -35.06
N ILE C 679 -2.57 -30.36 -34.91
CA ILE C 679 -3.57 -30.07 -33.88
C ILE C 679 -4.96 -30.08 -34.50
N ILE C 680 -5.91 -30.69 -33.79
CA ILE C 680 -7.30 -30.71 -34.21
C ILE C 680 -8.16 -30.25 -33.04
N ALA C 681 -9.34 -29.70 -33.37
CA ALA C 681 -10.29 -29.20 -32.40
C ALA C 681 -11.63 -29.87 -32.62
N TYR C 682 -12.29 -30.26 -31.53
CA TYR C 682 -13.51 -31.05 -31.63
C TYR C 682 -14.37 -30.85 -30.39
N THR C 683 -15.65 -31.17 -30.53
CA THR C 683 -16.55 -31.18 -29.40
C THR C 683 -16.35 -32.48 -28.62
N MET C 684 -16.00 -32.36 -27.34
CA MET C 684 -15.61 -33.54 -26.57
C MET C 684 -16.80 -34.45 -26.32
N SER C 685 -16.50 -35.72 -26.08
CA SER C 685 -17.48 -36.73 -25.76
C SER C 685 -17.38 -37.11 -24.29
N LEU C 686 -18.54 -37.23 -23.64
CA LEU C 686 -18.55 -37.51 -22.20
C LEU C 686 -17.93 -38.87 -21.88
N GLY C 687 -18.18 -39.88 -22.69
CA GLY C 687 -17.63 -41.18 -22.45
C GLY C 687 -18.23 -42.22 -23.36
N ALA C 688 -17.70 -43.44 -23.23
CA ALA C 688 -18.17 -44.55 -24.05
C ALA C 688 -19.63 -44.84 -23.75
N GLU C 689 -20.48 -44.76 -24.77
CA GLU C 689 -21.90 -44.99 -24.59
C GLU C 689 -22.16 -46.43 -24.17
N ASN C 690 -23.14 -46.61 -23.30
CA ASN C 690 -23.43 -47.93 -22.74
C ASN C 690 -24.93 -48.05 -22.52
N SER C 691 -25.40 -49.29 -22.51
CA SER C 691 -26.80 -49.59 -22.27
C SER C 691 -26.89 -50.89 -21.48
N VAL C 692 -27.83 -50.95 -20.53
CA VAL C 692 -28.03 -52.11 -19.69
C VAL C 692 -29.33 -52.79 -20.10
N ALA C 693 -29.26 -54.10 -20.34
CA ALA C 693 -30.42 -54.87 -20.82
C ALA C 693 -31.38 -55.07 -19.66
N TYR C 694 -32.13 -54.01 -19.35
CA TYR C 694 -33.09 -54.07 -18.25
C TYR C 694 -34.29 -54.92 -18.63
N SER C 695 -34.80 -55.65 -17.65
CA SER C 695 -36.02 -56.44 -17.81
C SER C 695 -36.58 -56.69 -16.42
N ASN C 696 -37.87 -57.03 -16.36
CA ASN C 696 -38.55 -57.14 -15.08
C ASN C 696 -38.27 -58.43 -14.34
N ASN C 697 -37.57 -59.40 -14.95
CA ASN C 697 -37.28 -60.65 -14.27
C ASN C 697 -35.87 -61.15 -14.56
N SER C 698 -34.91 -60.25 -14.75
CA SER C 698 -33.54 -60.63 -15.07
C SER C 698 -32.58 -59.85 -14.20
N ILE C 699 -31.59 -60.55 -13.64
CA ILE C 699 -30.52 -59.93 -12.87
C ILE C 699 -29.18 -60.41 -13.40
N ALA C 700 -28.13 -59.71 -12.99
CA ALA C 700 -26.75 -60.09 -13.26
C ALA C 700 -26.02 -60.20 -11.93
N ILE C 701 -25.33 -61.33 -11.74
CA ILE C 701 -24.64 -61.63 -10.49
C ILE C 701 -23.17 -61.85 -10.79
N PRO C 702 -22.24 -61.24 -10.06
CA PRO C 702 -20.83 -61.49 -10.31
C PRO C 702 -20.42 -62.90 -9.91
N THR C 703 -19.35 -63.38 -10.56
CA THR C 703 -18.80 -64.70 -10.28
C THR C 703 -17.33 -64.66 -9.90
N ASN C 704 -16.73 -63.47 -9.82
CA ASN C 704 -15.31 -63.34 -9.52
C ASN C 704 -15.06 -61.92 -9.06
N PHE C 705 -13.91 -61.71 -8.42
CA PHE C 705 -13.62 -60.42 -7.81
C PHE C 705 -12.16 -60.04 -8.04
N THR C 706 -11.88 -58.74 -7.88
CA THR C 706 -10.54 -58.19 -8.01
C THR C 706 -10.26 -57.27 -6.83
N ILE C 707 -9.08 -57.39 -6.27
CA ILE C 707 -8.62 -56.50 -5.21
C ILE C 707 -7.78 -55.40 -5.85
N SER C 708 -8.14 -54.14 -5.60
CA SER C 708 -7.48 -53.01 -6.22
C SER C 708 -6.88 -52.11 -5.15
N VAL C 709 -5.79 -51.45 -5.49
CA VAL C 709 -5.10 -50.52 -4.61
C VAL C 709 -4.98 -49.19 -5.33
N THR C 710 -5.59 -48.14 -4.77
CA THR C 710 -5.53 -46.80 -5.33
C THR C 710 -4.84 -45.87 -4.36
N THR C 711 -4.55 -44.65 -4.82
CA THR C 711 -3.85 -43.67 -4.02
C THR C 711 -4.63 -42.37 -3.95
N GLU C 712 -4.46 -41.66 -2.84
CA GLU C 712 -4.99 -40.31 -2.67
C GLU C 712 -3.95 -39.47 -1.96
N ILE C 713 -3.76 -38.24 -2.42
CA ILE C 713 -2.71 -37.36 -1.93
C ILE C 713 -3.36 -36.09 -1.40
N LEU C 714 -2.99 -35.69 -0.17
CA LEU C 714 -3.58 -34.51 0.45
C LEU C 714 -2.50 -33.66 1.11
N PRO C 715 -2.40 -32.38 0.75
CA PRO C 715 -1.51 -31.47 1.49
C PRO C 715 -2.05 -31.24 2.90
N VAL C 716 -1.13 -31.01 3.83
CA VAL C 716 -1.45 -30.87 5.25
C VAL C 716 -0.96 -29.55 5.82
N SER C 717 0.33 -29.25 5.63
CA SER C 717 0.94 -28.10 6.26
C SER C 717 1.62 -27.22 5.23
N MET C 718 1.76 -25.94 5.56
CA MET C 718 2.43 -24.96 4.72
C MET C 718 3.58 -24.34 5.51
N THR C 719 4.63 -23.96 4.78
CA THR C 719 5.85 -23.46 5.40
C THR C 719 5.57 -22.27 6.32
N LYS C 720 6.12 -22.32 7.52
CA LYS C 720 5.93 -21.25 8.50
C LYS C 720 6.97 -20.16 8.28
N THR C 721 6.50 -18.94 8.03
CA THR C 721 7.38 -17.81 7.77
C THR C 721 6.98 -16.62 8.63
N SER C 722 7.96 -15.78 8.95
CA SER C 722 7.72 -14.56 9.72
C SER C 722 8.62 -13.46 9.18
N VAL C 723 8.05 -12.29 8.93
CA VAL C 723 8.77 -11.18 8.30
C VAL C 723 8.86 -10.04 9.30
N ASP C 724 10.08 -9.58 9.55
CA ASP C 724 10.27 -8.38 10.35
C ASP C 724 9.79 -7.17 9.56
N CYS C 725 8.94 -6.36 10.19
CA CYS C 725 8.30 -5.26 9.46
C CYS C 725 9.28 -4.11 9.23
N THR C 726 9.88 -3.59 10.30
CA THR C 726 10.75 -2.42 10.18
C THR C 726 11.97 -2.74 9.31
N MET C 727 12.55 -3.94 9.48
CA MET C 727 13.71 -4.31 8.68
C MET C 727 13.37 -4.38 7.20
N TYR C 728 12.20 -4.92 6.88
CA TYR C 728 11.79 -4.99 5.48
C TYR C 728 11.52 -3.59 4.91
N ILE C 729 10.80 -2.76 5.66
CA ILE C 729 10.47 -1.43 5.16
C ILE C 729 11.73 -0.61 4.93
N CYS C 730 12.72 -0.77 5.82
CA CYS C 730 13.93 0.03 5.75
C CYS C 730 15.08 -0.73 6.41
N GLY C 731 16.27 -0.58 5.84
CA GLY C 731 17.43 -1.27 6.36
C GLY C 731 18.53 -0.34 6.83
N ASP C 732 18.79 -0.35 8.14
CA ASP C 732 19.84 0.45 8.76
C ASP C 732 19.63 1.94 8.47
N SER C 733 18.53 2.45 9.01
CA SER C 733 18.19 3.87 8.86
C SER C 733 17.31 4.27 10.03
N THR C 734 17.67 5.36 10.71
CA THR C 734 16.85 5.86 11.81
C THR C 734 15.70 6.71 11.31
N GLU C 735 15.92 7.48 10.25
CA GLU C 735 14.88 8.36 9.71
C GLU C 735 13.67 7.56 9.26
N CYS C 736 13.91 6.40 8.64
CA CYS C 736 12.82 5.50 8.27
C CYS C 736 11.94 5.20 9.46
N SER C 737 12.52 4.78 10.58
CA SER C 737 11.73 4.38 11.74
C SER C 737 11.04 5.58 12.37
N ASN C 738 11.72 6.74 12.42
CA ASN C 738 11.10 7.92 12.99
C ASN C 738 9.90 8.38 12.18
N LEU C 739 9.97 8.28 10.85
CA LEU C 739 8.81 8.61 10.03
C LEU C 739 7.76 7.50 10.07
N LEU C 740 8.18 6.26 10.32
CA LEU C 740 7.27 5.12 10.31
C LEU C 740 6.42 5.03 11.56
N LEU C 741 6.96 5.45 12.72
CA LEU C 741 6.23 5.27 13.96
C LEU C 741 4.92 6.06 14.01
N GLN C 742 4.66 6.92 13.02
CA GLN C 742 3.39 7.62 12.95
C GLN C 742 2.24 6.71 12.56
N TYR C 743 2.53 5.52 12.02
CA TYR C 743 1.51 4.66 11.45
C TYR C 743 0.87 3.72 12.46
N GLY C 744 1.30 3.74 13.72
CA GLY C 744 0.62 2.97 14.74
C GLY C 744 1.12 1.54 14.86
N SER C 745 0.19 0.64 15.19
CA SER C 745 0.49 -0.75 15.53
C SER C 745 0.22 -1.72 14.38
N PHE C 746 0.48 -1.29 13.14
CA PHE C 746 0.35 -2.19 12.00
C PHE C 746 1.33 -3.36 12.09
N CYS C 747 2.55 -3.09 12.56
CA CYS C 747 3.56 -4.14 12.69
C CYS C 747 3.07 -5.25 13.62
N THR C 748 2.43 -4.86 14.72
CA THR C 748 1.86 -5.85 15.63
C THR C 748 0.81 -6.69 14.93
N GLN C 749 -0.02 -6.07 14.10
CA GLN C 749 -1.05 -6.81 13.37
C GLN C 749 -0.42 -7.85 12.44
N LEU C 750 0.59 -7.44 11.68
CA LEU C 750 1.24 -8.36 10.76
C LEU C 750 1.87 -9.53 11.51
N ASN C 751 2.58 -9.22 12.61
CA ASN C 751 3.24 -10.28 13.37
C ASN C 751 2.23 -11.23 14.00
N ARG C 752 1.12 -10.69 14.51
CA ARG C 752 0.08 -11.54 15.09
C ARG C 752 -0.50 -12.47 14.04
N ALA C 753 -0.77 -11.95 12.83
CA ALA C 753 -1.33 -12.80 11.77
C ALA C 753 -0.37 -13.92 11.42
N LEU C 754 0.92 -13.60 11.25
CA LEU C 754 1.88 -14.62 10.86
C LEU C 754 2.07 -15.66 11.97
N THR C 755 2.11 -15.22 13.23
CA THR C 755 2.24 -16.15 14.33
C THR C 755 1.04 -17.08 14.42
N GLY C 756 -0.17 -16.53 14.24
CA GLY C 756 -1.35 -17.38 14.21
C GLY C 756 -1.29 -18.41 13.10
N ILE C 757 -0.83 -17.99 11.91
CA ILE C 757 -0.73 -18.92 10.80
C ILE C 757 0.23 -20.07 11.14
N ALA C 758 1.39 -19.74 11.71
CA ALA C 758 2.37 -20.77 12.04
C ALA C 758 1.82 -21.74 13.09
N VAL C 759 1.20 -21.21 14.14
CA VAL C 759 0.63 -22.07 15.17
C VAL C 759 -0.45 -22.96 14.60
N GLU C 760 -1.24 -22.43 13.66
CA GLU C 760 -2.28 -23.24 13.04
C GLU C 760 -1.68 -24.35 12.20
N GLN C 761 -0.56 -24.09 11.51
CA GLN C 761 0.12 -25.16 10.77
C GLN C 761 0.56 -26.28 11.71
N ASP C 762 1.16 -25.90 12.84
CA ASP C 762 1.58 -26.91 13.81
C ASP C 762 0.39 -27.72 14.33
N LYS C 763 -0.71 -27.03 14.63
CA LYS C 763 -1.91 -27.72 15.10
C LYS C 763 -2.46 -28.65 14.04
N ASN C 764 -2.42 -28.23 12.77
CA ASN C 764 -2.89 -29.09 11.69
C ASN C 764 -2.10 -30.39 11.64
N THR C 765 -0.77 -30.28 11.66
CA THR C 765 0.04 -31.50 11.60
C THR C 765 -0.22 -32.40 12.81
N GLN C 766 -0.28 -31.81 14.01
CA GLN C 766 -0.50 -32.60 15.21
C GLN C 766 -1.85 -33.30 15.19
N GLU C 767 -2.89 -32.61 14.71
CA GLU C 767 -4.22 -33.21 14.65
C GLU C 767 -4.28 -34.31 13.60
N VAL C 768 -3.59 -34.14 12.47
CA VAL C 768 -3.66 -35.13 11.42
C VAL C 768 -2.93 -36.41 11.83
N PHE C 769 -1.74 -36.30 12.39
CA PHE C 769 -0.92 -37.50 12.57
C PHE C 769 -1.05 -38.13 13.95
N ALA C 770 -0.95 -37.35 15.02
CA ALA C 770 -0.92 -37.89 16.38
C ALA C 770 -2.32 -38.36 16.77
N GLN C 771 -2.65 -39.59 16.36
CA GLN C 771 -3.96 -40.18 16.66
C GLN C 771 -3.85 -41.50 17.41
N VAL C 772 -2.67 -41.88 17.88
CA VAL C 772 -2.47 -43.13 18.60
C VAL C 772 -1.78 -42.84 19.92
N LYS C 773 -2.26 -43.47 21.00
CA LYS C 773 -1.71 -43.20 22.32
C LYS C 773 -0.34 -43.84 22.49
N GLN C 774 -0.15 -45.05 21.95
CA GLN C 774 1.09 -45.79 22.11
C GLN C 774 1.93 -45.70 20.85
N ILE C 775 3.04 -46.43 20.83
CA ILE C 775 3.90 -46.55 19.65
C ILE C 775 4.16 -48.05 19.48
N TYR C 776 3.39 -48.69 18.60
CA TYR C 776 3.53 -50.11 18.37
C TYR C 776 4.71 -50.39 17.44
N LYS C 777 5.05 -51.67 17.31
CA LYS C 777 6.05 -52.09 16.34
C LYS C 777 5.69 -53.49 15.86
N THR C 778 5.86 -53.73 14.57
CA THR C 778 5.59 -55.04 14.01
C THR C 778 6.61 -56.05 14.53
N PRO C 779 6.19 -57.29 14.80
CA PRO C 779 7.16 -58.30 15.21
C PRO C 779 8.10 -58.63 14.08
N PRO C 780 9.33 -59.07 14.37
CA PRO C 780 10.27 -59.40 13.30
C PRO C 780 9.80 -60.51 12.38
N ILE C 781 8.90 -61.37 12.85
CA ILE C 781 8.37 -62.44 12.00
C ILE C 781 7.50 -61.83 10.91
N LYS C 782 7.59 -62.39 9.70
CA LYS C 782 6.87 -61.86 8.56
C LYS C 782 5.92 -62.90 7.96
N ASP C 783 5.18 -63.61 8.82
CA ASP C 783 4.23 -64.63 8.38
C ASP C 783 2.82 -64.06 8.54
N PHE C 784 2.17 -63.76 7.42
CA PHE C 784 0.81 -63.21 7.43
C PHE C 784 -0.15 -64.04 6.58
N GLY C 785 0.16 -65.30 6.36
CA GLY C 785 -0.72 -66.15 5.56
C GLY C 785 -0.65 -65.92 4.07
N GLY C 786 0.37 -65.21 3.60
CA GLY C 786 0.54 -64.99 2.17
C GLY C 786 0.73 -63.54 1.80
N PHE C 787 0.16 -62.64 2.59
CA PHE C 787 0.28 -61.21 2.31
C PHE C 787 1.70 -60.74 2.58
N ASN C 788 2.12 -59.72 1.82
CA ASN C 788 3.50 -59.25 1.82
C ASN C 788 3.49 -57.73 1.90
N PHE C 789 3.94 -57.18 3.03
CA PHE C 789 3.94 -55.74 3.28
C PHE C 789 5.34 -55.14 3.22
N SER C 790 6.25 -55.77 2.47
CA SER C 790 7.62 -55.30 2.41
C SER C 790 7.73 -53.91 1.78
N GLN C 791 6.76 -53.50 0.97
CA GLN C 791 6.83 -52.21 0.30
C GLN C 791 6.31 -51.06 1.15
N ILE C 792 5.71 -51.33 2.30
CA ILE C 792 5.15 -50.28 3.13
C ILE C 792 5.70 -50.27 4.55
N LEU C 793 6.27 -51.37 5.03
CA LEU C 793 6.85 -51.38 6.36
C LEU C 793 8.21 -50.67 6.35
N PRO C 794 8.63 -50.10 7.48
CA PRO C 794 9.91 -49.39 7.51
C PRO C 794 11.08 -50.32 7.21
N ASP C 795 12.09 -49.76 6.54
CA ASP C 795 13.27 -50.53 6.13
C ASP C 795 14.45 -50.14 7.01
N PRO C 796 14.89 -51.01 7.92
CA PRO C 796 16.05 -50.67 8.77
C PRO C 796 17.35 -50.52 8.00
N SER C 797 17.43 -51.05 6.78
CA SER C 797 18.68 -50.98 6.02
C SER C 797 19.05 -49.55 5.68
N LYS C 798 18.08 -48.75 5.28
CA LYS C 798 18.36 -47.36 4.90
C LYS C 798 18.77 -46.55 6.12
N PRO C 799 19.63 -45.54 5.93
CA PRO C 799 20.03 -44.71 7.08
C PRO C 799 18.87 -44.01 7.76
N SER C 800 17.85 -43.60 7.01
CA SER C 800 16.65 -43.01 7.58
C SER C 800 15.53 -44.04 7.56
N LYS C 801 14.84 -44.18 8.69
CA LYS C 801 13.81 -45.19 8.82
C LYS C 801 12.57 -44.82 8.02
N ARG C 802 12.49 -45.31 6.78
CA ARG C 802 11.36 -45.04 5.91
C ARG C 802 11.08 -46.26 5.04
N SER C 803 9.82 -46.42 4.66
CA SER C 803 9.45 -47.44 3.70
C SER C 803 9.93 -47.04 2.31
N PRO C 804 10.08 -48.01 1.40
CA PRO C 804 10.51 -47.65 0.04
C PRO C 804 9.59 -46.66 -0.64
N ILE C 805 8.28 -46.78 -0.44
CA ILE C 805 7.34 -45.84 -1.06
C ILE C 805 7.52 -44.45 -0.48
N GLU C 806 7.80 -44.36 0.82
CA GLU C 806 8.06 -43.05 1.43
C GLU C 806 9.29 -42.39 0.80
N ASP C 807 10.35 -43.16 0.58
CA ASP C 807 11.54 -42.60 -0.07
C ASP C 807 11.25 -42.22 -1.51
N LEU C 808 10.45 -43.02 -2.22
CA LEU C 808 10.06 -42.66 -3.57
C LEU C 808 9.32 -41.33 -3.58
N LEU C 809 8.40 -41.13 -2.65
CA LEU C 809 7.68 -39.86 -2.56
C LEU C 809 8.62 -38.72 -2.21
N PHE C 810 9.54 -38.95 -1.27
CA PHE C 810 10.44 -37.88 -0.83
C PHE C 810 11.41 -37.46 -1.92
N ASN C 811 11.86 -38.39 -2.76
CA ASN C 811 12.78 -38.05 -3.83
C ASN C 811 12.09 -37.53 -5.09
N LYS C 812 10.75 -37.58 -5.14
CA LYS C 812 10.01 -37.05 -6.29
C LYS C 812 9.50 -35.63 -6.05
N VAL C 813 9.77 -35.04 -4.89
CA VAL C 813 9.30 -33.70 -4.56
C VAL C 813 10.51 -32.80 -4.33
N THR C 814 10.53 -31.67 -5.02
CA THR C 814 11.65 -30.72 -4.89
C THR C 814 11.27 -29.57 -3.96
N LYS C 841 15.48 -13.92 1.67
CA LYS C 841 16.18 -14.70 2.68
C LYS C 841 16.96 -13.79 3.62
N PHE C 842 17.22 -12.56 3.16
CA PHE C 842 18.05 -11.63 3.90
C PHE C 842 17.40 -10.26 4.06
N ASN C 843 16.09 -10.16 3.86
CA ASN C 843 15.43 -8.87 3.95
C ASN C 843 14.37 -8.89 5.05
N GLY C 844 14.72 -9.46 6.20
CA GLY C 844 13.82 -9.53 7.34
C GLY C 844 12.93 -10.75 7.37
N LEU C 845 12.85 -11.51 6.29
CA LEU C 845 12.02 -12.71 6.25
C LEU C 845 12.79 -13.91 6.79
N THR C 846 12.14 -14.70 7.62
CA THR C 846 12.73 -15.89 8.19
C THR C 846 11.75 -17.04 8.09
N VAL C 847 12.30 -18.25 8.01
CA VAL C 847 11.50 -19.48 7.93
C VAL C 847 11.72 -20.26 9.22
N LEU C 848 10.63 -20.60 9.89
CA LEU C 848 10.81 -21.31 11.16
C LEU C 848 10.69 -22.81 10.95
N PRO C 849 11.46 -23.60 11.70
CA PRO C 849 11.37 -25.04 11.57
C PRO C 849 10.09 -25.57 12.19
N PRO C 850 9.53 -26.64 11.64
CA PRO C 850 8.34 -27.24 12.25
C PRO C 850 8.68 -27.94 13.55
N LEU C 851 7.67 -28.07 14.42
CA LEU C 851 7.86 -28.72 15.70
C LEU C 851 8.17 -30.20 15.53
N LEU C 852 7.48 -30.87 14.61
CA LEU C 852 7.67 -32.29 14.36
C LEU C 852 8.60 -32.47 13.16
N THR C 853 9.71 -33.15 13.37
CA THR C 853 10.64 -33.44 12.29
C THR C 853 10.10 -34.59 11.44
N ASP C 854 10.88 -34.97 10.42
CA ASP C 854 10.44 -36.04 9.53
C ASP C 854 10.49 -37.40 10.21
N GLU C 855 11.44 -37.62 11.11
CA GLU C 855 11.52 -38.90 11.80
C GLU C 855 10.34 -39.11 12.73
N MET C 856 9.84 -38.04 13.35
CA MET C 856 8.68 -38.17 14.24
C MET C 856 7.45 -38.63 13.48
N ILE C 857 7.15 -38.00 12.35
CA ILE C 857 5.99 -38.41 11.56
C ILE C 857 6.22 -39.78 10.95
N ALA C 858 7.46 -40.11 10.60
CA ALA C 858 7.76 -41.46 10.12
C ALA C 858 7.43 -42.50 11.18
N GLN C 859 7.82 -42.23 12.44
CA GLN C 859 7.50 -43.15 13.53
C GLN C 859 5.99 -43.22 13.75
N TYR C 860 5.30 -42.09 13.64
CA TYR C 860 3.84 -42.09 13.79
C TYR C 860 3.19 -42.98 12.74
N THR C 861 3.60 -42.82 11.48
CA THR C 861 3.04 -43.65 10.41
C THR C 861 3.37 -45.12 10.61
N SER C 862 4.60 -45.41 11.05
CA SER C 862 4.98 -46.81 11.30
C SER C 862 4.13 -47.41 12.41
N ALA C 863 3.89 -46.65 13.48
CA ALA C 863 3.03 -47.14 14.57
C ALA C 863 1.62 -47.39 14.08
N LEU C 864 1.07 -46.45 13.30
CA LEU C 864 -0.28 -46.64 12.76
C LEU C 864 -0.36 -47.88 11.89
N LEU C 865 0.61 -48.08 11.01
CA LEU C 865 0.60 -49.24 10.12
C LEU C 865 0.74 -50.53 10.92
N ALA C 866 1.62 -50.57 11.91
CA ALA C 866 1.79 -51.77 12.71
C ALA C 866 0.54 -52.10 13.49
N GLY C 867 -0.11 -51.08 14.06
CA GLY C 867 -1.36 -51.32 14.77
C GLY C 867 -2.44 -51.84 13.85
N THR C 868 -2.56 -51.24 12.66
CA THR C 868 -3.56 -51.71 11.69
C THR C 868 -3.30 -53.15 11.29
N ILE C 869 -2.04 -53.51 11.07
CA ILE C 869 -1.71 -54.86 10.64
C ILE C 869 -1.98 -55.87 11.74
N THR C 870 -1.54 -55.59 12.97
CA THR C 870 -1.52 -56.59 14.02
C THR C 870 -2.74 -56.56 14.94
N SER C 871 -3.65 -55.58 14.79
CA SER C 871 -4.77 -55.51 15.71
C SER C 871 -6.09 -55.16 15.02
N GLY C 872 -6.13 -55.05 13.70
CA GLY C 872 -7.36 -54.64 13.05
C GLY C 872 -7.74 -53.22 13.41
N TRP C 873 -9.02 -53.03 13.72
CA TRP C 873 -9.51 -51.71 14.12
C TRP C 873 -9.73 -51.58 15.62
N THR C 874 -9.55 -52.68 16.38
CA THR C 874 -9.85 -52.63 17.80
C THR C 874 -8.92 -51.70 18.57
N PHE C 875 -7.70 -51.51 18.08
CA PHE C 875 -6.75 -50.63 18.75
C PHE C 875 -7.12 -49.16 18.64
N GLY C 876 -8.06 -48.81 17.74
CA GLY C 876 -8.51 -47.44 17.64
C GLY C 876 -9.61 -47.03 18.59
N ALA C 877 -10.18 -47.99 19.32
CA ALA C 877 -11.24 -47.73 20.27
C ALA C 877 -10.84 -47.94 21.72
N GLY C 878 -9.91 -48.86 21.99
CA GLY C 878 -9.46 -49.13 23.32
C GLY C 878 -8.12 -49.84 23.32
N PRO C 879 -7.96 -50.83 24.20
CA PRO C 879 -6.72 -51.61 24.20
C PRO C 879 -6.56 -52.38 22.90
N ALA C 880 -5.31 -52.51 22.45
CA ALA C 880 -5.04 -53.24 21.22
C ALA C 880 -5.18 -54.74 21.46
N LEU C 881 -5.90 -55.42 20.56
CA LEU C 881 -6.14 -56.85 20.66
C LEU C 881 -5.59 -57.54 19.42
N GLN C 882 -4.69 -58.49 19.62
CA GLN C 882 -4.10 -59.20 18.50
C GLN C 882 -5.12 -60.14 17.87
N ILE C 883 -4.94 -60.40 16.58
CA ILE C 883 -5.84 -61.25 15.81
C ILE C 883 -5.13 -61.67 14.52
N PRO C 884 -5.23 -62.93 14.11
CA PRO C 884 -4.57 -63.33 12.86
C PRO C 884 -5.11 -62.55 11.66
N PHE C 885 -4.21 -62.23 10.74
CA PHE C 885 -4.59 -61.40 9.59
C PHE C 885 -5.68 -62.02 8.72
N PRO C 886 -5.68 -63.33 8.40
CA PRO C 886 -6.82 -63.87 7.66
C PRO C 886 -8.15 -63.69 8.36
N MET C 887 -8.18 -63.72 9.70
CA MET C 887 -9.43 -63.51 10.42
C MET C 887 -9.90 -62.07 10.29
N GLN C 888 -8.96 -61.12 10.31
CA GLN C 888 -9.32 -59.73 10.04
C GLN C 888 -9.84 -59.57 8.61
N MET C 889 -9.22 -60.27 7.66
CA MET C 889 -9.70 -60.25 6.28
C MET C 889 -11.14 -60.76 6.20
N ALA C 890 -11.43 -61.85 6.92
CA ALA C 890 -12.80 -62.37 6.94
C ALA C 890 -13.75 -61.37 7.58
N TYR C 891 -13.29 -60.69 8.63
CA TYR C 891 -14.09 -59.63 9.25
C TYR C 891 -14.48 -58.57 8.22
N ARG C 892 -13.50 -58.07 7.46
CA ARG C 892 -13.79 -57.03 6.49
C ARG C 892 -14.70 -57.55 5.37
N PHE C 893 -14.46 -58.78 4.92
CA PHE C 893 -15.30 -59.36 3.87
C PHE C 893 -16.75 -59.50 4.34
N ASN C 894 -16.95 -59.96 5.58
CA ASN C 894 -18.30 -60.00 6.14
C ASN C 894 -18.86 -58.59 6.31
N GLY C 895 -17.99 -57.61 6.51
CA GLY C 895 -18.46 -56.24 6.61
C GLY C 895 -19.03 -55.72 5.31
N ILE C 896 -18.35 -56.01 4.18
CA ILE C 896 -18.86 -55.52 2.90
C ILE C 896 -20.02 -56.32 2.36
N GLY C 897 -20.34 -57.46 2.97
CA GLY C 897 -21.46 -58.27 2.54
C GLY C 897 -21.12 -59.55 1.82
N VAL C 898 -19.97 -60.16 2.11
CA VAL C 898 -19.56 -61.43 1.51
C VAL C 898 -19.14 -62.37 2.63
N THR C 899 -19.58 -63.62 2.54
CA THR C 899 -19.35 -64.56 3.63
C THR C 899 -17.87 -64.91 3.75
N GLN C 900 -17.52 -65.49 4.91
CA GLN C 900 -16.12 -65.74 5.25
C GLN C 900 -15.52 -66.86 4.40
N ASN C 901 -16.33 -67.84 4.01
CA ASN C 901 -15.80 -68.98 3.27
C ASN C 901 -15.17 -68.56 1.95
N VAL C 902 -15.63 -67.47 1.35
CA VAL C 902 -15.05 -66.99 0.11
C VAL C 902 -13.57 -66.69 0.29
N LEU C 903 -13.23 -65.93 1.33
CA LEU C 903 -11.82 -65.66 1.62
C LEU C 903 -11.11 -66.92 2.09
N TYR C 904 -11.73 -67.68 3.00
CA TYR C 904 -11.03 -68.85 3.52
C TYR C 904 -10.77 -69.91 2.46
N GLU C 905 -11.40 -69.80 1.29
CA GLU C 905 -11.13 -70.70 0.18
C GLU C 905 -10.35 -70.07 -0.96
N ASN C 906 -10.29 -68.74 -1.04
CA ASN C 906 -9.51 -68.07 -2.08
C ASN C 906 -8.40 -67.21 -1.50
N GLN C 907 -7.91 -67.58 -0.32
CA GLN C 907 -6.83 -66.84 0.34
C GLN C 907 -5.61 -66.67 -0.57
N LYS C 908 -5.18 -67.75 -1.22
CA LYS C 908 -3.97 -67.66 -2.04
C LYS C 908 -4.16 -66.70 -3.21
N LEU C 909 -5.30 -66.78 -3.90
CA LEU C 909 -5.57 -65.83 -4.98
C LEU C 909 -5.62 -64.40 -4.47
N ILE C 910 -6.27 -64.19 -3.33
CA ILE C 910 -6.39 -62.83 -2.79
C ILE C 910 -5.03 -62.27 -2.43
N ALA C 911 -4.17 -63.09 -1.81
CA ALA C 911 -2.83 -62.64 -1.46
C ALA C 911 -2.02 -62.31 -2.70
N ASN C 912 -2.11 -63.16 -3.74
CA ASN C 912 -1.38 -62.87 -4.97
C ASN C 912 -1.85 -61.57 -5.60
N GLN C 913 -3.16 -61.35 -5.62
CA GLN C 913 -3.69 -60.11 -6.20
C GLN C 913 -3.27 -58.90 -5.38
N PHE C 914 -3.24 -59.02 -4.05
CA PHE C 914 -2.81 -57.91 -3.20
C PHE C 914 -1.35 -57.55 -3.47
N ASN C 915 -0.48 -58.57 -3.53
CA ASN C 915 0.93 -58.30 -3.79
C ASN C 915 1.13 -57.69 -5.18
N SER C 916 0.40 -58.21 -6.18
CA SER C 916 0.49 -57.66 -7.52
C SER C 916 0.04 -56.20 -7.55
N ALA C 917 -1.04 -55.88 -6.85
CA ALA C 917 -1.52 -54.50 -6.82
C ALA C 917 -0.51 -53.57 -6.15
N ILE C 918 0.13 -54.04 -5.07
CA ILE C 918 1.14 -53.21 -4.40
C ILE C 918 2.31 -52.95 -5.35
N GLY C 919 2.76 -54.00 -6.04
CA GLY C 919 3.83 -53.80 -7.02
C GLY C 919 3.43 -52.83 -8.12
N LYS C 920 2.19 -52.96 -8.61
CA LYS C 920 1.71 -52.08 -9.67
C LYS C 920 1.68 -50.63 -9.21
N ILE C 921 1.22 -50.38 -7.97
CA ILE C 921 1.15 -49.00 -7.51
C ILE C 921 2.56 -48.44 -7.31
N GLN C 922 3.50 -49.27 -6.85
CA GLN C 922 4.88 -48.80 -6.76
C GLN C 922 5.41 -48.40 -8.14
N ASP C 923 5.19 -49.26 -9.14
CA ASP C 923 5.68 -48.96 -10.49
C ASP C 923 5.01 -47.70 -11.05
N SER C 924 3.69 -47.57 -10.85
CA SER C 924 2.98 -46.42 -11.38
C SER C 924 3.43 -45.12 -10.73
N LEU C 925 3.65 -45.13 -9.41
CA LEU C 925 4.15 -43.93 -8.76
C LEU C 925 5.57 -43.60 -9.20
N SER C 926 6.42 -44.61 -9.38
CA SER C 926 7.79 -44.35 -9.81
C SER C 926 7.84 -43.88 -11.26
N SER C 927 6.83 -44.22 -12.06
CA SER C 927 6.88 -43.88 -13.48
C SER C 927 6.79 -42.37 -13.70
N THR C 928 5.82 -41.72 -13.09
CA THR C 928 5.60 -40.30 -13.34
C THR C 928 5.45 -39.54 -12.02
N PRO C 929 5.93 -38.29 -11.98
CA PRO C 929 5.75 -37.45 -10.80
C PRO C 929 4.56 -36.48 -10.86
N SER C 930 3.78 -36.50 -11.94
CA SER C 930 2.65 -35.59 -12.05
C SER C 930 1.60 -35.84 -10.99
N ALA C 931 1.45 -37.10 -10.54
CA ALA C 931 0.46 -37.43 -9.54
C ALA C 931 0.70 -36.68 -8.23
N LEU C 932 1.96 -36.34 -7.96
CA LEU C 932 2.31 -35.61 -6.74
C LEU C 932 2.10 -34.10 -6.87
N GLY C 933 1.60 -33.63 -8.02
CA GLY C 933 1.51 -32.20 -8.25
C GLY C 933 0.77 -31.46 -7.15
N LYS C 934 -0.26 -32.09 -6.58
CA LYS C 934 -1.03 -31.48 -5.51
C LYS C 934 -0.12 -30.94 -4.40
N LEU C 935 0.87 -31.74 -4.00
CA LEU C 935 1.84 -31.25 -3.03
C LEU C 935 2.77 -30.23 -3.68
N GLN C 936 3.33 -30.57 -4.84
CA GLN C 936 4.41 -29.78 -5.44
C GLN C 936 3.96 -28.34 -5.66
N ASP C 937 2.81 -28.17 -6.32
CA ASP C 937 2.23 -26.85 -6.54
C ASP C 937 2.32 -25.98 -5.30
N VAL C 938 1.91 -26.55 -4.15
CA VAL C 938 1.83 -25.75 -2.92
C VAL C 938 3.17 -25.09 -2.66
N VAL C 939 4.25 -25.87 -2.69
CA VAL C 939 5.56 -25.32 -2.41
C VAL C 939 5.84 -24.14 -3.34
N ASN C 940 5.65 -24.36 -4.65
CA ASN C 940 5.89 -23.31 -5.62
C ASN C 940 5.14 -22.04 -5.22
N GLN C 941 3.85 -22.20 -4.91
CA GLN C 941 3.04 -21.04 -4.56
C GLN C 941 3.69 -20.25 -3.44
N ASN C 942 4.03 -20.93 -2.34
CA ASN C 942 4.64 -20.23 -1.22
C ASN C 942 5.91 -19.53 -1.67
N ALA C 943 6.78 -20.26 -2.39
CA ALA C 943 8.03 -19.65 -2.82
C ALA C 943 7.77 -18.42 -3.67
N GLN C 944 6.80 -18.51 -4.59
CA GLN C 944 6.50 -17.37 -5.44
C GLN C 944 6.06 -16.20 -4.58
N ALA C 945 5.18 -16.47 -3.60
CA ALA C 945 4.68 -15.40 -2.75
C ALA C 945 5.80 -14.74 -1.96
N LEU C 946 6.93 -15.41 -1.81
CA LEU C 946 8.10 -14.77 -1.21
C LEU C 946 8.85 -13.93 -2.24
N ASN C 947 9.16 -14.53 -3.39
CA ASN C 947 10.01 -13.88 -4.37
C ASN C 947 9.45 -12.54 -4.80
N THR C 948 8.18 -12.53 -5.22
CA THR C 948 7.53 -11.29 -5.62
C THR C 948 7.67 -10.22 -4.56
N LEU C 949 7.53 -10.61 -3.29
CA LEU C 949 7.67 -9.64 -2.21
C LEU C 949 9.02 -8.94 -2.26
N VAL C 950 10.10 -9.72 -2.41
CA VAL C 950 11.42 -9.11 -2.48
C VAL C 950 11.53 -8.22 -3.72
N LYS C 951 10.88 -8.63 -4.81
CA LYS C 951 10.90 -7.80 -6.01
C LYS C 951 10.31 -6.43 -5.75
N GLN C 952 9.34 -6.34 -4.83
CA GLN C 952 8.72 -5.05 -4.54
C GLN C 952 9.69 -4.08 -3.90
N LEU C 953 10.85 -4.55 -3.46
CA LEU C 953 11.88 -3.67 -2.93
C LEU C 953 12.70 -2.99 -4.02
N SER C 954 12.43 -3.28 -5.29
CA SER C 954 13.19 -2.72 -6.40
C SER C 954 12.35 -1.78 -7.26
N SER C 955 11.37 -1.10 -6.66
CA SER C 955 10.51 -0.18 -7.38
C SER C 955 10.49 1.17 -6.68
N ASN C 956 10.39 2.23 -7.48
CA ASN C 956 10.42 3.58 -6.94
C ASN C 956 9.12 3.98 -6.26
N PHE C 957 7.99 3.40 -6.69
CA PHE C 957 6.66 3.80 -6.21
C PHE C 957 6.45 5.30 -6.40
N GLY C 958 6.95 5.83 -7.52
CA GLY C 958 6.81 7.24 -7.81
C GLY C 958 7.84 8.13 -7.16
N ALA C 959 8.90 7.58 -6.60
CA ALA C 959 9.95 8.37 -5.96
C ALA C 959 11.14 8.52 -6.89
N ILE C 960 12.18 9.19 -6.40
CA ILE C 960 13.35 9.47 -7.23
C ILE C 960 14.13 8.19 -7.50
N SER C 961 14.35 7.36 -6.47
CA SER C 961 15.14 6.15 -6.62
C SER C 961 14.66 5.11 -5.61
N SER C 962 14.69 3.85 -6.03
CA SER C 962 14.22 2.76 -5.18
C SER C 962 15.17 2.43 -4.05
N VAL C 963 16.40 2.94 -4.08
CA VAL C 963 17.37 2.67 -3.02
C VAL C 963 17.28 3.76 -1.97
N LEU C 964 17.08 3.34 -0.71
CA LEU C 964 16.85 4.30 0.38
C LEU C 964 18.12 5.06 0.72
N ASN C 965 19.27 4.39 0.66
CA ASN C 965 20.52 5.02 1.07
C ASN C 965 20.87 6.20 0.18
N ASP C 966 20.70 6.05 -1.13
CA ASP C 966 21.09 7.12 -2.05
C ASP C 966 20.22 8.36 -1.88
N ILE C 967 18.91 8.16 -1.78
CA ILE C 967 18.02 9.31 -1.61
C ILE C 967 18.26 9.96 -0.25
N LEU C 968 18.53 9.14 0.78
CA LEU C 968 18.82 9.69 2.10
C LEU C 968 20.09 10.54 2.09
N SER C 969 21.14 10.05 1.42
CA SER C 969 22.41 10.76 1.38
C SER C 969 22.46 11.86 0.32
N ARG C 970 21.44 11.95 -0.54
CA ARG C 970 21.41 12.91 -1.64
C ARG C 970 20.69 14.19 -1.28
N LEU C 971 19.51 14.10 -0.65
CA LEU C 971 18.64 15.24 -0.45
C LEU C 971 18.45 15.53 1.03
N ASP C 972 18.13 16.78 1.32
CA ASP C 972 17.95 17.29 2.67
C ASP C 972 16.64 16.77 3.27
N PRO C 973 16.49 16.84 4.59
CA PRO C 973 15.29 16.31 5.27
C PRO C 973 13.97 16.76 4.64
N PRO C 974 13.75 18.06 4.41
CA PRO C 974 12.36 18.49 4.12
C PRO C 974 11.78 17.98 2.80
N GLU C 975 12.57 17.38 1.92
CA GLU C 975 12.04 16.68 0.75
C GLU C 975 12.37 15.20 0.73
N ALA C 976 13.51 14.79 1.30
CA ALA C 976 13.76 13.38 1.50
C ALA C 976 12.64 12.75 2.33
N GLU C 977 12.00 13.53 3.20
CA GLU C 977 10.90 13.01 4.00
C GLU C 977 9.71 12.63 3.15
N VAL C 978 9.34 13.46 2.17
CA VAL C 978 8.22 13.11 1.30
C VAL C 978 8.59 11.91 0.43
N GLN C 979 9.85 11.85 -0.03
CA GLN C 979 10.28 10.66 -0.77
C GLN C 979 10.18 9.40 0.08
N ILE C 980 10.60 9.49 1.35
CA ILE C 980 10.53 8.34 2.25
C ILE C 980 9.09 7.96 2.52
N ASP C 981 8.20 8.95 2.60
CA ASP C 981 6.78 8.65 2.81
C ASP C 981 6.20 7.89 1.62
N ARG C 982 6.57 8.29 0.41
CA ARG C 982 6.14 7.56 -0.78
C ARG C 982 6.62 6.10 -0.72
N LEU C 983 7.92 5.91 -0.44
CA LEU C 983 8.47 4.56 -0.37
C LEU C 983 7.78 3.73 0.69
N ILE C 984 7.55 4.32 1.87
CA ILE C 984 6.93 3.61 2.97
C ILE C 984 5.51 3.20 2.62
N THR C 985 4.76 4.10 1.97
CA THR C 985 3.39 3.76 1.55
C THR C 985 3.41 2.56 0.62
N GLY C 986 4.29 2.59 -0.38
CA GLY C 986 4.34 1.47 -1.33
C GLY C 986 4.69 0.16 -0.65
N ARG C 987 5.73 0.16 0.20
CA ARG C 987 6.16 -1.08 0.82
C ARG C 987 5.12 -1.61 1.79
N LEU C 988 4.42 -0.71 2.50
CA LEU C 988 3.35 -1.14 3.39
C LEU C 988 2.21 -1.78 2.61
N GLN C 989 1.85 -1.21 1.46
CA GLN C 989 0.82 -1.83 0.63
C GLN C 989 1.25 -3.23 0.21
N SER C 990 2.51 -3.39 -0.18
CA SER C 990 3.00 -4.71 -0.56
C SER C 990 2.90 -5.70 0.60
N LEU C 991 3.29 -5.27 1.80
CA LEU C 991 3.23 -6.15 2.96
C LEU C 991 1.80 -6.57 3.27
N GLN C 992 0.86 -5.62 3.20
CA GLN C 992 -0.53 -5.96 3.46
C GLN C 992 -1.06 -6.97 2.45
N THR C 993 -0.72 -6.78 1.17
CA THR C 993 -1.15 -7.74 0.15
C THR C 993 -0.61 -9.14 0.45
N TYR C 994 0.68 -9.22 0.80
CA TYR C 994 1.28 -10.51 1.09
C TYR C 994 0.60 -11.19 2.28
N VAL C 995 0.33 -10.41 3.34
CA VAL C 995 -0.28 -10.99 4.54
C VAL C 995 -1.68 -11.52 4.24
N THR C 996 -2.48 -10.75 3.49
CA THR C 996 -3.83 -11.21 3.15
C THR C 996 -3.79 -12.49 2.32
N GLN C 997 -2.90 -12.54 1.32
CA GLN C 997 -2.79 -13.75 0.51
C GLN C 997 -2.41 -14.95 1.37
N GLN C 998 -1.45 -14.76 2.29
CA GLN C 998 -1.05 -15.86 3.16
C GLN C 998 -2.21 -16.32 4.02
N LEU C 999 -3.01 -15.39 4.53
CA LEU C 999 -4.16 -15.77 5.37
C LEU C 999 -5.14 -16.64 4.59
N ILE C 1000 -5.47 -16.23 3.37
CA ILE C 1000 -6.44 -17.01 2.58
C ILE C 1000 -5.89 -18.39 2.26
N ARG C 1001 -4.62 -18.46 1.84
CA ARG C 1001 -4.03 -19.75 1.53
C ARG C 1001 -3.96 -20.65 2.76
N ALA C 1002 -3.70 -20.06 3.92
CA ALA C 1002 -3.68 -20.83 5.16
C ALA C 1002 -5.06 -21.40 5.48
N ALA C 1003 -6.11 -20.62 5.24
CA ALA C 1003 -7.46 -21.15 5.45
C ALA C 1003 -7.73 -22.35 4.54
N GLU C 1004 -7.35 -22.24 3.27
CA GLU C 1004 -7.55 -23.37 2.35
C GLU C 1004 -6.78 -24.60 2.82
N ILE C 1005 -5.52 -24.41 3.22
CA ILE C 1005 -4.70 -25.53 3.68
C ILE C 1005 -5.28 -26.15 4.94
N ARG C 1006 -5.85 -25.33 5.82
CA ARG C 1006 -6.47 -25.86 7.03
C ARG C 1006 -7.68 -26.73 6.69
N ALA C 1007 -8.49 -26.29 5.72
CA ALA C 1007 -9.62 -27.13 5.30
C ALA C 1007 -9.13 -28.47 4.76
N SER C 1008 -8.08 -28.44 3.94
CA SER C 1008 -7.53 -29.68 3.41
C SER C 1008 -7.00 -30.58 4.52
N ALA C 1009 -6.34 -29.98 5.53
CA ALA C 1009 -5.80 -30.76 6.64
C ALA C 1009 -6.93 -31.40 7.46
N ASN C 1010 -8.03 -30.68 7.66
CA ASN C 1010 -9.16 -31.27 8.36
C ASN C 1010 -9.75 -32.44 7.58
N LEU C 1011 -9.85 -32.30 6.26
CA LEU C 1011 -10.31 -33.43 5.45
C LEU C 1011 -9.37 -34.63 5.59
N ALA C 1012 -8.06 -34.38 5.58
CA ALA C 1012 -7.09 -35.45 5.72
C ALA C 1012 -7.21 -36.13 7.08
N ALA C 1013 -7.41 -35.35 8.14
CA ALA C 1013 -7.59 -35.93 9.46
C ALA C 1013 -8.84 -36.80 9.54
N THR C 1014 -9.93 -36.33 8.94
CA THR C 1014 -11.15 -37.14 8.92
C THR C 1014 -10.93 -38.45 8.17
N LYS C 1015 -10.25 -38.39 7.02
CA LYS C 1015 -9.98 -39.60 6.26
C LYS C 1015 -9.10 -40.57 7.04
N MET C 1016 -8.08 -40.04 7.72
CA MET C 1016 -7.21 -40.91 8.52
C MET C 1016 -7.99 -41.56 9.65
N SER C 1017 -8.88 -40.80 10.30
CA SER C 1017 -9.65 -41.35 11.41
C SER C 1017 -10.62 -42.43 10.94
N GLU C 1018 -11.26 -42.24 9.79
CA GLU C 1018 -12.28 -43.22 9.39
C GLU C 1018 -11.75 -44.30 8.45
N CYS C 1019 -11.00 -43.92 7.42
CA CYS C 1019 -10.55 -44.92 6.45
C CYS C 1019 -9.54 -45.87 7.06
N VAL C 1020 -8.64 -45.37 7.90
CA VAL C 1020 -7.54 -46.19 8.42
C VAL C 1020 -7.95 -46.93 9.68
N LEU C 1021 -8.40 -46.19 10.70
CA LEU C 1021 -8.71 -46.78 11.99
C LEU C 1021 -9.95 -47.66 11.97
N GLY C 1022 -10.71 -47.66 10.86
CA GLY C 1022 -11.88 -48.51 10.76
C GLY C 1022 -12.21 -48.74 9.30
N GLN C 1023 -13.33 -49.41 9.08
CA GLN C 1023 -13.84 -49.67 7.74
C GLN C 1023 -15.04 -48.77 7.49
N SER C 1024 -14.95 -47.95 6.44
CA SER C 1024 -15.97 -46.95 6.15
C SER C 1024 -17.02 -47.52 5.21
N LYS C 1025 -18.29 -47.31 5.55
CA LYS C 1025 -19.40 -47.70 4.69
C LYS C 1025 -19.84 -46.60 3.76
N ARG C 1026 -19.22 -45.43 3.82
CA ARG C 1026 -19.59 -44.33 2.95
C ARG C 1026 -19.06 -44.58 1.54
N VAL C 1027 -19.91 -44.37 0.54
CA VAL C 1027 -19.57 -44.69 -0.83
C VAL C 1027 -18.60 -43.66 -1.39
N ASP C 1028 -17.54 -44.14 -2.06
CA ASP C 1028 -16.57 -43.30 -2.74
C ASP C 1028 -15.87 -42.33 -1.78
N PHE C 1029 -15.71 -42.74 -0.52
CA PHE C 1029 -15.01 -41.92 0.46
C PHE C 1029 -13.58 -42.39 0.70
N CYS C 1030 -13.34 -43.70 0.69
CA CYS C 1030 -12.00 -44.24 0.88
C CYS C 1030 -11.59 -45.05 -0.34
N GLY C 1031 -11.84 -44.51 -1.53
CA GLY C 1031 -11.49 -45.17 -2.76
C GLY C 1031 -12.69 -45.73 -3.49
N LYS C 1032 -12.56 -45.87 -4.79
CA LYS C 1032 -13.66 -46.37 -5.62
C LYS C 1032 -13.91 -47.85 -5.33
N GLY C 1033 -15.19 -48.21 -5.23
CA GLY C 1033 -15.58 -49.57 -4.94
C GLY C 1033 -15.81 -49.81 -3.47
N TYR C 1034 -16.18 -51.06 -3.15
CA TYR C 1034 -16.35 -51.45 -1.77
C TYR C 1034 -15.01 -51.37 -1.04
N HIS C 1035 -15.02 -50.75 0.14
CA HIS C 1035 -13.79 -50.41 0.84
C HIS C 1035 -13.39 -51.55 1.78
N LEU C 1036 -12.13 -51.96 1.71
CA LEU C 1036 -11.58 -52.96 2.60
C LEU C 1036 -10.67 -52.37 3.67
N MET C 1037 -9.68 -51.58 3.30
CA MET C 1037 -8.91 -50.83 4.29
C MET C 1037 -8.11 -49.72 3.59
N SER C 1038 -7.18 -49.13 4.33
CA SER C 1038 -6.24 -48.17 3.78
C SER C 1038 -4.99 -48.18 4.65
N PHE C 1039 -3.89 -47.71 4.07
CA PHE C 1039 -2.62 -47.53 4.77
C PHE C 1039 -2.10 -46.11 4.56
N PRO C 1040 -1.58 -45.47 5.60
CA PRO C 1040 -1.04 -44.12 5.44
C PRO C 1040 0.45 -44.10 5.15
N GLN C 1041 0.87 -43.04 4.45
CA GLN C 1041 2.27 -42.77 4.19
C GLN C 1041 2.50 -41.28 4.25
N SER C 1042 3.71 -40.89 4.66
CA SER C 1042 4.06 -39.49 4.80
C SER C 1042 4.63 -38.94 3.50
N ALA C 1043 4.67 -37.61 3.41
CA ALA C 1043 5.28 -36.93 2.29
C ALA C 1043 5.54 -35.49 2.70
N PRO C 1044 6.48 -34.80 2.04
CA PRO C 1044 6.73 -33.39 2.40
C PRO C 1044 5.47 -32.55 2.32
N HIS C 1045 5.01 -32.07 3.47
CA HIS C 1045 3.79 -31.27 3.59
C HIS C 1045 2.55 -32.04 3.17
N GLY C 1046 2.53 -33.36 3.28
CA GLY C 1046 1.36 -34.08 2.82
C GLY C 1046 1.28 -35.51 3.29
N VAL C 1047 0.12 -36.10 3.08
CA VAL C 1047 -0.17 -37.49 3.42
C VAL C 1047 -0.71 -38.20 2.19
N VAL C 1048 -0.27 -39.44 1.98
CA VAL C 1048 -0.72 -40.27 0.87
C VAL C 1048 -1.37 -41.51 1.44
N PHE C 1049 -2.63 -41.72 1.10
CA PHE C 1049 -3.39 -42.90 1.52
C PHE C 1049 -3.40 -43.92 0.39
N LEU C 1050 -3.11 -45.17 0.73
CA LEU C 1050 -3.26 -46.30 -0.18
C LEU C 1050 -4.54 -47.03 0.22
N HIS C 1051 -5.57 -46.94 -0.62
CA HIS C 1051 -6.85 -47.56 -0.34
C HIS C 1051 -6.90 -48.93 -1.01
N VAL C 1052 -7.23 -49.96 -0.22
CA VAL C 1052 -7.40 -51.32 -0.70
C VAL C 1052 -8.89 -51.60 -0.73
N THR C 1053 -9.41 -51.86 -1.93
CA THR C 1053 -10.84 -51.98 -2.19
C THR C 1053 -11.13 -53.25 -3.00
N TYR C 1054 -12.41 -53.59 -3.07
CA TYR C 1054 -12.90 -54.82 -3.67
C TYR C 1054 -13.84 -54.47 -4.82
N VAL C 1055 -13.70 -55.17 -5.94
CA VAL C 1055 -14.50 -54.87 -7.13
C VAL C 1055 -15.01 -56.15 -7.78
N PRO C 1056 -16.31 -56.29 -8.04
CA PRO C 1056 -16.79 -57.45 -8.79
C PRO C 1056 -16.22 -57.47 -10.20
N ALA C 1057 -16.00 -58.67 -10.73
CA ALA C 1057 -15.23 -58.83 -11.96
C ALA C 1057 -16.06 -59.38 -13.12
N GLN C 1058 -16.69 -60.53 -12.97
CA GLN C 1058 -17.35 -61.21 -14.08
C GLN C 1058 -18.81 -61.49 -13.72
N GLU C 1059 -19.73 -60.97 -14.53
CA GLU C 1059 -21.16 -61.05 -14.26
C GLU C 1059 -21.81 -62.09 -15.16
N LYS C 1060 -22.86 -62.72 -14.63
CA LYS C 1060 -23.65 -63.70 -15.35
C LYS C 1060 -25.13 -63.37 -15.25
N ASN C 1061 -25.87 -63.71 -16.31
CA ASN C 1061 -27.30 -63.48 -16.39
C ASN C 1061 -28.08 -64.55 -15.64
N PHE C 1062 -29.19 -64.15 -15.03
CA PHE C 1062 -30.10 -65.10 -14.40
C PHE C 1062 -31.52 -64.56 -14.43
N THR C 1063 -32.48 -65.48 -14.43
CA THR C 1063 -33.88 -65.14 -14.25
C THR C 1063 -34.21 -65.05 -12.77
N THR C 1064 -35.26 -64.29 -12.44
CA THR C 1064 -35.49 -63.86 -11.08
C THR C 1064 -36.99 -63.90 -10.76
N ALA C 1065 -37.29 -64.10 -9.47
CA ALA C 1065 -38.64 -63.99 -8.94
C ALA C 1065 -38.55 -63.47 -7.51
N PRO C 1066 -39.47 -62.60 -7.11
CA PRO C 1066 -39.38 -62.02 -5.76
C PRO C 1066 -39.81 -62.95 -4.64
N ALA C 1067 -40.55 -64.02 -4.94
CA ALA C 1067 -41.02 -64.95 -3.92
C ALA C 1067 -41.23 -66.31 -4.57
N ILE C 1068 -41.60 -67.29 -3.74
CA ILE C 1068 -41.86 -68.65 -4.21
C ILE C 1068 -43.10 -69.17 -3.48
N CYS C 1069 -44.03 -69.73 -4.24
CA CYS C 1069 -45.25 -70.33 -3.70
C CYS C 1069 -45.03 -71.84 -3.58
N HIS C 1070 -45.21 -72.37 -2.37
CA HIS C 1070 -44.95 -73.78 -2.11
C HIS C 1070 -46.22 -74.55 -1.75
N ASP C 1071 -46.93 -74.14 -0.70
CA ASP C 1071 -48.12 -74.83 -0.22
C ASP C 1071 -49.21 -73.82 0.09
N GLY C 1072 -49.45 -72.89 -0.83
CA GLY C 1072 -50.36 -71.81 -0.58
C GLY C 1072 -49.77 -70.67 0.22
N LYS C 1073 -48.48 -70.71 0.52
CA LYS C 1073 -47.78 -69.66 1.24
C LYS C 1073 -46.58 -69.19 0.44
N ALA C 1074 -46.13 -67.98 0.72
CA ALA C 1074 -45.01 -67.37 0.02
C ALA C 1074 -43.77 -67.41 0.90
N HIS C 1075 -42.65 -67.85 0.32
CA HIS C 1075 -41.37 -67.90 1.01
C HIS C 1075 -40.48 -66.78 0.48
N PHE C 1076 -39.91 -66.01 1.40
CA PHE C 1076 -39.01 -64.92 1.05
C PHE C 1076 -37.59 -65.24 1.51
N PRO C 1077 -36.58 -64.80 0.78
CA PRO C 1077 -35.21 -65.13 1.17
C PRO C 1077 -34.78 -64.35 2.41
N ARG C 1078 -34.02 -65.02 3.27
CA ARG C 1078 -33.53 -64.36 4.48
C ARG C 1078 -32.43 -63.37 4.16
N GLU C 1079 -31.28 -63.87 3.67
CA GLU C 1079 -30.24 -63.02 3.10
C GLU C 1079 -29.82 -63.64 1.77
N GLY C 1080 -30.22 -63.02 0.67
CA GLY C 1080 -29.85 -63.49 -0.65
C GLY C 1080 -30.98 -63.25 -1.63
N VAL C 1081 -30.76 -63.74 -2.85
CA VAL C 1081 -31.72 -63.60 -3.94
C VAL C 1081 -32.01 -64.98 -4.52
N PHE C 1082 -33.22 -65.13 -5.04
CA PHE C 1082 -33.61 -66.33 -5.76
C PHE C 1082 -33.14 -66.20 -7.21
N VAL C 1083 -32.50 -67.25 -7.73
CA VAL C 1083 -31.99 -67.26 -9.09
C VAL C 1083 -32.34 -68.59 -9.75
N SER C 1084 -32.71 -68.54 -11.02
CA SER C 1084 -33.00 -69.73 -11.80
C SER C 1084 -32.07 -69.79 -12.99
N ASN C 1085 -31.38 -70.92 -13.15
CA ASN C 1085 -30.53 -71.16 -14.32
C ASN C 1085 -31.30 -71.74 -15.49
N GLY C 1086 -32.64 -71.60 -15.48
CA GLY C 1086 -33.49 -72.08 -16.55
C GLY C 1086 -34.18 -73.40 -16.26
N THR C 1087 -33.69 -74.17 -15.28
CA THR C 1087 -34.29 -75.46 -15.00
C THR C 1087 -34.59 -75.63 -13.51
N HIS C 1088 -33.79 -75.02 -12.64
CA HIS C 1088 -33.96 -75.16 -11.20
C HIS C 1088 -33.80 -73.80 -10.53
N TRP C 1089 -34.11 -73.75 -9.24
CA TRP C 1089 -34.09 -72.52 -8.47
C TRP C 1089 -33.16 -72.66 -7.28
N PHE C 1090 -32.35 -71.62 -7.03
CA PHE C 1090 -31.39 -71.62 -5.95
C PHE C 1090 -31.42 -70.26 -5.26
N VAL C 1091 -30.73 -70.17 -4.12
CA VAL C 1091 -30.58 -68.94 -3.36
C VAL C 1091 -29.11 -68.60 -3.28
N THR C 1092 -28.77 -67.35 -3.57
CA THR C 1092 -27.38 -66.90 -3.52
C THR C 1092 -27.28 -65.63 -2.70
N GLN C 1093 -26.04 -65.21 -2.45
CA GLN C 1093 -25.81 -63.88 -1.92
C GLN C 1093 -25.82 -62.85 -3.05
N ARG C 1094 -25.76 -61.58 -2.69
CA ARG C 1094 -25.98 -60.50 -3.63
C ARG C 1094 -24.70 -59.95 -4.26
N ASN C 1095 -23.54 -60.54 -3.96
CA ASN C 1095 -22.30 -60.05 -4.53
C ASN C 1095 -21.34 -61.16 -4.95
N PHE C 1096 -21.76 -62.42 -4.92
CA PHE C 1096 -20.91 -63.53 -5.34
C PHE C 1096 -21.79 -64.73 -5.60
N TYR C 1097 -21.71 -65.29 -6.81
CA TYR C 1097 -22.57 -66.41 -7.15
C TYR C 1097 -22.20 -67.64 -6.33
N GLU C 1098 -23.18 -68.19 -5.62
CA GLU C 1098 -22.98 -69.37 -4.79
C GLU C 1098 -24.32 -70.05 -4.55
N PRO C 1099 -24.81 -70.84 -5.50
CA PRO C 1099 -26.15 -71.40 -5.39
C PRO C 1099 -26.25 -72.42 -4.26
N GLN C 1100 -27.43 -72.50 -3.67
CA GLN C 1100 -27.74 -73.46 -2.63
C GLN C 1100 -29.17 -73.94 -2.81
N ILE C 1101 -29.44 -75.17 -2.35
CA ILE C 1101 -30.79 -75.71 -2.41
C ILE C 1101 -31.70 -74.88 -1.52
N ILE C 1102 -32.91 -74.64 -1.99
CA ILE C 1102 -33.87 -73.81 -1.27
C ILE C 1102 -34.47 -74.63 -0.14
N THR C 1103 -34.15 -74.26 1.10
CA THR C 1103 -34.64 -74.95 2.28
C THR C 1103 -35.44 -73.99 3.14
N THR C 1104 -36.06 -74.53 4.19
CA THR C 1104 -36.86 -73.73 5.11
C THR C 1104 -36.02 -72.86 6.03
N ASP C 1105 -34.70 -73.04 6.03
CA ASP C 1105 -33.83 -72.20 6.85
C ASP C 1105 -33.27 -71.00 6.12
N ASN C 1106 -33.13 -71.08 4.80
CA ASN C 1106 -32.74 -69.91 4.01
C ASN C 1106 -33.90 -68.96 3.76
N THR C 1107 -35.14 -69.42 3.95
CA THR C 1107 -36.31 -68.62 3.65
C THR C 1107 -37.21 -68.52 4.88
N PHE C 1108 -38.08 -67.52 4.87
CA PHE C 1108 -39.08 -67.34 5.91
C PHE C 1108 -40.45 -67.13 5.27
N VAL C 1109 -41.48 -67.57 5.98
CA VAL C 1109 -42.85 -67.67 5.44
C VAL C 1109 -43.68 -66.52 6.00
N SER C 1110 -44.38 -65.82 5.11
CA SER C 1110 -45.30 -64.76 5.53
C SER C 1110 -46.26 -64.48 4.39
N GLY C 1111 -47.56 -64.60 4.66
CA GLY C 1111 -48.58 -64.21 3.70
C GLY C 1111 -49.15 -65.37 2.90
N ASN C 1112 -49.73 -65.02 1.77
CA ASN C 1112 -50.34 -65.97 0.84
C ASN C 1112 -49.70 -65.85 -0.54
N CYS C 1113 -50.26 -66.56 -1.50
CA CYS C 1113 -49.68 -66.68 -2.84
C CYS C 1113 -50.38 -65.81 -3.87
N ASP C 1114 -51.24 -64.87 -3.44
CA ASP C 1114 -52.01 -64.06 -4.37
C ASP C 1114 -51.74 -62.56 -4.27
N VAL C 1115 -50.98 -62.12 -3.28
CA VAL C 1115 -50.76 -60.68 -3.09
C VAL C 1115 -49.52 -60.20 -3.84
N VAL C 1116 -48.41 -60.94 -3.72
CA VAL C 1116 -47.18 -60.56 -4.41
C VAL C 1116 -47.36 -60.74 -5.92
N ILE C 1117 -46.68 -59.90 -6.68
CA ILE C 1117 -46.73 -59.93 -8.14
C ILE C 1117 -45.43 -60.55 -8.64
N GLY C 1118 -45.54 -61.51 -9.55
CA GLY C 1118 -44.37 -62.19 -10.08
C GLY C 1118 -43.97 -63.43 -9.32
N ILE C 1119 -44.85 -64.01 -8.52
CA ILE C 1119 -44.50 -65.22 -7.79
C ILE C 1119 -44.27 -66.38 -8.77
N VAL C 1120 -43.55 -67.39 -8.31
CA VAL C 1120 -43.19 -68.55 -9.12
C VAL C 1120 -43.47 -69.80 -8.30
N ASN C 1121 -43.66 -70.91 -9.01
CA ASN C 1121 -43.94 -72.20 -8.38
C ASN C 1121 -42.66 -73.02 -8.28
N ASN C 1122 -42.42 -73.58 -7.10
CA ASN C 1122 -41.29 -74.49 -6.89
C ASN C 1122 -41.51 -75.20 -5.56
N THR C 1123 -40.62 -76.14 -5.28
CA THR C 1123 -40.70 -76.95 -4.06
C THR C 1123 -39.60 -76.51 -3.10
N VAL C 1124 -39.97 -76.27 -1.85
CA VAL C 1124 -39.03 -75.88 -0.80
C VAL C 1124 -38.72 -77.12 0.03
N TYR C 1125 -37.42 -77.43 0.15
CA TYR C 1125 -37.00 -78.65 0.82
C TYR C 1125 -36.96 -78.45 2.33
N ASP C 1126 -37.39 -79.48 3.06
CA ASP C 1126 -37.35 -79.46 4.52
C ASP C 1126 -36.32 -80.46 5.00
N PRO C 1127 -35.21 -80.02 5.60
CA PRO C 1127 -34.19 -80.98 6.06
C PRO C 1127 -34.66 -81.89 7.17
N LEU C 1128 -35.73 -81.53 7.88
CA LEU C 1128 -36.19 -82.35 9.01
C LEU C 1128 -36.88 -83.62 8.54
N GLN C 1129 -37.56 -83.57 7.39
CA GLN C 1129 -38.36 -84.70 6.94
C GLN C 1129 -37.55 -85.97 6.68
N PRO C 1130 -36.43 -85.94 5.94
CA PRO C 1130 -35.67 -87.19 5.75
C PRO C 1130 -35.16 -87.78 7.05
N GLU C 1131 -34.76 -86.94 8.01
CA GLU C 1131 -34.34 -87.44 9.31
C GLU C 1131 -35.51 -88.07 10.04
N LEU C 1132 -36.70 -87.47 9.94
CA LEU C 1132 -37.89 -88.03 10.59
C LEU C 1132 -38.23 -89.38 9.99
N ASP C 1133 -38.14 -89.51 8.66
CA ASP C 1133 -38.42 -90.79 8.03
C ASP C 1133 -37.41 -91.86 8.46
N SER C 1134 -36.14 -91.49 8.54
CA SER C 1134 -35.10 -92.41 8.96
C SER C 1134 -35.20 -92.72 10.45
N GLN D 3 -46.99 18.43 20.55
CA GLN D 3 -48.31 18.70 19.99
C GLN D 3 -49.02 17.40 19.62
N VAL D 4 -50.29 17.28 20.02
CA VAL D 4 -51.09 16.13 19.59
C VAL D 4 -51.27 16.20 18.08
N GLN D 5 -51.09 15.05 17.42
CA GLN D 5 -51.10 15.05 15.97
C GLN D 5 -52.51 15.21 15.42
N LEU D 6 -53.51 14.65 16.10
CA LEU D 6 -54.89 14.70 15.64
C LEU D 6 -55.78 14.90 16.86
N GLN D 7 -56.44 16.05 16.92
CA GLN D 7 -57.34 16.39 18.01
C GLN D 7 -58.76 16.56 17.47
N GLU D 8 -59.74 16.25 18.31
CA GLU D 8 -61.14 16.34 17.94
C GLU D 8 -61.89 17.18 18.96
N SER D 9 -62.89 17.91 18.48
CA SER D 9 -63.70 18.77 19.36
C SER D 9 -65.10 18.88 18.78
N GLY D 10 -66.03 19.27 19.65
CA GLY D 10 -67.43 19.44 19.28
C GLY D 10 -68.38 18.48 19.94
N GLY D 11 -67.91 17.53 20.75
CA GLY D 11 -68.82 16.59 21.39
C GLY D 11 -69.54 17.17 22.59
N GLY D 12 -70.62 16.52 22.96
CA GLY D 12 -71.41 16.95 24.10
C GLY D 12 -72.81 16.38 24.03
N LEU D 13 -73.60 16.75 25.04
CA LEU D 13 -74.98 16.29 25.11
C LEU D 13 -75.86 17.14 24.20
N VAL D 14 -76.82 16.49 23.54
CA VAL D 14 -77.68 17.17 22.58
C VAL D 14 -78.98 16.39 22.46
N GLN D 15 -80.06 17.10 22.14
CA GLN D 15 -81.37 16.49 22.02
C GLN D 15 -81.59 15.91 20.63
N ALA D 16 -82.50 14.96 20.53
CA ALA D 16 -82.69 14.19 19.31
C ALA D 16 -83.17 15.07 18.17
N GLY D 17 -82.55 14.91 17.00
CA GLY D 17 -82.91 15.70 15.83
C GLY D 17 -82.22 17.04 15.73
N GLY D 18 -81.27 17.33 16.61
CA GLY D 18 -80.57 18.60 16.58
C GLY D 18 -79.46 18.65 15.55
N SER D 19 -78.72 19.76 15.58
CA SER D 19 -77.59 19.98 14.70
C SER D 19 -76.31 20.07 15.52
N LEU D 20 -75.31 19.27 15.15
CA LEU D 20 -74.04 19.23 15.85
C LEU D 20 -72.93 19.08 14.80
N ARG D 21 -71.73 19.48 15.17
CA ARG D 21 -70.59 19.44 14.26
C ARG D 21 -69.40 18.76 14.93
N LEU D 22 -68.73 17.89 14.17
CA LEU D 22 -67.49 17.25 14.60
C LEU D 22 -66.38 17.76 13.69
N SER D 23 -65.34 18.33 14.29
CA SER D 23 -64.39 19.16 13.56
C SER D 23 -62.95 18.82 13.91
N CYS D 24 -62.60 17.53 13.88
CA CYS D 24 -61.25 17.14 14.24
C CYS D 24 -60.24 17.69 13.25
N ALA D 25 -59.16 18.28 13.77
CA ALA D 25 -58.16 18.95 12.97
C ALA D 25 -56.78 18.39 13.30
N ALA D 26 -55.91 18.34 12.30
CA ALA D 26 -54.59 17.73 12.42
C ALA D 26 -53.50 18.77 12.28
N SER D 27 -52.42 18.58 13.04
CA SER D 27 -51.28 19.49 12.94
C SER D 27 -50.58 19.35 11.59
N GLU D 28 -50.40 18.12 11.12
CA GLU D 28 -49.84 17.90 9.81
C GLU D 28 -50.84 18.30 8.72
N SER D 29 -50.34 18.46 7.50
CA SER D 29 -51.21 18.73 6.38
C SER D 29 -52.14 17.54 6.13
N ILE D 30 -53.42 17.82 5.92
CA ILE D 30 -54.42 16.78 5.73
C ILE D 30 -54.29 16.17 4.33
N PHE D 31 -53.36 16.70 3.54
CA PHE D 31 -53.23 16.23 2.16
C PHE D 31 -52.40 14.96 2.08
N ARG D 32 -51.16 15.00 2.60
CA ARG D 32 -50.32 13.81 2.59
C ARG D 32 -50.83 12.71 3.52
N MET D 33 -51.92 12.96 4.25
CA MET D 33 -52.48 11.91 5.10
C MET D 33 -53.05 10.76 4.30
N GLU D 34 -53.59 11.04 3.11
CA GLU D 34 -54.02 10.03 2.14
C GLU D 34 -55.29 9.31 2.59
N LEU D 35 -55.72 9.51 3.83
CA LEU D 35 -56.92 8.84 4.33
C LEU D 35 -57.37 9.43 5.65
N MET D 36 -58.67 9.74 5.76
CA MET D 36 -59.27 10.18 7.01
C MET D 36 -60.63 9.50 7.17
N GLU D 37 -60.94 9.09 8.40
CA GLU D 37 -62.18 8.38 8.69
C GLU D 37 -62.71 8.82 10.05
N TRP D 38 -63.87 8.27 10.42
CA TRP D 38 -64.50 8.51 11.71
C TRP D 38 -64.98 7.18 12.28
N TYR D 39 -64.75 6.98 13.57
CA TYR D 39 -65.16 5.76 14.27
C TYR D 39 -65.96 6.12 15.51
N HIS D 40 -67.10 5.48 15.70
CA HIS D 40 -67.81 5.55 16.97
C HIS D 40 -68.16 4.15 17.45
N GLN D 41 -68.09 3.98 18.77
CA GLN D 41 -68.38 2.71 19.43
C GLN D 41 -69.53 2.91 20.39
N ALA D 42 -70.65 2.23 20.13
CA ALA D 42 -71.79 2.31 21.02
C ALA D 42 -71.47 1.58 22.33
N PRO D 43 -72.04 2.04 23.44
CA PRO D 43 -71.82 1.34 24.71
C PRO D 43 -72.39 -0.07 24.65
N GLY D 44 -71.53 -1.05 24.89
CA GLY D 44 -71.91 -2.44 24.73
C GLY D 44 -71.82 -2.98 23.33
N LYS D 45 -71.20 -2.23 22.40
CA LYS D 45 -71.06 -2.65 21.02
C LYS D 45 -69.63 -2.42 20.58
N GLN D 46 -69.27 -2.94 19.42
CA GLN D 46 -67.93 -2.80 18.87
C GLN D 46 -67.82 -1.52 18.05
N ARG D 47 -66.59 -1.06 17.86
CA ARG D 47 -66.34 0.13 17.03
C ARG D 47 -66.82 -0.11 15.61
N GLU D 48 -67.36 0.93 14.99
CA GLU D 48 -67.84 0.86 13.61
C GLU D 48 -67.42 2.12 12.88
N LEU D 49 -67.24 1.99 11.56
CA LEU D 49 -66.86 3.11 10.73
C LEU D 49 -68.07 4.00 10.42
N VAL D 50 -67.81 5.29 10.29
CA VAL D 50 -68.85 6.26 9.97
C VAL D 50 -68.76 6.63 8.50
N ALA D 51 -67.66 7.26 8.11
CA ALA D 51 -67.45 7.70 6.74
C ALA D 51 -65.96 7.70 6.45
N THR D 52 -65.63 7.62 5.16
CA THR D 52 -64.23 7.65 4.72
C THR D 52 -64.06 8.65 3.59
N ILE D 53 -62.92 9.34 3.62
CA ILE D 53 -62.52 10.26 2.56
C ILE D 53 -61.05 10.01 2.25
N ASN D 54 -60.77 9.50 1.06
CA ASN D 54 -59.40 9.33 0.62
C ASN D 54 -58.87 10.63 0.02
N ARG D 55 -57.58 10.63 -0.31
CA ARG D 55 -56.97 11.84 -0.86
C ARG D 55 -57.58 12.19 -2.21
N CYS D 56 -57.94 11.18 -3.01
CA CYS D 56 -58.50 11.44 -4.33
C CYS D 56 -59.81 12.22 -4.23
N GLY D 57 -60.67 11.85 -3.30
CA GLY D 57 -61.93 12.54 -3.12
C GLY D 57 -63.13 11.63 -3.03
N SER D 58 -62.93 10.33 -3.28
CA SER D 58 -64.03 9.38 -3.21
C SER D 58 -64.61 9.33 -1.80
N THR D 59 -65.92 9.31 -1.71
CA THR D 59 -66.63 9.42 -0.45
C THR D 59 -67.58 8.24 -0.25
N ASN D 60 -67.56 7.66 0.95
CA ASN D 60 -68.43 6.55 1.30
C ASN D 60 -69.04 6.80 2.67
N TYR D 61 -70.28 6.35 2.84
CA TYR D 61 -70.97 6.43 4.13
C TYR D 61 -71.57 5.08 4.47
N SER D 62 -71.69 4.80 5.77
CA SER D 62 -72.38 3.61 6.22
C SER D 62 -73.88 3.72 5.96
N ASP D 63 -74.56 2.57 5.99
CA ASP D 63 -75.98 2.54 5.67
C ASP D 63 -76.80 3.42 6.60
N SER D 64 -76.48 3.38 7.90
CA SER D 64 -77.17 4.21 8.89
C SER D 64 -76.61 5.62 8.96
N VAL D 65 -75.92 6.08 7.92
CA VAL D 65 -75.27 7.38 7.95
C VAL D 65 -75.70 8.20 6.73
N LYS D 66 -76.13 7.52 5.67
CA LYS D 66 -76.49 8.20 4.43
C LYS D 66 -77.65 9.18 4.65
N GLY D 67 -77.68 10.21 3.82
CA GLY D 67 -78.75 11.19 3.81
C GLY D 67 -78.70 12.21 4.92
N ARG D 68 -78.00 11.93 6.00
CA ARG D 68 -77.91 12.83 7.14
C ARG D 68 -76.50 13.32 7.41
N PHE D 69 -75.52 12.43 7.48
CA PHE D 69 -74.16 12.81 7.88
C PHE D 69 -73.29 12.99 6.65
N ILE D 70 -72.62 14.13 6.56
CA ILE D 70 -71.77 14.47 5.42
C ILE D 70 -70.38 14.80 5.92
N ILE D 71 -69.36 14.17 5.32
CA ILE D 71 -67.96 14.40 5.67
C ILE D 71 -67.34 15.30 4.61
N SER D 72 -66.66 16.35 5.05
CA SER D 72 -66.04 17.31 4.16
C SER D 72 -64.82 17.91 4.85
N SER D 73 -63.98 18.57 4.05
CA SER D 73 -62.76 19.16 4.58
C SER D 73 -62.44 20.43 3.80
N ASP D 74 -62.43 21.56 4.48
CA ASP D 74 -62.03 22.81 3.85
C ASP D 74 -60.50 22.91 3.83
N ASN D 75 -59.97 23.44 2.74
CA ASN D 75 -58.53 23.70 2.66
C ASN D 75 -58.20 25.14 3.02
N ALA D 76 -58.72 25.59 4.17
CA ALA D 76 -58.38 26.88 4.75
C ALA D 76 -57.70 26.71 6.09
N LYS D 77 -58.34 26.01 7.02
CA LYS D 77 -57.68 25.48 8.21
C LYS D 77 -57.70 23.96 8.11
N ASN D 78 -56.53 23.34 8.27
CA ASN D 78 -56.38 21.92 7.99
C ASN D 78 -57.24 21.10 8.95
N SER D 79 -58.35 20.57 8.44
CA SER D 79 -59.32 19.88 9.27
C SER D 79 -60.30 19.14 8.37
N VAL D 80 -61.03 18.20 8.97
CA VAL D 80 -62.08 17.46 8.29
C VAL D 80 -63.36 17.58 9.11
N TYR D 81 -64.48 17.82 8.43
CA TYR D 81 -65.74 18.13 9.08
C TYR D 81 -66.72 16.98 8.91
N LEU D 82 -67.53 16.74 9.94
CA LEU D 82 -68.60 15.75 9.89
C LEU D 82 -69.82 16.33 10.60
N GLN D 83 -70.78 16.84 9.83
CA GLN D 83 -71.97 17.43 10.41
C GLN D 83 -72.88 16.37 11.00
N MET D 84 -73.42 16.66 12.19
CA MET D 84 -74.30 15.76 12.93
C MET D 84 -75.69 16.37 12.88
N ASN D 85 -76.60 15.77 12.12
CA ASN D 85 -77.96 16.29 12.04
C ASN D 85 -78.96 15.14 12.02
N SER D 86 -80.23 15.48 12.27
CA SER D 86 -81.32 14.51 12.38
C SER D 86 -80.97 13.43 13.39
N LEU D 87 -80.46 13.87 14.54
CA LEU D 87 -79.90 12.97 15.53
C LEU D 87 -80.98 12.10 16.16
N LYS D 88 -80.64 10.84 16.39
CA LYS D 88 -81.54 9.86 16.96
C LYS D 88 -80.82 9.12 18.09
N ASP D 89 -81.58 8.31 18.83
CA ASP D 89 -81.07 7.79 20.10
C ASP D 89 -79.86 6.88 19.90
N GLU D 90 -79.90 5.99 18.90
CA GLU D 90 -78.82 5.02 18.79
C GLU D 90 -77.50 5.63 18.38
N ASP D 91 -77.49 6.90 17.97
CA ASP D 91 -76.27 7.56 17.54
C ASP D 91 -75.35 7.93 18.71
N THR D 92 -75.80 7.73 19.94
CA THR D 92 -74.95 7.99 21.11
C THR D 92 -73.81 6.98 21.14
N ALA D 93 -72.58 7.49 21.05
CA ALA D 93 -71.38 6.67 21.03
C ALA D 93 -70.18 7.57 21.29
N VAL D 94 -68.98 7.02 21.13
CA VAL D 94 -67.74 7.75 21.33
C VAL D 94 -67.13 8.00 19.96
N TYR D 95 -67.22 9.23 19.47
CA TYR D 95 -66.72 9.56 18.13
C TYR D 95 -65.21 9.76 18.18
N SER D 96 -64.49 9.09 17.30
CA SER D 96 -63.07 9.28 17.11
C SER D 96 -62.76 9.25 15.63
N CYS D 97 -61.90 10.17 15.18
CA CYS D 97 -61.59 10.31 13.77
C CYS D 97 -60.20 9.77 13.47
N HIS D 98 -60.08 9.06 12.36
CA HIS D 98 -58.90 8.27 12.03
C HIS D 98 -58.11 8.92 10.90
N ALA D 99 -56.80 8.69 10.89
CA ALA D 99 -55.93 9.17 9.84
C ALA D 99 -54.71 8.26 9.75
N ARG D 100 -54.29 7.94 8.53
CA ARG D 100 -53.22 6.97 8.29
C ARG D 100 -52.33 7.51 7.17
N THR D 101 -51.26 8.20 7.54
CA THR D 101 -50.30 8.67 6.54
C THR D 101 -49.30 7.57 6.18
N TRP D 102 -48.56 7.07 7.16
CA TRP D 102 -47.83 5.81 7.04
C TRP D 102 -47.87 5.02 8.34
N THR D 103 -48.52 5.55 9.38
CA THR D 103 -48.81 4.85 10.62
C THR D 103 -50.17 5.32 11.10
N SER D 104 -50.98 4.39 11.58
CA SER D 104 -52.32 4.74 12.07
C SER D 104 -52.22 5.75 13.20
N TYR D 105 -53.03 6.80 13.11
CA TYR D 105 -53.07 7.85 14.11
C TYR D 105 -54.46 7.91 14.73
N TRP D 106 -54.53 8.34 15.98
CA TRP D 106 -55.79 8.30 16.71
C TRP D 106 -55.90 9.50 17.65
N GLY D 107 -57.15 9.82 18.01
CA GLY D 107 -57.43 10.86 18.98
C GLY D 107 -58.47 10.39 19.97
N ARG D 108 -58.83 11.28 20.88
CA ARG D 108 -59.74 10.96 21.97
C ARG D 108 -60.76 12.08 22.17
N GLY D 109 -61.92 11.72 22.70
CA GLY D 109 -62.91 12.69 23.10
C GLY D 109 -64.22 12.61 22.35
N THR D 110 -64.99 13.71 22.39
CA THR D 110 -66.25 13.86 21.66
C THR D 110 -67.23 12.73 21.99
N GLN D 111 -67.65 12.71 23.26
CA GLN D 111 -68.71 11.82 23.71
C GLN D 111 -70.05 12.53 23.52
N VAL D 112 -70.85 12.05 22.57
CA VAL D 112 -72.16 12.63 22.26
C VAL D 112 -73.23 11.80 22.93
N THR D 113 -74.20 12.47 23.56
CA THR D 113 -75.36 11.82 24.15
C THR D 113 -76.62 12.40 23.53
N VAL D 114 -77.48 11.52 23.03
CA VAL D 114 -78.75 11.91 22.41
C VAL D 114 -79.86 11.57 23.39
N SER D 115 -80.46 12.59 23.99
CA SER D 115 -81.52 12.38 24.96
C SER D 115 -82.84 12.12 24.24
N SER D 116 -83.59 11.13 24.71
CA SER D 116 -84.87 10.79 24.10
C SER D 116 -85.81 10.16 25.13
N GLN E 3 34.56 -11.18 33.05
CA GLN E 3 33.20 -11.69 32.95
C GLN E 3 33.13 -13.15 33.39
N VAL E 4 34.08 -13.55 34.22
CA VAL E 4 34.09 -14.92 34.74
C VAL E 4 32.86 -15.16 35.60
N GLN E 5 32.51 -14.20 36.46
CA GLN E 5 31.30 -14.20 37.27
C GLN E 5 31.35 -15.22 38.40
N LEU E 6 30.92 -14.80 39.60
CA LEU E 6 30.80 -15.68 40.76
C LEU E 6 32.08 -16.46 41.04
N GLN E 7 33.23 -15.87 40.68
CA GLN E 7 34.50 -16.57 40.85
C GLN E 7 34.88 -16.62 42.33
N GLU E 8 35.29 -17.80 42.78
CA GLU E 8 35.66 -18.03 44.17
C GLU E 8 37.17 -18.07 44.32
N SER E 9 37.63 -17.78 45.53
CA SER E 9 39.05 -17.79 45.86
C SER E 9 39.21 -17.73 47.37
N GLY E 10 40.14 -18.52 47.90
CA GLY E 10 40.39 -18.51 49.34
C GLY E 10 40.47 -19.88 49.97
N GLY E 11 40.52 -20.93 49.16
CA GLY E 11 40.66 -22.28 49.65
C GLY E 11 42.07 -22.82 49.51
N GLY E 12 42.32 -23.92 50.19
CA GLY E 12 43.63 -24.56 50.16
C GLY E 12 43.88 -25.33 51.43
N LEU E 13 45.17 -25.47 51.77
CA LEU E 13 45.59 -26.23 52.93
C LEU E 13 45.43 -25.40 54.20
N VAL E 14 44.97 -26.06 55.28
CA VAL E 14 44.75 -25.39 56.55
C VAL E 14 44.73 -26.45 57.64
N GLN E 15 44.94 -26.02 58.88
CA GLN E 15 44.95 -26.89 60.04
C GLN E 15 43.60 -26.87 60.75
N ALA E 16 43.35 -27.90 61.55
CA ALA E 16 42.11 -28.00 62.29
C ALA E 16 42.00 -26.89 63.33
N GLY E 17 40.82 -26.30 63.43
CA GLY E 17 40.58 -25.23 64.38
C GLY E 17 41.01 -23.85 63.95
N GLY E 18 41.56 -23.71 62.74
CA GLY E 18 42.02 -22.43 62.25
C GLY E 18 40.91 -21.59 61.66
N SER E 19 41.31 -20.55 60.94
CA SER E 19 40.37 -19.64 60.30
C SER E 19 40.78 -19.42 58.85
N LEU E 20 39.78 -19.20 58.00
CA LEU E 20 40.02 -18.99 56.57
C LEU E 20 38.93 -18.10 56.01
N ARG E 21 39.22 -17.47 54.88
CA ARG E 21 38.29 -16.57 54.21
C ARG E 21 38.24 -16.90 52.73
N LEU E 22 37.04 -16.87 52.16
CA LEU E 22 36.84 -17.02 50.72
C LEU E 22 35.94 -15.90 50.22
N SER E 23 36.20 -15.47 48.98
CA SER E 23 35.80 -14.17 48.49
C SER E 23 35.08 -14.27 47.14
N CYS E 24 34.04 -15.10 47.07
CA CYS E 24 33.21 -15.17 45.88
C CYS E 24 32.67 -13.78 45.52
N ALA E 25 33.14 -13.22 44.42
CA ALA E 25 32.78 -11.87 43.99
C ALA E 25 32.47 -11.87 42.50
N ALA E 26 31.47 -11.09 42.11
CA ALA E 26 30.97 -11.08 40.75
C ALA E 26 30.97 -9.67 40.18
N SER E 27 31.15 -9.59 38.86
CA SER E 27 31.16 -8.29 38.19
C SER E 27 29.78 -7.68 38.12
N GLU E 28 28.74 -8.51 37.99
CA GLU E 28 27.38 -8.00 37.96
C GLU E 28 27.02 -7.35 39.29
N SER E 29 26.00 -6.50 39.27
CA SER E 29 25.55 -5.84 40.48
C SER E 29 25.17 -6.88 41.53
N ILE E 30 25.68 -6.71 42.74
CA ILE E 30 25.45 -7.67 43.81
C ILE E 30 23.98 -7.70 44.21
N PHE E 31 23.32 -6.55 44.17
CA PHE E 31 22.01 -6.47 44.79
C PHE E 31 20.93 -7.10 43.93
N ARG E 32 21.09 -7.08 42.60
CA ARG E 32 20.09 -7.62 41.69
C ARG E 32 20.01 -9.14 41.75
N MET E 33 20.94 -9.79 42.44
CA MET E 33 20.93 -11.25 42.53
C MET E 33 19.66 -11.76 43.21
N GLU E 34 19.27 -11.12 44.33
CA GLU E 34 18.05 -11.41 45.06
C GLU E 34 18.14 -12.74 45.80
N LEU E 35 19.19 -13.52 45.51
CA LEU E 35 19.45 -14.77 46.20
C LEU E 35 20.83 -15.32 45.84
N MET E 36 21.68 -15.54 46.83
CA MET E 36 22.92 -16.28 46.60
C MET E 36 23.20 -17.21 47.78
N GLU E 37 23.71 -18.40 47.47
CA GLU E 37 23.87 -19.45 48.46
C GLU E 37 25.29 -20.02 48.46
N TRP E 38 25.50 -21.10 49.21
CA TRP E 38 26.78 -21.79 49.24
C TRP E 38 26.54 -23.29 49.27
N TYR E 39 27.35 -24.02 48.49
CA TYR E 39 27.27 -25.47 48.43
C TYR E 39 28.67 -26.06 48.52
N HIS E 40 28.76 -27.23 49.15
CA HIS E 40 30.01 -27.96 49.24
C HIS E 40 29.77 -29.43 48.92
N GLN E 41 30.76 -30.06 48.30
CA GLN E 41 30.69 -31.45 47.88
C GLN E 41 31.83 -32.21 48.54
N ALA E 42 31.53 -32.91 49.63
CA ALA E 42 32.54 -33.73 50.27
C ALA E 42 32.93 -34.89 49.37
N PRO E 43 34.19 -35.33 49.43
CA PRO E 43 34.62 -36.45 48.58
C PRO E 43 33.80 -37.70 48.87
N GLY E 44 33.23 -38.28 47.82
CA GLY E 44 32.34 -39.40 47.98
C GLY E 44 30.98 -39.04 48.56
N LYS E 45 30.59 -37.77 48.48
CA LYS E 45 29.35 -37.28 49.05
C LYS E 45 28.72 -36.27 48.11
N GLN E 46 27.41 -36.38 47.90
CA GLN E 46 26.70 -35.47 47.01
C GLN E 46 26.69 -34.06 47.60
N ARG E 47 26.52 -33.07 46.72
CA ARG E 47 26.57 -31.67 47.12
C ARG E 47 25.46 -31.35 48.12
N GLU E 48 25.77 -30.45 49.04
CA GLU E 48 24.86 -30.07 50.11
C GLU E 48 24.90 -28.55 50.30
N LEU E 49 23.72 -27.97 50.53
CA LEU E 49 23.63 -26.53 50.76
C LEU E 49 24.31 -26.16 52.07
N VAL E 50 25.02 -25.03 52.06
CA VAL E 50 25.75 -24.54 53.23
C VAL E 50 25.05 -23.35 53.86
N ALA E 51 24.86 -22.27 53.11
CA ALA E 51 24.27 -21.05 53.66
C ALA E 51 23.52 -20.34 52.55
N THR E 52 22.65 -19.41 52.94
CA THR E 52 21.87 -18.65 51.97
C THR E 52 21.66 -17.22 52.45
N ILE E 53 21.46 -16.33 51.49
CA ILE E 53 21.13 -14.93 51.75
C ILE E 53 20.34 -14.38 50.57
N ASN E 54 19.24 -13.70 50.86
CA ASN E 54 18.41 -13.10 49.83
C ASN E 54 18.65 -11.58 49.81
N ARG E 55 17.87 -10.88 48.98
CA ARG E 55 18.03 -9.44 48.86
C ARG E 55 17.52 -8.71 50.09
N CYS E 56 16.43 -9.22 50.70
CA CYS E 56 15.86 -8.55 51.87
C CYS E 56 16.84 -8.55 53.04
N GLY E 57 17.54 -9.66 53.25
CA GLY E 57 18.49 -9.75 54.34
C GLY E 57 18.32 -11.00 55.16
N SER E 58 17.25 -11.75 54.91
CA SER E 58 17.02 -12.99 55.63
C SER E 58 18.13 -14.01 55.34
N THR E 59 18.54 -14.72 56.38
CA THR E 59 19.65 -15.65 56.27
C THR E 59 19.30 -16.96 56.98
N ASN E 60 19.55 -18.07 56.31
CA ASN E 60 19.38 -19.40 56.89
C ASN E 60 20.68 -20.17 56.78
N TYR E 61 20.89 -21.06 57.75
CA TYR E 61 22.03 -21.96 57.75
C TYR E 61 21.53 -23.36 58.06
N SER E 62 22.27 -24.37 57.58
CA SER E 62 21.93 -25.73 57.98
C SER E 62 22.51 -26.02 59.36
N ASP E 63 22.19 -27.21 59.87
CA ASP E 63 22.51 -27.53 61.26
C ASP E 63 24.02 -27.51 61.52
N SER E 64 24.82 -27.99 60.56
CA SER E 64 26.26 -28.01 60.70
C SER E 64 26.92 -26.68 60.33
N VAL E 65 26.13 -25.60 60.25
CA VAL E 65 26.61 -24.28 59.90
C VAL E 65 26.51 -23.30 61.06
N LYS E 66 25.40 -23.33 61.79
CA LYS E 66 25.10 -22.31 62.79
C LYS E 66 26.13 -22.31 63.92
N GLY E 67 26.57 -21.11 64.30
CA GLY E 67 27.47 -20.93 65.41
C GLY E 67 28.94 -20.92 65.05
N ARG E 68 29.31 -21.39 63.87
CA ARG E 68 30.72 -21.51 63.51
C ARG E 68 31.16 -20.54 62.43
N PHE E 69 30.42 -20.46 61.31
CA PHE E 69 30.70 -19.47 60.28
C PHE E 69 29.41 -18.95 59.66
N ILE E 70 29.29 -17.62 59.65
CA ILE E 70 28.05 -16.96 59.26
C ILE E 70 28.29 -16.15 57.99
N ILE E 71 27.20 -15.78 57.33
CA ILE E 71 27.26 -15.10 56.06
C ILE E 71 27.34 -13.60 56.27
N SER E 72 27.90 -12.90 55.30
CA SER E 72 27.98 -11.45 55.27
C SER E 72 28.35 -11.02 53.86
N SER E 73 28.01 -9.77 53.54
CA SER E 73 28.28 -9.25 52.20
C SER E 73 28.47 -7.75 52.29
N ASP E 74 29.70 -7.29 52.14
CA ASP E 74 29.98 -5.86 52.19
C ASP E 74 29.36 -5.18 50.98
N ASN E 75 28.61 -4.12 51.22
CA ASN E 75 27.99 -3.38 50.12
C ASN E 75 28.86 -2.19 49.69
N ALA E 76 30.14 -2.47 49.46
CA ALA E 76 31.09 -1.49 48.95
C ALA E 76 31.78 -2.07 47.72
N LYS E 77 32.24 -3.32 47.86
CA LYS E 77 32.69 -4.13 46.74
C LYS E 77 31.76 -5.33 46.65
N ASN E 78 31.26 -5.61 45.44
CA ASN E 78 30.28 -6.68 45.26
C ASN E 78 30.89 -8.05 45.56
N SER E 79 30.53 -8.61 46.71
CA SER E 79 31.08 -9.86 47.18
C SER E 79 30.30 -10.32 48.39
N VAL E 80 30.39 -11.61 48.69
CA VAL E 80 29.78 -12.21 49.87
C VAL E 80 30.88 -12.87 50.69
N TYR E 81 30.82 -12.68 52.01
CA TYR E 81 31.88 -13.11 52.91
C TYR E 81 31.36 -14.19 53.85
N LEU E 82 32.05 -15.31 53.89
CA LEU E 82 31.73 -16.42 54.78
C LEU E 82 33.02 -16.82 55.48
N GLN E 83 33.23 -16.30 56.69
CA GLN E 83 34.51 -16.40 57.39
C GLN E 83 34.62 -17.78 58.04
N MET E 84 35.42 -18.66 57.44
CA MET E 84 35.63 -19.99 57.99
C MET E 84 36.32 -19.88 59.35
N ASN E 85 35.70 -20.46 60.38
CA ASN E 85 36.27 -20.43 61.73
C ASN E 85 36.28 -21.83 62.31
N SER E 86 37.34 -22.14 63.08
CA SER E 86 37.45 -23.37 63.86
C SER E 86 37.11 -24.59 63.00
N LEU E 87 37.96 -24.84 62.00
CA LEU E 87 37.65 -25.85 61.01
C LEU E 87 37.98 -27.25 61.52
N LYS E 88 37.15 -28.21 61.13
CA LYS E 88 37.29 -29.61 61.50
C LYS E 88 37.57 -30.47 60.27
N ASP E 89 37.90 -31.73 60.53
CA ASP E 89 38.34 -32.63 59.46
C ASP E 89 37.20 -33.09 58.57
N GLU E 90 35.95 -32.98 59.01
CA GLU E 90 34.82 -33.39 58.20
C GLU E 90 34.26 -32.27 57.33
N ASP E 91 34.86 -31.09 57.37
CA ASP E 91 34.48 -29.98 56.51
C ASP E 91 35.24 -29.95 55.20
N THR E 92 36.13 -30.92 54.97
CA THR E 92 36.89 -30.98 53.72
C THR E 92 35.95 -31.28 52.57
N ALA E 93 35.79 -30.32 51.67
CA ALA E 93 34.86 -30.46 50.55
C ALA E 93 35.25 -29.44 49.48
N VAL E 94 34.40 -29.30 48.48
CA VAL E 94 34.60 -28.32 47.40
C VAL E 94 33.50 -27.27 47.56
N TYR E 95 33.82 -26.20 48.28
CA TYR E 95 32.85 -25.15 48.56
C TYR E 95 32.62 -24.31 47.31
N SER E 96 31.35 -24.08 46.97
CA SER E 96 30.99 -23.31 45.78
C SER E 96 29.91 -22.29 46.13
N CYS E 97 29.97 -21.15 45.46
CA CYS E 97 28.98 -20.10 45.61
C CYS E 97 28.07 -20.07 44.38
N HIS E 98 26.81 -19.71 44.59
CA HIS E 98 25.84 -19.65 43.52
C HIS E 98 24.88 -18.49 43.75
N ALA E 99 24.62 -17.74 42.67
CA ALA E 99 23.65 -16.65 42.67
C ALA E 99 22.73 -16.81 41.48
N ARG E 100 21.46 -16.45 41.64
CA ARG E 100 20.48 -16.63 40.58
C ARG E 100 19.69 -15.34 40.36
N THR E 101 20.02 -14.65 39.28
CA THR E 101 19.17 -13.62 38.70
C THR E 101 18.14 -14.37 37.86
N TRP E 102 17.43 -13.68 36.96
CA TRP E 102 16.43 -14.32 36.09
C TRP E 102 16.88 -15.68 35.58
N THR E 103 18.17 -15.87 35.37
CA THR E 103 18.74 -17.18 35.06
C THR E 103 19.76 -17.54 36.12
N SER E 104 19.97 -18.84 36.31
CA SER E 104 20.87 -19.33 37.34
C SER E 104 22.33 -19.15 36.92
N TYR E 105 23.20 -18.95 37.91
CA TYR E 105 24.63 -18.82 37.69
C TYR E 105 25.37 -19.79 38.60
N TRP E 106 26.55 -20.21 38.16
CA TRP E 106 27.35 -21.14 38.95
C TRP E 106 28.84 -20.86 38.72
N GLY E 107 29.61 -20.94 39.80
CA GLY E 107 31.06 -20.90 39.71
C GLY E 107 31.67 -22.28 39.87
N ARG E 108 32.97 -22.36 39.59
CA ARG E 108 33.67 -23.63 39.67
C ARG E 108 33.93 -24.08 41.10
N GLY E 109 33.74 -23.21 42.09
CA GLY E 109 33.98 -23.57 43.46
C GLY E 109 35.46 -23.57 43.81
N THR E 110 35.74 -23.87 45.07
CA THR E 110 37.11 -23.95 45.57
C THR E 110 37.23 -25.15 46.49
N GLN E 111 38.43 -25.70 46.56
CA GLN E 111 38.71 -26.85 47.42
C GLN E 111 39.14 -26.39 48.80
N VAL E 112 38.69 -27.11 49.81
CA VAL E 112 39.07 -26.85 51.20
C VAL E 112 39.47 -28.18 51.83
N THR E 113 40.67 -28.23 52.42
CA THR E 113 41.17 -29.41 53.09
C THR E 113 41.64 -29.05 54.48
N VAL E 114 41.30 -29.89 55.46
CA VAL E 114 41.69 -29.71 56.85
C VAL E 114 42.50 -30.92 57.27
N SER E 115 43.67 -30.69 57.85
CA SER E 115 44.54 -31.76 58.32
C SER E 115 44.32 -31.96 59.81
N SER E 116 44.12 -33.22 60.21
CA SER E 116 43.92 -33.56 61.62
C SER E 116 44.53 -34.92 61.94
N GLN F 3 -0.47 -11.20 -50.46
CA GLN F 3 -0.76 -11.86 -49.20
C GLN F 3 -0.64 -13.37 -49.29
N VAL F 4 -1.14 -13.95 -50.38
CA VAL F 4 -1.24 -15.40 -50.55
C VAL F 4 0.09 -16.07 -50.23
N GLN F 5 0.02 -17.21 -49.54
CA GLN F 5 1.22 -17.81 -48.97
C GLN F 5 2.12 -18.42 -50.03
N LEU F 6 1.59 -19.36 -50.80
CA LEU F 6 2.38 -20.10 -51.78
C LEU F 6 1.65 -20.15 -53.11
N GLN F 7 2.40 -19.92 -54.19
CA GLN F 7 1.87 -20.03 -55.54
C GLN F 7 2.90 -20.73 -56.41
N GLU F 8 2.47 -21.79 -57.08
CA GLU F 8 3.35 -22.57 -57.96
C GLU F 8 2.92 -22.29 -59.40
N SER F 9 3.63 -21.39 -60.06
CA SER F 9 3.35 -21.00 -61.43
C SER F 9 4.30 -21.72 -62.39
N GLY F 10 3.75 -22.23 -63.48
CA GLY F 10 4.55 -22.90 -64.48
C GLY F 10 3.92 -24.17 -65.04
N GLY F 11 2.91 -24.69 -64.34
CA GLY F 11 2.27 -25.90 -64.78
C GLY F 11 1.46 -25.71 -66.05
N GLY F 12 1.26 -26.81 -66.76
CA GLY F 12 0.52 -26.78 -68.01
C GLY F 12 0.71 -28.07 -68.77
N LEU F 13 0.44 -27.99 -70.08
CA LEU F 13 0.52 -29.15 -70.96
C LEU F 13 1.92 -29.26 -71.56
N VAL F 14 2.44 -30.48 -71.59
CA VAL F 14 3.79 -30.74 -72.11
C VAL F 14 3.86 -32.19 -72.54
N GLN F 15 4.56 -32.44 -73.64
CA GLN F 15 4.70 -33.80 -74.15
C GLN F 15 5.58 -34.65 -73.24
N ALA F 16 5.44 -35.97 -73.38
CA ALA F 16 6.12 -36.90 -72.51
C ALA F 16 7.63 -36.82 -72.68
N GLY F 17 8.35 -36.96 -71.57
CA GLY F 17 9.81 -36.88 -71.62
C GLY F 17 10.38 -35.49 -71.73
N GLY F 18 9.61 -34.46 -71.41
CA GLY F 18 10.04 -33.09 -71.49
C GLY F 18 10.54 -32.55 -70.17
N SER F 19 10.39 -31.24 -69.98
CA SER F 19 10.83 -30.60 -68.75
C SER F 19 9.91 -29.43 -68.43
N LEU F 20 9.91 -29.05 -67.16
CA LEU F 20 9.09 -27.93 -66.69
C LEU F 20 9.68 -27.39 -65.40
N ARG F 21 9.44 -26.11 -65.14
CA ARG F 21 9.92 -25.42 -63.95
C ARG F 21 8.74 -24.80 -63.22
N LEU F 22 8.66 -25.03 -61.92
CA LEU F 22 7.61 -24.46 -61.09
C LEU F 22 8.24 -23.69 -59.94
N SER F 23 7.52 -22.67 -59.47
CA SER F 23 8.13 -21.57 -58.70
C SER F 23 7.31 -21.27 -57.44
N CYS F 24 7.08 -22.29 -56.62
CA CYS F 24 6.40 -22.06 -55.34
C CYS F 24 7.20 -21.07 -54.51
N ALA F 25 6.65 -19.87 -54.32
CA ALA F 25 7.34 -18.77 -53.67
C ALA F 25 6.52 -18.27 -52.49
N ALA F 26 7.21 -17.91 -51.41
CA ALA F 26 6.58 -17.42 -50.20
C ALA F 26 6.99 -15.97 -49.96
N SER F 27 6.02 -15.13 -49.59
CA SER F 27 6.32 -13.73 -49.30
C SER F 27 7.26 -13.61 -48.11
N GLU F 28 7.00 -14.38 -47.05
CA GLU F 28 7.87 -14.35 -45.88
C GLU F 28 9.14 -15.17 -46.13
N SER F 29 10.13 -14.94 -45.27
CA SER F 29 11.44 -15.55 -45.45
C SER F 29 11.35 -17.07 -45.46
N ILE F 30 12.06 -17.69 -46.40
CA ILE F 30 12.13 -19.15 -46.44
C ILE F 30 13.08 -19.68 -45.38
N PHE F 31 13.91 -18.81 -44.80
CA PHE F 31 14.86 -19.26 -43.79
C PHE F 31 14.14 -19.75 -42.53
N ARG F 32 13.08 -19.04 -42.13
CA ARG F 32 12.28 -19.46 -41.00
C ARG F 32 11.21 -20.47 -41.37
N MET F 33 11.08 -20.82 -42.65
CA MET F 33 10.11 -21.84 -43.04
C MET F 33 10.46 -23.20 -42.46
N GLU F 34 11.75 -23.56 -42.48
CA GLU F 34 12.27 -24.74 -41.78
C GLU F 34 11.82 -26.04 -42.45
N LEU F 35 10.91 -25.95 -43.41
CA LEU F 35 10.43 -27.14 -44.11
C LEU F 35 9.64 -26.77 -45.37
N MET F 36 9.99 -27.38 -46.49
CA MET F 36 9.24 -27.24 -47.74
C MET F 36 9.00 -28.62 -48.31
N GLU F 37 7.78 -28.85 -48.80
CA GLU F 37 7.36 -30.15 -49.30
C GLU F 37 6.72 -30.01 -50.68
N TRP F 38 6.44 -31.15 -51.30
CA TRP F 38 5.74 -31.21 -52.58
C TRP F 38 4.76 -32.36 -52.54
N TYR F 39 3.52 -32.09 -52.96
CA TYR F 39 2.47 -33.10 -53.01
C TYR F 39 1.74 -32.98 -54.34
N HIS F 40 1.48 -34.13 -54.98
CA HIS F 40 0.80 -34.14 -56.27
C HIS F 40 -0.34 -35.16 -56.24
N GLN F 41 -1.48 -34.76 -56.79
CA GLN F 41 -2.69 -35.59 -56.83
C GLN F 41 -3.10 -35.84 -58.28
N ALA F 42 -2.76 -37.02 -58.80
CA ALA F 42 -3.30 -37.43 -60.07
C ALA F 42 -4.79 -37.78 -59.90
N PRO F 43 -5.57 -37.65 -60.98
CA PRO F 43 -7.00 -37.99 -60.87
C PRO F 43 -7.21 -39.44 -60.48
N GLY F 44 -8.19 -39.65 -59.60
CA GLY F 44 -8.55 -40.99 -59.17
C GLY F 44 -7.74 -41.56 -58.03
N LYS F 45 -6.77 -40.83 -57.48
CA LYS F 45 -6.03 -41.30 -56.32
C LYS F 45 -5.84 -40.16 -55.33
N GLN F 46 -5.36 -40.51 -54.15
CA GLN F 46 -5.13 -39.56 -53.07
C GLN F 46 -3.82 -38.81 -53.29
N ARG F 47 -3.48 -37.95 -52.33
CA ARG F 47 -2.25 -37.18 -52.40
C ARG F 47 -1.06 -38.00 -51.89
N GLU F 48 0.14 -37.55 -52.23
CA GLU F 48 1.37 -38.20 -51.78
C GLU F 48 2.50 -37.20 -51.85
N LEU F 49 3.38 -37.23 -50.86
CA LEU F 49 4.55 -36.36 -50.84
C LEU F 49 5.53 -36.77 -51.94
N VAL F 50 6.19 -35.77 -52.51
CA VAL F 50 7.15 -35.98 -53.59
C VAL F 50 8.59 -35.80 -53.10
N ALA F 51 8.92 -34.61 -52.60
CA ALA F 51 10.26 -34.30 -52.16
C ALA F 51 10.21 -33.58 -50.82
N THR F 52 11.30 -33.69 -50.06
CA THR F 52 11.39 -33.04 -48.76
C THR F 52 12.74 -32.34 -48.63
N ILE F 53 12.72 -31.16 -48.02
CA ILE F 53 13.93 -30.38 -47.75
C ILE F 53 13.71 -29.58 -46.48
N ASN F 54 14.64 -29.71 -45.53
CA ASN F 54 14.55 -29.02 -44.26
C ASN F 54 15.52 -27.84 -44.26
N ARG F 55 15.62 -27.18 -43.10
CA ARG F 55 16.47 -25.99 -42.99
C ARG F 55 17.94 -26.36 -43.05
N CYS F 56 18.33 -27.47 -42.43
CA CYS F 56 19.75 -27.85 -42.40
C CYS F 56 20.27 -28.15 -43.79
N GLY F 57 19.50 -28.88 -44.59
CA GLY F 57 19.93 -29.20 -45.94
C GLY F 57 19.70 -30.65 -46.32
N SER F 58 19.23 -31.45 -45.38
CA SER F 58 18.96 -32.86 -45.66
C SER F 58 17.82 -32.99 -46.66
N THR F 59 18.02 -33.83 -47.67
CA THR F 59 17.07 -33.99 -48.76
C THR F 59 16.74 -35.46 -48.94
N ASN F 60 15.46 -35.76 -49.14
CA ASN F 60 15.02 -37.13 -49.37
C ASN F 60 13.90 -37.12 -50.41
N TYR F 61 13.76 -38.23 -51.11
CA TYR F 61 12.72 -38.38 -52.13
C TYR F 61 12.11 -39.76 -51.98
N SER F 62 10.88 -39.92 -52.45
CA SER F 62 10.26 -41.23 -52.43
C SER F 62 10.66 -42.01 -53.68
N ASP F 63 10.13 -43.23 -53.81
CA ASP F 63 10.65 -44.19 -54.78
C ASP F 63 10.50 -43.71 -56.22
N SER F 64 9.37 -43.09 -56.54
CA SER F 64 9.09 -42.65 -57.90
C SER F 64 9.62 -41.25 -58.20
N VAL F 65 10.68 -40.82 -57.51
CA VAL F 65 11.18 -39.45 -57.62
C VAL F 65 12.64 -39.41 -58.05
N LYS F 66 13.51 -40.24 -57.44
CA LYS F 66 14.95 -40.09 -57.64
C LYS F 66 15.34 -40.30 -59.10
N GLY F 67 16.20 -39.43 -59.61
CA GLY F 67 16.74 -39.53 -60.94
C GLY F 67 15.99 -38.76 -62.00
N ARG F 68 14.74 -38.38 -61.74
CA ARG F 68 13.93 -37.66 -62.71
C ARG F 68 13.68 -36.21 -62.35
N PHE F 69 13.54 -35.87 -61.07
CA PHE F 69 13.44 -34.49 -60.65
C PHE F 69 13.88 -34.36 -59.20
N ILE F 70 14.67 -33.31 -58.93
CA ILE F 70 15.18 -33.02 -57.61
C ILE F 70 14.73 -31.63 -57.20
N ILE F 71 14.76 -31.37 -55.89
CA ILE F 71 14.25 -30.13 -55.32
C ILE F 71 15.43 -29.26 -54.92
N SER F 72 15.37 -27.98 -55.28
CA SER F 72 16.38 -27.00 -54.94
C SER F 72 15.69 -25.67 -54.65
N SER F 73 16.48 -24.68 -54.21
CA SER F 73 15.93 -23.38 -53.89
C SER F 73 17.06 -22.36 -53.85
N ASP F 74 16.94 -21.30 -54.64
CA ASP F 74 17.91 -20.22 -54.59
C ASP F 74 17.60 -19.30 -53.41
N ASN F 75 18.63 -18.89 -52.69
CA ASN F 75 18.45 -17.93 -51.60
C ASN F 75 18.70 -16.50 -52.08
N ALA F 76 18.06 -16.14 -53.20
CA ALA F 76 18.07 -14.78 -53.71
C ALA F 76 16.65 -14.23 -53.86
N LYS F 77 15.77 -14.97 -54.51
CA LYS F 77 14.34 -14.71 -54.50
C LYS F 77 13.67 -15.87 -53.81
N ASN F 78 12.95 -15.59 -52.72
CA ASN F 78 12.41 -16.64 -51.86
C ASN F 78 11.42 -17.53 -52.61
N SER F 79 11.84 -18.76 -52.88
CA SER F 79 11.04 -19.73 -53.63
C SER F 79 11.75 -21.07 -53.55
N VAL F 80 11.09 -22.10 -54.07
CA VAL F 80 11.65 -23.44 -54.15
C VAL F 80 11.54 -23.93 -55.58
N TYR F 81 12.54 -24.67 -56.04
CA TYR F 81 12.63 -25.12 -57.42
C TYR F 81 12.72 -26.64 -57.49
N LEU F 82 12.02 -27.22 -58.45
CA LEU F 82 12.06 -28.65 -58.73
C LEU F 82 11.92 -28.82 -60.23
N GLN F 83 13.02 -29.17 -60.91
CA GLN F 83 13.00 -29.28 -62.37
C GLN F 83 12.55 -30.69 -62.74
N MET F 84 11.33 -30.79 -63.26
CA MET F 84 10.83 -32.08 -63.71
C MET F 84 11.53 -32.47 -65.01
N ASN F 85 12.12 -33.66 -65.03
CA ASN F 85 12.78 -34.17 -66.23
C ASN F 85 12.26 -35.58 -66.51
N SER F 86 12.24 -35.94 -67.79
CA SER F 86 11.74 -37.23 -68.26
C SER F 86 10.31 -37.46 -67.79
N LEU F 87 9.42 -36.57 -68.24
CA LEU F 87 8.02 -36.64 -67.85
C LEU F 87 7.34 -37.87 -68.43
N LYS F 88 6.47 -38.47 -67.63
CA LYS F 88 5.67 -39.61 -68.05
C LYS F 88 4.21 -39.31 -67.79
N ASP F 89 3.33 -40.21 -68.25
CA ASP F 89 1.89 -39.97 -68.14
C ASP F 89 1.43 -39.94 -66.69
N GLU F 90 1.96 -40.84 -65.86
CA GLU F 90 1.52 -40.91 -64.47
C GLU F 90 1.89 -39.68 -63.64
N ASP F 91 2.76 -38.82 -64.17
CA ASP F 91 3.13 -37.59 -63.47
C ASP F 91 2.10 -36.48 -63.64
N THR F 92 1.07 -36.69 -64.47
CA THR F 92 -0.02 -35.72 -64.59
C THR F 92 -0.79 -35.70 -63.29
N ALA F 93 -0.75 -34.56 -62.59
CA ALA F 93 -1.29 -34.47 -61.24
C ALA F 93 -1.51 -33.00 -60.90
N VAL F 94 -1.73 -32.74 -59.62
CA VAL F 94 -1.90 -31.39 -59.10
C VAL F 94 -0.79 -31.18 -58.07
N TYR F 95 0.31 -30.56 -58.49
CA TYR F 95 1.43 -30.32 -57.59
C TYR F 95 1.09 -29.22 -56.60
N SER F 96 1.37 -29.48 -55.33
CA SER F 96 1.17 -28.51 -54.25
C SER F 96 2.38 -28.51 -53.35
N CYS F 97 2.77 -27.33 -52.88
CA CYS F 97 3.90 -27.18 -51.97
C CYS F 97 3.39 -26.88 -50.56
N HIS F 98 3.95 -27.58 -49.58
CA HIS F 98 3.51 -27.50 -48.19
C HIS F 98 4.62 -26.90 -47.34
N ALA F 99 4.28 -25.85 -46.59
CA ALA F 99 5.22 -25.15 -45.73
C ALA F 99 4.80 -25.28 -44.27
N ARG F 100 5.77 -25.41 -43.37
CA ARG F 100 5.50 -25.62 -41.95
C ARG F 100 6.51 -24.79 -41.16
N THR F 101 6.13 -23.54 -40.87
CA THR F 101 6.96 -22.72 -39.98
C THR F 101 6.60 -22.97 -38.52
N TRP F 102 5.35 -22.73 -38.13
CA TRP F 102 4.79 -23.25 -36.90
C TRP F 102 3.34 -23.66 -37.08
N THR F 103 2.76 -23.39 -38.25
CA THR F 103 1.46 -23.91 -38.66
C THR F 103 1.59 -24.38 -40.10
N SER F 104 0.93 -25.48 -40.42
CA SER F 104 1.01 -26.02 -41.78
C SER F 104 0.46 -25.01 -42.79
N TYR F 105 1.22 -24.78 -43.85
CA TYR F 105 0.85 -23.84 -44.90
C TYR F 105 0.71 -24.60 -46.22
N TRP F 106 -0.43 -24.45 -46.87
CA TRP F 106 -0.71 -25.16 -48.12
C TRP F 106 -1.12 -24.17 -49.20
N GLY F 107 -0.54 -24.33 -50.38
CA GLY F 107 -0.94 -23.55 -51.53
C GLY F 107 -2.17 -24.14 -52.22
N ARG F 108 -2.65 -23.42 -53.23
CA ARG F 108 -3.81 -23.87 -53.98
C ARG F 108 -3.46 -24.86 -55.08
N GLY F 109 -2.17 -25.13 -55.29
CA GLY F 109 -1.75 -26.14 -56.24
C GLY F 109 -1.77 -25.65 -57.68
N THR F 110 -1.11 -26.44 -58.53
CA THR F 110 -1.09 -26.18 -59.96
C THR F 110 -1.27 -27.49 -60.70
N GLN F 111 -1.82 -27.41 -61.91
CA GLN F 111 -2.13 -28.58 -62.71
C GLN F 111 -1.01 -28.86 -63.69
N VAL F 112 -0.54 -30.10 -63.72
CA VAL F 112 0.44 -30.57 -64.69
C VAL F 112 -0.21 -31.66 -65.52
N THR F 113 -0.15 -31.52 -66.84
CA THR F 113 -0.68 -32.51 -67.76
C THR F 113 0.42 -32.89 -68.75
N VAL F 114 0.64 -34.19 -68.91
CA VAL F 114 1.70 -34.72 -69.75
C VAL F 114 1.07 -35.43 -70.94
N SER F 115 1.48 -35.04 -72.14
CA SER F 115 0.91 -35.61 -73.36
C SER F 115 1.55 -36.96 -73.65
N SER F 116 0.72 -37.97 -73.85
CA SER F 116 1.19 -39.31 -74.19
C SER F 116 0.09 -40.11 -74.89
N VAL G 4 0.84 25.31 41.52
CA VAL G 4 -0.49 25.86 41.22
C VAL G 4 -1.57 25.21 42.11
N GLN G 5 -1.75 23.89 42.00
CA GLN G 5 -2.63 23.11 42.86
C GLN G 5 -3.95 23.80 43.19
N LEU G 6 -4.03 24.40 44.37
CA LEU G 6 -5.29 24.95 44.86
C LEU G 6 -5.73 26.15 44.02
N GLN G 7 -7.04 26.30 43.89
CA GLN G 7 -7.65 27.47 43.25
C GLN G 7 -8.71 28.03 44.18
N GLU G 8 -8.98 29.33 44.04
CA GLU G 8 -9.85 30.04 44.97
C GLU G 8 -10.76 31.00 44.21
N SER G 9 -11.91 31.29 44.80
CA SER G 9 -12.88 32.24 44.24
C SER G 9 -13.86 32.62 45.35
N GLY G 10 -14.88 33.39 45.00
CA GLY G 10 -15.93 33.75 45.93
C GLY G 10 -15.73 35.07 46.64
N GLY G 11 -16.80 35.86 46.78
CA GLY G 11 -16.71 37.14 47.45
C GLY G 11 -17.16 38.32 46.60
N GLY G 12 -17.88 39.26 47.20
CA GLY G 12 -18.41 40.40 46.46
C GLY G 12 -18.54 41.62 47.33
N LEU G 13 -18.79 42.75 46.66
CA LEU G 13 -18.94 44.04 47.33
C LEU G 13 -20.24 44.09 48.11
N VAL G 14 -20.21 44.78 49.25
CA VAL G 14 -21.40 44.93 50.10
C VAL G 14 -21.32 46.24 50.86
N GLN G 15 -22.47 46.63 51.52
CA GLN G 15 -22.77 47.74 52.40
C GLN G 15 -22.31 47.42 53.83
N PRO G 16 -21.87 48.43 54.58
CA PRO G 16 -21.48 48.19 55.98
C PRO G 16 -22.65 47.67 56.81
N GLY G 17 -22.32 46.84 57.80
CA GLY G 17 -23.30 46.26 58.68
C GLY G 17 -23.96 44.99 58.18
N GLY G 18 -23.49 44.44 57.08
CA GLY G 18 -24.05 43.22 56.53
C GLY G 18 -23.33 41.97 57.02
N SER G 19 -23.46 40.90 56.25
CA SER G 19 -22.79 39.64 56.53
C SER G 19 -22.46 38.96 55.20
N LEU G 20 -21.24 38.43 55.09
CA LEU G 20 -20.80 37.79 53.85
C LEU G 20 -20.28 36.39 54.14
N ARG G 21 -20.09 35.63 53.07
CA ARG G 21 -19.72 34.21 53.15
C ARG G 21 -18.55 33.99 52.20
N LEU G 22 -17.32 34.12 52.72
CA LEU G 22 -16.13 33.89 51.92
C LEU G 22 -15.74 32.42 51.95
N SER G 23 -14.96 32.00 50.97
CA SER G 23 -14.52 30.62 50.88
C SER G 23 -13.23 30.51 50.08
N CYS G 24 -12.30 29.70 50.58
CA CYS G 24 -11.20 29.19 49.76
C CYS G 24 -11.64 27.84 49.23
N VAL G 25 -12.16 27.84 48.00
CA VAL G 25 -12.76 26.62 47.45
C VAL G 25 -11.72 25.52 47.33
N ALA G 26 -12.12 24.30 47.68
CA ALA G 26 -11.21 23.17 47.68
C ALA G 26 -10.81 22.79 46.26
N SER G 27 -9.63 22.18 46.14
CA SER G 27 -9.11 21.69 44.87
C SER G 27 -8.80 20.21 44.95
N GLY G 28 -9.61 19.45 45.68
CA GLY G 28 -9.36 18.04 45.88
C GLY G 28 -8.78 17.76 47.24
N SER G 29 -8.60 16.47 47.52
CA SER G 29 -8.08 16.04 48.81
C SER G 29 -6.60 16.41 48.93
N VAL G 30 -6.29 17.26 49.90
CA VAL G 30 -4.92 17.64 50.21
C VAL G 30 -4.72 17.52 51.72
N THR G 31 -3.46 17.41 52.12
CA THR G 31 -3.11 17.25 53.52
C THR G 31 -2.67 18.60 54.10
N PHE G 32 -3.00 18.82 55.37
CA PHE G 32 -2.74 20.08 56.05
C PHE G 32 -3.02 19.87 57.53
N ASN G 33 -2.60 20.84 58.33
CA ASN G 33 -2.92 20.84 59.75
C ASN G 33 -3.52 22.18 60.16
N SER G 34 -3.16 23.25 59.46
CA SER G 34 -3.56 24.60 59.82
C SER G 34 -4.06 25.31 58.58
N MET G 35 -5.38 25.54 58.50
CA MET G 35 -5.99 26.31 57.42
C MET G 35 -6.24 27.73 57.92
N GLY G 36 -5.66 28.72 57.25
CA GLY G 36 -5.74 30.10 57.70
C GLY G 36 -6.41 31.02 56.71
N TRP G 37 -7.11 32.01 57.24
CA TRP G 37 -7.69 33.10 56.46
C TRP G 37 -6.88 34.36 56.73
N TYR G 38 -6.55 35.09 55.65
CA TYR G 38 -5.59 36.18 55.68
C TYR G 38 -6.17 37.36 54.90
N ARG G 39 -5.71 38.56 55.21
CA ARG G 39 -6.21 39.76 54.55
C ARG G 39 -5.07 40.75 54.33
N GLN G 40 -5.27 41.64 53.35
CA GLN G 40 -4.38 42.78 53.18
C GLN G 40 -5.12 43.91 52.49
N ALA G 41 -4.82 45.14 52.87
CA ALA G 41 -5.36 46.33 52.25
C ALA G 41 -4.22 47.25 51.81
N PRO G 42 -4.41 48.04 50.76
CA PRO G 42 -3.33 48.92 50.30
C PRO G 42 -2.90 49.91 51.38
N GLY G 43 -1.60 50.16 51.44
CA GLY G 43 -1.03 51.05 52.42
C GLY G 43 -0.75 50.43 53.78
N LYS G 44 -1.09 49.16 53.97
CA LYS G 44 -0.87 48.47 55.23
C LYS G 44 -0.32 47.08 54.97
N GLN G 45 0.36 46.53 55.98
CA GLN G 45 0.88 45.18 55.87
C GLN G 45 -0.25 44.16 55.95
N ARG G 46 0.08 42.92 55.62
CA ARG G 46 -0.90 41.84 55.59
C ARG G 46 -0.96 41.14 56.95
N GLU G 47 -2.16 40.93 57.46
CA GLU G 47 -2.36 40.33 58.77
C GLU G 47 -3.29 39.13 58.69
N LEU G 48 -3.18 38.27 59.70
CA LEU G 48 -4.04 37.09 59.78
C LEU G 48 -5.46 37.49 60.13
N VAL G 49 -6.42 36.73 59.60
CA VAL G 49 -7.82 36.88 59.94
C VAL G 49 -8.31 35.73 60.82
N ALA G 50 -7.94 34.51 60.48
CA ALA G 50 -8.44 33.35 61.20
C ALA G 50 -7.50 32.16 60.99
N GLN G 51 -7.63 31.17 61.85
CA GLN G 51 -6.84 29.95 61.73
C GLN G 51 -7.59 28.80 62.39
N ILE G 52 -7.62 27.65 61.71
CA ILE G 52 -8.27 26.44 62.19
C ILE G 52 -7.27 25.30 62.12
N THR G 53 -7.08 24.61 63.24
CA THR G 53 -6.22 23.45 63.29
C THR G 53 -6.97 22.21 62.79
N ALA G 54 -6.22 21.14 62.57
CA ALA G 54 -6.83 19.86 62.20
C ALA G 54 -7.73 19.36 63.33
N GLY G 55 -7.30 19.52 64.58
CA GLY G 55 -8.13 19.12 65.70
C GLY G 55 -9.40 19.95 65.82
N GLY G 56 -9.28 21.26 65.65
CA GLY G 56 -10.45 22.13 65.70
C GLY G 56 -10.23 23.41 66.47
N ASP G 57 -9.02 23.64 66.98
CA ASP G 57 -8.72 24.87 67.70
C ASP G 57 -8.80 26.06 66.75
N THR G 58 -9.34 27.16 67.25
CA THR G 58 -9.51 28.38 66.48
C THR G 58 -8.60 29.48 67.03
N HIS G 59 -7.98 30.23 66.12
CA HIS G 59 -7.22 31.42 66.44
C HIS G 59 -7.75 32.59 65.62
N TYR G 60 -7.96 33.72 66.28
CA TYR G 60 -8.59 34.87 65.64
C TYR G 60 -7.82 36.13 65.96
N ALA G 61 -7.93 37.11 65.07
CA ALA G 61 -7.38 38.43 65.34
C ALA G 61 -8.27 39.16 66.35
N ASP G 62 -7.70 40.21 66.95
CA ASP G 62 -8.44 40.95 67.98
C ASP G 62 -9.66 41.64 67.38
N SER G 63 -9.51 42.25 66.21
CA SER G 63 -10.60 43.03 65.61
C SER G 63 -11.71 42.17 65.03
N VAL G 64 -11.52 40.86 64.93
CA VAL G 64 -12.51 39.97 64.32
C VAL G 64 -13.15 39.07 65.36
N LYS G 65 -13.06 39.42 66.64
CA LYS G 65 -13.65 38.62 67.71
C LYS G 65 -15.16 38.85 67.76
N GLY G 66 -15.92 37.75 67.83
CA GLY G 66 -17.35 37.85 67.95
C GLY G 66 -18.09 38.23 66.69
N ARG G 67 -17.40 38.27 65.54
CA ARG G 67 -18.02 38.67 64.28
C ARG G 67 -17.75 37.72 63.13
N PHE G 68 -16.75 36.84 63.22
CA PHE G 68 -16.41 35.91 62.15
C PHE G 68 -16.52 34.49 62.68
N THR G 69 -16.95 33.58 61.81
CA THR G 69 -17.07 32.16 62.15
C THR G 69 -16.49 31.32 61.02
N ILE G 70 -15.62 30.38 61.36
CA ILE G 70 -15.02 29.48 60.38
C ILE G 70 -15.70 28.12 60.47
N SER G 71 -15.94 27.50 59.32
CA SER G 71 -16.50 26.16 59.26
C SER G 71 -15.70 25.34 58.26
N GLU G 72 -15.66 24.03 58.48
CA GLU G 72 -14.96 23.10 57.61
C GLU G 72 -15.94 22.04 57.11
N HIS G 73 -15.75 21.62 55.86
CA HIS G 73 -16.60 20.61 55.23
C HIS G 73 -15.70 19.58 54.56
N ARG G 74 -15.53 18.43 55.22
CA ARG G 74 -14.73 17.36 54.64
C ARG G 74 -15.45 16.66 53.50
N GLY G 75 -16.77 16.82 53.40
CA GLY G 75 -17.49 16.25 52.26
C GLY G 75 -17.08 16.87 50.94
N LYS G 76 -16.98 18.21 50.92
CA LYS G 76 -16.48 18.93 49.76
C LYS G 76 -15.12 19.57 50.03
N ASN G 77 -14.47 19.19 51.13
CA ASN G 77 -13.13 19.65 51.51
C ASN G 77 -13.03 21.18 51.56
N ALA G 78 -14.15 21.88 51.69
CA ALA G 78 -14.19 23.33 51.58
C ALA G 78 -14.19 23.98 52.95
N VAL G 79 -13.41 25.07 53.08
CA VAL G 79 -13.34 25.86 54.30
C VAL G 79 -14.06 27.17 54.05
N TYR G 80 -15.05 27.47 54.89
CA TYR G 80 -15.93 28.61 54.70
C TYR G 80 -15.77 29.57 55.88
N LEU G 81 -16.01 30.86 55.62
CA LEU G 81 -15.89 31.89 56.65
C LEU G 81 -17.10 32.82 56.53
N GLU G 82 -17.96 32.82 57.54
CA GLU G 82 -19.12 33.70 57.58
C GLU G 82 -18.78 34.89 58.47
N MET G 83 -18.84 36.08 57.90
CA MET G 83 -18.46 37.32 58.57
C MET G 83 -19.71 38.13 58.85
N HIS G 84 -19.93 38.44 60.13
CA HIS G 84 -21.00 39.32 60.58
C HIS G 84 -20.43 40.66 61.00
N SER G 85 -21.32 41.62 61.23
CA SER G 85 -20.98 42.93 61.76
C SER G 85 -19.80 43.56 61.02
N LEU G 86 -19.99 43.74 59.71
CA LEU G 86 -18.95 44.30 58.87
C LEU G 86 -18.88 45.81 59.07
N LYS G 87 -17.66 46.30 59.30
CA LYS G 87 -17.33 47.70 59.35
C LYS G 87 -16.50 48.07 58.13
N PRO G 88 -16.46 49.35 57.75
CA PRO G 88 -15.70 49.73 56.55
C PRO G 88 -14.22 49.41 56.62
N GLU G 89 -13.67 49.13 57.80
CA GLU G 89 -12.26 48.79 57.93
C GLU G 89 -11.93 47.41 57.38
N ASP G 90 -12.93 46.60 57.03
CA ASP G 90 -12.72 45.22 56.63
C ASP G 90 -12.51 45.06 55.13
N THR G 91 -12.59 46.13 54.35
CA THR G 91 -12.33 46.02 52.91
C THR G 91 -10.86 45.65 52.67
N ALA G 92 -10.64 44.62 51.89
CA ALA G 92 -9.30 44.07 51.69
C ALA G 92 -9.34 43.03 50.56
N VAL G 93 -8.20 42.38 50.35
CA VAL G 93 -8.09 41.17 49.55
C VAL G 93 -7.76 40.04 50.50
N TYR G 94 -8.48 38.92 50.37
CA TYR G 94 -8.42 37.82 51.31
C TYR G 94 -7.80 36.59 50.66
N TYR G 95 -7.12 35.81 51.48
CA TYR G 95 -6.41 34.60 51.05
C TYR G 95 -6.64 33.48 52.04
N CYS G 96 -6.35 32.26 51.59
CA CYS G 96 -6.44 31.05 52.41
C CYS G 96 -5.07 30.38 52.39
N HIS G 97 -4.30 30.53 53.46
CA HIS G 97 -2.97 29.93 53.52
C HIS G 97 -3.06 28.50 54.04
N LEU G 98 -2.27 27.64 53.42
CA LEU G 98 -2.31 26.19 53.61
C LEU G 98 -1.33 25.77 54.69
N GLN G 99 -1.25 24.46 54.93
CA GLN G 99 -0.27 23.87 55.83
C GLN G 99 0.27 22.58 55.24
N VAL G 100 0.63 22.62 53.96
CA VAL G 100 1.23 21.42 53.35
C VAL G 100 2.61 21.19 53.98
N PRO G 101 2.92 19.97 54.43
CA PRO G 101 4.21 19.71 55.06
C PRO G 101 5.33 19.64 54.03
N PHE G 102 6.18 20.66 54.02
CA PHE G 102 7.36 20.71 53.14
C PHE G 102 8.57 21.01 54.02
N LEU G 103 9.37 19.99 54.31
CA LEU G 103 10.55 20.11 55.16
C LEU G 103 10.18 20.64 56.54
N GLY G 104 9.31 19.89 57.22
CA GLY G 104 8.83 20.27 58.52
C GLY G 104 7.73 21.31 58.52
N GLY G 105 7.23 21.70 57.35
CA GLY G 105 6.15 22.69 57.26
C GLY G 105 6.63 23.88 56.44
N GLY G 106 5.81 24.26 55.47
CA GLY G 106 6.13 25.40 54.65
C GLY G 106 5.37 25.37 53.33
N TYR G 107 5.61 26.40 52.53
CA TYR G 107 5.00 26.57 51.21
C TYR G 107 3.47 26.53 51.30
N ASP G 108 2.93 27.53 51.99
CA ASP G 108 1.48 27.71 52.00
C ASP G 108 1.02 28.26 50.66
N TYR G 109 -0.26 28.02 50.35
CA TYR G 109 -0.82 28.32 49.04
C TYR G 109 -1.81 29.48 49.10
N TRP G 110 -1.48 30.53 49.85
CA TRP G 110 -2.35 31.70 49.92
C TRP G 110 -2.28 32.57 48.66
N GLY G 111 -1.37 32.26 47.73
CA GLY G 111 -1.05 33.12 46.61
C GLY G 111 -2.20 33.66 45.79
N GLN G 112 -3.40 33.11 45.98
CA GLN G 112 -4.60 33.56 45.28
C GLN G 112 -5.53 34.26 46.25
N GLY G 113 -6.19 35.32 45.79
CA GLY G 113 -6.98 36.15 46.65
C GLY G 113 -8.32 36.51 46.03
N THR G 114 -9.24 36.91 46.91
CA THR G 114 -10.56 37.38 46.53
C THR G 114 -10.78 38.76 47.15
N GLN G 115 -11.28 39.69 46.35
CA GLN G 115 -11.42 41.09 46.77
C GLN G 115 -12.79 41.30 47.41
N VAL G 116 -12.80 41.79 48.64
CA VAL G 116 -14.03 42.14 49.34
C VAL G 116 -13.97 43.62 49.67
N THR G 117 -14.97 44.38 49.22
CA THR G 117 -15.04 45.81 49.44
C THR G 117 -16.31 46.13 50.23
N VAL G 118 -16.14 46.80 51.36
CA VAL G 118 -17.26 47.25 52.19
C VAL G 118 -17.21 48.77 52.24
N SER G 119 -18.26 49.41 51.75
CA SER G 119 -18.35 50.87 51.71
C SER G 119 -19.80 51.28 51.58
N SER G 120 -20.13 52.44 52.14
CA SER G 120 -21.49 52.97 52.02
C SER G 120 -21.84 53.37 50.60
N GLY G 121 -20.86 53.50 49.72
CA GLY G 121 -21.12 53.82 48.32
C GLY G 121 -20.47 52.83 47.37
N VAL H 4 40.75 -2.98 -20.13
CA VAL H 4 40.36 -3.29 -18.75
C VAL H 4 40.65 -4.77 -18.50
N GLN H 5 39.61 -5.60 -18.51
CA GLN H 5 39.71 -7.05 -18.39
C GLN H 5 40.70 -7.50 -17.31
N LEU H 6 41.97 -7.61 -17.67
CA LEU H 6 42.98 -8.14 -16.77
C LEU H 6 43.51 -7.05 -15.85
N GLN H 7 44.47 -7.42 -15.01
CA GLN H 7 45.03 -6.49 -14.03
C GLN H 7 46.34 -7.05 -13.49
N GLU H 8 47.17 -6.16 -12.95
CA GLU H 8 48.37 -6.57 -12.23
C GLU H 8 48.93 -5.46 -11.35
N SER H 9 49.47 -5.83 -10.20
CA SER H 9 50.21 -4.93 -9.33
C SER H 9 51.13 -5.75 -8.45
N GLY H 10 51.68 -5.11 -7.42
CA GLY H 10 52.54 -5.77 -6.47
C GLY H 10 54.01 -5.56 -6.77
N GLY H 11 54.84 -6.26 -6.00
CA GLY H 11 56.27 -6.17 -6.16
C GLY H 11 56.96 -5.68 -4.91
N GLY H 12 58.22 -6.06 -4.72
CA GLY H 12 59.00 -5.66 -3.57
C GLY H 12 60.29 -4.98 -3.98
N LEU H 13 60.69 -3.97 -3.21
CA LEU H 13 61.95 -3.29 -3.43
C LEU H 13 63.04 -3.98 -2.59
N VAL H 14 64.12 -4.39 -3.25
CA VAL H 14 65.14 -5.22 -2.62
C VAL H 14 66.52 -4.68 -3.00
N GLN H 15 67.54 -5.14 -2.27
CA GLN H 15 68.93 -4.81 -2.47
C GLN H 15 69.50 -5.60 -3.65
N PRO H 16 70.53 -5.07 -4.32
CA PRO H 16 71.17 -5.84 -5.40
C PRO H 16 71.72 -7.17 -4.90
N GLY H 17 71.62 -8.18 -5.75
CA GLY H 17 72.01 -9.53 -5.39
C GLY H 17 70.94 -10.36 -4.72
N GLY H 18 69.73 -9.81 -4.55
CA GLY H 18 68.65 -10.55 -3.93
C GLY H 18 67.88 -11.39 -4.92
N SER H 19 66.84 -12.07 -4.41
CA SER H 19 65.98 -12.89 -5.23
C SER H 19 64.53 -12.61 -4.84
N LEU H 20 63.67 -12.47 -5.85
CA LEU H 20 62.26 -12.24 -5.56
C LEU H 20 61.43 -12.70 -6.75
N ARG H 21 60.15 -12.94 -6.50
CA ARG H 21 59.24 -13.54 -7.47
C ARG H 21 58.21 -12.50 -7.93
N LEU H 22 58.43 -11.95 -9.13
CA LEU H 22 57.40 -11.14 -9.78
C LEU H 22 56.28 -12.04 -10.26
N SER H 23 55.04 -11.64 -9.99
CA SER H 23 53.86 -12.41 -10.41
C SER H 23 52.86 -11.49 -11.07
N CYS H 24 52.41 -11.87 -12.27
CA CYS H 24 51.28 -11.21 -12.91
C CYS H 24 50.02 -11.76 -12.27
N VAL H 25 49.41 -11.01 -11.35
CA VAL H 25 48.31 -11.54 -10.57
C VAL H 25 47.16 -11.90 -11.49
N ALA H 26 46.66 -13.13 -11.35
CA ALA H 26 45.72 -13.70 -12.30
C ALA H 26 44.40 -12.95 -12.32
N SER H 27 43.79 -12.89 -13.51
CA SER H 27 42.47 -12.31 -13.70
C SER H 27 41.48 -13.30 -14.27
N GLY H 28 41.76 -14.59 -14.14
CA GLY H 28 40.88 -15.64 -14.63
C GLY H 28 41.51 -16.39 -15.80
N SER H 29 40.73 -17.34 -16.32
CA SER H 29 41.17 -18.13 -17.46
C SER H 29 41.06 -17.31 -18.74
N VAL H 30 42.18 -17.10 -19.41
CA VAL H 30 42.25 -16.30 -20.62
C VAL H 30 43.01 -17.08 -21.69
N THR H 31 42.54 -17.00 -22.92
CA THR H 31 43.19 -17.66 -24.04
C THR H 31 44.48 -16.95 -24.39
N PHE H 32 45.58 -17.70 -24.50
CA PHE H 32 46.88 -17.11 -24.78
C PHE H 32 47.79 -18.16 -25.39
N ASN H 33 48.83 -17.69 -26.07
CA ASN H 33 49.93 -18.54 -26.51
C ASN H 33 51.30 -18.01 -26.14
N SER H 34 51.42 -16.75 -25.70
CA SER H 34 52.73 -16.19 -25.34
C SER H 34 52.57 -15.18 -24.21
N MET H 35 53.27 -15.43 -23.11
CA MET H 35 53.30 -14.56 -21.95
C MET H 35 54.62 -13.79 -21.97
N GLY H 36 54.58 -12.48 -21.79
CA GLY H 36 55.83 -11.76 -21.81
C GLY H 36 56.09 -10.86 -20.62
N TRP H 37 57.22 -11.07 -19.96
CA TRP H 37 57.73 -10.13 -18.97
C TRP H 37 58.61 -9.11 -19.70
N TYR H 38 58.41 -7.84 -19.38
CA TYR H 38 58.99 -6.76 -20.15
C TYR H 38 59.34 -5.65 -19.15
N ARG H 39 60.42 -4.91 -19.39
CA ARG H 39 60.84 -3.92 -18.41
C ARG H 39 61.12 -2.59 -19.09
N GLN H 40 60.82 -1.49 -18.39
CA GLN H 40 61.12 -0.16 -18.92
C GLN H 40 61.57 0.75 -17.78
N ALA H 41 62.59 1.55 -18.04
CA ALA H 41 63.02 2.59 -17.11
C ALA H 41 63.07 3.92 -17.84
N PRO H 42 62.82 5.02 -17.14
CA PRO H 42 62.85 6.33 -17.79
C PRO H 42 64.22 6.65 -18.36
N GLY H 43 64.22 7.34 -19.49
CA GLY H 43 65.45 7.75 -20.14
C GLY H 43 66.01 6.79 -21.17
N LYS H 44 65.40 5.62 -21.35
CA LYS H 44 65.87 4.66 -22.32
C LYS H 44 64.68 4.01 -23.02
N GLN H 45 64.95 3.39 -24.16
CA GLN H 45 63.91 2.69 -24.91
C GLN H 45 63.36 1.52 -24.10
N ARG H 46 62.04 1.36 -24.13
CA ARG H 46 61.41 0.25 -23.45
C ARG H 46 61.93 -1.07 -24.03
N GLU H 47 62.47 -1.92 -23.17
CA GLU H 47 63.15 -3.13 -23.61
C GLU H 47 62.40 -4.38 -23.18
N LEU H 48 62.86 -5.51 -23.69
CA LEU H 48 62.26 -6.82 -23.49
C LEU H 48 63.03 -7.60 -22.42
N VAL H 49 62.30 -8.43 -21.67
CA VAL H 49 62.88 -9.29 -20.64
C VAL H 49 62.85 -10.76 -21.06
N ALA H 50 61.65 -11.32 -21.23
CA ALA H 50 61.57 -12.75 -21.52
C ALA H 50 60.15 -13.14 -21.92
N GLN H 51 60.03 -14.05 -22.87
CA GLN H 51 58.74 -14.61 -23.26
C GLN H 51 58.70 -16.10 -22.99
N ILE H 52 57.56 -16.56 -22.49
CA ILE H 52 57.23 -17.98 -22.39
C ILE H 52 56.10 -18.27 -23.37
N THR H 53 56.03 -19.51 -23.83
CA THR H 53 55.05 -19.93 -24.82
C THR H 53 54.25 -21.10 -24.28
N ALA H 54 52.94 -21.08 -24.54
CA ALA H 54 52.07 -22.17 -24.10
C ALA H 54 52.53 -23.51 -24.64
N GLY H 55 53.09 -23.53 -25.86
CA GLY H 55 53.65 -24.76 -26.38
C GLY H 55 54.85 -25.25 -25.59
N GLY H 56 55.69 -24.32 -25.15
CA GLY H 56 56.86 -24.68 -24.36
C GLY H 56 58.09 -23.86 -24.69
N ASP H 57 58.01 -23.05 -25.75
CA ASP H 57 59.14 -22.21 -26.14
C ASP H 57 59.41 -21.15 -25.08
N THR H 58 60.69 -20.85 -24.88
CA THR H 58 61.12 -19.85 -23.90
C THR H 58 62.25 -19.05 -24.50
N HIS H 59 62.08 -17.73 -24.56
CA HIS H 59 63.08 -16.82 -25.12
C HIS H 59 63.46 -15.78 -24.08
N TYR H 60 64.75 -15.44 -24.04
CA TYR H 60 65.28 -14.47 -23.09
C TYR H 60 66.08 -13.41 -23.82
N ALA H 61 66.12 -12.21 -23.24
CA ALA H 61 66.95 -11.15 -23.78
C ALA H 61 68.43 -11.46 -23.54
N ASP H 62 69.28 -10.81 -24.32
CA ASP H 62 70.72 -11.13 -24.29
C ASP H 62 71.37 -10.70 -22.98
N SER H 63 70.87 -9.65 -22.34
CA SER H 63 71.52 -9.07 -21.17
C SER H 63 71.01 -9.64 -19.85
N VAL H 64 70.16 -10.67 -19.89
CA VAL H 64 69.52 -11.15 -18.66
C VAL H 64 69.76 -12.65 -18.50
N LYS H 65 70.88 -13.13 -19.00
CA LYS H 65 71.20 -14.56 -18.88
C LYS H 65 71.55 -14.92 -17.45
N GLY H 66 71.05 -16.07 -17.00
CA GLY H 66 71.43 -16.62 -15.71
C GLY H 66 70.87 -15.88 -14.51
N ARG H 67 69.92 -14.98 -14.69
CA ARG H 67 69.39 -14.19 -13.59
C ARG H 67 67.86 -14.19 -13.50
N PHE H 68 67.14 -14.53 -14.56
CA PHE H 68 65.69 -14.63 -14.52
C PHE H 68 65.27 -16.04 -14.88
N THR H 69 64.33 -16.59 -14.11
CA THR H 69 63.71 -17.88 -14.40
C THR H 69 62.22 -17.67 -14.56
N ILE H 70 61.68 -18.03 -15.72
CA ILE H 70 60.27 -17.82 -16.04
C ILE H 70 59.54 -19.14 -15.96
N SER H 71 58.34 -19.11 -15.39
CA SER H 71 57.54 -20.32 -15.25
C SER H 71 56.06 -19.98 -15.36
N GLU H 72 55.28 -20.93 -15.87
CA GLU H 72 53.86 -20.74 -16.09
C GLU H 72 53.08 -21.74 -15.25
N HIS H 73 52.06 -21.26 -14.54
CA HIS H 73 51.20 -22.09 -13.71
C HIS H 73 49.79 -22.02 -14.27
N ARG H 74 49.32 -23.14 -14.82
CA ARG H 74 48.07 -23.19 -15.57
C ARG H 74 46.85 -23.39 -14.68
N GLY H 75 47.03 -23.79 -13.43
CA GLY H 75 45.93 -23.86 -12.50
C GLY H 75 45.51 -22.46 -12.08
N LYS H 76 46.45 -21.69 -11.55
CA LYS H 76 46.24 -20.28 -11.27
C LYS H 76 46.53 -19.40 -12.47
N ASN H 77 46.91 -19.99 -13.61
CA ASN H 77 47.13 -19.30 -14.89
C ASN H 77 47.89 -17.99 -14.72
N ALA H 78 49.04 -18.08 -14.03
CA ALA H 78 49.89 -16.92 -13.80
C ALA H 78 51.33 -17.26 -14.17
N VAL H 79 52.06 -16.27 -14.67
CA VAL H 79 53.47 -16.45 -14.99
C VAL H 79 54.29 -15.81 -13.88
N TYR H 80 55.31 -16.53 -13.42
CA TYR H 80 56.14 -16.13 -12.30
C TYR H 80 57.58 -15.99 -12.79
N LEU H 81 58.20 -14.86 -12.45
CA LEU H 81 59.60 -14.60 -12.79
C LEU H 81 60.39 -14.54 -11.49
N GLU H 82 61.27 -15.52 -11.30
CA GLU H 82 62.17 -15.55 -10.15
C GLU H 82 63.48 -14.87 -10.56
N MET H 83 63.81 -13.76 -9.90
CA MET H 83 64.95 -12.94 -10.25
C MET H 83 65.99 -12.97 -9.15
N HIS H 84 67.24 -13.25 -9.55
CA HIS H 84 68.35 -13.42 -8.63
C HIS H 84 69.59 -12.77 -9.23
N SER H 85 70.57 -12.51 -8.36
CA SER H 85 71.84 -11.88 -8.76
C SER H 85 71.60 -10.55 -9.46
N LEU H 86 71.04 -9.62 -8.70
CA LEU H 86 70.58 -8.34 -9.24
C LEU H 86 71.68 -7.30 -9.22
N LYS H 87 71.70 -6.46 -10.25
CA LYS H 87 72.59 -5.32 -10.38
C LYS H 87 71.76 -4.07 -10.70
N PRO H 88 72.27 -2.87 -10.37
CA PRO H 88 71.42 -1.66 -10.41
C PRO H 88 70.84 -1.30 -11.76
N GLU H 89 71.14 -2.06 -12.81
CA GLU H 89 70.53 -1.79 -14.11
C GLU H 89 69.14 -2.39 -14.27
N ASP H 90 68.63 -3.06 -13.24
CA ASP H 90 67.26 -3.58 -13.25
C ASP H 90 66.25 -2.61 -12.64
N THR H 91 66.69 -1.42 -12.23
CA THR H 91 65.80 -0.42 -11.64
C THR H 91 64.84 0.07 -12.71
N ALA H 92 63.60 -0.36 -12.64
CA ALA H 92 62.65 -0.09 -13.72
C ALA H 92 61.24 -0.38 -13.21
N VAL H 93 60.29 -0.40 -14.13
CA VAL H 93 58.95 -0.90 -13.85
C VAL H 93 58.66 -2.00 -14.87
N TYR H 94 58.11 -3.11 -14.38
CA TYR H 94 57.98 -4.35 -15.11
C TYR H 94 56.52 -4.58 -15.48
N TYR H 95 56.28 -4.97 -16.73
CA TYR H 95 54.96 -5.10 -17.32
C TYR H 95 54.78 -6.50 -17.88
N CYS H 96 53.54 -6.98 -17.82
CA CYS H 96 53.17 -8.29 -18.35
C CYS H 96 52.36 -8.08 -19.62
N HIS H 97 52.94 -8.38 -20.77
CA HIS H 97 52.23 -8.28 -22.03
C HIS H 97 51.63 -9.62 -22.43
N LEU H 98 50.35 -9.61 -22.79
CA LEU H 98 49.60 -10.79 -23.18
C LEU H 98 49.76 -11.01 -24.68
N GLN H 99 48.93 -11.89 -25.23
CA GLN H 99 48.99 -12.26 -26.63
C GLN H 99 47.60 -12.39 -27.25
N VAL H 100 46.54 -12.10 -26.49
CA VAL H 100 45.16 -12.48 -26.79
C VAL H 100 44.84 -12.34 -28.27
N PRO H 101 44.45 -13.43 -28.93
CA PRO H 101 44.22 -13.37 -30.39
C PRO H 101 43.13 -12.37 -30.77
N PHE H 102 43.54 -11.31 -31.47
CA PHE H 102 42.64 -10.28 -31.98
C PHE H 102 42.89 -10.25 -33.47
N LEU H 103 41.92 -10.76 -34.25
CA LEU H 103 42.02 -10.87 -35.70
C LEU H 103 43.13 -11.81 -36.13
N GLY H 104 43.77 -12.48 -35.18
CA GLY H 104 44.92 -13.32 -35.44
C GLY H 104 46.10 -12.95 -34.57
N GLY H 105 45.81 -12.33 -33.43
CA GLY H 105 46.82 -11.94 -32.46
C GLY H 105 46.94 -10.42 -32.36
N GLY H 106 47.31 -9.96 -31.16
CA GLY H 106 47.50 -8.55 -30.94
C GLY H 106 46.81 -8.03 -29.70
N TYR H 107 46.91 -6.72 -29.46
CA TYR H 107 46.28 -6.07 -28.32
C TYR H 107 46.70 -6.72 -27.00
N ASP H 108 48.01 -6.71 -26.76
CA ASP H 108 48.52 -7.18 -25.49
C ASP H 108 48.08 -6.25 -24.37
N TYR H 109 47.90 -6.82 -23.18
CA TYR H 109 47.41 -6.09 -22.01
C TYR H 109 48.56 -5.67 -21.10
N TRP H 110 49.65 -5.21 -21.70
CA TRP H 110 50.75 -4.68 -20.90
C TRP H 110 50.43 -3.30 -20.35
N GLY H 111 49.17 -2.87 -20.14
CA GLY H 111 48.96 -1.62 -19.43
C GLY H 111 49.39 -1.69 -17.98
N GLN H 112 49.23 -2.85 -17.36
CA GLN H 112 49.52 -3.03 -15.94
C GLN H 112 51.03 -3.08 -15.68
N GLY H 113 51.45 -2.47 -14.57
CA GLY H 113 52.85 -2.38 -14.26
C GLY H 113 53.13 -2.63 -12.79
N THR H 114 54.41 -2.92 -12.50
CA THR H 114 54.89 -3.16 -11.14
C THR H 114 56.25 -2.47 -11.02
N GLN H 115 56.34 -1.44 -10.18
CA GLN H 115 57.56 -0.65 -10.08
C GLN H 115 58.55 -1.38 -9.16
N VAL H 116 59.70 -1.78 -9.69
CA VAL H 116 60.70 -2.51 -8.92
C VAL H 116 62.03 -1.79 -9.10
N THR H 117 62.58 -1.29 -7.99
CA THR H 117 63.87 -0.61 -7.98
C THR H 117 64.81 -1.37 -7.06
N VAL H 118 65.98 -1.72 -7.58
CA VAL H 118 67.00 -2.42 -6.81
C VAL H 118 68.08 -1.42 -6.40
N SER H 119 68.35 -1.34 -5.10
CA SER H 119 69.23 -0.30 -4.60
C SER H 119 69.74 -0.69 -3.22
N SER H 120 70.96 -0.26 -2.92
CA SER H 120 71.53 -0.43 -1.59
C SER H 120 71.10 0.67 -0.62
N GLY H 121 70.39 1.67 -1.10
CA GLY H 121 69.94 2.78 -0.25
C GLY H 121 69.27 3.88 -1.04
N VAL I 4 -30.56 25.47 -29.04
CA VAL I 4 -30.00 24.69 -30.13
C VAL I 4 -31.11 24.24 -31.07
N GLN I 5 -31.79 23.16 -30.69
CA GLN I 5 -32.86 22.55 -31.47
C GLN I 5 -32.52 22.42 -32.96
N LEU I 6 -33.21 23.18 -33.80
CA LEU I 6 -33.16 22.95 -35.25
C LEU I 6 -32.03 23.74 -35.91
N GLN I 7 -31.43 23.13 -36.92
CA GLN I 7 -30.48 23.78 -37.81
C GLN I 7 -30.90 23.47 -39.25
N GLU I 8 -30.47 24.33 -40.18
CA GLU I 8 -30.82 24.20 -41.58
C GLU I 8 -29.56 24.29 -42.43
N SER I 9 -29.47 23.43 -43.45
CA SER I 9 -28.30 23.35 -44.31
C SER I 9 -28.72 22.91 -45.70
N GLY I 10 -27.85 23.19 -46.67
CA GLY I 10 -28.08 22.78 -48.05
C GLY I 10 -28.11 23.94 -49.02
N GLY I 11 -27.88 23.65 -50.30
CA GLY I 11 -27.95 24.65 -51.35
C GLY I 11 -26.62 25.37 -51.57
N GLY I 12 -26.63 26.23 -52.58
CA GLY I 12 -25.44 26.98 -52.92
C GLY I 12 -25.71 27.98 -54.01
N LEU I 13 -24.63 28.52 -54.58
CA LEU I 13 -24.74 29.48 -55.67
C LEU I 13 -24.99 28.76 -56.98
N VAL I 14 -26.02 29.19 -57.71
CA VAL I 14 -26.37 28.59 -58.99
C VAL I 14 -26.74 29.70 -59.96
N GLN I 15 -26.28 29.57 -61.20
CA GLN I 15 -26.56 30.55 -62.23
C GLN I 15 -28.07 30.61 -62.50
N PRO I 16 -28.62 31.79 -62.81
CA PRO I 16 -30.07 31.87 -63.05
C PRO I 16 -30.52 30.94 -64.16
N GLY I 17 -31.69 30.35 -63.98
CA GLY I 17 -32.21 29.34 -64.88
C GLY I 17 -32.04 27.92 -64.42
N GLY I 18 -31.43 27.71 -63.24
CA GLY I 18 -31.21 26.39 -62.70
C GLY I 18 -32.26 26.01 -61.67
N SER I 19 -31.87 25.07 -60.80
CA SER I 19 -32.77 24.57 -59.77
C SER I 19 -31.94 24.10 -58.58
N LEU I 20 -32.59 24.01 -57.43
CA LEU I 20 -31.90 23.54 -56.22
C LEU I 20 -32.91 22.96 -55.26
N ARG I 21 -32.37 22.31 -54.22
CA ARG I 21 -33.17 21.70 -53.16
C ARG I 21 -32.63 22.16 -51.82
N LEU I 22 -33.47 22.83 -51.03
CA LEU I 22 -33.12 23.27 -49.69
C LEU I 22 -33.76 22.34 -48.67
N SER I 23 -33.00 21.99 -47.63
CA SER I 23 -33.44 21.00 -46.65
C SER I 23 -33.35 21.57 -45.25
N CYS I 24 -34.33 21.24 -44.41
CA CYS I 24 -34.31 21.52 -42.99
C CYS I 24 -33.92 20.22 -42.30
N VAL I 25 -32.63 20.06 -42.01
CA VAL I 25 -32.14 18.79 -41.47
C VAL I 25 -32.81 18.52 -40.13
N ALA I 26 -33.27 17.29 -39.94
CA ALA I 26 -34.06 16.95 -38.78
C ALA I 26 -33.24 17.06 -37.50
N SER I 27 -33.85 17.64 -36.46
CA SER I 27 -33.24 17.77 -35.15
C SER I 27 -34.03 17.03 -34.08
N GLY I 28 -34.78 16.01 -34.49
CA GLY I 28 -35.61 15.26 -33.56
C GLY I 28 -37.08 15.39 -33.87
N SER I 29 -37.90 14.50 -33.31
CA SER I 29 -39.34 14.52 -33.55
C SER I 29 -39.98 15.53 -32.60
N VAL I 30 -40.49 16.63 -33.16
CA VAL I 30 -41.08 17.71 -32.38
C VAL I 30 -42.52 17.89 -32.85
N THR I 31 -43.36 18.42 -31.95
CA THR I 31 -44.72 18.77 -32.31
C THR I 31 -44.76 20.18 -32.89
N PHE I 32 -45.54 20.36 -33.96
CA PHE I 32 -45.64 21.62 -34.67
C PHE I 32 -46.86 21.58 -35.57
N ASN I 33 -47.18 22.74 -36.16
CA ASN I 33 -48.30 22.83 -37.09
C ASN I 33 -48.02 23.65 -38.34
N SER I 34 -46.85 24.25 -38.48
CA SER I 34 -46.59 25.13 -39.62
C SER I 34 -45.08 25.24 -39.85
N MET I 35 -44.63 24.72 -40.98
CA MET I 35 -43.23 24.82 -41.39
C MET I 35 -43.11 25.93 -42.42
N GLY I 36 -42.36 26.97 -42.09
CA GLY I 36 -42.29 28.16 -42.95
C GLY I 36 -40.88 28.47 -43.41
N TRP I 37 -40.80 29.21 -44.52
CA TRP I 37 -39.55 29.60 -45.17
C TRP I 37 -39.60 31.10 -45.45
N TYR I 38 -38.61 31.84 -44.97
CA TYR I 38 -38.30 33.17 -45.46
C TYR I 38 -36.94 33.18 -46.15
N ARG I 39 -36.73 34.22 -46.96
CA ARG I 39 -35.42 34.61 -47.45
C ARG I 39 -35.18 36.07 -47.09
N GLN I 40 -33.98 36.37 -46.62
CA GLN I 40 -33.61 37.74 -46.23
C GLN I 40 -32.32 38.12 -46.91
N ALA I 41 -32.32 39.31 -47.53
CA ALA I 41 -31.14 39.86 -48.16
C ALA I 41 -30.78 41.18 -47.48
N PRO I 42 -29.50 41.55 -47.49
CA PRO I 42 -29.11 42.84 -46.88
C PRO I 42 -29.84 43.99 -47.55
N GLY I 43 -30.26 44.96 -46.74
CA GLY I 43 -31.01 46.10 -47.22
C GLY I 43 -32.50 45.87 -47.37
N LYS I 44 -33.00 44.67 -47.08
CA LYS I 44 -34.42 44.37 -47.17
C LYS I 44 -34.85 43.59 -45.93
N GLN I 45 -36.14 43.69 -45.61
CA GLN I 45 -36.69 43.02 -44.44
C GLN I 45 -36.94 41.55 -44.75
N ARG I 46 -37.11 40.77 -43.68
CA ARG I 46 -37.37 39.34 -43.81
C ARG I 46 -38.77 39.12 -44.37
N GLU I 47 -38.83 38.54 -45.57
CA GLU I 47 -40.08 38.36 -46.29
C GLU I 47 -40.50 36.90 -46.26
N LEU I 48 -41.76 36.66 -45.88
CA LEU I 48 -42.33 35.32 -45.87
C LEU I 48 -42.52 34.85 -47.30
N VAL I 49 -41.79 33.81 -47.70
CA VAL I 49 -41.86 33.31 -49.06
C VAL I 49 -42.64 32.00 -49.16
N ALA I 50 -42.67 31.19 -48.11
CA ALA I 50 -43.31 29.90 -48.21
C ALA I 50 -43.81 29.44 -46.84
N GLN I 51 -44.84 28.61 -46.85
CA GLN I 51 -45.42 28.10 -45.60
C GLN I 51 -46.28 26.88 -45.91
N ILE I 52 -46.00 25.76 -45.22
CA ILE I 52 -46.84 24.57 -45.26
C ILE I 52 -47.39 24.34 -43.87
N THR I 53 -48.56 23.71 -43.81
CA THR I 53 -49.25 23.48 -42.55
C THR I 53 -49.22 21.99 -42.19
N ALA I 54 -49.62 21.71 -40.94
CA ALA I 54 -49.81 20.32 -40.53
C ALA I 54 -50.94 19.67 -41.33
N GLY I 55 -52.01 20.43 -41.60
CA GLY I 55 -53.05 19.93 -42.47
C GLY I 55 -52.58 19.75 -43.91
N GLY I 56 -51.77 20.69 -44.40
CA GLY I 56 -51.21 20.58 -45.73
C GLY I 56 -51.42 21.80 -46.61
N ASP I 57 -51.79 22.93 -46.00
CA ASP I 57 -52.00 24.16 -46.75
C ASP I 57 -50.66 24.77 -47.12
N THR I 58 -50.37 24.84 -48.42
CA THR I 58 -49.10 25.38 -48.91
C THR I 58 -49.30 26.85 -49.27
N HIS I 59 -49.00 27.73 -48.31
CA HIS I 59 -49.06 29.16 -48.60
C HIS I 59 -47.91 29.56 -49.51
N TYR I 60 -48.22 30.37 -50.52
CA TYR I 60 -47.23 30.81 -51.50
C TYR I 60 -47.41 32.30 -51.74
N ALA I 61 -46.30 33.04 -51.67
CA ALA I 61 -46.36 34.46 -51.97
C ALA I 61 -46.46 34.68 -53.47
N ASP I 62 -46.88 35.89 -53.85
CA ASP I 62 -47.17 36.18 -55.24
C ASP I 62 -45.92 36.13 -56.12
N SER I 63 -44.76 36.47 -55.56
CA SER I 63 -43.54 36.51 -56.34
C SER I 63 -42.84 35.15 -56.44
N VAL I 64 -43.42 34.10 -55.83
CA VAL I 64 -42.77 32.80 -55.77
C VAL I 64 -43.68 31.67 -56.22
N LYS I 65 -44.91 31.97 -56.65
CA LYS I 65 -45.84 30.94 -57.07
C LYS I 65 -45.36 30.26 -58.36
N GLY I 66 -45.52 28.94 -58.40
CA GLY I 66 -45.19 28.16 -59.58
C GLY I 66 -43.73 27.87 -59.77
N ARG I 67 -42.85 28.43 -58.94
CA ARG I 67 -41.42 28.18 -59.04
C ARG I 67 -40.82 27.56 -57.79
N PHE I 68 -41.22 28.01 -56.60
CA PHE I 68 -40.78 27.40 -55.36
C PHE I 68 -41.90 26.50 -54.84
N THR I 69 -41.54 25.30 -54.40
CA THR I 69 -42.51 24.37 -53.83
C THR I 69 -42.00 23.80 -52.52
N ILE I 70 -42.94 23.41 -51.65
CA ILE I 70 -42.66 22.84 -50.33
C ILE I 70 -43.06 21.36 -50.35
N SER I 71 -42.33 20.56 -49.58
CA SER I 71 -42.74 19.21 -49.23
C SER I 71 -42.30 18.93 -47.80
N GLU I 72 -42.93 17.95 -47.18
CA GLU I 72 -42.52 17.49 -45.86
C GLU I 72 -42.36 15.98 -45.90
N HIS I 73 -41.29 15.48 -45.29
CA HIS I 73 -41.00 14.06 -45.24
C HIS I 73 -41.06 13.62 -43.78
N ARG I 74 -42.15 12.92 -43.42
CA ARG I 74 -42.28 12.39 -42.07
C ARG I 74 -41.30 11.26 -41.82
N GLY I 75 -40.91 10.53 -42.87
CA GLY I 75 -39.95 9.45 -42.71
C GLY I 75 -38.61 9.95 -42.19
N LYS I 76 -38.15 11.11 -42.69
CA LYS I 76 -36.95 11.75 -42.19
C LYS I 76 -37.26 13.02 -41.40
N ASN I 77 -38.54 13.32 -41.17
CA ASN I 77 -39.02 14.42 -40.35
C ASN I 77 -38.71 15.78 -40.97
N ALA I 78 -38.07 15.82 -42.13
CA ALA I 78 -37.45 17.03 -42.64
C ALA I 78 -38.33 17.75 -43.66
N VAL I 79 -38.21 19.07 -43.68
CA VAL I 79 -38.91 19.89 -44.67
C VAL I 79 -37.99 20.07 -45.88
N TYR I 80 -38.60 20.25 -47.05
CA TYR I 80 -37.87 20.37 -48.30
C TYR I 80 -38.47 21.48 -49.13
N LEU I 81 -37.61 22.22 -49.83
CA LEU I 81 -38.01 23.32 -50.69
C LEU I 81 -37.32 23.12 -52.04
N GLU I 82 -38.09 22.75 -53.06
CA GLU I 82 -37.53 22.64 -54.40
C GLU I 82 -37.73 23.96 -55.15
N MET I 83 -36.62 24.51 -55.65
CA MET I 83 -36.57 25.83 -56.26
C MET I 83 -36.23 25.71 -57.74
N HIS I 84 -37.00 26.41 -58.58
CA HIS I 84 -36.88 26.35 -60.03
C HIS I 84 -36.97 27.75 -60.61
N SER I 85 -36.41 27.92 -61.80
CA SER I 85 -36.45 29.17 -62.56
C SER I 85 -35.96 30.33 -61.70
N LEU I 86 -34.69 30.24 -61.31
CA LEU I 86 -34.12 31.21 -60.38
C LEU I 86 -33.91 32.55 -61.06
N LYS I 87 -34.00 33.60 -60.27
CA LYS I 87 -33.84 34.98 -60.70
C LYS I 87 -32.87 35.68 -59.77
N PRO I 88 -32.22 36.76 -60.23
CA PRO I 88 -31.26 37.46 -59.36
C PRO I 88 -31.88 38.05 -58.10
N GLU I 89 -33.20 38.26 -58.09
CA GLU I 89 -33.88 38.75 -56.89
C GLU I 89 -33.92 37.70 -55.78
N ASP I 90 -33.58 36.44 -56.07
CA ASP I 90 -33.63 35.37 -55.10
C ASP I 90 -32.37 35.26 -54.25
N THR I 91 -31.40 36.14 -54.45
CA THR I 91 -30.16 36.12 -53.68
C THR I 91 -30.46 36.53 -52.24
N ALA I 92 -30.32 35.59 -51.30
CA ALA I 92 -30.63 35.84 -49.90
C ALA I 92 -30.18 34.65 -49.06
N VAL I 93 -30.32 34.81 -47.75
CA VAL I 93 -30.14 33.72 -46.80
C VAL I 93 -31.51 33.23 -46.38
N TYR I 94 -31.72 31.91 -46.43
CA TYR I 94 -33.03 31.32 -46.27
C TYR I 94 -33.11 30.65 -44.90
N TYR I 95 -34.24 30.86 -44.21
CA TYR I 95 -34.47 30.34 -42.87
C TYR I 95 -35.87 29.76 -42.78
N CYS I 96 -36.05 28.77 -41.91
CA CYS I 96 -37.32 28.08 -41.75
C CYS I 96 -37.77 28.11 -40.29
N HIS I 97 -39.03 28.47 -40.06
CA HIS I 97 -39.54 28.46 -38.70
C HIS I 97 -40.43 27.25 -38.50
N LEU I 98 -40.53 26.82 -37.24
CA LEU I 98 -41.44 25.79 -36.77
C LEU I 98 -42.55 26.43 -35.94
N GLN I 99 -43.53 25.60 -35.56
CA GLN I 99 -44.74 26.10 -34.91
C GLN I 99 -44.90 25.43 -33.54
N VAL I 100 -43.85 25.47 -32.73
CA VAL I 100 -44.02 24.99 -31.35
C VAL I 100 -45.07 25.84 -30.65
N PRO I 101 -46.05 25.24 -29.96
CA PRO I 101 -47.18 26.02 -29.40
C PRO I 101 -46.91 26.54 -27.99
N PHE I 102 -46.07 27.57 -27.90
CA PHE I 102 -45.80 28.21 -26.61
C PHE I 102 -46.83 29.27 -26.31
N LEU I 103 -47.47 29.16 -25.14
CA LEU I 103 -48.38 30.18 -24.63
C LEU I 103 -49.47 30.50 -25.65
N GLY I 104 -50.02 29.45 -26.26
CA GLY I 104 -50.98 29.60 -27.34
C GLY I 104 -50.36 29.67 -28.72
N GLY I 105 -49.04 29.69 -28.82
CA GLY I 105 -48.37 29.73 -30.12
C GLY I 105 -47.29 30.79 -30.19
N GLY I 106 -46.08 30.39 -30.55
CA GLY I 106 -45.00 31.34 -30.68
C GLY I 106 -43.65 30.68 -30.47
N TYR I 107 -42.62 31.52 -30.45
CA TYR I 107 -41.22 31.12 -30.25
C TYR I 107 -40.78 30.11 -31.33
N ASP I 108 -40.77 30.61 -32.55
CA ASP I 108 -40.28 29.84 -33.70
C ASP I 108 -38.75 29.73 -33.66
N TYR I 109 -38.21 28.90 -34.55
CA TYR I 109 -36.83 28.42 -34.48
C TYR I 109 -36.14 28.50 -35.84
N TRP I 110 -36.11 29.67 -36.48
CA TRP I 110 -35.34 29.85 -37.70
C TRP I 110 -33.91 30.33 -37.45
N GLY I 111 -33.33 30.00 -36.29
CA GLY I 111 -32.07 30.60 -35.89
C GLY I 111 -30.94 30.46 -36.89
N GLN I 112 -30.98 29.42 -37.72
CA GLN I 112 -29.93 29.19 -38.70
C GLN I 112 -30.52 28.98 -40.09
N GLY I 113 -29.79 29.43 -41.11
CA GLY I 113 -30.24 29.31 -42.48
C GLY I 113 -29.10 29.06 -43.46
N THR I 114 -29.42 29.05 -44.76
CA THR I 114 -28.44 28.74 -45.80
C THR I 114 -28.36 29.89 -46.79
N GLN I 115 -27.15 30.25 -47.19
CA GLN I 115 -26.94 31.32 -48.16
C GLN I 115 -27.11 30.79 -49.58
N VAL I 116 -28.01 31.41 -50.34
CA VAL I 116 -28.25 31.05 -51.74
C VAL I 116 -28.11 32.32 -52.56
N THR I 117 -27.16 32.33 -53.49
CA THR I 117 -26.92 33.46 -54.38
C THR I 117 -27.20 33.05 -55.82
N VAL I 118 -28.03 33.82 -56.50
CA VAL I 118 -28.41 33.54 -57.88
C VAL I 118 -27.82 34.66 -58.74
N SER I 119 -26.72 34.37 -59.42
CA SER I 119 -26.09 35.33 -60.30
C SER I 119 -25.33 34.58 -61.39
N SER I 120 -25.17 35.23 -62.55
CA SER I 120 -24.46 34.61 -63.65
C SER I 120 -22.96 34.47 -63.39
N GLY I 121 -22.45 35.12 -62.35
CA GLY I 121 -21.04 35.00 -62.01
C GLY I 121 -20.83 34.71 -60.53
N GLN J 3 6.21 30.74 -5.85
CA GLN J 3 7.55 30.19 -5.60
C GLN J 3 8.49 30.51 -6.75
N VAL J 4 8.00 31.26 -7.74
CA VAL J 4 8.81 31.67 -8.88
C VAL J 4 9.73 32.79 -8.43
N GLN J 5 11.00 32.48 -8.20
CA GLN J 5 11.96 33.43 -7.68
C GLN J 5 13.13 33.59 -8.65
N LEU J 6 13.56 34.82 -8.86
CA LEU J 6 14.78 35.14 -9.57
C LEU J 6 15.71 35.90 -8.64
N GLN J 7 16.95 35.44 -8.52
CA GLN J 7 17.91 36.02 -7.60
C GLN J 7 19.14 36.50 -8.36
N GLU J 8 19.57 37.73 -8.07
CA GLU J 8 20.76 38.30 -8.69
C GLU J 8 21.93 38.16 -7.72
N SER J 9 22.97 37.45 -8.15
CA SER J 9 24.14 37.20 -7.32
C SER J 9 25.41 37.47 -8.12
N GLY J 10 26.37 38.15 -7.50
CA GLY J 10 27.65 38.42 -8.13
C GLY J 10 28.00 39.88 -8.26
N GLY J 11 27.18 40.82 -7.77
CA GLY J 11 27.49 42.22 -7.88
C GLY J 11 28.47 42.70 -6.82
N GLY J 12 28.89 43.95 -6.96
CA GLY J 12 29.81 44.54 -6.00
C GLY J 12 30.38 45.83 -6.54
N LEU J 13 31.37 46.34 -5.81
CA LEU J 13 32.08 47.56 -6.18
C LEU J 13 33.36 47.17 -6.89
N VAL J 14 33.53 47.64 -8.14
CA VAL J 14 34.65 47.26 -8.97
C VAL J 14 35.33 48.49 -9.53
N GLN J 15 36.61 48.35 -9.85
CA GLN J 15 37.42 49.40 -10.44
C GLN J 15 37.17 49.46 -11.96
N PRO J 16 37.16 50.66 -12.55
CA PRO J 16 37.03 50.74 -14.01
C PRO J 16 38.15 50.00 -14.71
N GLY J 17 37.81 49.33 -15.81
CA GLY J 17 38.74 48.48 -16.52
C GLY J 17 38.84 47.07 -16.01
N GLY J 18 38.13 46.74 -14.92
CA GLY J 18 38.14 45.41 -14.37
C GLY J 18 37.09 44.51 -14.99
N SER J 19 36.67 43.50 -14.22
CA SER J 19 35.69 42.55 -14.70
C SER J 19 34.88 42.02 -13.53
N LEU J 20 33.70 41.50 -13.84
CA LEU J 20 32.82 40.91 -12.84
C LEU J 20 31.87 39.95 -13.53
N ARG J 21 31.29 39.05 -12.74
CA ARG J 21 30.35 38.06 -13.24
C ARG J 21 29.07 38.10 -12.42
N LEU J 22 27.93 37.99 -13.10
CA LEU J 22 26.63 37.97 -12.46
C LEU J 22 25.99 36.60 -12.63
N SER J 23 25.27 36.15 -11.61
CA SER J 23 24.56 34.88 -11.64
C SER J 23 23.10 35.12 -11.31
N CYS J 24 22.21 34.72 -12.21
CA CYS J 24 20.77 34.78 -11.99
C CYS J 24 20.28 33.37 -11.68
N ALA J 25 19.71 33.20 -10.49
CA ALA J 25 19.29 31.90 -10.00
C ALA J 25 17.77 31.81 -10.00
N ALA J 26 17.25 30.69 -10.50
CA ALA J 26 15.82 30.45 -10.59
C ALA J 26 15.45 29.26 -9.72
N SER J 27 14.40 29.43 -8.92
CA SER J 27 13.88 28.36 -8.06
C SER J 27 12.37 28.29 -8.20
N GLY J 28 11.84 27.08 -8.07
CA GLY J 28 10.41 26.86 -8.15
C GLY J 28 9.85 26.73 -9.55
N PHE J 29 10.67 26.87 -10.58
CA PHE J 29 10.22 26.76 -11.96
C PHE J 29 11.43 26.53 -12.85
N THR J 30 11.16 26.16 -14.10
CA THR J 30 12.21 25.84 -15.06
C THR J 30 12.58 27.10 -15.83
N LEU J 31 13.82 27.57 -15.65
CA LEU J 31 14.31 28.73 -16.38
C LEU J 31 14.70 28.41 -17.81
N ASP J 32 14.85 27.13 -18.14
CA ASP J 32 15.20 26.75 -19.51
C ASP J 32 14.11 27.15 -20.49
N TYR J 33 12.86 27.05 -20.09
CA TYR J 33 11.74 27.39 -20.97
C TYR J 33 11.54 28.88 -21.13
N TYR J 34 12.28 29.70 -20.39
CA TYR J 34 12.10 31.15 -20.40
C TYR J 34 13.33 31.83 -21.00
N ALA J 35 13.09 32.86 -21.81
CA ALA J 35 14.16 33.70 -22.34
C ALA J 35 14.47 34.79 -21.33
N ILE J 36 15.76 35.04 -21.10
CA ILE J 36 16.22 35.90 -20.02
C ILE J 36 16.88 37.14 -20.62
N GLY J 37 16.57 38.30 -20.04
CA GLY J 37 17.19 39.54 -20.43
C GLY J 37 17.49 40.43 -19.23
N TRP J 38 18.76 40.81 -19.08
CA TRP J 38 19.17 41.64 -17.96
C TRP J 38 18.78 43.10 -18.20
N PHE J 39 18.52 43.81 -17.10
CA PHE J 39 18.13 45.21 -17.17
C PHE J 39 18.85 45.99 -16.06
N ARG J 40 19.13 47.26 -16.34
CA ARG J 40 19.80 48.14 -15.40
C ARG J 40 19.02 49.43 -15.24
N GLN J 41 18.95 49.95 -14.02
CA GLN J 41 18.34 51.24 -13.74
C GLN J 41 19.28 52.00 -12.79
N ALA J 42 20.13 52.86 -13.36
CA ALA J 42 21.02 53.66 -12.56
C ALA J 42 20.23 54.75 -11.82
N PRO J 43 20.78 55.25 -10.71
CA PRO J 43 20.12 56.38 -10.01
C PRO J 43 19.97 57.59 -10.93
N GLY J 44 18.73 57.96 -11.24
CA GLY J 44 18.47 59.04 -12.16
C GLY J 44 18.36 58.63 -13.62
N LYS J 45 18.44 57.33 -13.92
CA LYS J 45 18.34 56.84 -15.29
C LYS J 45 17.25 55.77 -15.37
N GLU J 46 16.62 55.69 -16.55
CA GLU J 46 15.56 54.73 -16.77
C GLU J 46 16.15 53.36 -17.10
N ARG J 47 15.30 52.33 -17.00
CA ARG J 47 15.72 50.96 -17.24
C ARG J 47 16.07 50.78 -18.71
N GLU J 48 17.35 50.53 -19.00
CA GLU J 48 17.82 50.26 -20.35
C GLU J 48 18.28 48.81 -20.46
N GLY J 49 17.93 48.17 -21.57
CA GLY J 49 18.24 46.77 -21.76
C GLY J 49 19.72 46.45 -21.78
N VAL J 50 20.17 45.54 -20.90
CA VAL J 50 21.56 45.12 -20.91
C VAL J 50 21.84 44.20 -22.08
N SER J 51 21.17 43.04 -22.08
CA SER J 51 21.39 42.00 -23.07
C SER J 51 20.34 40.91 -22.85
N CYS J 52 19.92 40.27 -23.94
CA CYS J 52 18.88 39.26 -23.91
C CYS J 52 19.38 37.98 -24.54
N ILE J 53 19.05 36.85 -23.89
CA ILE J 53 19.40 35.52 -24.40
C ILE J 53 18.12 34.68 -24.45
N SER J 54 17.96 33.92 -25.52
CA SER J 54 16.75 33.15 -25.72
C SER J 54 16.72 31.95 -24.79
N SER J 55 15.59 31.25 -24.79
CA SER J 55 15.43 30.06 -23.96
C SER J 55 16.41 28.96 -24.37
N SER J 56 16.58 28.76 -25.68
CA SER J 56 17.52 27.77 -26.18
C SER J 56 18.97 28.23 -26.13
N GLY J 57 19.19 29.54 -26.02
CA GLY J 57 20.53 30.09 -25.96
C GLY J 57 21.19 30.31 -27.31
N GLY J 58 20.54 29.97 -28.41
CA GLY J 58 21.11 30.16 -29.73
C GLY J 58 20.97 31.56 -30.28
N ARG J 59 20.20 32.42 -29.63
CA ARG J 59 19.99 33.79 -30.06
C ARG J 59 20.36 34.73 -28.92
N THR J 60 21.17 35.75 -29.24
CA THR J 60 21.69 36.66 -28.24
C THR J 60 21.46 38.10 -28.67
N ASN J 61 21.09 38.94 -27.72
CA ASN J 61 20.90 40.36 -27.92
C ASN J 61 21.91 41.14 -27.09
N TYR J 62 22.33 42.30 -27.60
CA TYR J 62 23.29 43.13 -26.91
C TYR J 62 22.94 44.60 -27.11
N ALA J 63 23.42 45.43 -26.20
CA ALA J 63 23.24 46.88 -26.27
C ALA J 63 24.52 47.53 -26.77
N ASP J 64 24.37 48.53 -27.64
CA ASP J 64 25.52 49.21 -28.22
C ASP J 64 26.37 49.90 -27.15
N SER J 65 25.75 50.31 -26.04
CA SER J 65 26.51 50.89 -24.94
C SER J 65 27.43 49.88 -24.28
N VAL J 66 27.14 48.58 -24.39
CA VAL J 66 27.96 47.54 -23.81
C VAL J 66 28.31 46.50 -24.87
N LYS J 67 28.22 46.89 -26.13
CA LYS J 67 28.58 45.97 -27.22
C LYS J 67 30.09 45.73 -27.22
N GLY J 68 30.47 44.47 -27.20
CA GLY J 68 31.87 44.10 -27.13
C GLY J 68 32.46 44.09 -25.74
N ARG J 69 31.69 44.43 -24.71
CA ARG J 69 32.15 44.44 -23.33
C ARG J 69 31.37 43.50 -22.42
N PHE J 70 30.07 43.36 -22.64
CA PHE J 70 29.22 42.50 -21.84
C PHE J 70 28.93 41.21 -22.59
N THR J 71 29.13 40.08 -21.92
CA THR J 71 28.92 38.76 -22.50
C THR J 71 27.86 38.01 -21.71
N ILE J 72 26.95 37.34 -22.41
CA ILE J 72 25.86 36.61 -21.79
C ILE J 72 25.99 35.14 -22.12
N SER J 73 25.82 34.29 -21.10
CA SER J 73 25.78 32.85 -21.27
C SER J 73 24.78 32.29 -20.27
N ARG J 74 24.22 31.13 -20.59
CA ARG J 74 23.25 30.48 -19.74
C ARG J 74 23.60 29.01 -19.56
N ASP J 75 23.30 28.51 -18.36
CA ASP J 75 23.48 27.10 -18.02
C ASP J 75 22.11 26.55 -17.68
N ASN J 76 21.39 26.08 -18.70
CA ASN J 76 20.03 25.57 -18.49
C ASN J 76 20.04 24.32 -17.61
N THR J 77 21.12 23.55 -17.64
CA THR J 77 21.24 22.41 -16.74
C THR J 77 21.27 22.86 -15.29
N LYS J 78 22.00 23.95 -15.00
CA LYS J 78 22.07 24.52 -13.67
C LYS J 78 21.02 25.60 -13.42
N ASN J 79 20.14 25.85 -14.39
CA ASN J 79 19.04 26.81 -14.24
C ASN J 79 19.57 28.21 -13.92
N THR J 80 20.69 28.58 -14.54
CA THR J 80 21.33 29.86 -14.28
C THR J 80 21.71 30.52 -15.60
N VAL J 81 21.65 31.85 -15.62
CA VAL J 81 22.08 32.66 -16.75
C VAL J 81 23.13 33.63 -16.25
N TYR J 82 24.27 33.67 -16.93
CA TYR J 82 25.41 34.47 -16.50
C TYR J 82 25.63 35.64 -17.44
N LEU J 83 25.91 36.81 -16.87
CA LEU J 83 26.26 38.01 -17.63
C LEU J 83 27.70 38.38 -17.27
N GLN J 84 28.62 38.14 -18.20
CA GLN J 84 30.02 38.43 -17.98
C GLN J 84 30.33 39.84 -18.46
N MET J 85 30.92 40.64 -17.59
CA MET J 85 31.20 42.05 -17.87
C MET J 85 32.71 42.28 -17.86
N ASN J 86 33.22 42.91 -18.91
CA ASN J 86 34.63 43.21 -19.05
C ASN J 86 34.80 44.67 -19.45
N SER J 87 35.95 45.25 -19.07
CA SER J 87 36.28 46.64 -19.36
C SER J 87 35.19 47.58 -18.85
N LEU J 88 35.02 47.58 -17.53
CA LEU J 88 33.92 48.29 -16.90
C LEU J 88 34.19 49.79 -16.89
N LYS J 89 33.11 50.56 -16.92
CA LYS J 89 33.13 52.02 -16.91
C LYS J 89 32.22 52.53 -15.81
N PRO J 90 32.46 53.74 -15.31
CA PRO J 90 31.57 54.31 -14.29
C PRO J 90 30.14 54.49 -14.76
N GLU J 91 29.91 54.55 -16.07
CA GLU J 91 28.55 54.66 -16.59
C GLU J 91 27.69 53.44 -16.29
N ASP J 92 28.32 52.31 -15.93
CA ASP J 92 27.60 51.07 -15.67
C ASP J 92 27.19 50.92 -14.21
N THR J 93 27.42 51.94 -13.38
CA THR J 93 27.02 51.89 -11.98
C THR J 93 25.51 51.90 -11.90
N ALA J 94 24.91 50.74 -11.67
CA ALA J 94 23.46 50.61 -11.64
C ALA J 94 23.09 49.30 -10.95
N VAL J 95 21.86 49.24 -10.46
CA VAL J 95 21.30 47.99 -9.95
C VAL J 95 20.81 47.17 -11.14
N TYR J 96 21.06 45.87 -11.10
CA TYR J 96 20.85 44.99 -12.25
C TYR J 96 19.79 43.95 -11.92
N TYR J 97 18.82 43.80 -12.83
CA TYR J 97 17.77 42.82 -12.69
C TYR J 97 17.80 41.86 -13.87
N CYS J 98 17.48 40.59 -13.60
CA CYS J 98 17.31 39.59 -14.63
C CYS J 98 15.83 39.19 -14.68
N ALA J 99 15.27 39.13 -15.89
CA ALA J 99 13.85 38.91 -16.06
C ALA J 99 13.61 37.83 -17.11
N ALA J 100 12.47 37.15 -17.00
CA ALA J 100 12.11 36.03 -17.87
C ALA J 100 10.82 36.35 -18.61
N TRP J 101 10.83 36.14 -19.92
CA TRP J 101 9.65 36.31 -20.74
C TRP J 101 9.82 35.53 -22.04
N GLU J 102 8.71 35.33 -22.75
CA GLU J 102 8.69 34.49 -23.94
C GLU J 102 8.92 35.33 -25.19
N ALA J 103 8.90 34.66 -26.34
CA ALA J 103 9.07 35.35 -27.61
C ALA J 103 7.87 36.27 -27.88
N SER J 104 8.15 37.52 -28.21
CA SER J 104 7.11 38.52 -28.39
C SER J 104 6.56 38.59 -29.80
N ARG J 105 7.19 37.90 -30.75
CA ARG J 105 6.83 38.04 -32.15
C ARG J 105 7.40 36.84 -32.91
N TRP J 106 7.22 36.86 -34.22
CA TRP J 106 7.94 35.94 -35.09
C TRP J 106 9.41 36.34 -35.12
N TYR J 107 10.21 35.49 -35.79
CA TYR J 107 11.66 35.62 -35.87
C TYR J 107 12.30 35.24 -34.53
N CYS J 108 13.47 34.62 -34.58
CA CYS J 108 14.11 34.07 -33.39
C CYS J 108 14.76 35.12 -32.48
N PRO J 109 15.57 36.06 -33.00
CA PRO J 109 16.24 37.02 -32.11
C PRO J 109 15.25 37.89 -31.36
N LEU J 110 15.65 38.31 -30.16
CA LEU J 110 14.82 39.09 -29.26
C LEU J 110 15.42 40.47 -29.00
N GLN J 111 15.90 41.13 -30.06
CA GLN J 111 16.46 42.47 -29.89
C GLN J 111 15.39 43.51 -29.57
N PHE J 112 14.13 43.24 -29.93
CA PHE J 112 13.04 44.13 -29.57
C PHE J 112 12.64 43.90 -28.12
N SER J 113 12.58 44.98 -27.34
CA SER J 113 12.17 44.89 -25.95
C SER J 113 10.68 44.65 -25.84
N ALA J 114 10.27 44.03 -24.73
CA ALA J 114 8.87 43.73 -24.48
C ALA J 114 8.65 43.69 -22.98
N ASP J 115 7.49 43.19 -22.57
CA ASP J 115 7.18 43.07 -21.15
C ASP J 115 7.97 41.92 -20.53
N PHE J 116 8.20 42.02 -19.21
CA PHE J 116 9.01 41.05 -18.48
C PHE J 116 8.23 40.55 -17.28
N SER J 117 8.26 39.23 -17.07
CA SER J 117 7.39 38.61 -16.06
C SER J 117 7.98 38.70 -14.66
N SER J 118 9.11 38.05 -14.43
CA SER J 118 9.67 37.87 -13.10
C SER J 118 10.86 38.78 -12.91
N TRP J 119 10.70 39.80 -12.06
CA TRP J 119 11.78 40.71 -11.71
C TRP J 119 12.43 40.24 -10.41
N GLY J 120 13.75 40.11 -10.43
CA GLY J 120 14.48 39.66 -9.27
C GLY J 120 14.70 40.76 -8.25
N GLN J 121 15.35 40.38 -7.15
CA GLN J 121 15.68 41.37 -6.12
C GLN J 121 16.66 42.41 -6.64
N GLY J 122 17.64 41.97 -7.40
CA GLY J 122 18.57 42.91 -8.02
C GLY J 122 19.80 43.14 -7.18
N THR J 123 20.93 43.36 -7.86
CA THR J 123 22.19 43.68 -7.22
C THR J 123 22.75 44.96 -7.82
N GLN J 124 23.27 45.83 -6.96
CA GLN J 124 23.86 47.09 -7.40
C GLN J 124 25.36 46.89 -7.62
N VAL J 125 25.81 47.16 -8.84
CA VAL J 125 27.22 47.07 -9.21
C VAL J 125 27.73 48.49 -9.39
N THR J 126 28.71 48.87 -8.59
CA THR J 126 29.23 50.23 -8.58
C THR J 126 30.62 50.25 -9.19
N VAL J 127 30.85 51.18 -10.12
CA VAL J 127 32.14 51.37 -10.76
C VAL J 127 32.59 52.80 -10.47
N SER J 128 33.63 52.93 -9.64
CA SER J 128 34.15 54.24 -9.27
C SER J 128 35.53 54.12 -8.64
N SER J 129 36.47 54.93 -9.12
CA SER J 129 37.83 54.92 -8.58
C SER J 129 38.54 56.24 -8.86
N GLN K 3 18.47 47.84 29.55
CA GLN K 3 19.37 48.75 28.87
C GLN K 3 20.75 48.78 29.55
N VAL K 4 21.72 48.11 28.93
CA VAL K 4 23.07 48.04 29.46
C VAL K 4 23.87 49.19 28.88
N GLN K 5 24.44 50.03 29.75
CA GLN K 5 25.21 51.19 29.34
C GLN K 5 26.70 50.89 29.47
N LEU K 6 27.42 51.07 28.38
CA LEU K 6 28.85 50.78 28.33
C LEU K 6 29.61 52.08 28.54
N GLN K 7 30.23 52.23 29.72
CA GLN K 7 30.89 53.47 30.11
C GLN K 7 32.31 53.47 29.56
N GLU K 8 32.48 54.01 28.35
CA GLU K 8 33.77 54.05 27.69
C GLU K 8 34.50 55.36 27.99
N SER K 9 35.80 55.24 28.23
CA SER K 9 36.65 56.40 28.48
C SER K 9 38.11 55.98 28.33
N GLY K 10 38.96 56.94 27.99
CA GLY K 10 40.37 56.69 27.87
C GLY K 10 40.97 57.01 26.52
N GLY K 11 40.33 57.90 25.77
CA GLY K 11 40.84 58.35 24.49
C GLY K 11 41.67 59.62 24.60
N GLY K 12 42.15 60.07 23.46
CA GLY K 12 42.93 61.30 23.38
C GLY K 12 44.01 61.19 22.33
N LEU K 13 44.93 62.15 22.38
CA LEU K 13 46.04 62.23 21.45
C LEU K 13 47.32 61.76 22.13
N VAL K 14 48.07 60.91 21.43
CA VAL K 14 49.31 60.34 21.94
C VAL K 14 50.33 60.33 20.81
N GLN K 15 51.59 60.60 21.13
CA GLN K 15 52.63 60.55 20.12
C GLN K 15 52.96 59.11 19.76
N ALA K 16 53.71 58.95 18.65
CA ALA K 16 54.06 57.62 18.18
C ALA K 16 54.92 56.89 19.21
N GLY K 17 54.63 55.60 19.40
CA GLY K 17 55.33 54.81 20.40
C GLY K 17 54.86 55.03 21.82
N GLY K 18 53.73 55.70 22.02
CA GLY K 18 53.22 55.99 23.33
C GLY K 18 52.36 54.87 23.88
N SER K 19 51.55 55.22 24.88
CA SER K 19 50.72 54.23 25.56
C SER K 19 49.48 54.90 26.11
N LEU K 20 48.41 54.13 26.23
CA LEU K 20 47.17 54.57 26.85
C LEU K 20 46.57 53.43 27.64
N ARG K 21 45.47 53.72 28.34
CA ARG K 21 44.77 52.72 29.15
C ARG K 21 43.27 52.94 28.96
N LEU K 22 42.69 52.21 28.01
CA LEU K 22 41.26 52.28 27.77
C LEU K 22 40.51 51.45 28.81
N SER K 23 39.21 51.75 28.95
CA SER K 23 38.40 51.06 29.94
C SER K 23 36.93 51.27 29.61
N CYS K 24 36.15 50.19 29.67
CA CYS K 24 34.70 50.27 29.53
C CYS K 24 34.06 49.37 30.58
N ALA K 25 33.00 49.87 31.21
CA ALA K 25 32.31 49.17 32.29
C ALA K 25 30.87 48.91 31.90
N ALA K 26 30.40 47.70 32.19
CA ALA K 26 29.02 47.31 31.92
C ALA K 26 28.21 47.51 33.21
N SER K 27 27.27 48.45 33.18
CA SER K 27 26.43 48.76 34.32
C SER K 27 25.04 48.12 34.22
N GLY K 28 24.84 47.22 33.27
CA GLY K 28 23.55 46.57 33.09
C GLY K 28 23.35 45.40 34.03
N SER K 29 22.26 44.67 33.78
CA SER K 29 21.93 43.53 34.62
C SER K 29 22.97 42.42 34.48
N ILE K 30 23.47 42.19 33.27
CA ILE K 30 24.50 41.21 33.00
C ILE K 30 24.03 39.83 33.45
N PHE K 31 23.12 39.24 32.69
CA PHE K 31 22.63 37.90 33.00
C PHE K 31 23.63 36.85 32.54
N SER K 32 23.86 35.85 33.40
CA SER K 32 24.63 34.66 33.04
C SER K 32 26.07 35.02 32.67
N PRO K 33 26.88 34.06 32.21
CA PRO K 33 28.20 34.42 31.66
C PRO K 33 28.08 35.41 30.52
N ASN K 34 29.06 36.32 30.46
CA ASN K 34 29.14 37.35 29.43
C ASN K 34 30.44 37.21 28.65
N THR K 35 30.51 37.91 27.53
CA THR K 35 31.73 37.98 26.73
C THR K 35 32.05 39.45 26.45
N MET K 36 33.30 39.82 26.68
CA MET K 36 33.75 41.20 26.59
C MET K 36 34.60 41.36 25.34
N GLY K 37 34.26 42.34 24.50
CA GLY K 37 34.92 42.52 23.23
C GLY K 37 35.21 43.97 22.94
N TRP K 38 36.21 44.18 22.08
CA TRP K 38 36.58 45.50 21.59
C TRP K 38 36.66 45.44 20.07
N PHE K 39 36.02 46.40 19.41
CA PHE K 39 35.98 46.46 17.96
C PHE K 39 36.61 47.76 17.46
N ARG K 40 37.37 47.67 16.38
CA ARG K 40 38.06 48.80 15.79
C ARG K 40 37.32 49.25 14.54
N GLN K 41 36.99 50.53 14.47
CA GLN K 41 36.23 51.10 13.35
C GLN K 41 36.93 52.36 12.88
N ALA K 42 37.40 52.34 11.63
CA ALA K 42 38.04 53.49 11.01
C ALA K 42 37.10 54.12 9.97
N LEU K 43 37.30 55.41 9.73
CA LEU K 43 36.49 56.11 8.75
C LEU K 43 36.71 55.52 7.36
N GLY K 44 35.61 55.28 6.65
CA GLY K 44 35.67 54.68 5.33
C GLY K 44 35.93 53.20 5.32
N LYS K 45 35.89 52.53 6.47
CA LYS K 45 36.15 51.10 6.57
C LYS K 45 35.06 50.43 7.39
N GLN K 46 35.19 49.13 7.57
CA GLN K 46 34.24 48.32 8.33
C GLN K 46 34.75 48.14 9.76
N ARG K 47 34.08 47.27 10.51
CA ARG K 47 34.48 46.97 11.89
C ARG K 47 35.42 45.78 11.91
N GLU K 48 36.54 45.94 12.60
CA GLU K 48 37.49 44.86 12.84
C GLU K 48 37.67 44.72 14.35
N MET K 49 37.44 43.52 14.88
CA MET K 49 37.52 43.34 16.32
C MET K 49 38.96 43.48 16.79
N VAL K 50 39.11 43.81 18.08
CA VAL K 50 40.43 43.84 18.70
C VAL K 50 40.63 42.56 19.49
N ALA K 51 39.76 42.31 20.46
CA ALA K 51 39.79 41.09 21.25
C ALA K 51 38.44 40.89 21.90
N VAL K 52 37.89 39.68 21.77
CA VAL K 52 36.58 39.35 22.30
C VAL K 52 36.78 38.30 23.39
N ILE K 53 37.88 38.43 24.14
CA ILE K 53 38.17 37.52 25.23
C ILE K 53 37.02 37.51 26.22
N SER K 54 36.55 36.31 26.55
CA SER K 54 35.48 36.14 27.53
C SER K 54 36.05 36.19 28.94
N SER K 55 35.17 36.11 29.94
CA SER K 55 35.61 36.18 31.32
C SER K 55 36.44 34.97 31.74
N ILE K 56 36.41 33.88 30.96
CA ILE K 56 37.08 32.65 31.36
C ILE K 56 38.34 32.42 30.55
N ALA K 57 38.18 32.24 29.24
CA ALA K 57 39.28 31.75 28.41
C ALA K 57 39.01 32.14 26.95
N SER K 58 39.72 31.48 26.04
CA SER K 58 39.66 31.57 24.57
C SER K 58 40.46 32.73 23.99
N THR K 59 41.09 33.57 24.80
CA THR K 59 42.02 34.59 24.31
C THR K 59 41.41 35.50 23.25
N GLN K 60 41.29 34.98 22.03
CA GLN K 60 40.68 35.70 20.91
C GLN K 60 41.42 37.00 20.59
N TYR K 61 42.68 36.85 20.18
CA TYR K 61 43.52 37.97 19.79
C TYR K 61 43.73 37.94 18.28
N ALA K 62 43.54 39.09 17.64
CA ALA K 62 43.68 39.18 16.20
C ALA K 62 45.16 39.23 15.80
N ASN K 63 45.41 38.98 14.51
CA ASN K 63 46.78 39.03 13.99
C ASN K 63 47.25 40.44 13.68
N PHE K 64 46.32 41.40 13.57
CA PHE K 64 46.69 42.75 13.18
C PHE K 64 47.51 43.44 14.27
N VAL K 65 47.15 43.23 15.53
CA VAL K 65 47.82 43.89 16.65
C VAL K 65 48.43 42.84 17.57
N LYS K 66 48.82 41.71 17.00
CA LYS K 66 49.40 40.62 17.81
C LYS K 66 50.72 41.05 18.44
N GLY K 67 50.88 40.73 19.72
CA GLY K 67 52.12 40.97 20.43
C GLY K 67 52.31 42.36 20.98
N ARG K 68 51.30 43.22 20.91
CA ARG K 68 51.42 44.59 21.40
C ARG K 68 50.37 44.97 22.42
N PHE K 69 49.13 44.53 22.25
CA PHE K 69 48.02 44.93 23.11
C PHE K 69 47.64 43.78 24.03
N THR K 70 47.25 44.11 25.25
CA THR K 70 46.79 43.14 26.24
C THR K 70 45.55 43.68 26.92
N ILE K 71 44.77 42.76 27.50
CA ILE K 71 43.49 43.07 28.13
C ILE K 71 43.53 42.60 29.57
N THR K 72 43.13 43.48 30.49
CA THR K 72 43.04 43.17 31.91
C THR K 72 41.59 43.22 32.34
N ARG K 73 41.18 42.24 33.16
CA ARG K 73 39.80 42.11 33.60
C ARG K 73 39.72 42.22 35.12
N ASP K 74 38.71 42.95 35.59
CA ASP K 74 38.43 43.08 37.03
C ASP K 74 37.12 42.35 37.31
N ASN K 75 37.22 41.22 38.01
CA ASN K 75 36.04 40.40 38.25
C ASN K 75 35.09 41.03 39.25
N THR K 76 35.61 41.88 40.15
CA THR K 76 34.78 42.47 41.19
C THR K 76 33.70 43.37 40.60
N LYS K 77 34.06 44.21 39.65
CA LYS K 77 33.14 45.16 39.05
C LYS K 77 32.76 44.81 37.62
N ASN K 78 33.20 43.66 37.11
CA ASN K 78 32.91 43.23 35.75
C ASN K 78 33.35 44.29 34.73
N THR K 79 34.59 44.74 34.88
CA THR K 79 35.15 45.78 34.02
C THR K 79 36.37 45.23 33.30
N VAL K 80 36.53 45.64 32.04
CA VAL K 80 37.65 45.22 31.20
C VAL K 80 38.41 46.47 30.75
N HIS K 81 39.72 46.46 30.94
CA HIS K 81 40.58 47.57 30.57
C HIS K 81 41.47 47.17 29.41
N LEU K 82 41.44 47.95 28.33
CA LEU K 82 42.23 47.68 27.13
C LEU K 82 43.56 48.41 27.27
N GLN K 83 44.62 47.66 27.60
CA GLN K 83 45.94 48.25 27.72
C GLN K 83 46.54 48.53 26.34
N MET K 84 47.14 49.70 26.20
CA MET K 84 47.54 50.27 24.93
C MET K 84 49.03 50.60 24.96
N ASN K 85 49.76 50.19 23.93
CA ASN K 85 51.20 50.42 23.88
C ASN K 85 51.72 50.16 22.47
N SER K 86 52.78 50.88 22.11
CA SER K 86 53.49 50.69 20.85
C SER K 86 52.56 50.78 19.64
N LEU K 87 51.75 51.83 19.62
CA LEU K 87 50.77 52.01 18.57
C LEU K 87 51.42 52.48 17.27
N ILE K 88 50.94 51.94 16.15
CA ILE K 88 51.40 52.32 14.81
C ILE K 88 50.28 53.13 14.16
N PRO K 89 50.60 54.26 13.51
CA PRO K 89 49.53 55.14 13.02
C PRO K 89 48.50 54.46 12.13
N GLU K 90 48.85 53.32 11.53
CA GLU K 90 47.87 52.56 10.77
C GLU K 90 46.75 52.03 11.68
N ASP K 91 47.04 51.82 12.96
CA ASP K 91 46.08 51.24 13.89
C ASP K 91 45.10 52.26 14.45
N THR K 92 45.28 53.54 14.16
CA THR K 92 44.39 54.56 14.73
C THR K 92 43.00 54.46 14.11
N ALA K 93 41.99 54.33 14.96
CA ALA K 93 40.60 54.23 14.55
C ALA K 93 39.73 54.45 15.78
N VAL K 94 38.43 54.27 15.62
CA VAL K 94 37.46 54.44 16.71
C VAL K 94 37.16 53.07 17.31
N TYR K 95 37.38 52.92 18.61
CA TYR K 95 37.15 51.67 19.31
C TYR K 95 35.83 51.73 20.07
N TYR K 96 35.10 50.61 20.04
CA TYR K 96 33.80 50.52 20.68
C TYR K 96 33.79 49.35 21.65
N CYS K 97 33.34 49.61 22.88
CA CYS K 97 33.14 48.53 23.84
C CYS K 97 32.01 47.62 23.37
N TYR K 98 32.15 46.32 23.62
CA TYR K 98 31.19 45.33 23.14
C TYR K 98 30.86 44.35 24.25
N ALA K 99 29.62 44.37 24.70
CA ALA K 99 29.12 43.43 25.71
C ALA K 99 28.20 42.43 25.03
N VAL K 100 28.51 41.15 25.16
CA VAL K 100 27.74 40.11 24.49
C VAL K 100 26.55 39.66 25.34
N ASP K 101 26.80 39.39 26.62
CA ASP K 101 25.77 38.97 27.56
C ASP K 101 25.10 37.68 27.10
N LYS K 102 23.96 37.34 27.71
CA LYS K 102 23.20 36.15 27.33
C LYS K 102 22.00 36.48 26.46
N SER K 103 21.32 37.60 26.72
CA SER K 103 20.12 37.95 25.96
C SER K 103 20.49 38.58 24.61
N GLN K 104 21.19 39.71 24.64
CA GLN K 104 21.52 40.42 23.41
C GLN K 104 22.82 41.20 23.62
N ASP K 105 23.40 41.64 22.51
CA ASP K 105 24.66 42.37 22.53
C ASP K 105 24.41 43.87 22.58
N TYR K 106 25.38 44.59 23.16
CA TYR K 106 25.30 46.03 23.32
C TYR K 106 26.60 46.66 22.83
N TRP K 107 26.52 47.96 22.52
CA TRP K 107 27.64 48.71 21.99
C TRP K 107 27.82 50.01 22.76
N GLY K 108 29.06 50.48 22.81
CA GLY K 108 29.38 51.72 23.49
C GLY K 108 29.18 52.94 22.62
N GLN K 109 29.64 54.08 23.13
CA GLN K 109 29.53 55.35 22.43
C GLN K 109 30.78 55.71 21.65
N GLY K 110 31.80 54.85 21.64
CA GLY K 110 33.00 55.10 20.87
C GLY K 110 34.05 55.92 21.59
N THR K 111 35.32 55.53 21.43
CA THR K 111 36.45 56.25 22.01
C THR K 111 37.41 56.61 20.89
N GLN K 112 37.72 57.89 20.77
CA GLN K 112 38.59 58.36 19.70
C GLN K 112 40.06 58.09 20.04
N VAL K 113 40.77 57.49 19.09
CA VAL K 113 42.20 57.26 19.21
C VAL K 113 42.88 57.80 17.95
N THR K 114 43.84 58.70 18.13
CA THR K 114 44.54 59.31 17.02
C THR K 114 46.00 59.53 17.40
N VAL K 115 46.90 58.88 16.68
CA VAL K 115 48.34 58.99 16.91
C VAL K 115 49.02 59.24 15.57
N SER K 116 49.82 60.30 15.51
CA SER K 116 50.57 60.63 14.31
C SER K 116 51.76 61.50 14.70
N SER K 117 52.72 61.59 13.79
CA SER K 117 53.93 62.38 14.02
C SER K 117 54.53 62.84 12.69
N GLN L 3 67.37 11.81 -22.22
CA GLN L 3 68.47 12.75 -22.15
C GLN L 3 69.26 12.78 -23.46
N VAL L 4 68.75 13.54 -24.43
CA VAL L 4 69.43 13.68 -25.71
C VAL L 4 70.69 14.53 -25.52
N GLN L 5 71.82 14.00 -25.97
CA GLN L 5 73.12 14.65 -25.79
C GLN L 5 73.70 15.02 -27.15
N LEU L 6 74.19 16.25 -27.26
CA LEU L 6 74.80 16.76 -28.50
C LEU L 6 76.29 16.94 -28.26
N GLN L 7 77.10 16.31 -29.11
CA GLN L 7 78.56 16.38 -29.01
C GLN L 7 79.07 17.44 -29.99
N GLU L 8 79.70 18.47 -29.45
CA GLU L 8 80.20 19.59 -30.23
C GLU L 8 81.72 19.53 -30.33
N SER L 9 82.25 19.61 -31.54
CA SER L 9 83.69 19.58 -31.76
C SER L 9 83.99 20.23 -33.11
N GLY L 10 85.24 20.64 -33.26
CA GLY L 10 85.68 21.26 -34.50
C GLY L 10 86.12 22.70 -34.35
N GLY L 11 86.27 23.15 -33.12
CA GLY L 11 86.75 24.49 -32.84
C GLY L 11 88.26 24.58 -32.81
N GLY L 12 88.75 25.73 -32.37
CA GLY L 12 90.17 25.96 -32.24
C GLY L 12 90.52 27.35 -32.72
N LEU L 13 91.82 27.58 -32.89
CA LEU L 13 92.36 28.86 -33.32
C LEU L 13 92.81 28.76 -34.78
N VAL L 14 92.32 29.67 -35.61
CA VAL L 14 92.64 29.69 -37.04
C VAL L 14 92.93 31.14 -37.43
N GLN L 15 93.95 31.33 -38.25
CA GLN L 15 94.32 32.67 -38.70
C GLN L 15 93.24 33.25 -39.61
N ALA L 16 93.44 34.50 -40.03
CA ALA L 16 92.46 35.18 -40.86
C ALA L 16 92.39 34.53 -42.24
N GLY L 17 91.16 34.37 -42.74
CA GLY L 17 90.94 33.77 -44.04
C GLY L 17 90.95 32.27 -44.06
N GLY L 18 91.05 31.61 -42.90
CA GLY L 18 91.08 30.17 -42.83
C GLY L 18 89.70 29.55 -42.83
N SER L 19 89.67 28.24 -42.58
CA SER L 19 88.43 27.47 -42.58
C SER L 19 88.35 26.63 -41.31
N LEU L 20 87.13 26.51 -40.78
CA LEU L 20 86.86 25.70 -39.61
C LEU L 20 85.66 24.80 -39.89
N ARG L 21 85.68 23.61 -39.30
CA ARG L 21 84.65 22.60 -39.53
C ARG L 21 84.06 22.17 -38.20
N LEU L 22 82.93 22.74 -37.82
CA LEU L 22 82.21 22.37 -36.61
C LEU L 22 81.28 21.20 -36.88
N SER L 23 80.82 20.55 -35.81
CA SER L 23 79.95 19.40 -35.94
C SER L 23 79.18 19.19 -34.64
N CYS L 24 77.92 18.77 -34.77
CA CYS L 24 77.10 18.36 -33.63
C CYS L 24 76.27 17.16 -34.05
N ALA L 25 76.17 16.18 -33.15
CA ALA L 25 75.46 14.94 -33.43
C ALA L 25 74.39 14.71 -32.37
N ALA L 26 73.22 14.24 -32.79
CA ALA L 26 72.10 13.96 -31.91
C ALA L 26 72.03 12.46 -31.68
N SER L 27 72.18 12.04 -30.42
CA SER L 27 72.19 10.63 -30.06
C SER L 27 70.94 10.21 -29.28
N GLY L 28 69.93 11.07 -29.18
CA GLY L 28 68.74 10.79 -28.42
C GLY L 28 67.66 10.10 -29.23
N SER L 29 66.46 10.06 -28.64
CA SER L 29 65.32 9.42 -29.30
C SER L 29 64.93 10.14 -30.58
N ILE L 30 64.94 11.46 -30.57
CA ILE L 30 64.62 12.28 -31.73
C ILE L 30 63.22 11.96 -32.23
N PHE L 31 62.19 12.44 -31.52
CA PHE L 31 60.82 12.25 -31.95
C PHE L 31 60.56 13.02 -33.23
N SER L 32 60.05 12.32 -34.25
CA SER L 32 59.68 12.91 -35.55
C SER L 32 60.91 13.49 -36.24
N PRO L 33 60.78 13.96 -37.48
CA PRO L 33 61.87 14.77 -38.06
C PRO L 33 62.11 16.02 -37.23
N ASN L 34 63.37 16.38 -37.07
CA ASN L 34 63.77 17.48 -36.22
C ASN L 34 64.11 18.70 -37.07
N THR L 35 64.59 19.75 -36.42
CA THR L 35 65.00 20.99 -37.09
C THR L 35 66.27 21.48 -36.40
N MET L 36 67.41 21.23 -37.03
CA MET L 36 68.69 21.63 -36.46
C MET L 36 68.86 23.14 -36.50
N GLY L 37 69.69 23.66 -35.59
CA GLY L 37 69.96 25.08 -35.54
C GLY L 37 71.30 25.36 -34.90
N TRP L 38 71.72 26.62 -35.00
CA TRP L 38 72.98 27.07 -34.44
C TRP L 38 72.84 28.50 -33.95
N PHE L 39 73.51 28.81 -32.84
CA PHE L 39 73.45 30.13 -32.23
C PHE L 39 74.85 30.64 -31.96
N ARG L 40 75.07 31.93 -32.26
CA ARG L 40 76.33 32.61 -32.01
C ARG L 40 76.12 33.67 -30.95
N GLN L 41 76.93 33.61 -29.90
CA GLN L 41 76.83 34.57 -28.80
C GLN L 41 78.23 35.06 -28.43
N ALA L 42 78.49 36.34 -28.65
CA ALA L 42 79.74 36.93 -28.23
C ALA L 42 79.67 37.31 -26.74
N LEU L 43 80.84 37.34 -26.11
CA LEU L 43 80.92 37.72 -24.70
C LEU L 43 80.46 39.16 -24.52
N GLY L 44 79.30 39.34 -23.88
CA GLY L 44 78.71 40.65 -23.72
C GLY L 44 77.60 40.98 -24.69
N LYS L 45 77.15 40.02 -25.50
CA LYS L 45 76.10 40.24 -26.48
C LYS L 45 75.05 39.15 -26.33
N GLN L 46 73.96 39.30 -27.09
CA GLN L 46 72.87 38.33 -27.10
C GLN L 46 73.26 37.13 -27.97
N ARG L 47 72.32 36.23 -28.19
CA ARG L 47 72.53 35.09 -29.06
C ARG L 47 72.04 35.44 -30.47
N GLU L 48 72.97 35.44 -31.44
CA GLU L 48 72.67 35.71 -32.83
C GLU L 48 72.73 34.39 -33.59
N MET L 49 71.57 33.88 -33.98
CA MET L 49 71.51 32.61 -34.69
C MET L 49 72.18 32.73 -36.05
N VAL L 50 72.86 31.66 -36.46
CA VAL L 50 73.57 31.66 -37.74
C VAL L 50 72.70 31.02 -38.80
N ALA L 51 72.37 29.74 -38.62
CA ALA L 51 71.53 29.03 -39.57
C ALA L 51 70.76 27.93 -38.84
N VAL L 52 69.45 27.86 -39.10
CA VAL L 52 68.54 26.94 -38.41
C VAL L 52 67.84 26.08 -39.46
N ILE L 53 68.56 25.65 -40.48
CA ILE L 53 68.00 24.81 -41.52
C ILE L 53 67.21 23.67 -40.90
N SER L 54 66.01 23.43 -41.41
CA SER L 54 65.29 22.22 -41.04
C SER L 54 65.92 21.02 -41.72
N SER L 55 65.52 19.82 -41.29
CA SER L 55 66.02 18.62 -41.93
C SER L 55 65.50 18.47 -43.35
N ILE L 56 64.53 19.30 -43.76
CA ILE L 56 63.88 19.19 -45.06
C ILE L 56 64.24 20.36 -45.97
N ALA L 57 63.89 21.57 -45.58
CA ALA L 57 63.99 22.72 -46.49
C ALA L 57 64.00 24.02 -45.66
N SER L 58 63.69 25.13 -46.33
CA SER L 58 63.49 26.49 -45.81
C SER L 58 64.78 27.27 -45.60
N THR L 59 65.95 26.69 -45.86
CA THR L 59 67.22 27.42 -45.85
C THR L 59 67.49 28.10 -44.51
N GLN L 60 66.80 29.21 -44.23
CA GLN L 60 66.87 29.91 -42.95
C GLN L 60 68.31 30.34 -42.62
N TYR L 61 68.86 31.19 -43.46
CA TYR L 61 70.23 31.69 -43.30
C TYR L 61 70.21 33.16 -42.96
N ALA L 62 70.98 33.55 -41.94
CA ALA L 62 71.07 34.93 -41.52
C ALA L 62 71.92 35.74 -42.51
N ASN L 63 71.81 37.06 -42.42
CA ASN L 63 72.53 37.96 -43.29
C ASN L 63 73.88 38.40 -42.71
N PHE L 64 74.21 37.96 -41.49
CA PHE L 64 75.46 38.39 -40.87
C PHE L 64 76.67 37.88 -41.65
N VAL L 65 76.62 36.63 -42.09
CA VAL L 65 77.76 35.99 -42.75
C VAL L 65 77.32 35.46 -44.11
N LYS L 66 76.39 36.17 -44.74
CA LYS L 66 75.83 35.73 -46.01
C LYS L 66 76.91 35.53 -47.05
N GLY L 67 76.85 34.39 -47.74
CA GLY L 67 77.79 34.08 -48.80
C GLY L 67 79.10 33.47 -48.34
N ARG L 68 79.21 33.07 -47.08
CA ARG L 68 80.46 32.51 -46.60
C ARG L 68 80.30 31.15 -45.92
N PHE L 69 79.22 30.93 -45.18
CA PHE L 69 79.05 29.74 -44.36
C PHE L 69 77.98 28.83 -44.94
N THR L 70 78.28 27.52 -44.97
CA THR L 70 77.33 26.53 -45.45
C THR L 70 77.32 25.34 -44.48
N ILE L 71 76.20 24.62 -44.48
CA ILE L 71 75.98 23.50 -43.57
C ILE L 71 75.48 22.30 -44.37
N THR L 72 75.98 21.12 -44.03
CA THR L 72 75.62 19.88 -44.69
C THR L 72 74.83 18.98 -43.73
N ARG L 73 73.96 18.15 -44.29
CA ARG L 73 73.14 17.22 -43.53
C ARG L 73 73.46 15.79 -43.91
N ASP L 74 73.53 14.91 -42.91
CA ASP L 74 73.76 13.49 -43.10
C ASP L 74 72.60 12.74 -42.45
N ASN L 75 71.61 12.35 -43.27
CA ASN L 75 70.40 11.72 -42.73
C ASN L 75 70.64 10.28 -42.30
N THR L 76 71.76 9.68 -42.69
CA THR L 76 72.03 8.30 -42.30
C THR L 76 72.16 8.16 -40.77
N LYS L 77 72.85 9.12 -40.15
CA LYS L 77 73.03 9.12 -38.71
C LYS L 77 72.52 10.40 -38.05
N ASN L 78 71.83 11.26 -38.81
CA ASN L 78 71.30 12.53 -38.30
C ASN L 78 72.39 13.40 -37.70
N THR L 79 73.56 13.39 -38.33
CA THR L 79 74.69 14.20 -37.88
C THR L 79 74.73 15.52 -38.65
N VAL L 80 75.44 16.49 -38.07
CA VAL L 80 75.50 17.85 -38.58
C VAL L 80 76.94 18.29 -38.67
N HIS L 81 77.30 18.97 -39.75
CA HIS L 81 78.64 19.51 -39.94
C HIS L 81 78.54 20.92 -40.47
N LEU L 82 79.42 21.79 -39.98
CA LEU L 82 79.49 23.18 -40.41
C LEU L 82 80.74 23.40 -41.25
N GLN L 83 80.59 24.12 -42.35
CA GLN L 83 81.70 24.44 -43.25
C GLN L 83 81.89 25.96 -43.22
N MET L 84 82.77 26.41 -42.33
CA MET L 84 83.02 27.83 -42.14
C MET L 84 84.24 28.25 -42.96
N ASN L 85 84.09 29.30 -43.75
CA ASN L 85 85.17 29.77 -44.61
C ASN L 85 85.23 31.29 -44.58
N SER L 86 86.41 31.82 -44.90
CA SER L 86 86.68 33.26 -44.89
C SER L 86 86.36 33.86 -43.52
N LEU L 87 87.01 33.31 -42.50
CA LEU L 87 86.76 33.73 -41.12
C LEU L 87 87.24 35.16 -40.90
N ILE L 88 86.47 35.91 -40.12
CA ILE L 88 86.76 37.30 -39.81
C ILE L 88 86.71 37.47 -38.30
N PRO L 89 87.58 38.30 -37.70
CA PRO L 89 87.52 38.49 -36.24
C PRO L 89 86.18 39.00 -35.74
N GLU L 90 85.39 39.66 -36.58
CA GLU L 90 84.07 40.13 -36.15
C GLU L 90 83.11 38.97 -35.89
N ASP L 91 83.24 37.87 -36.64
CA ASP L 91 82.33 36.74 -36.54
C ASP L 91 82.74 35.73 -35.47
N THR L 92 83.85 35.94 -34.79
CA THR L 92 84.32 34.99 -33.78
C THR L 92 83.53 35.14 -32.50
N ALA L 93 82.95 34.04 -32.04
CA ALA L 93 82.17 33.99 -30.80
C ALA L 93 81.95 32.52 -30.45
N VAL L 94 81.13 32.29 -29.43
CA VAL L 94 80.82 30.94 -28.96
C VAL L 94 79.59 30.44 -29.71
N TYR L 95 79.68 29.22 -30.24
CA TYR L 95 78.62 28.63 -31.06
C TYR L 95 78.00 27.44 -30.35
N TYR L 96 76.68 27.34 -30.42
CA TYR L 96 75.92 26.26 -29.79
C TYR L 96 75.01 25.62 -30.83
N CYS L 97 75.07 24.28 -30.92
CA CYS L 97 74.17 23.55 -31.80
C CYS L 97 72.79 23.44 -31.18
N TYR L 98 71.76 23.66 -31.99
CA TYR L 98 70.37 23.70 -31.52
C TYR L 98 69.55 22.65 -32.26
N ALA L 99 68.82 21.83 -31.50
CA ALA L 99 67.97 20.78 -32.05
C ALA L 99 66.54 21.05 -31.62
N VAL L 100 65.67 21.34 -32.58
CA VAL L 100 64.28 21.65 -32.25
C VAL L 100 63.55 20.41 -31.74
N ASP L 101 63.69 19.29 -32.46
CA ASP L 101 63.00 18.04 -32.14
C ASP L 101 61.47 18.24 -32.12
N LYS L 102 60.74 17.27 -31.58
CA LYS L 102 59.29 17.37 -31.47
C LYS L 102 58.84 17.61 -30.04
N SER L 103 59.48 17.00 -29.05
CA SER L 103 59.10 17.16 -27.66
C SER L 103 59.71 18.43 -27.05
N GLN L 104 61.04 18.55 -27.07
CA GLN L 104 61.70 19.67 -26.43
C GLN L 104 63.01 19.96 -27.17
N ASP L 105 63.55 21.15 -26.93
CA ASP L 105 64.76 21.60 -27.61
C ASP L 105 65.93 21.67 -26.63
N TYR L 106 67.12 21.41 -27.17
CA TYR L 106 68.34 21.17 -26.40
C TYR L 106 69.44 22.13 -26.87
N TRP L 107 70.56 22.10 -26.15
CA TRP L 107 71.71 22.94 -26.48
C TRP L 107 72.99 22.16 -26.21
N GLY L 108 74.06 22.58 -26.87
CA GLY L 108 75.36 21.95 -26.72
C GLY L 108 76.09 22.44 -25.48
N GLN L 109 77.34 22.00 -25.36
CA GLN L 109 78.19 22.40 -24.25
C GLN L 109 79.04 23.63 -24.57
N GLY L 110 79.22 23.95 -25.85
CA GLY L 110 79.93 25.15 -26.23
C GLY L 110 81.23 24.84 -26.96
N THR L 111 81.48 25.58 -28.04
CA THR L 111 82.72 25.49 -28.80
C THR L 111 83.27 26.89 -29.00
N GLN L 112 84.60 27.02 -28.89
CA GLN L 112 85.26 28.31 -28.94
C GLN L 112 85.88 28.52 -30.32
N VAL L 113 85.51 29.62 -30.97
CA VAL L 113 86.05 30.00 -32.27
C VAL L 113 86.74 31.35 -32.11
N THR L 114 88.04 31.39 -32.39
CA THR L 114 88.83 32.61 -32.25
C THR L 114 89.72 32.77 -33.48
N VAL L 115 89.54 33.88 -34.20
CA VAL L 115 90.33 34.20 -35.38
C VAL L 115 90.87 35.61 -35.23
N SER L 116 92.18 35.77 -35.38
CA SER L 116 92.82 37.07 -35.27
C SER L 116 94.13 37.05 -36.03
N SER L 117 94.64 38.24 -36.33
CA SER L 117 95.90 38.38 -37.04
C SER L 117 96.65 39.63 -36.60
C1 NAG M . -52.11 -46.57 5.31
C2 NAG M . -53.45 -47.31 5.22
C3 NAG M . -54.02 -47.21 3.82
C4 NAG M . -54.10 -45.76 3.37
C5 NAG M . -52.74 -45.09 3.54
C6 NAG M . -52.76 -43.60 3.23
C7 NAG M . -53.30 -49.13 6.87
C8 NAG M . -53.12 -50.60 7.08
N2 NAG M . -53.29 -48.71 5.61
O3 NAG M . -55.33 -47.79 3.81
O4 NAG M . -54.48 -45.71 1.99
O5 NAG M . -52.30 -45.22 4.89
O6 NAG M . -51.49 -43.01 3.43
O7 NAG M . -53.45 -48.36 7.81
C1 NAG M . -55.71 -44.97 1.83
C2 NAG M . -55.80 -44.56 0.36
C3 NAG M . -57.10 -43.80 0.12
C4 NAG M . -58.30 -44.63 0.60
C5 NAG M . -58.10 -45.04 2.04
C6 NAG M . -59.19 -45.97 2.54
C7 NAG M . -53.86 -44.09 -1.06
C8 NAG M . -52.73 -43.15 -1.34
N2 NAG M . -54.67 -43.76 -0.05
O3 NAG M . -57.23 -43.52 -1.28
O4 NAG M . -59.49 -43.85 0.49
O5 NAG M . -56.86 -45.75 2.19
O6 NAG M . -58.96 -46.38 3.88
O7 NAG M . -54.05 -45.11 -1.73
C1 NAG N . -46.71 -40.77 -15.71
C2 NAG N . -47.57 -41.57 -16.69
C3 NAG N . -47.93 -40.73 -17.91
C4 NAG N . -48.56 -39.41 -17.48
C5 NAG N . -47.66 -38.69 -16.48
C6 NAG N . -48.28 -37.43 -15.94
C7 NAG N . -46.95 -43.94 -16.38
C8 NAG N . -46.18 -45.09 -16.94
N2 NAG N . -46.89 -42.79 -17.08
O3 NAG N . -48.82 -41.46 -18.73
O4 NAG N . -48.76 -38.59 -18.63
O5 NAG N . -47.39 -39.55 -15.37
O6 NAG N . -47.33 -36.68 -15.17
O7 NAG N . -47.58 -44.01 -15.33
C1 NAG N . -50.18 -38.43 -18.84
C2 NAG N . -50.41 -37.11 -19.58
C3 NAG N . -51.89 -36.94 -19.89
C4 NAG N . -52.44 -38.15 -20.63
C5 NAG N . -52.11 -39.43 -19.86
C6 NAG N . -52.51 -40.68 -20.60
C7 NAG N . -48.88 -35.24 -19.18
C8 NAG N . -48.51 -34.12 -18.25
N2 NAG N . -49.92 -35.98 -18.80
O3 NAG N . -52.09 -35.76 -20.67
O4 NAG N . -53.84 -38.04 -20.80
O5 NAG N . -50.70 -39.52 -19.63
O6 NAG N . -52.31 -41.84 -19.80
O7 NAG N . -48.26 -35.45 -20.21
C1 NAG O . -54.98 -59.84 21.24
C2 NAG O . -56.50 -59.75 21.34
C3 NAG O . -57.11 -61.15 21.39
C4 NAG O . -56.61 -61.99 20.22
C5 NAG O . -55.08 -61.99 20.18
C6 NAG O . -54.53 -62.71 18.97
C7 NAG O . -57.45 -57.75 22.38
C8 NAG O . -57.81 -57.08 23.67
N2 NAG O . -56.91 -58.98 22.48
O3 NAG O . -58.52 -61.06 21.37
O4 NAG O . -57.09 -63.32 20.34
O5 NAG O . -54.60 -60.64 20.11
O6 NAG O . -54.67 -64.12 19.08
O7 NAG O . -57.62 -57.21 21.29
C1 NAG O . -57.98 -63.61 19.24
C2 NAG O . -58.53 -65.03 19.38
C3 NAG O . -59.50 -65.33 18.25
C4 NAG O . -60.58 -64.26 18.17
C5 NAG O . -59.95 -62.88 18.07
C6 NAG O . -60.97 -61.76 18.12
C7 NAG O . -56.88 -66.42 20.56
C8 NAG O . -55.80 -67.44 20.41
N2 NAG O . -57.46 -66.00 19.42
O3 NAG O . -60.09 -66.61 18.46
O4 NAG O . -61.39 -64.49 17.01
O5 NAG O . -59.06 -62.67 19.18
O6 NAG O . -61.72 -61.80 19.32
O7 NAG O . -57.23 -65.99 21.65
C1 NAG P . -44.12 -66.49 36.88
C2 NAG P . -44.64 -65.76 38.11
C3 NAG P . -43.71 -66.01 39.29
C4 NAG P . -43.52 -67.51 39.51
C5 NAG P . -43.11 -68.20 38.21
C6 NAG P . -43.09 -69.71 38.33
C7 NAG P . -45.87 -63.63 38.15
C8 NAG P . -45.83 -62.17 37.82
N2 NAG P . -44.76 -64.33 37.85
O3 NAG P . -44.26 -65.42 40.46
O4 NAG P . -42.49 -67.72 40.47
O5 NAG P . -44.04 -67.89 37.16
O6 NAG P . -44.38 -70.26 38.17
O7 NAG P . -46.85 -64.16 38.66
C1 NAG P . -43.06 -68.24 41.68
C2 NAG P . -41.90 -68.52 42.67
C3 NAG P . -42.44 -69.00 44.03
C4 NAG P . -43.51 -68.05 44.55
C5 NAG P . -44.59 -67.83 43.49
C6 NAG P . -45.63 -66.82 43.91
C7 NAG P . -40.96 -70.68 41.74
C8 NAG P . -42.31 -71.35 41.84
N2 NAG P . -40.86 -69.40 42.15
O3 NAG P . -41.37 -69.08 44.95
O4 NAG P . -44.10 -68.59 45.73
O5 NAG P . -44.00 -67.34 42.28
O6 NAG P . -45.31 -65.53 43.44
O7 NAG P . -39.98 -71.29 41.32
C1 NAG Q . -28.84 -37.66 41.14
C2 NAG Q . -29.67 -37.94 42.38
C3 NAG Q . -29.79 -36.68 43.24
C4 NAG Q . -28.40 -36.12 43.54
C5 NAG Q . -27.62 -35.91 42.24
C6 NAG Q . -26.19 -35.47 42.46
C7 NAG Q . -31.26 -39.73 41.82
C8 NAG Q . -32.68 -40.06 41.47
N2 NAG Q . -31.00 -38.44 42.03
O3 NAG Q . -30.45 -37.00 44.46
O4 NAG Q . -28.53 -34.87 44.21
O5 NAG Q . -27.56 -37.15 41.52
O6 NAG Q . -25.28 -36.31 41.79
O7 NAG Q . -30.40 -40.60 41.91
C1 NAG Q . -27.92 -34.96 45.51
C2 NAG Q . -27.82 -33.55 46.10
C3 NAG Q . -27.22 -33.60 47.50
C4 NAG Q . -28.00 -34.57 48.37
C5 NAG Q . -28.10 -35.93 47.70
C6 NAG Q . -28.97 -36.91 48.46
C7 NAG Q . -27.53 -31.55 44.70
C8 NAG Q . -26.58 -30.78 43.83
N2 NAG Q . -27.04 -32.67 45.24
O3 NAG Q . -27.24 -32.30 48.07
O4 NAG Q . -27.34 -34.72 49.63
O5 NAG Q . -28.68 -35.79 46.39
O6 NAG Q . -29.00 -38.18 47.82
O7 NAG Q . -28.68 -31.19 44.90
C1 NAG R . -11.60 -74.63 29.49
C2 NAG R . -11.09 -75.31 30.74
C3 NAG R . -11.87 -76.60 31.00
C4 NAG R . -13.37 -76.32 31.01
C5 NAG R . -13.80 -75.55 29.77
C6 NAG R . -15.23 -75.08 29.83
C7 NAG R . -8.72 -74.73 31.05
C8 NAG R . -7.30 -75.17 30.88
N2 NAG R . -9.67 -75.59 30.65
O3 NAG R . -11.46 -77.17 32.24
O4 NAG R . -14.07 -77.57 31.04
O5 NAG R . -13.00 -74.36 29.62
O6 NAG R . -15.55 -74.53 31.10
O7 NAG R . -9.01 -73.63 31.53
C1 NAG R . -14.95 -77.63 32.19
C2 NAG R . -15.44 -79.08 32.34
C3 NAG R . -16.35 -79.20 33.55
C4 NAG R . -15.67 -78.65 34.80
C5 NAG R . -15.17 -77.23 34.54
C6 NAG R . -14.39 -76.66 35.70
C7 NAG R . -15.75 -80.64 30.47
C8 NAG R . -16.55 -80.96 29.25
N2 NAG R . -16.11 -79.54 31.14
O3 NAG R . -16.70 -80.57 33.75
O4 NAG R . -16.59 -78.63 35.88
O5 NAG R . -14.32 -77.21 33.40
O6 NAG R . -14.72 -75.30 35.94
O7 NAG R . -14.81 -81.35 30.85
C1 NAG S . -8.58 -84.57 11.70
C2 NAG S . -7.13 -84.44 11.24
C3 NAG S . -6.94 -85.11 9.89
C4 NAG S . -7.41 -86.56 9.95
C5 NAG S . -8.85 -86.63 10.47
C6 NAG S . -9.34 -88.03 10.68
C7 NAG S . -5.63 -82.57 11.78
C8 NAG S . -5.38 -81.10 11.61
N2 NAG S . -6.74 -83.04 11.18
O3 NAG S . -5.56 -85.05 9.53
O4 NAG S . -7.35 -87.17 8.67
O5 NAG S . -8.94 -85.97 11.74
O6 NAG S . -10.28 -88.11 11.74
O7 NAG S . -4.89 -83.29 12.42
C1 NAG S . -6.12 -87.92 8.55
C2 NAG S . -6.34 -89.13 7.65
C3 NAG S . -5.03 -89.89 7.46
C4 NAG S . -3.94 -88.95 6.97
C5 NAG S . -3.82 -87.75 7.90
C6 NAG S . -2.83 -86.72 7.41
C7 NAG S . -8.60 -90.09 7.69
C8 NAG S . -9.53 -91.05 8.38
N2 NAG S . -7.36 -90.01 8.20
O3 NAG S . -5.23 -90.95 6.52
O4 NAG S . -2.69 -89.64 6.92
O5 NAG S . -5.08 -87.09 8.01
O6 NAG S . -3.18 -85.42 7.85
O7 NAG S . -8.96 -89.42 6.73
C1 NAG T . -11.00 -65.22 -11.03
C2 NAG T . -10.77 -66.63 -11.57
C3 NAG T . -9.32 -67.05 -11.32
C4 NAG T . -8.35 -66.01 -11.87
C5 NAG T . -8.70 -64.63 -11.32
C6 NAG T . -7.86 -63.52 -11.92
C7 NAG T . -12.74 -68.10 -11.61
C8 NAG T . -13.58 -69.06 -10.84
N2 NAG T . -11.69 -67.59 -10.97
O3 NAG T . -9.08 -68.31 -11.95
O4 NAG T . -7.02 -66.35 -11.49
O5 NAG T . -10.07 -64.32 -11.61
O6 NAG T . -8.67 -62.43 -12.34
O7 NAG T . -13.00 -67.78 -12.77
C1 NAG T . -6.24 -66.66 -12.66
C2 NAG T . -4.78 -66.79 -12.24
C3 NAG T . -3.92 -67.17 -13.43
C4 NAG T . -4.47 -68.43 -14.10
C5 NAG T . -5.95 -68.24 -14.44
C6 NAG T . -6.58 -69.49 -15.00
C7 NAG T . -3.70 -65.50 -10.45
C8 NAG T . -3.26 -64.14 -9.99
N2 NAG T . -4.30 -65.55 -11.64
O3 NAG T . -2.58 -67.40 -13.01
O4 NAG T . -3.74 -68.70 -15.30
O5 NAG T . -6.67 -67.90 -13.27
O6 NAG T . -7.93 -69.63 -14.56
O7 NAG T . -3.49 -66.51 -9.79
C1 NAG U . 7.79 -59.36 -0.69
C2 NAG U . 8.64 -60.60 -0.42
C3 NAG U . 10.12 -60.26 -0.61
C4 NAG U . 10.35 -59.63 -1.97
C5 NAG U . 9.42 -58.45 -2.18
C6 NAG U . 9.50 -57.87 -3.58
C7 NAG U . 7.72 -62.24 1.14
C8 NAG U . 7.57 -62.64 2.58
N2 NAG U . 8.41 -61.12 0.91
O3 NAG U . 10.89 -61.46 -0.48
O4 NAG U . 11.70 -59.18 -2.07
O5 NAG U . 8.06 -58.86 -2.00
O6 NAG U . 9.26 -56.47 -3.58
O7 NAG U . 7.25 -62.92 0.23
C1 NAG U . 12.46 -60.02 -2.95
C2 NAG U . 13.54 -59.19 -3.62
C3 NAG U . 14.40 -60.07 -4.53
C4 NAG U . 14.94 -61.26 -3.74
C5 NAG U . 13.80 -62.01 -3.06
C6 NAG U . 14.28 -63.13 -2.17
C7 NAG U . 12.87 -56.85 -3.90
C8 NAG U . 12.27 -55.83 -4.82
N2 NAG U . 12.97 -58.09 -4.38
O3 NAG U . 15.47 -59.30 -5.05
O4 NAG U . 15.63 -62.14 -4.61
O5 NAG U . 13.05 -61.11 -2.24
O6 NAG U . 14.69 -62.64 -0.90
O7 NAG U . 13.26 -56.55 -2.77
C1 NAG V . -29.09 -75.83 -13.71
C2 NAG V . -28.54 -76.66 -14.86
C3 NAG V . -28.87 -78.13 -14.65
C4 NAG V . -28.41 -78.60 -13.29
C5 NAG V . -28.94 -77.68 -12.19
C6 NAG V . -28.39 -78.00 -10.82
C7 NAG V . -28.29 -75.49 -17.00
C8 NAG V . -28.98 -75.08 -18.27
N2 NAG V . -29.04 -76.18 -16.13
O3 NAG V . -28.24 -78.90 -15.67
O4 NAG V . -28.87 -79.93 -13.06
O5 NAG V . -28.58 -76.32 -12.46
O6 NAG V . -27.00 -78.25 -10.86
O7 NAG V . -27.12 -75.21 -16.77
C1 NAG V . -27.74 -80.81 -12.83
C2 NAG V . -28.28 -82.22 -12.57
C3 NAG V . -27.11 -83.18 -12.36
C4 NAG V . -26.14 -83.11 -13.53
C5 NAG V . -25.71 -81.66 -13.77
C6 NAG V . -24.85 -81.51 -15.01
C7 NAG V . -30.18 -83.09 -11.29
C8 NAG V . -31.00 -82.96 -10.04
N2 NAG V . -29.17 -82.23 -11.42
O3 NAG V . -27.62 -84.51 -12.23
O4 NAG V . -25.00 -83.90 -13.27
O5 NAG V . -26.87 -80.84 -13.96
O6 NAG V . -23.85 -80.53 -14.81
O7 NAG V . -30.44 -83.93 -12.14
C1 NAG W . -48.69 -72.29 -9.29
C2 NAG W . -49.41 -71.52 -10.40
C3 NAG W . -50.88 -71.34 -10.05
C4 NAG W . -51.51 -72.68 -9.73
C5 NAG W . -50.72 -73.39 -8.64
C6 NAG W . -51.23 -74.78 -8.34
C7 NAG W . -47.88 -70.04 -11.62
C8 NAG W . -47.33 -68.65 -11.73
N2 NAG W . -48.77 -70.24 -10.65
O3 NAG W . -51.54 -70.72 -11.15
O4 NAG W . -52.86 -72.50 -9.27
O5 NAG W . -49.36 -73.53 -9.06
O6 NAG W . -50.24 -75.76 -8.62
O7 NAG W . -47.53 -70.93 -12.38
C1 NAG W . -53.76 -72.79 -10.36
C2 NAG W . -54.89 -73.70 -9.85
C3 NAG W . -55.90 -73.96 -10.96
C4 NAG W . -56.39 -72.64 -11.56
C5 NAG W . -55.20 -71.79 -12.00
C6 NAG W . -55.61 -70.41 -12.49
C7 NAG W . -54.82 -75.53 -8.23
C8 NAG W . -54.16 -76.82 -7.83
N2 NAG W . -54.36 -74.95 -9.34
O3 NAG W . -56.99 -74.69 -10.45
O4 NAG W . -57.23 -72.89 -12.68
O5 NAG W . -54.32 -71.58 -10.89
O6 NAG W . -56.47 -69.77 -11.57
O7 NAG W . -55.72 -75.03 -7.55
C1 NAG X . -47.99 43.19 -29.77
C2 NAG X . -48.97 43.96 -30.61
C3 NAG X . -48.20 44.80 -31.62
C4 NAG X . -46.95 45.47 -31.01
C5 NAG X . -46.38 44.85 -29.71
C6 NAG X . -45.84 45.89 -28.76
C7 NAG X . -51.12 43.48 -31.68
C8 NAG X . -51.96 42.44 -32.36
N2 NAG X . -49.91 43.08 -31.29
O3 NAG X . -49.05 45.79 -32.17
O4 NAG X . -45.90 45.35 -31.96
O5 NAG X . -47.32 44.07 -28.96
O6 NAG X . -45.14 45.29 -27.68
O7 NAG X . -51.52 44.62 -31.49
C1 NAG X . -45.64 46.54 -32.70
C2 NAG X . -44.12 46.76 -32.67
C3 NAG X . -43.75 47.96 -33.53
C4 NAG X . -44.30 47.81 -34.94
C5 NAG X . -45.81 47.55 -34.88
C6 NAG X . -46.41 47.25 -36.24
C7 NAG X . -42.69 46.15 -30.77
C8 NAG X . -42.31 46.47 -29.35
N2 NAG X . -43.65 46.92 -31.31
O3 NAG X . -42.34 48.08 -33.58
O4 NAG X . -44.06 48.98 -35.70
O5 NAG X . -46.08 46.41 -34.06
O6 NAG X . -47.23 46.09 -36.20
O7 NAG X . -42.17 45.24 -31.40
C1 NAG Y . -15.11 35.30 37.30
C2 NAG Y . -15.66 36.14 36.13
C3 NAG Y . -16.92 36.88 36.56
C4 NAG Y . -17.94 35.91 37.13
C5 NAG Y . -17.32 35.11 38.27
C6 NAG Y . -18.24 34.07 38.84
C7 NAG Y . -14.66 37.62 34.44
C8 NAG Y . -13.55 38.58 34.14
N2 NAG Y . -14.65 37.07 35.66
O3 NAG Y . -17.48 37.54 35.42
O4 NAG Y . -19.08 36.62 37.62
O5 NAG Y . -16.15 34.43 37.79
O6 NAG Y . -17.52 32.91 39.27
O7 NAG Y . -15.55 37.37 33.62
C1 NAG Z . 2.84 51.69 19.42
C2 NAG Z . 1.43 51.22 19.78
C3 NAG Z . 0.40 51.89 18.87
C4 NAG Z . 0.57 53.39 18.89
C5 NAG Z . 2.01 53.77 18.56
C6 NAG Z . 2.28 55.25 18.67
C7 NAG Z . 0.41 49.06 20.35
C8 NAG Z . 0.44 47.58 20.15
N2 NAG Z . 1.33 49.78 19.70
O3 NAG Z . -0.91 51.54 19.30
O4 NAG Z . -0.30 54.00 17.94
O5 NAG Z . 2.91 53.12 19.47
O6 NAG Z . 2.92 55.57 19.91
O7 NAG Z . -0.41 49.59 21.10
C1 NAG AA . -33.83 5.42 28.68
C2 NAG AA . -33.26 4.25 29.48
C3 NAG AA . -34.27 3.78 30.53
C4 NAG AA . -34.71 4.95 31.39
C5 NAG AA . -35.23 6.08 30.52
C6 NAG AA . -35.60 7.31 31.30
C7 NAG AA . -32.01 2.20 28.90
C8 NAG AA . -31.78 1.15 27.87
N2 NAG AA . -32.91 3.14 28.59
O3 NAG AA . -33.68 2.77 31.34
O4 NAG AA . -35.74 4.52 32.28
O5 NAG AA . -34.21 6.47 29.58
O6 NAG AA . -36.06 6.97 32.61
O7 NAG AA . -31.43 2.19 29.99
C1 NAG BA . -50.50 -9.05 28.29
C2 NAG BA . -51.03 -7.63 28.09
C3 NAG BA . -50.86 -6.81 29.36
C4 NAG BA . -51.48 -7.54 30.55
C5 NAG BA . -50.92 -8.95 30.66
C6 NAG BA . -51.59 -9.76 31.75
C7 NAG BA . -50.78 -7.10 25.71
C8 NAG BA . -49.96 -6.35 24.68
N2 NAG BA . -50.37 -6.98 26.96
O3 NAG BA . -51.47 -5.54 29.19
O4 NAG BA . -51.19 -6.83 31.76
O5 NAG BA . -51.14 -9.65 29.42
O6 NAG BA . -51.66 -11.13 31.39
O7 NAG BA . -51.76 -7.76 25.40
C1 NAG CA . -42.50 -49.67 36.52
C2 NAG CA . -42.21 -51.06 37.06
C3 NAG CA . -43.25 -51.45 38.11
C4 NAG CA . -43.33 -50.38 39.20
C5 NAG CA . -43.56 -49.01 38.57
C6 NAG CA . -43.53 -47.88 39.58
C7 NAG CA . -41.04 -52.51 35.47
C8 NAG CA . -41.20 -53.52 34.37
N2 NAG CA . -42.18 -52.04 35.99
O3 NAG CA . -42.90 -52.70 38.69
O4 NAG CA . -44.40 -50.67 40.09
O5 NAG CA . -42.54 -48.73 37.60
O6 NAG CA . -43.78 -46.62 38.96
O7 NAG CA . -39.94 -52.15 35.86
C1 NAG DA . -52.57 -45.64 24.70
C2 NAG DA . -52.31 -46.16 26.10
C3 NAG DA . -52.37 -45.01 27.10
C4 NAG DA . -51.41 -43.90 26.68
C5 NAG DA . -51.66 -43.49 25.23
C6 NAG DA . -50.64 -42.49 24.72
C7 NAG DA . -52.93 -48.41 26.89
C8 NAG DA . -54.05 -49.35 27.21
N2 NAG DA . -53.28 -47.20 26.46
O3 NAG DA . -52.02 -45.49 28.40
O4 NAG DA . -51.60 -42.76 27.52
O5 NAG DA . -51.59 -44.64 24.37
O6 NAG DA . -51.24 -41.22 24.51
O7 NAG DA . -51.75 -48.73 27.02
C1 NAG EA . -54.48 53.25 -7.49
C2 NAG EA . -53.90 53.37 -6.08
C3 NAG EA . -53.17 54.69 -5.92
C4 NAG EA . -52.12 54.86 -7.02
C5 NAG EA . -52.77 54.67 -8.39
C6 NAG EA . -51.78 54.71 -9.52
C7 NAG EA . -55.12 52.17 -4.31
C8 NAG EA . -54.15 51.05 -4.53
N2 NAG EA . -54.96 53.25 -5.07
O3 NAG EA . -52.52 54.73 -4.65
O4 NAG EA . -51.52 56.14 -6.95
O5 NAG EA . -53.43 53.40 -8.45
O6 NAG EA . -50.89 55.81 -9.40
O7 NAG EA . -56.01 52.09 -3.47
C1 NAG FA . -52.04 23.19 3.51
C2 NAG FA . -51.14 24.45 3.51
C3 NAG FA . -51.23 25.19 4.85
C4 NAG FA . -52.68 25.47 5.22
C5 NAG FA . -53.47 24.18 5.23
C6 NAG FA . -54.94 24.38 5.50
C7 NAG FA . -48.84 24.98 2.80
C8 NAG FA . -47.47 24.44 2.57
N2 NAG FA . -49.75 24.10 3.24
O3 NAG FA . -50.53 26.42 4.78
O4 NAG FA . -52.76 26.08 6.49
O5 NAG FA . -53.38 23.55 3.94
O6 NAG FA . -55.50 25.29 4.57
O7 NAG FA . -49.13 26.16 2.60
C1 NAG GA . -75.09 39.29 -5.85
C2 NAG GA . -76.44 39.94 -5.55
C3 NAG GA . -76.91 39.55 -4.15
C4 NAG GA . -76.93 38.03 -4.02
C5 NAG GA . -75.58 37.44 -4.41
C6 NAG GA . -75.57 35.93 -4.42
C7 NAG GA . -76.72 42.05 -6.76
C8 NAG GA . -76.56 43.55 -6.72
N2 NAG GA . -76.35 41.39 -5.67
O3 NAG GA . -78.21 40.07 -3.93
O4 NAG GA . -77.23 37.67 -2.67
O5 NAG GA . -75.21 37.86 -5.73
O6 NAG GA . -76.78 35.41 -4.96
O7 NAG GA . -77.17 41.48 -7.75
C1 NAG HA . -30.16 53.79 -17.43
C2 NAG HA . -28.66 53.90 -17.22
C3 NAG HA . -28.31 55.24 -16.59
C4 NAG HA . -28.89 56.39 -17.41
C5 NAG HA . -30.39 56.17 -17.62
C6 NAG HA . -31.02 57.19 -18.54
C7 NAG HA . -27.78 51.63 -16.91
C8 NAG HA . -27.30 50.61 -15.92
N2 NAG HA . -28.16 52.80 -16.40
O3 NAG HA . -26.89 55.38 -16.52
O4 NAG HA . -28.70 57.62 -16.73
O5 NAG HA . -30.62 54.89 -18.22
O6 NAG HA . -32.41 56.95 -18.72
O7 NAG HA . -27.83 51.39 -18.11
C1 NAG IA . -48.91 -8.66 -5.44
C2 NAG IA . -47.72 -9.51 -5.85
C3 NAG IA . -48.16 -10.94 -6.13
C4 NAG IA . -48.95 -11.49 -4.94
C5 NAG IA . -50.06 -10.54 -4.52
C6 NAG IA . -50.75 -10.96 -3.25
C7 NAG IA . -45.73 -9.01 -7.20
C8 NAG IA . -45.21 -8.39 -8.47
N2 NAG IA . -47.06 -8.95 -7.02
O3 NAG IA . -47.02 -11.77 -6.39
O4 NAG IA . -49.53 -12.74 -5.30
O5 NAG IA . -49.51 -9.23 -4.28
O6 NAG IA . -50.87 -9.83 -2.37
O7 NAG IA . -44.99 -9.54 -6.38
C1 NAG JA . -66.11 48.02 -35.22
C2 NAG JA . -64.78 48.05 -35.99
C3 NAG JA . -63.65 48.52 -35.07
C4 NAG JA . -64.02 49.84 -34.39
C5 NAG JA . -65.37 49.71 -33.70
C6 NAG JA . -65.85 51.01 -33.09
C7 NAG JA . -64.72 46.45 -37.83
C8 NAG JA . -64.33 45.06 -38.25
N2 NAG JA . -64.47 46.76 -36.56
O3 NAG JA . -62.47 48.69 -35.83
O4 NAG JA . -63.03 50.19 -33.43
O5 NAG JA . -66.37 49.31 -34.65
O6 NAG JA . -66.79 50.77 -32.05
O7 NAG JA . -65.23 47.25 -38.61
C1 NAG KA . -41.10 3.69 -27.73
C2 NAG KA . -42.61 3.49 -27.61
C3 NAG KA . -43.07 2.37 -28.53
C4 NAG KA . -42.60 2.62 -29.96
C5 NAG KA . -41.09 2.84 -29.99
C6 NAG KA . -40.58 3.22 -31.36
C7 NAG KA . -43.79 4.03 -25.53
C8 NAG KA . -44.08 3.60 -24.13
N2 NAG KA . -42.99 3.23 -26.24
O3 NAG KA . -44.49 2.29 -28.50
O4 NAG KA . -42.92 1.50 -30.77
O5 NAG KA . -40.76 3.92 -29.10
O6 NAG KA . -39.20 3.58 -31.30
O7 NAG KA . -44.25 5.07 -26.00
C1 NAG LA . -31.18 41.68 -4.86
C2 NAG LA . -31.59 43.09 -4.42
C3 NAG LA . -31.80 43.14 -2.92
C4 NAG LA . -32.80 42.07 -2.48
C5 NAG LA . -32.32 40.70 -2.97
C6 NAG LA . -33.30 39.59 -2.66
C7 NAG LA . -30.85 45.06 -5.69
C8 NAG LA . -29.70 45.98 -5.99
N2 NAG LA . -30.60 44.07 -4.83
O3 NAG LA . -32.29 44.43 -2.55
O4 NAG LA . -32.90 42.05 -1.07
O5 NAG LA . -32.16 40.72 -4.39
O6 NAG LA . -32.64 38.34 -2.53
O7 NAG LA . -31.95 45.20 -6.20
C1 NAG MA . 26.02 24.90 30.58
C2 NAG MA . 25.85 24.77 29.08
C3 NAG MA . 26.79 23.70 28.52
C4 NAG MA . 28.23 23.98 28.96
C5 NAG MA . 28.29 24.13 30.47
C6 NAG MA . 29.67 24.51 30.97
C7 NAG MA . 23.60 25.38 28.31
C8 NAG MA . 22.21 24.88 28.00
N2 NAG MA . 24.47 24.46 28.73
O3 NAG MA . 26.70 23.67 27.10
O4 NAG MA . 29.08 22.91 28.56
O5 NAG MA . 27.39 25.16 30.89
O6 NAG MA . 30.27 23.45 31.70
O7 NAG MA . 23.90 26.56 28.20
C1 NAG NA . -1.11 -19.51 41.21
C2 NAG NA . -0.71 -20.94 40.83
C3 NAG NA . -1.77 -21.93 41.32
C4 NAG NA . -2.04 -21.75 42.80
C5 NAG NA . -2.40 -20.30 43.10
C6 NAG NA . -2.57 -20.02 44.57
C7 NAG NA . 0.16 -22.05 38.81
C8 NAG NA . 0.25 -22.02 37.33
N2 NAG NA . -0.53 -21.06 39.39
O3 NAG NA . -1.33 -23.26 41.07
O4 NAG NA . -3.12 -22.59 43.21
O5 NAG NA . -1.35 -19.44 42.64
O6 NAG NA . -1.49 -19.27 45.09
O7 NAG NA . 0.70 -22.93 39.47
C1 NAG OA . 27.16 -22.18 14.04
C2 NAG OA . 28.39 -22.38 13.16
C3 NAG OA . 28.02 -23.14 11.89
C4 NAG OA . 27.31 -24.44 12.23
C5 NAG OA . 26.12 -24.16 13.15
C6 NAG OA . 25.44 -25.41 13.63
C7 NAG OA . 30.16 -20.70 13.38
C8 NAG OA . 30.66 -19.35 12.93
N2 NAG OA . 29.02 -21.11 12.83
O3 NAG OA . 29.21 -23.41 11.14
O4 NAG OA . 26.87 -25.08 11.05
O5 NAG OA . 26.55 -23.45 14.31
O6 NAG OA . 24.86 -26.15 12.55
O7 NAG OA . 30.77 -21.38 14.21
C1 NAG PA . 23.63 -37.84 28.13
C2 NAG PA . 24.12 -38.59 26.90
C3 NAG PA . 25.60 -38.32 26.67
C4 NAG PA . 25.86 -36.83 26.61
C5 NAG PA . 25.29 -36.14 27.85
C6 NAG PA . 25.40 -34.63 27.79
C7 NAG PA . 22.89 -40.64 26.35
C8 NAG PA . 22.77 -42.11 26.59
N2 NAG PA . 23.87 -40.02 27.01
O3 NAG PA . 26.02 -38.94 25.46
O4 NAG PA . 27.27 -36.58 26.55
O5 NAG PA . 23.89 -36.44 27.98
O6 NAG PA . 24.98 -34.02 29.01
O7 NAG PA . 22.13 -40.05 25.59
C1 NAG QA . 1.55 -70.81 12.61
C2 NAG QA . 1.23 -72.00 11.72
C3 NAG QA . 2.07 -73.21 12.12
C4 NAG QA . 3.55 -72.85 12.15
C5 NAG QA . 3.78 -71.62 13.02
C6 NAG QA . 5.21 -71.13 13.00
C7 NAG QA . -0.96 -72.39 10.68
C8 NAG QA . -2.39 -72.73 10.92
N2 NAG QA . -0.18 -72.32 11.77
O3 NAG QA . 1.84 -74.27 11.20
O4 NAG QA . 4.31 -73.94 12.65
O5 NAG QA . 2.96 -70.53 12.56
O6 NAG QA . 5.55 -70.46 14.21
O7 NAG QA . -0.52 -72.20 9.56
C1 NAG RA . -15.93 -55.19 35.56
C2 NAG RA . -16.18 -56.34 36.54
C3 NAG RA . -16.93 -55.84 37.77
C4 NAG RA . -16.19 -54.66 38.40
C5 NAG RA . -15.98 -53.57 37.35
C6 NAG RA . -15.17 -52.41 37.87
C7 NAG RA . -16.34 -58.48 35.35
C8 NAG RA . -17.25 -59.48 34.72
N2 NAG RA . -16.92 -57.41 35.89
O3 NAG RA . -17.05 -56.90 38.72
O4 NAG RA . -16.96 -54.13 39.48
O5 NAG RA . -15.25 -54.11 36.24
O6 NAG RA . -15.28 -51.28 37.02
O7 NAG RA . -15.12 -58.62 35.35
C1 NAG SA . -1.52 -65.51 25.39
C2 NAG SA . -1.10 -65.68 26.86
C3 NAG SA . -0.29 -66.96 27.02
C4 NAG SA . -1.05 -68.16 26.46
C5 NAG SA . -1.46 -67.89 25.02
C6 NAG SA . -2.33 -68.99 24.45
C7 NAG SA . -0.78 -63.75 28.33
C8 NAG SA . 0.12 -62.60 28.69
N2 NAG SA . -0.35 -64.54 27.34
O3 NAG SA . 0.01 -67.17 28.40
O4 NAG SA . -0.24 -69.33 26.52
O5 NAG SA . -2.23 -66.68 24.94
O6 NAG SA . -1.54 -69.99 23.81
O7 NAG SA . -1.83 -63.95 28.92
C1 NAG TA . 39.81 28.74 53.14
C2 NAG TA . 39.96 27.34 52.54
C3 NAG TA . 40.58 27.42 51.14
C4 NAG TA . 39.79 28.39 50.27
C5 NAG TA . 39.63 29.74 50.97
C6 NAG TA . 38.75 30.70 50.20
C7 NAG TA . 40.21 25.55 54.19
C8 NAG TA . 41.17 24.74 55.02
N2 NAG TA . 40.75 26.47 53.39
O3 NAG TA . 40.58 26.13 50.55
O5 NAG TA . 39.03 29.56 52.25
O6 NAG TA . 37.65 30.03 49.62
O7 NAG TA . 38.99 25.37 54.26
C1 NAG UA . 27.05 0.41 43.52
C2 NAG UA . 27.83 1.42 42.66
C3 NAG UA . 28.83 0.70 41.77
C4 NAG UA . 29.73 -0.21 42.59
C5 NAG UA . 28.88 -1.18 43.40
C6 NAG UA . 29.68 -2.06 44.31
C7 NAG UA . 27.18 3.50 41.53
C8 NAG UA . 26.13 4.18 40.71
N2 NAG UA . 26.93 2.23 41.87
O3 NAG UA . 29.63 1.66 41.08
O4 NAG UA . 30.60 -0.94 41.74
O5 NAG UA . 27.96 -0.45 44.22
O6 NAG UA . 29.07 -2.18 45.59
O7 NAG UA . 28.20 4.07 41.89
C1 NAG VA . 39.40 6.84 70.13
C2 NAG VA . 39.46 5.87 71.30
C3 NAG VA . 40.43 4.73 70.99
C4 NAG VA . 40.04 4.06 69.67
C5 NAG VA . 39.93 5.10 68.56
C6 NAG VA . 39.42 4.51 67.26
C7 NAG VA . 38.99 7.15 73.34
C8 NAG VA . 39.58 7.81 74.55
N2 NAG VA . 39.86 6.55 72.52
O3 NAG VA . 40.39 3.77 72.05
O4 NAG VA . 41.04 3.10 69.31
O5 NAG VA . 39.00 6.12 68.95
O6 NAG VA . 40.03 5.15 66.14
O7 NAG VA . 37.78 7.15 73.11
C1 NAG WA . 24.17 43.36 38.13
C2 NAG WA . 23.93 44.87 38.28
C3 NAG WA . 25.24 45.63 38.04
C4 NAG WA . 26.33 45.10 38.96
C5 NAG WA . 26.45 43.58 38.82
C6 NAG WA . 27.43 42.97 39.81
C7 NAG WA . 21.81 45.98 37.74
C8 NAG WA . 20.85 46.38 36.66
N2 NAG WA . 22.91 45.32 37.35
O3 NAG WA . 25.03 47.01 38.28
O4 NAG WA . 27.57 45.70 38.63
O5 NAG WA . 25.18 42.95 39.06
O6 NAG WA . 26.89 41.82 40.43
O7 NAG WA . 21.60 46.24 38.93
C1 NAG XA . -10.10 5.30 47.60
C2 NAG XA . -10.67 3.92 47.95
C3 NAG XA . -11.49 4.00 49.23
C4 NAG XA . -10.69 4.64 50.35
C5 NAG XA . -10.17 6.01 49.91
C6 NAG XA . -9.29 6.68 50.94
C7 NAG XA . -11.75 2.09 46.73
C8 NAG XA . -12.61 1.71 45.57
N2 NAG XA . -11.47 3.39 46.86
O3 NAG XA . -11.89 2.69 49.63
O4 NAG XA . -11.50 4.80 51.51
O5 NAG XA . -9.38 5.85 48.72
O6 NAG XA . -8.11 7.17 50.35
O7 NAG XA . -11.33 1.25 47.52
C1 NAG YA . 14.86 34.36 56.79
C2 NAG YA . 14.15 34.94 58.02
C3 NAG YA . 12.91 35.71 57.61
C4 NAG YA . 13.26 36.77 56.57
C5 NAG YA . 13.97 36.12 55.39
C6 NAG YA . 14.46 37.12 54.36
C7 NAG YA . 13.74 34.10 60.28
C8 NAG YA . 13.36 32.90 61.12
N2 NAG YA . 13.81 33.89 58.97
O3 NAG YA . 12.33 36.34 58.75
O4 NAG YA . 12.09 37.42 56.10
O5 NAG YA . 15.13 35.41 55.86
O6 NAG YA . 15.40 36.54 53.48
O7 NAG YA . 13.96 35.19 60.79
C1 NAG ZA . 21.34 35.93 76.89
C2 NAG ZA . 22.56 36.64 76.31
C3 NAG ZA . 22.14 37.97 75.68
C4 NAG ZA . 21.03 37.77 74.67
C5 NAG ZA . 19.87 37.01 75.32
C6 NAG ZA . 18.77 36.65 74.33
C7 NAG ZA . 24.70 36.11 77.38
C8 NAG ZA . 25.64 36.46 78.49
N2 NAG ZA . 23.58 36.84 77.32
O3 NAG ZA . 23.27 38.56 75.05
O4 NAG ZA . 20.56 39.02 74.19
O5 NAG ZA . 20.34 35.77 75.87
O6 NAG ZA . 17.63 37.49 74.51
O7 NAG ZA . 24.94 35.22 76.58
C1 NAG AB . 62.05 16.91 -5.99
C2 NAG AB . 60.80 16.66 -5.16
C3 NAG AB . 61.04 17.04 -3.70
C4 NAG AB . 62.27 16.30 -3.17
C5 NAG AB . 63.48 16.55 -4.08
C6 NAG AB . 64.69 15.75 -3.69
C7 NAG AB . 58.40 17.01 -5.56
C8 NAG AB . 57.35 17.91 -6.16
N2 NAG AB . 59.66 17.42 -5.69
O3 NAG AB . 59.90 16.70 -2.92
O4 NAG AB . 62.58 16.76 -1.86
O5 NAG AB . 63.15 16.18 -5.44
O6 NAG AB . 64.77 14.54 -4.42
O7 NAG AB . 58.10 15.97 -4.97
C1 NAG BB . 49.24 1.65 -4.48
C2 NAG BB . 49.92 2.82 -3.74
C3 NAG BB . 51.41 2.84 -4.05
C4 NAG BB . 52.04 1.49 -3.71
C5 NAG BB . 51.28 0.37 -4.43
C6 NAG BB . 51.76 -1.01 -4.05
C7 NAG BB . 48.92 4.99 -3.19
C8 NAG BB . 48.30 6.25 -3.72
N2 NAG BB . 49.30 4.09 -4.09
O3 NAG BB . 52.04 3.87 -3.30
O4 NAG BB . 53.39 1.47 -4.14
O5 NAG BB . 49.89 0.42 -4.10
O6 NAG BB . 50.67 -1.86 -3.72
O7 NAG BB . 49.08 4.81 -1.98
C1 NAG CB . 16.05 -11.54 -47.58
C2 NAG CB . 15.73 -10.31 -48.43
C3 NAG CB . 15.02 -10.71 -49.71
C4 NAG CB . 15.80 -11.77 -50.46
C5 NAG CB . 16.07 -12.96 -49.53
C6 NAG CB . 16.93 -14.03 -50.17
C7 NAG CB . 15.46 -8.50 -46.79
C8 NAG CB . 14.48 -7.59 -46.10
N2 NAG CB . 14.94 -9.36 -47.68
O3 NAG CB . 14.85 -9.55 -50.54
O4 NAG CB . 15.06 -12.22 -51.59
O5 NAG CB . 16.78 -12.50 -48.37
O6 NAG CB . 16.67 -15.30 -49.61
O7 NAG CB . 16.67 -8.47 -46.55
C1 NAG DB . 52.80 -0.98 -40.27
C2 NAG DB . 54.14 -0.57 -40.87
C3 NAG DB . 54.97 0.18 -39.83
C4 NAG DB . 54.17 1.35 -39.26
C5 NAG DB . 52.82 0.88 -38.75
C6 NAG DB . 51.92 2.00 -38.30
C7 NAG DB . 54.97 -2.04 -42.66
C8 NAG DB . 54.27 -1.12 -43.62
N2 NAG DB . 54.87 -1.72 -41.36
O3 NAG DB . 56.17 0.66 -40.44
O4 NAG DB . 54.88 1.96 -38.19
O5 NAG DB . 52.11 0.17 -39.80
O6 NAG DB . 52.63 3.23 -38.21
O7 NAG DB . 55.59 -3.02 -43.04
C1 NAG EB . 32.99 -25.23 -15.41
C2 NAG EB . 32.99 -26.48 -16.29
C3 NAG EB . 34.01 -27.49 -15.78
C4 NAG EB . 35.38 -26.84 -15.64
C5 NAG EB . 35.28 -25.60 -14.77
C6 NAG EB . 36.58 -24.85 -14.67
C7 NAG EB . 30.90 -27.05 -17.45
C8 NAG EB . 29.57 -27.71 -17.34
N2 NAG EB . 31.67 -27.07 -16.34
O3 NAG EB . 34.08 -28.59 -16.69
O4 NAG EB . 36.29 -27.76 -15.05
O5 NAG EB . 34.32 -24.69 -15.33
O6 NAG EB . 36.41 -23.46 -14.93
O7 NAG EB . 31.29 -26.53 -18.50
C1 NAG FB . -19.49 23.79 -42.68
C2 NAG FB . -20.03 24.53 -43.90
C3 NAG FB . -19.34 24.02 -45.16
C4 NAG FB . -17.82 24.11 -45.02
C5 NAG FB . -17.37 23.40 -43.74
C6 NAG FB . -15.89 23.54 -43.47
C7 NAG FB . -22.27 25.32 -44.50
C8 NAG FB . -23.73 24.99 -44.55
N2 NAG FB . -21.47 24.37 -44.02
O3 NAG FB . -19.76 24.79 -46.28
O4 NAG FB . -17.18 23.52 -46.14
O5 NAG FB . -18.07 23.93 -42.61
O6 NAG FB . -15.66 24.14 -42.20
O7 NAG FB . -21.83 26.41 -44.88
C1 NAG GB . -18.89 -11.64 -36.13
C2 NAG GB . -19.27 -10.91 -37.42
C3 NAG GB . -20.69 -11.31 -37.84
C4 NAG GB . -20.80 -12.82 -37.94
C5 NAG GB . -20.34 -13.47 -36.63
C6 NAG GB . -20.33 -14.98 -36.69
C7 NAG GB . -18.32 -8.70 -37.92
C8 NAG GB . -18.35 -7.24 -37.61
N2 NAG GB . -19.18 -9.46 -37.24
O3 NAG GB . -21.00 -10.71 -39.09
O4 NAG GB . -22.15 -13.19 -38.18
O5 NAG GB . -19.00 -13.05 -36.33
O6 NAG GB . -21.46 -15.53 -36.03
O7 NAG GB . -17.54 -9.18 -38.75
C1 NAG HB . -18.89 -33.35 -40.49
C2 NAG HB . -18.05 -32.27 -41.17
C3 NAG HB . -18.94 -31.35 -42.01
C4 NAG HB . -19.76 -32.18 -42.98
C5 NAG HB . -20.54 -33.26 -42.23
C6 NAG HB . -21.30 -34.19 -43.15
C7 NAG HB . -16.05 -31.77 -39.83
C8 NAG HB . -15.44 -30.87 -38.80
N2 NAG HB . -17.31 -31.49 -40.18
O3 NAG HB . -18.13 -30.43 -42.72
O4 NAG HB . -20.69 -31.33 -43.66
O5 NAG HB . -19.63 -34.07 -41.48
O6 NAG HB . -21.50 -35.46 -42.54
O7 NAG HB . -15.43 -32.72 -40.31
C1 NAG IB . -42.70 -58.80 -17.26
C2 NAG IB . -44.04 -59.20 -16.64
C3 NAG IB . -44.83 -60.08 -17.61
C4 NAG IB . -44.97 -59.40 -18.97
C5 NAG IB . -43.58 -59.01 -19.49
C6 NAG IB . -43.65 -58.24 -20.78
C7 NAG IB . -43.76 -59.26 -14.20
C8 NAG IB . -43.55 -60.13 -13.00
N2 NAG IB . -43.85 -59.89 -15.37
O3 NAG IB . -46.12 -60.34 -17.07
O4 NAG IB . -45.60 -60.27 -19.89
O5 NAG IB . -42.92 -58.18 -18.53
O6 NAG IB . -42.76 -58.79 -21.76
O7 NAG IB . -43.84 -58.04 -14.12
C1 NAG JB . -29.28 -62.95 -20.32
C2 NAG JB . -28.33 -63.79 -21.20
C3 NAG JB . -29.10 -64.79 -22.03
C4 NAG JB . -29.99 -65.65 -21.15
C5 NAG JB . -30.91 -64.76 -20.31
C6 NAG JB . -31.76 -65.54 -19.33
C7 NAG JB . -26.19 -63.05 -22.16
C8 NAG JB . -25.52 -62.07 -23.08
N2 NAG JB . -27.52 -62.93 -22.04
O3 NAG JB . -28.19 -65.61 -22.75
O4 NAG JB . -30.78 -66.53 -21.94
O5 NAG JB . -30.11 -63.85 -19.53
O6 NAG JB . -33.02 -64.91 -19.13
O7 NAG JB . -25.56 -63.90 -21.55
C1 NAG KB . 39.53 7.57 -59.46
C2 NAG KB . 38.17 6.90 -59.24
C3 NAG KB . 37.10 7.95 -58.96
C4 NAG KB . 37.53 8.85 -57.80
C5 NAG KB . 38.91 9.44 -58.07
C6 NAG KB . 39.44 10.24 -56.91
C7 NAG KB . 37.18 4.90 -60.27
C8 NAG KB . 36.87 4.19 -61.55
N2 NAG KB . 37.79 6.08 -60.38
O3 NAG KB . 35.87 7.31 -58.64
O4 NAG KB . 36.59 9.91 -57.64
O5 NAG KB . 39.85 8.37 -58.32
O6 NAG KB . 40.69 9.71 -56.45
O7 NAG KB . 36.89 4.42 -59.18
C1 NAG LB . 37.42 -16.24 -70.23
C2 NAG LB . 37.49 -15.60 -71.61
C3 NAG LB . 36.90 -14.19 -71.57
C4 NAG LB . 35.49 -14.23 -71.00
C5 NAG LB . 35.48 -14.93 -69.65
C6 NAG LB . 34.09 -15.11 -69.09
C7 NAG LB . 39.41 -16.55 -72.80
C8 NAG LB . 40.84 -16.35 -73.22
N2 NAG LB . 38.86 -15.56 -72.09
O3 NAG LB . 36.88 -13.66 -72.89
O4 NAG LB . 34.99 -12.90 -70.85
O5 NAG LB . 36.05 -16.24 -69.77
O6 NAG LB . 33.94 -16.39 -68.47
O7 NAG LB . 38.79 -17.56 -73.10
C1 NAG MB . 41.92 20.18 -35.48
C2 NAG MB . 43.33 20.75 -35.61
C3 NAG MB . 43.30 22.27 -35.46
C4 NAG MB . 42.31 22.87 -36.46
C5 NAG MB . 40.94 22.22 -36.32
C6 NAG MB . 39.95 22.68 -37.35
C7 NAG MB . 45.15 19.25 -34.90
C8 NAG MB . 45.97 18.76 -33.75
N2 NAG MB . 44.21 20.17 -34.61
O3 NAG MB . 44.60 22.80 -35.68
O4 NAG MB . 42.19 24.27 -36.25
O5 NAG MB . 41.06 20.79 -36.47
O6 NAG MB . 39.60 21.64 -38.24
O7 NAG MB . 45.32 18.84 -36.05
C1 NAG NB . -4.11 46.43 -30.59
C2 NAG NB . -3.14 45.24 -30.43
C3 NAG NB . -1.97 45.39 -31.41
C4 NAG NB . -2.47 45.60 -32.83
C5 NAG NB . -3.44 46.78 -32.88
C6 NAG NB . -4.07 46.98 -34.23
C7 NAG NB . -2.16 44.01 -28.56
C8 NAG NB . -1.71 44.07 -27.13
N2 NAG NB . -2.66 45.13 -29.07
O3 NAG NB . -1.15 44.23 -31.35
O4 NAG NB . -1.37 45.86 -33.70
O5 NAG NB . -4.52 46.55 -31.95
O6 NAG NB . -5.39 47.51 -34.13
O7 NAG NB . -2.07 42.98 -29.22
C1 NAG OB . 9.06 -37.33 -24.04
C2 NAG OB . 7.75 -38.12 -24.19
C3 NAG OB . 8.03 -39.61 -24.16
C4 NAG OB . 9.09 -39.99 -25.18
C5 NAG OB . 10.33 -39.15 -24.98
C6 NAG OB . 11.39 -39.38 -26.03
C7 NAG OB . 5.94 -36.73 -23.28
C8 NAG OB . 5.02 -36.49 -22.12
N2 NAG OB . 6.80 -37.74 -23.16
O3 NAG OB . 6.82 -40.33 -24.42
O4 NAG OB . 9.43 -41.37 -25.05
O5 NAG OB . 10.00 -37.76 -25.05
O6 NAG OB . 11.91 -38.16 -26.52
O7 NAG OB . 5.89 -36.04 -24.29
C1 NAG PB . 64.90 -13.07 -51.78
C2 NAG PB . 64.48 -12.10 -52.90
C3 NAG PB . 64.15 -10.73 -52.31
C4 NAG PB . 63.13 -10.86 -51.18
C5 NAG PB . 63.61 -11.88 -50.15
C6 NAG PB . 62.62 -12.13 -49.05
C7 NAG PB . 65.29 -11.56 -55.15
C8 NAG PB . 66.49 -11.50 -56.05
N2 NAG PB . 65.52 -11.98 -53.90
O3 NAG PB . 63.62 -9.88 -53.32
O4 NAG PB . 62.95 -9.61 -50.54
O5 NAG PB . 63.86 -13.14 -50.79
O6 NAG PB . 63.00 -11.50 -47.84
O7 NAG PB . 64.17 -11.25 -55.54
C1 NAG QB . 26.26 13.85 -34.46
C2 NAG QB . 25.48 14.72 -35.43
C3 NAG QB . 24.92 15.95 -34.72
C4 NAG QB . 24.11 15.53 -33.51
C5 NAG QB . 24.94 14.62 -32.60
C6 NAG QB . 24.16 14.07 -31.44
C7 NAG QB . 26.44 14.39 -37.68
C8 NAG QB . 27.34 14.96 -38.73
N2 NAG QB . 26.31 15.13 -36.56
O3 NAG QB . 24.10 16.69 -35.62
O4 NAG QB . 23.70 16.68 -32.77
O5 NAG QB . 25.42 13.49 -33.35
O6 NAG QB . 24.95 14.00 -30.26
O7 NAG QB . 25.85 13.33 -37.83
#